data_8ETW
#
_entry.id   8ETW
#
_cell.length_a   1.00
_cell.length_b   1.00
_cell.length_c   1.00
_cell.angle_alpha   90.00
_cell.angle_beta   90.00
_cell.angle_gamma   90.00
#
_symmetry.space_group_name_H-M   'P 1'
#
loop_
_entity.id
_entity.type
_entity.pdbx_description
1 polymer 'Chromatin-remodeling ATPase INO80'
2 polymer 'Actin-related protein 5'
3 polymer 'Chromatin-remodeling complex subunit IES6'
4 polymer 'RuvB-like protein 1'
5 polymer 'RuvB-like protein 2'
6 polymer 'Ino eighty subunit 2'
7 non-polymer "ADENOSINE-5'-DIPHOSPHATE"
#
loop_
_entity_poly.entity_id
_entity_poly.type
_entity_poly.pdbx_seq_one_letter_code
_entity_poly.pdbx_strand_id
1 'polypeptide(L)'
;IEIDVLCDLTQRQAKLYQVLKSQISTNYDAIENAATNDSTSNSASNSGSDQNLINAVMQFRKVCNHPDLFERADVDSPFS
FTTFGKTTSMLTASVANNNSSVISNSNMNLSSMSSNNISNGKFTDLIYSSRNPIKYSLPRLIYEDLILPNYNNDVDIANK
LKNVKFNIFNPSTNYELCLFLSKLTGEPSLNEFFRVSTTPLLKRVIERTNGPKNTDSLSFKTITQELLEVTRNAPSEGVM
ASLLNVEKHAYEREYLNCIQRGYHPNVSAPPVTIEVLGSSHVTNSINNELFDPLISQALSDIPAITQYNMHVKKGIPVED
FPKTGLFPEPLNKNFSSNISMPSMDRFITESAKLRKLDELLVKLKSEGHRVLIYFQMTKMMDLMEEYLTYRQYNHIRLDG
SSKLEDRRDLVHDWQTNPEIFVFLLSTRAGGLGINLTAADTVIFYDSDWNPTIDSQAMDRAHRLGQTRQVTVYRLLVRGT
IEERM
;
Q
2 'polypeptide(L)'
;KAVVIDDPPLRQTPEPFDEQSAYNPQSPIAIDFGSSKLRAGFVNHATPTHIFPNALTKFRDRKLNKNFTFVGNDTLLDQA
VRSQSRSPFDGPFVTNWNLTEEILDYTFHHLGVVPDNGIPNPILLTERLATVQSQRTNWYQILFETYNVPGVTFGIDSLF
SFYNYNPSGNKTGLVISCGHEDTNVIPVVDGAGILTDAKRINWGGHQAVDYLNDLMALKYPYFPTKMSYLQYETMYKDYC
YVSRNYDEDIEKILTLENLDTNDVVVEAPFTEVLQPQKTEEELRIQAEKRKETGKRLQEQARLKRMEKLVQKQEEFEYFS
KVRDQLIDEPKKKVLSVLQNAGFDDERDFKKYLHSLEQSLKKAQMVEAEDDSHLDEMNEDKTAQKFDLLDIADEDLNEDQ
IKEKRKQRFLKASQDARQKAKEEKERVAKEEEEKKLKEQQWRETDLNGWIKDKRLKLNKLIKRRKEKLKLRDEMKDRKSQ
VSQNRMKNLASLAEDNVKQGAKRNRHQATIDNDPNDTFGANDEDWLIYTDITQNPEAFEEALEYEYKDIVELERLLLEHD
PNFTEEDTLEAQYDWRNSILHLFLRGPRPHDSENIHEQHQMHLNVERIRVPEVIFQPTMGGQDQAGICELSETILLKKFG
SQPGKLSQTSIDMVNNVLITGGNAKVPGLKERIVKEFTGFLPTGTNITVNMSSDPSLDAWKGMAALARNEEQYRKTVISK
KEYEEYGPEYIKEHKLGNTKYFED
;
R
3 'polypeptide(L)'
;ERLLFLRSVGERNEIGFPSRFKSAHYKKPTRRHKSARQLISDENKRINALLTKANKAAESSTAARRLVPKATYFSVEAPP
SIRPAKKYCDVTGLKGFYKSPTNNIRYHNAEIYQLIVKPMAPGVDQEYLKLRGANFVLK
;
S
4 'polypeptide(L)'
;VTRTAAHTHIKGLGLDESGVAKRVEGGFVGQIEAREACGVIVDLIKAKKMSGRAILLAGGPSTGKTALALAISQELGPKV
PFCPLVGSELYSVEVKKTETLMENFRRAIGLRIKETKEVYEGEVTELTPEDAENPLGGYGKTISHVIVGLKSAKGTKTLR
LDPTIYESIQREKVSIGDVIYIEANTGAVKRVGRSDAYATEFDLETEEYVPLPKGEVHKKKEIVQDVTLHDLDVANARPQ
GGQDVISMMGQLLKPKKTEITEKLRQEVNKVVAKYIDQGVAELIPGVLFIDEVNMLDIEIFTYLNKALESNIAPVVVLAS
NRGMTTVRGTEDVISPHGVPPDLIDRLLIVRTLPYDKDEIRTIIERRATVERLQVESSALDLLATMGTETSLRYALQLLA
PCGILAQTSNRKEIVVNDVNEAKLLFLDAKRSTKILETSANYL
;
T,V,X
5 'polypeptide(L)'
;KSLSLIAAHSHITGLGLDENLQPRPTSEGMVGQLQARRAAGVILKMVQNGTIAGRAVLVAGPPSTGKTALAMGVSQSLGK
DVPFTAIAGSEIFSLELSKTEALTQAFRKSIGIKIKEETELIEGEVVEIQIDRSITGGHKQGKLTIKTTDMETIYELGNK
MIDGLTKEKVLAGDVISIDKASGKITKLGRSFARSRDYDAMGADTRFVQCPEGELQKRKTVVHTVSLHEIDVINSRTQGF
LALFTGDTGEIRSEVRDQINTKVAEWKEEGKAEIVPGVLFIDEVHMLDIECFSFINRALEDEFAPIVMMATNRGVSKTRG
TNYKSPHGLPLDLLDRSIIITTKSYNEQEIKTILSIRAQEEEVELSSDALDLLTKTGVETSLRYSSNLISVAQQIAMKRK
NNTVEVEDVKRAYLLFLDSARSVKYVQENESQYIDDQGNVQISIAKSADPDAMDTTE
;
U,W,Y
6 'polypeptide(L)' FVKPRRPYNSEGMTRILRRYEEDLFCTF Z
#
loop_
_chem_comp.id
_chem_comp.type
_chem_comp.name
_chem_comp.formula
ADP non-polymer ADENOSINE-5'-DIPHOSPHATE 'C10 H15 N5 O10 P2'
#
# COMPACT_ATOMS: atom_id res chain seq x y z
N ILE A 1 18.68 -43.87 57.11
CA ILE A 1 17.54 -43.16 56.53
C ILE A 1 18.00 -42.31 55.36
N GLU A 2 18.13 -42.95 54.19
CA GLU A 2 18.57 -42.28 52.97
C GLU A 2 17.41 -42.28 51.98
N ILE A 3 17.00 -41.08 51.54
CA ILE A 3 15.89 -40.91 50.62
C ILE A 3 16.42 -40.23 49.35
N ASP A 4 16.07 -40.79 48.20
CA ASP A 4 16.47 -40.24 46.91
C ASP A 4 15.23 -39.76 46.17
N VAL A 5 15.31 -38.56 45.60
CA VAL A 5 14.20 -37.92 44.91
C VAL A 5 14.57 -37.76 43.44
N LEU A 6 13.70 -38.21 42.56
CA LEU A 6 13.91 -38.14 41.12
C LEU A 6 12.91 -37.17 40.49
N CYS A 7 13.41 -36.31 39.61
CA CYS A 7 12.57 -35.37 38.87
C CYS A 7 12.99 -35.35 37.41
N ASP A 8 12.01 -35.29 36.53
CA ASP A 8 12.26 -35.30 35.09
C ASP A 8 12.75 -33.93 34.62
N LEU A 9 13.50 -33.94 33.52
CA LEU A 9 14.04 -32.71 32.95
C LEU A 9 12.93 -31.84 32.39
N THR A 10 13.10 -30.53 32.50
CA THR A 10 12.16 -29.61 31.89
C THR A 10 12.49 -29.43 30.41
N GLN A 11 11.66 -28.62 29.73
CA GLN A 11 11.82 -28.44 28.29
C GLN A 11 13.06 -27.61 27.96
N ARG A 12 13.30 -26.53 28.70
CA ARG A 12 14.50 -25.72 28.49
C ARG A 12 15.75 -26.47 28.90
N GLN A 13 15.67 -27.22 30.01
CA GLN A 13 16.82 -28.01 30.45
C GLN A 13 17.18 -29.09 29.44
N ALA A 14 16.17 -29.73 28.84
CA ALA A 14 16.42 -30.67 27.76
C ALA A 14 16.95 -29.97 26.52
N LYS A 15 16.56 -28.71 26.28
CA LYS A 15 17.05 -27.97 25.13
C LYS A 15 18.55 -27.69 25.23
N LEU A 16 18.99 -27.11 26.36
CA LEU A 16 20.44 -26.91 26.51
C LEU A 16 21.19 -28.22 26.74
N TYR A 17 20.53 -29.27 27.24
CA TYR A 17 21.17 -30.58 27.30
C TYR A 17 21.46 -31.13 25.92
N GLN A 18 20.50 -31.01 25.00
CA GLN A 18 20.72 -31.46 23.63
C GLN A 18 21.71 -30.58 22.90
N VAL A 19 21.75 -29.28 23.22
CA VAL A 19 22.74 -28.38 22.63
C VAL A 19 24.14 -28.77 23.07
N LEU A 20 24.32 -29.05 24.37
CA LEU A 20 25.62 -29.48 24.87
C LEU A 20 26.00 -30.86 24.37
N LYS A 21 25.02 -31.75 24.13
CA LYS A 21 25.30 -33.05 23.56
C LYS A 21 25.75 -32.95 22.11
N SER A 22 25.10 -32.06 21.34
CA SER A 22 25.45 -31.91 19.93
C SER A 22 26.67 -31.03 19.71
N GLN A 23 27.12 -30.30 20.74
CA GLN A 23 28.25 -29.38 20.56
C GLN A 23 29.58 -30.11 20.47
N ILE A 24 29.76 -31.19 21.23
CA ILE A 24 31.06 -31.85 21.35
C ILE A 24 31.17 -33.01 20.37
N SER A 25 30.15 -33.14 19.49
CA SER A 25 30.16 -34.03 18.33
C SER A 25 30.28 -35.51 18.72
N THR A 26 29.31 -35.95 19.54
CA THR A 26 29.04 -37.37 19.84
C THR A 26 30.24 -38.08 20.46
N ASN A 27 30.62 -37.64 21.65
CA ASN A 27 31.61 -38.31 22.49
C ASN A 27 31.10 -38.42 23.91
N TYR A 28 29.83 -38.79 24.05
CA TYR A 28 29.15 -38.81 25.34
C TYR A 28 29.61 -39.93 26.24
N ASP A 29 30.14 -41.02 25.67
CA ASP A 29 30.57 -42.16 26.47
C ASP A 29 31.82 -41.82 27.29
N ALA A 30 32.81 -41.20 26.66
CA ALA A 30 34.01 -40.77 27.38
C ALA A 30 33.71 -39.64 28.35
N ILE A 31 32.76 -38.77 27.98
CA ILE A 31 32.27 -37.71 28.88
C ILE A 31 31.70 -38.32 30.16
N GLU A 32 30.84 -39.33 30.00
CA GLU A 32 30.23 -39.97 31.16
C GLU A 32 31.24 -40.77 31.98
N ASN A 33 32.17 -41.46 31.30
CA ASN A 33 33.15 -42.27 32.00
C ASN A 33 34.11 -41.43 32.83
N ALA A 34 34.70 -40.40 32.24
CA ALA A 34 35.61 -39.57 33.03
C ALA A 34 34.90 -38.52 33.86
N ALA A 35 33.57 -38.38 33.72
CA ALA A 35 32.81 -37.68 34.74
C ALA A 35 32.58 -38.57 35.96
N THR A 36 32.37 -39.87 35.74
CA THR A 36 32.25 -40.81 36.86
C THR A 36 33.59 -41.07 37.53
N ASN A 37 34.70 -40.87 36.81
CA ASN A 37 36.02 -41.08 37.41
C ASN A 37 36.31 -40.05 38.50
N ASP A 38 35.89 -38.80 38.30
CA ASP A 38 36.08 -37.76 39.30
C ASP A 38 34.95 -37.77 40.31
N ASN A 52 40.69 -29.31 29.16
CA ASN A 52 40.49 -30.73 29.41
C ASN A 52 39.01 -31.09 29.34
N LEU A 53 38.66 -32.29 29.82
CA LEU A 53 37.28 -32.73 29.78
C LEU A 53 36.47 -32.19 30.96
N ILE A 54 37.16 -31.71 32.00
CA ILE A 54 36.48 -31.17 33.19
C ILE A 54 35.72 -29.90 32.84
N ASN A 55 36.29 -29.07 31.96
CA ASN A 55 35.58 -27.89 31.48
C ASN A 55 34.41 -28.27 30.58
N ALA A 56 34.45 -29.45 29.96
CA ALA A 56 33.31 -29.90 29.18
C ALA A 56 32.17 -30.38 30.07
N VAL A 57 32.48 -31.10 31.15
CA VAL A 57 31.40 -31.59 32.02
C VAL A 57 30.94 -30.55 33.02
N MET A 58 31.71 -29.48 33.23
CA MET A 58 31.29 -28.38 34.09
C MET A 58 30.01 -27.73 33.56
N GLN A 59 29.93 -27.54 32.24
CA GLN A 59 28.71 -27.03 31.62
C GLN A 59 27.54 -27.99 31.79
N PHE A 60 27.83 -29.30 31.81
CA PHE A 60 26.78 -30.29 31.97
C PHE A 60 26.16 -30.23 33.37
N ARG A 61 26.99 -30.17 34.41
CA ARG A 61 26.42 -30.00 35.76
C ARG A 61 25.84 -28.61 35.97
N LYS A 62 26.35 -27.59 35.27
CA LYS A 62 25.73 -26.26 35.33
C LYS A 62 24.32 -26.27 34.77
N VAL A 63 24.12 -26.99 33.66
CA VAL A 63 22.78 -27.11 33.08
C VAL A 63 21.88 -27.96 33.99
N CYS A 64 22.45 -29.04 34.56
CA CYS A 64 21.65 -29.92 35.42
C CYS A 64 21.25 -29.26 36.73
N ASN A 65 22.02 -28.27 37.20
CA ASN A 65 21.64 -27.57 38.42
C ASN A 65 20.50 -26.57 38.16
N HIS A 66 20.76 -25.57 37.32
CA HIS A 66 19.79 -24.53 37.04
C HIS A 66 20.16 -23.93 35.68
N PRO A 67 19.19 -23.73 34.79
CA PRO A 67 19.52 -23.25 33.43
C PRO A 67 20.07 -21.83 33.38
N ASP A 68 19.93 -21.05 34.45
CA ASP A 68 20.45 -19.68 34.46
C ASP A 68 21.96 -19.61 34.58
N LEU A 69 22.63 -20.69 35.00
CA LEU A 69 24.09 -20.67 35.05
C LEU A 69 24.69 -20.74 33.65
N PHE A 70 24.11 -21.54 32.77
CA PHE A 70 24.58 -21.60 31.39
C PHE A 70 24.19 -20.34 30.63
N GLU A 71 22.94 -19.88 30.80
CA GLU A 71 22.48 -18.66 30.16
C GLU A 71 21.36 -18.07 31.02
N ARG A 72 21.57 -16.86 31.52
CA ARG A 72 20.60 -16.22 32.39
C ARG A 72 19.41 -15.71 31.57
N ALA A 73 18.20 -16.04 32.03
CA ALA A 73 16.99 -15.58 31.37
C ALA A 73 16.82 -14.07 31.56
N ASP A 74 16.33 -13.41 30.53
CA ASP A 74 16.26 -11.95 30.53
C ASP A 74 14.93 -11.57 29.87
N VAL A 75 14.79 -10.30 29.47
CA VAL A 75 13.57 -9.80 28.89
C VAL A 75 13.40 -10.34 27.47
N ASP A 76 12.21 -10.88 27.18
CA ASP A 76 11.91 -11.47 25.88
C ASP A 76 11.23 -10.41 25.00
N SER A 77 11.95 -9.95 23.98
CA SER A 77 11.49 -8.92 23.08
C SER A 77 11.89 -9.30 21.66
N PRO A 78 11.21 -8.77 20.66
CA PRO A 78 11.68 -8.98 19.27
C PRO A 78 12.98 -8.25 18.99
N PHE A 79 13.68 -8.74 17.98
CA PHE A 79 14.92 -8.12 17.54
C PHE A 79 14.62 -6.79 16.86
N SER A 80 15.30 -5.74 17.31
CA SER A 80 15.06 -4.40 16.78
C SER A 80 15.97 -4.18 15.58
N PHE A 81 15.37 -4.12 14.40
CA PHE A 81 16.11 -3.92 13.15
C PHE A 81 16.20 -2.42 12.87
N THR A 82 16.97 -1.74 13.71
CA THR A 82 16.98 -0.29 13.73
C THR A 82 18.40 0.25 13.82
N THR A 83 18.59 1.43 13.24
CA THR A 83 19.71 2.32 13.58
C THR A 83 19.09 3.58 14.18
N PHE A 84 19.37 3.82 15.45
CA PHE A 84 18.79 4.93 16.19
C PHE A 84 19.91 5.71 16.87
N GLY A 85 19.52 6.77 17.55
CA GLY A 85 20.48 7.58 18.29
C GLY A 85 20.75 7.02 19.66
N LYS A 86 21.89 6.35 19.82
CA LYS A 86 22.25 5.67 21.04
C LYS A 86 23.41 6.39 21.72
N THR A 87 23.62 6.05 22.99
CA THR A 87 24.69 6.64 23.79
C THR A 87 25.89 5.72 23.80
N THR A 88 27.08 6.32 23.67
CA THR A 88 28.35 5.59 23.76
C THR A 88 29.03 6.04 25.05
N SER A 89 28.70 5.35 26.13
CA SER A 89 29.19 5.73 27.45
C SER A 89 30.48 4.98 27.80
N LYS A 122 17.90 20.11 34.37
CA LYS A 122 17.80 19.06 35.37
C LYS A 122 16.97 17.89 34.86
N PHE A 123 16.91 17.74 33.54
CA PHE A 123 16.17 16.64 32.93
C PHE A 123 16.96 16.07 31.76
N THR A 124 16.37 15.08 31.11
CA THR A 124 16.94 14.52 29.89
C THR A 124 15.86 14.46 28.83
N ASP A 125 16.28 14.55 27.58
CA ASP A 125 15.39 14.44 26.44
C ASP A 125 15.51 13.06 25.84
N LEU A 126 14.37 12.37 25.70
CA LEU A 126 14.32 11.13 24.93
C LEU A 126 13.41 11.42 23.75
N ILE A 127 14.01 11.53 22.57
CA ILE A 127 13.33 11.87 21.34
C ILE A 127 13.32 10.64 20.45
N TYR A 128 12.22 10.45 19.72
CA TYR A 128 12.08 9.31 18.83
C TYR A 128 13.04 9.45 17.64
N SER A 129 13.90 8.45 17.45
CA SER A 129 14.92 8.52 16.41
C SER A 129 15.14 7.18 15.70
N SER A 130 14.18 6.27 15.74
CA SER A 130 14.35 4.96 15.14
C SER A 130 14.26 5.03 13.62
N ARG A 131 15.21 4.41 12.94
CA ARG A 131 15.28 4.37 11.49
C ARG A 131 15.47 2.93 11.03
N ASN A 132 15.55 2.75 9.73
CA ASN A 132 15.83 1.46 9.12
C ASN A 132 17.25 1.43 8.57
N PRO A 133 17.98 0.33 8.75
CA PRO A 133 19.33 0.25 8.19
C PRO A 133 19.39 0.27 6.67
N ILE A 134 18.33 -0.15 6.00
CA ILE A 134 18.29 -0.17 4.54
C ILE A 134 17.93 1.23 4.04
N LYS A 135 18.74 1.75 3.12
CA LYS A 135 18.54 3.07 2.56
C LYS A 135 18.28 2.95 1.06
N TYR A 136 17.23 3.61 0.59
CA TYR A 136 16.93 3.72 -0.83
C TYR A 136 17.33 5.12 -1.29
N SER A 137 18.31 5.18 -2.19
CA SER A 137 18.88 6.44 -2.63
C SER A 137 18.23 6.87 -3.94
N LEU A 138 17.80 8.13 -4.00
CA LEU A 138 17.10 8.67 -5.14
C LEU A 138 17.76 9.95 -5.61
N PRO A 139 17.98 10.12 -6.91
CA PRO A 139 18.57 11.37 -7.40
C PRO A 139 17.57 12.52 -7.31
N ARG A 140 18.13 13.73 -7.29
CA ARG A 140 17.30 14.93 -7.19
C ARG A 140 16.52 15.18 -8.45
N LEU A 141 17.03 14.73 -9.60
CA LEU A 141 16.43 15.04 -10.89
C LEU A 141 15.06 14.39 -11.05
N ILE A 142 14.91 13.16 -10.56
CA ILE A 142 13.64 12.45 -10.66
C ILE A 142 12.57 13.14 -9.84
N TYR A 143 12.90 13.57 -8.61
CA TYR A 143 12.00 14.36 -7.79
C TYR A 143 11.62 15.67 -8.46
N GLU A 144 12.62 16.47 -8.88
CA GLU A 144 12.36 17.82 -9.34
C GLU A 144 11.68 17.86 -10.69
N ASP A 145 11.84 16.82 -11.51
CA ASP A 145 11.20 16.80 -12.81
C ASP A 145 10.06 15.80 -12.90
N LEU A 146 9.69 15.14 -11.82
CA LEU A 146 8.55 14.23 -11.94
C LEU A 146 7.48 14.48 -10.89
N ILE A 147 7.85 14.84 -9.67
CA ILE A 147 6.88 15.02 -8.61
C ILE A 147 6.65 16.48 -8.26
N LEU A 148 7.69 17.30 -8.26
CA LEU A 148 7.51 18.72 -7.95
C LEU A 148 7.13 19.50 -9.19
N PRO A 149 6.22 20.47 -9.08
CA PRO A 149 5.94 21.34 -10.22
C PRO A 149 7.04 22.36 -10.42
N ASN A 150 7.35 22.63 -11.68
CA ASN A 150 8.25 23.73 -12.03
C ASN A 150 7.73 24.36 -13.32
N TYR A 151 8.51 25.29 -13.87
CA TYR A 151 8.07 26.04 -15.04
C TYR A 151 8.12 25.20 -16.31
N ASN A 152 8.87 24.11 -16.33
CA ASN A 152 9.07 23.32 -17.53
C ASN A 152 8.30 22.01 -17.52
N ASN A 153 7.39 21.80 -16.57
CA ASN A 153 6.58 20.61 -16.52
C ASN A 153 5.14 20.97 -16.14
N ASP A 154 4.23 20.03 -16.34
CA ASP A 154 2.79 20.27 -16.29
C ASP A 154 2.10 19.34 -15.30
N VAL A 155 2.62 19.28 -14.07
CA VAL A 155 2.00 18.43 -13.06
C VAL A 155 0.70 19.04 -12.57
N ASP A 156 0.74 20.31 -12.18
CA ASP A 156 -0.41 20.96 -11.58
C ASP A 156 -1.51 21.26 -12.60
N ILE A 157 -1.12 21.55 -13.85
CA ILE A 157 -2.11 21.81 -14.91
C ILE A 157 -2.90 20.54 -15.22
N ALA A 158 -2.20 19.41 -15.39
CA ALA A 158 -2.86 18.14 -15.64
C ALA A 158 -3.67 17.67 -14.44
N ASN A 159 -3.19 17.96 -13.23
CA ASN A 159 -3.94 17.62 -12.03
C ASN A 159 -5.26 18.37 -11.96
N LYS A 160 -5.24 19.68 -12.25
CA LYS A 160 -6.46 20.46 -12.27
C LYS A 160 -7.42 20.00 -13.36
N LEU A 161 -6.89 19.71 -14.56
CA LEU A 161 -7.72 19.26 -15.67
C LEU A 161 -8.40 17.92 -15.37
N LYS A 162 -7.66 16.99 -14.79
CA LYS A 162 -8.24 15.68 -14.53
C LYS A 162 -9.14 15.68 -13.31
N ASN A 163 -8.88 16.52 -12.31
CA ASN A 163 -9.56 16.37 -11.04
C ASN A 163 -10.69 17.38 -10.79
N VAL A 164 -10.66 18.57 -11.41
CA VAL A 164 -11.68 19.58 -11.19
C VAL A 164 -12.50 19.83 -12.44
N LYS A 165 -11.83 20.07 -13.56
CA LYS A 165 -12.52 20.49 -14.77
C LYS A 165 -13.29 19.35 -15.42
N PHE A 166 -12.67 18.17 -15.52
CA PHE A 166 -13.30 17.02 -16.14
C PHE A 166 -13.85 16.03 -15.13
N ASN A 167 -14.01 16.46 -13.88
CA ASN A 167 -14.75 15.67 -12.90
C ASN A 167 -16.23 15.71 -13.21
N ILE A 168 -16.88 14.55 -13.15
CA ILE A 168 -18.28 14.44 -13.53
C ILE A 168 -19.23 14.68 -12.35
N PHE A 169 -18.70 14.92 -11.15
CA PHE A 169 -19.51 15.32 -10.02
C PHE A 169 -19.47 16.82 -9.78
N ASN A 170 -18.92 17.56 -10.73
CA ASN A 170 -18.83 19.01 -10.63
C ASN A 170 -20.22 19.61 -10.84
N PRO A 171 -20.77 20.37 -9.88
CA PRO A 171 -22.09 20.98 -10.11
C PRO A 171 -22.06 22.15 -11.08
N SER A 172 -20.88 22.67 -11.41
CA SER A 172 -20.80 23.77 -12.38
C SER A 172 -21.01 23.29 -13.81
N THR A 173 -20.88 21.98 -14.06
CA THR A 173 -21.10 21.42 -15.38
C THR A 173 -22.03 20.22 -15.40
N ASN A 174 -22.25 19.55 -14.28
CA ASN A 174 -23.02 18.31 -14.22
C ASN A 174 -24.05 18.36 -13.10
N TYR A 175 -24.87 19.42 -13.10
CA TYR A 175 -25.86 19.64 -12.04
C TYR A 175 -26.94 18.56 -12.02
N GLU A 176 -27.30 18.03 -13.19
CA GLU A 176 -28.37 17.04 -13.26
C GLU A 176 -27.98 15.72 -12.62
N LEU A 177 -26.72 15.31 -12.80
CA LEU A 177 -26.23 14.10 -12.15
C LEU A 177 -26.21 14.25 -10.64
N CYS A 178 -25.82 15.44 -10.15
CA CYS A 178 -25.80 15.70 -8.72
C CYS A 178 -27.21 15.70 -8.13
N LEU A 179 -28.18 16.28 -8.85
CA LEU A 179 -29.56 16.28 -8.39
C LEU A 179 -30.16 14.87 -8.38
N PHE A 180 -29.84 14.08 -9.41
CA PHE A 180 -30.26 12.68 -9.47
C PHE A 180 -29.67 11.88 -8.31
N LEU A 181 -28.39 12.10 -8.02
CA LEU A 181 -27.73 11.38 -6.93
C LEU A 181 -28.25 11.84 -5.57
N SER A 182 -28.66 13.10 -5.43
CA SER A 182 -29.20 13.54 -4.16
C SER A 182 -30.61 13.03 -3.94
N LYS A 183 -31.38 12.81 -5.01
CA LYS A 183 -32.66 12.14 -4.84
C LYS A 183 -32.43 10.66 -4.50
N LEU A 184 -31.41 10.04 -5.10
CA LEU A 184 -31.05 8.65 -4.80
C LEU A 184 -30.63 8.47 -3.34
N THR A 185 -29.67 9.27 -2.90
CA THR A 185 -28.99 9.03 -1.63
C THR A 185 -29.62 9.74 -0.45
N GLY A 186 -30.19 10.92 -0.68
CA GLY A 186 -30.72 11.71 0.41
C GLY A 186 -29.74 12.68 1.02
N GLU A 187 -28.66 13.01 0.32
CA GLU A 187 -27.69 13.95 0.86
C GLU A 187 -28.27 15.37 0.81
N PRO A 188 -28.21 16.12 1.90
CA PRO A 188 -28.75 17.49 1.89
C PRO A 188 -27.95 18.46 1.03
N SER A 189 -26.69 18.15 0.70
CA SER A 189 -25.86 19.02 -0.10
C SER A 189 -25.55 18.36 -1.44
N LEU A 190 -25.49 19.17 -2.49
CA LEU A 190 -25.20 18.69 -3.83
C LEU A 190 -23.70 18.69 -4.14
N ASN A 191 -22.87 19.23 -3.25
CA ASN A 191 -21.42 19.19 -3.38
C ASN A 191 -20.78 18.06 -2.59
N GLU A 192 -21.58 17.13 -2.06
CA GLU A 192 -21.04 16.04 -1.26
C GLU A 192 -20.28 15.04 -2.11
N PHE A 193 -20.74 14.81 -3.33
CA PHE A 193 -20.13 13.77 -4.17
C PHE A 193 -18.79 14.22 -4.73
N PHE A 194 -18.67 15.51 -5.07
CA PHE A 194 -17.38 16.07 -5.46
C PHE A 194 -16.39 16.01 -4.30
N ARG A 195 -16.86 16.26 -3.08
CA ARG A 195 -15.99 16.18 -1.91
C ARG A 195 -15.56 14.74 -1.62
N VAL A 196 -16.47 13.79 -1.78
CA VAL A 196 -16.16 12.40 -1.48
C VAL A 196 -15.20 11.83 -2.52
N SER A 197 -15.42 12.18 -3.79
CA SER A 197 -14.63 11.61 -4.88
C SER A 197 -13.20 12.15 -4.95
N THR A 198 -12.85 13.19 -4.18
CA THR A 198 -11.52 13.79 -4.26
C THR A 198 -10.82 13.83 -2.90
N THR A 199 -11.19 12.95 -1.98
CA THR A 199 -10.50 12.84 -0.70
C THR A 199 -10.08 11.40 -0.44
N PRO A 200 -8.97 11.19 0.25
CA PRO A 200 -8.51 9.81 0.53
C PRO A 200 -9.42 9.08 1.50
N LEU A 201 -9.22 7.77 1.56
CA LEU A 201 -10.16 6.90 2.27
C LEU A 201 -10.01 7.02 3.77
N LEU A 202 -8.78 7.09 4.28
CA LEU A 202 -8.55 7.16 5.72
C LEU A 202 -9.05 8.49 6.29
N LYS A 203 -8.84 9.58 5.55
CA LYS A 203 -9.42 10.87 5.92
C LYS A 203 -10.94 10.81 5.90
N ARG A 204 -11.51 10.07 4.94
CA ARG A 204 -12.97 9.90 4.89
C ARG A 204 -13.49 9.08 6.06
N VAL A 205 -12.71 8.13 6.55
CA VAL A 205 -13.10 7.37 7.73
C VAL A 205 -13.04 8.28 8.97
N ILE A 206 -12.03 9.15 9.05
CA ILE A 206 -11.81 9.91 10.26
C ILE A 206 -12.88 10.99 10.44
N GLU A 207 -13.06 11.87 9.46
CA GLU A 207 -13.97 12.99 9.66
C GLU A 207 -15.42 12.68 9.28
N ARG A 208 -15.78 11.41 9.18
CA ARG A 208 -17.15 11.02 8.90
C ARG A 208 -18.06 11.35 10.07
N THR A 209 -19.10 12.14 9.81
CA THR A 209 -20.08 12.54 10.80
C THR A 209 -21.45 12.03 10.39
N ASN A 210 -22.20 11.52 11.37
CA ASN A 210 -23.52 10.94 11.10
C ASN A 210 -24.56 12.06 11.11
N GLY A 211 -24.56 12.83 10.02
CA GLY A 211 -25.51 13.90 9.85
C GLY A 211 -26.88 13.38 9.43
N PRO A 212 -27.92 14.18 9.63
CA PRO A 212 -29.26 13.76 9.24
C PRO A 212 -29.49 13.83 7.74
N LYS A 213 -30.27 12.87 7.25
CA LYS A 213 -30.67 12.80 5.85
C LYS A 213 -32.19 12.85 5.77
N ASN A 214 -32.70 13.38 4.66
CA ASN A 214 -34.14 13.56 4.54
C ASN A 214 -34.84 12.24 4.22
N THR A 215 -36.10 12.16 4.63
CA THR A 215 -36.85 10.91 4.52
C THR A 215 -37.23 10.61 3.08
N ASP A 216 -37.63 11.63 2.33
CA ASP A 216 -38.08 11.46 0.95
C ASP A 216 -36.87 11.20 0.06
N SER A 217 -36.40 9.96 0.08
CA SER A 217 -35.27 9.54 -0.72
C SER A 217 -35.43 8.07 -1.03
N LEU A 218 -34.41 7.50 -1.67
CA LEU A 218 -34.46 6.11 -2.09
C LEU A 218 -33.70 5.20 -1.13
N SER A 219 -32.99 5.75 -0.15
CA SER A 219 -32.23 4.96 0.81
C SER A 219 -33.12 4.46 1.94
N PHE A 220 -32.73 3.34 2.53
CA PHE A 220 -33.65 2.62 3.41
C PHE A 220 -32.99 2.33 4.75
N LYS A 221 -33.66 1.49 5.53
CA LYS A 221 -33.09 0.86 6.71
C LYS A 221 -33.32 -0.64 6.58
N THR A 222 -32.24 -1.40 6.47
CA THR A 222 -32.32 -2.85 6.41
C THR A 222 -32.68 -3.40 7.79
N ILE A 223 -33.23 -4.62 7.80
CA ILE A 223 -33.62 -5.26 9.05
C ILE A 223 -32.40 -5.60 9.89
N THR A 224 -31.25 -5.85 9.25
CA THR A 224 -30.01 -6.04 10.01
C THR A 224 -29.58 -4.77 10.72
N GLN A 225 -29.68 -3.62 10.03
CA GLN A 225 -29.37 -2.35 10.66
C GLN A 225 -30.39 -1.98 11.73
N GLU A 226 -31.66 -2.34 11.52
CA GLU A 226 -32.69 -2.10 12.52
C GLU A 226 -32.45 -2.94 13.77
N LEU A 227 -31.98 -4.18 13.59
CA LEU A 227 -31.60 -5.02 14.72
C LEU A 227 -30.36 -4.47 15.41
N LEU A 228 -29.43 -3.90 14.64
CA LEU A 228 -28.20 -3.35 15.21
C LEU A 228 -28.47 -2.11 16.05
N GLU A 229 -29.36 -1.22 15.58
CA GLU A 229 -29.51 0.08 16.22
C GLU A 229 -30.25 0.00 17.55
N VAL A 230 -31.09 -1.02 17.75
CA VAL A 230 -31.85 -1.13 18.99
C VAL A 230 -30.95 -1.51 20.15
N THR A 231 -30.04 -2.46 19.94
CA THR A 231 -29.21 -3.01 21.00
C THR A 231 -27.89 -2.25 21.19
N ARG A 232 -27.85 -0.97 20.84
CA ARG A 232 -26.62 -0.19 21.02
C ARG A 232 -26.36 0.11 22.49
N ASN A 233 -27.39 0.54 23.21
CA ASN A 233 -27.27 0.85 24.63
C ASN A 233 -28.11 -0.06 25.51
N ALA A 234 -28.64 -1.15 24.94
CA ALA A 234 -29.62 -1.98 25.63
C ALA A 234 -28.98 -2.74 26.79
N PRO A 235 -29.72 -2.98 27.88
CA PRO A 235 -29.12 -3.70 29.01
C PRO A 235 -29.12 -5.20 28.80
N SER A 236 -28.74 -5.95 29.83
CA SER A 236 -28.84 -7.40 29.77
C SER A 236 -30.28 -7.85 29.94
N GLU A 237 -30.48 -9.18 29.90
CA GLU A 237 -31.73 -9.93 30.10
C GLU A 237 -32.88 -9.56 29.16
N GLY A 238 -32.61 -8.73 28.15
CA GLY A 238 -33.57 -8.53 27.08
C GLY A 238 -33.35 -9.57 25.99
N VAL A 239 -34.44 -9.96 25.33
CA VAL A 239 -34.38 -11.07 24.38
C VAL A 239 -33.63 -10.65 23.12
N MET A 240 -33.99 -9.49 22.56
CA MET A 240 -33.26 -8.99 21.36
C MET A 240 -31.80 -8.75 21.73
N ALA A 241 -31.55 -8.14 22.90
CA ALA A 241 -30.18 -7.80 23.26
C ALA A 241 -29.32 -9.05 23.41
N SER A 242 -29.89 -10.11 23.98
CA SER A 242 -29.12 -11.34 24.18
C SER A 242 -28.96 -12.12 22.89
N LEU A 243 -29.93 -12.03 21.97
CA LEU A 243 -29.79 -12.71 20.69
C LEU A 243 -28.77 -12.03 19.78
N LEU A 244 -28.41 -10.78 20.08
CA LEU A 244 -27.47 -10.02 19.28
C LEU A 244 -26.10 -9.88 19.93
N ASN A 245 -25.82 -10.64 20.99
CA ASN A 245 -24.61 -10.49 21.78
C ASN A 245 -23.96 -11.85 22.03
N VAL A 246 -23.78 -12.62 20.96
CA VAL A 246 -23.17 -13.94 21.05
C VAL A 246 -21.69 -13.83 21.40
N GLU A 247 -20.98 -12.87 20.79
CA GLU A 247 -19.52 -12.80 20.92
C GLU A 247 -19.09 -12.37 22.31
N LYS A 248 -19.79 -11.41 22.92
CA LYS A 248 -19.42 -10.97 24.26
C LYS A 248 -19.69 -12.04 25.31
N HIS A 249 -20.77 -12.80 25.14
CA HIS A 249 -21.05 -13.92 26.02
C HIS A 249 -20.00 -15.02 25.86
N ALA A 250 -19.55 -15.27 24.62
CA ALA A 250 -18.48 -16.23 24.41
C ALA A 250 -17.15 -15.73 24.96
N TYR A 251 -16.95 -14.41 24.98
CA TYR A 251 -15.75 -13.85 25.59
C TYR A 251 -15.76 -14.04 27.09
N GLU A 252 -16.88 -13.71 27.74
CA GLU A 252 -16.96 -13.77 29.19
C GLU A 252 -17.18 -15.17 29.73
N ARG A 253 -17.56 -16.13 28.88
CA ARG A 253 -17.72 -17.49 29.38
C ARG A 253 -16.40 -18.25 29.41
N GLU A 254 -15.54 -18.05 28.41
CA GLU A 254 -14.28 -18.77 28.33
C GLU A 254 -13.10 -18.02 28.94
N TYR A 255 -13.36 -16.97 29.75
CA TYR A 255 -12.36 -16.29 30.59
C TYR A 255 -11.21 -15.71 29.76
N LEU A 256 -11.55 -14.89 28.79
CA LEU A 256 -10.55 -14.44 27.83
C LEU A 256 -9.83 -13.16 28.25
N ASN A 257 -10.19 -12.55 29.38
CA ASN A 257 -9.43 -11.40 29.86
C ASN A 257 -8.38 -11.80 30.90
N CYS A 258 -8.18 -13.10 31.11
CA CYS A 258 -7.11 -13.60 31.96
C CYS A 258 -6.30 -14.69 31.26
N ILE A 259 -6.16 -14.60 29.94
CA ILE A 259 -5.36 -15.55 29.19
C ILE A 259 -4.00 -14.92 28.88
N GLN A 260 -3.02 -15.76 28.57
CA GLN A 260 -1.65 -15.30 28.35
C GLN A 260 -1.30 -15.36 26.87
N ARG A 261 -0.34 -14.52 26.49
CA ARG A 261 0.07 -14.41 25.10
C ARG A 261 1.08 -15.51 24.76
N GLY A 262 0.85 -16.21 23.66
CA GLY A 262 1.70 -17.32 23.27
C GLY A 262 2.70 -17.01 22.19
N TYR A 263 2.41 -16.03 21.34
CA TYR A 263 3.25 -15.69 20.20
C TYR A 263 3.67 -14.23 20.28
N HIS A 264 4.94 -13.99 20.02
CA HIS A 264 5.46 -12.66 19.75
C HIS A 264 6.37 -12.74 18.53
N PRO A 265 6.44 -11.67 17.73
CA PRO A 265 7.27 -11.72 16.53
C PRO A 265 8.76 -11.75 16.84
N ASN A 266 9.53 -12.19 15.85
CA ASN A 266 10.97 -12.35 16.04
C ASN A 266 11.71 -11.07 15.73
N VAL A 267 11.40 -10.41 14.63
CA VAL A 267 12.03 -9.17 14.20
C VAL A 267 10.96 -8.10 14.04
N SER A 268 11.22 -6.91 14.54
CA SER A 268 10.39 -5.74 14.31
C SER A 268 11.21 -4.69 13.58
N ALA A 269 10.65 -4.13 12.50
CA ALA A 269 11.40 -3.22 11.64
C ALA A 269 10.58 -2.06 11.10
N PRO A 270 11.06 -0.82 11.26
CA PRO A 270 10.35 0.34 10.72
C PRO A 270 10.41 0.38 9.21
N PRO A 271 9.62 1.26 8.55
CA PRO A 271 9.66 1.35 7.09
C PRO A 271 11.02 1.78 6.55
N VAL A 272 11.28 1.38 5.30
CA VAL A 272 12.56 1.63 4.65
C VAL A 272 12.73 3.12 4.40
N THR A 273 13.86 3.67 4.82
CA THR A 273 14.09 5.10 4.78
C THR A 273 14.63 5.48 3.40
N ILE A 274 13.94 6.41 2.74
CA ILE A 274 14.37 6.93 1.44
C ILE A 274 15.08 8.26 1.69
N GLU A 275 16.31 8.37 1.20
CA GLU A 275 17.09 9.57 1.34
C GLU A 275 17.31 10.21 -0.03
N VAL A 276 17.32 11.53 -0.05
CA VAL A 276 17.69 12.32 -1.23
C VAL A 276 18.70 13.36 -0.74
N LEU A 277 19.90 13.33 -1.29
CA LEU A 277 20.98 14.19 -0.81
C LEU A 277 20.78 15.60 -1.34
N GLY A 278 20.57 16.55 -0.43
CA GLY A 278 20.52 17.95 -0.78
C GLY A 278 19.14 18.52 -1.00
N SER A 279 18.15 18.13 -0.20
CA SER A 279 16.77 18.54 -0.43
C SER A 279 16.03 18.58 0.90
N SER A 280 15.63 19.77 1.34
CA SER A 280 14.78 19.90 2.52
C SER A 280 13.33 19.55 2.24
N HIS A 281 12.89 19.70 1.00
CA HIS A 281 11.51 19.40 0.62
C HIS A 281 11.19 17.92 0.78
N VAL A 282 12.15 17.06 0.45
CA VAL A 282 11.99 15.61 0.61
C VAL A 282 11.82 15.25 2.08
N THR A 283 12.62 15.88 2.95
CA THR A 283 12.54 15.62 4.38
C THR A 283 11.21 16.07 4.97
N ASN A 284 10.74 17.27 4.57
CA ASN A 284 9.44 17.74 5.04
C ASN A 284 8.29 16.86 4.54
N SER A 285 8.36 16.40 3.28
CA SER A 285 7.30 15.55 2.76
C SER A 285 7.28 14.19 3.45
N ILE A 286 8.45 13.62 3.73
CA ILE A 286 8.52 12.32 4.39
C ILE A 286 8.07 12.44 5.84
N ASN A 287 8.44 13.52 6.53
CA ASN A 287 7.98 13.73 7.90
C ASN A 287 6.49 13.98 7.97
N ASN A 288 5.93 14.64 6.95
CA ASN A 288 4.48 14.83 6.91
C ASN A 288 3.75 13.52 6.65
N GLU A 289 4.31 12.66 5.80
CA GLU A 289 3.63 11.39 5.50
C GLU A 289 3.75 10.41 6.66
N LEU A 290 4.93 10.31 7.27
CA LEU A 290 5.18 9.35 8.34
C LEU A 290 4.52 9.73 9.66
N PHE A 291 4.32 11.03 9.89
CA PHE A 291 3.82 11.54 11.15
C PHE A 291 2.70 12.54 10.88
N ASP A 292 1.71 12.12 10.08
CA ASP A 292 0.55 12.92 9.75
C ASP A 292 -0.24 13.25 11.01
N PRO A 293 -0.43 14.54 11.35
CA PRO A 293 -1.04 14.88 12.64
C PRO A 293 -2.47 14.43 12.80
N LEU A 294 -3.24 14.35 11.72
CA LEU A 294 -4.64 13.95 11.82
C LEU A 294 -4.78 12.47 12.18
N ILE A 295 -4.04 11.60 11.50
CA ILE A 295 -4.14 10.18 11.77
C ILE A 295 -3.43 9.82 13.08
N SER A 296 -2.31 10.50 13.38
CA SER A 296 -1.63 10.29 14.66
C SER A 296 -2.48 10.73 15.84
N GLN A 297 -3.23 11.83 15.70
CA GLN A 297 -4.19 12.19 16.74
C GLN A 297 -5.36 11.22 16.79
N ALA A 298 -5.76 10.68 15.64
CA ALA A 298 -6.89 9.75 15.60
C ALA A 298 -6.57 8.45 16.34
N LEU A 299 -5.35 7.97 16.21
CA LEU A 299 -4.95 6.72 16.86
C LEU A 299 -4.50 6.91 18.30
N SER A 300 -4.60 8.13 18.82
CA SER A 300 -4.30 8.42 20.21
C SER A 300 -5.47 9.14 20.86
N ASP A 301 -5.24 9.73 22.03
CA ASP A 301 -6.23 10.51 22.78
C ASP A 301 -5.56 11.75 23.36
N ILE A 302 -6.39 12.69 23.79
CA ILE A 302 -5.93 13.94 24.41
C ILE A 302 -5.92 13.73 25.92
N PRO A 303 -4.94 14.26 26.66
CA PRO A 303 -5.00 14.21 28.13
C PRO A 303 -6.17 15.02 28.67
N ALA A 304 -6.64 14.62 29.84
CA ALA A 304 -7.87 15.18 30.40
C ALA A 304 -7.69 16.63 30.84
N ILE A 305 -6.54 16.95 31.42
CA ILE A 305 -6.30 18.32 31.87
C ILE A 305 -6.13 19.25 30.67
N THR A 306 -5.62 18.74 29.55
CA THR A 306 -5.53 19.55 28.35
C THR A 306 -6.91 19.78 27.75
N GLN A 307 -7.81 18.79 27.86
CA GLN A 307 -9.19 18.98 27.45
C GLN A 307 -9.90 20.01 28.32
N TYR A 308 -9.61 20.01 29.62
CA TYR A 308 -10.18 21.02 30.52
C TYR A 308 -9.65 22.41 30.18
N ASN A 309 -8.36 22.52 29.88
CA ASN A 309 -7.78 23.82 29.53
C ASN A 309 -8.30 24.32 28.19
N MET A 310 -8.57 23.42 27.26
CA MET A 310 -9.05 23.82 25.95
C MET A 310 -10.54 24.18 26.00
N HIS A 311 -11.35 23.44 26.76
CA HIS A 311 -12.78 23.67 26.79
C HIS A 311 -13.14 24.90 27.62
N VAL A 312 -12.53 25.07 28.78
CA VAL A 312 -12.92 26.08 29.74
C VAL A 312 -12.04 27.31 29.65
N LYS A 313 -10.72 27.14 29.73
CA LYS A 313 -9.81 28.28 29.75
C LYS A 313 -9.61 28.91 28.38
N LYS A 314 -9.97 28.22 27.29
CA LYS A 314 -9.81 28.77 25.96
C LYS A 314 -11.10 28.85 25.17
N GLY A 315 -12.19 28.28 25.66
CA GLY A 315 -13.48 28.38 25.01
C GLY A 315 -13.59 27.66 23.68
N ILE A 316 -12.92 26.52 23.54
CA ILE A 316 -13.05 25.68 22.36
C ILE A 316 -14.20 24.71 22.61
N PRO A 317 -15.23 24.67 21.76
CA PRO A 317 -16.31 23.71 21.94
C PRO A 317 -15.86 22.29 21.66
N VAL A 318 -16.65 21.34 22.17
CA VAL A 318 -16.32 19.92 22.08
C VAL A 318 -16.36 19.44 20.64
N GLU A 319 -17.28 19.99 19.84
CA GLU A 319 -17.38 19.62 18.44
C GLU A 319 -16.19 20.11 17.61
N ASP A 320 -15.40 21.06 18.13
CA ASP A 320 -14.21 21.53 17.46
C ASP A 320 -12.95 20.81 17.89
N PHE A 321 -13.06 19.81 18.77
CA PHE A 321 -11.90 19.04 19.17
C PHE A 321 -11.46 18.12 18.04
N PRO A 322 -10.16 17.85 17.91
CA PRO A 322 -9.71 16.83 16.97
C PRO A 322 -10.19 15.45 17.38
N LYS A 323 -10.54 14.63 16.39
CA LYS A 323 -11.12 13.32 16.65
C LYS A 323 -10.03 12.35 17.12
N THR A 324 -10.30 11.66 18.22
CA THR A 324 -9.32 10.86 18.94
C THR A 324 -9.94 9.54 19.34
N GLY A 325 -9.10 8.66 19.88
CA GLY A 325 -9.57 7.39 20.43
C GLY A 325 -10.09 6.38 19.43
N LEU A 326 -9.45 6.27 18.27
CA LEU A 326 -9.88 5.38 17.21
C LEU A 326 -9.05 4.10 17.13
N PHE A 327 -8.09 3.92 18.03
CA PHE A 327 -7.34 2.68 18.07
C PHE A 327 -8.17 1.52 18.62
N PRO A 328 -8.08 0.33 18.02
CA PRO A 328 -8.81 -0.82 18.57
C PRO A 328 -8.27 -1.26 19.91
N GLU A 329 -9.15 -1.71 20.75
CA GLU A 329 -8.75 -2.21 22.06
C GLU A 329 -8.08 -3.58 21.90
N PRO A 330 -7.04 -3.86 22.65
CA PRO A 330 -6.46 -5.21 22.65
C PRO A 330 -7.39 -6.19 23.35
N LEU A 331 -7.09 -7.47 23.18
CA LEU A 331 -7.89 -8.51 23.81
C LEU A 331 -7.73 -8.46 25.33
N ASN A 332 -6.50 -8.45 25.82
CA ASN A 332 -6.20 -8.39 27.24
C ASN A 332 -5.32 -7.18 27.51
N LYS A 333 -4.86 -7.09 28.76
CA LYS A 333 -3.72 -6.24 29.06
C LYS A 333 -2.42 -6.87 28.58
N ASN A 334 -2.36 -8.20 28.53
CA ASN A 334 -1.16 -8.92 28.15
C ASN A 334 -0.91 -8.89 26.64
N PHE A 335 -1.92 -8.59 25.85
CA PHE A 335 -1.82 -8.60 24.39
C PHE A 335 -1.45 -7.24 23.81
N SER A 336 -1.15 -6.25 24.66
CA SER A 336 -0.93 -4.91 24.18
C SER A 336 0.49 -4.67 23.69
N SER A 337 1.45 -5.51 24.05
CA SER A 337 2.84 -5.27 23.67
C SER A 337 3.54 -6.60 23.43
N ASN A 338 4.69 -6.52 22.76
CA ASN A 338 5.49 -7.68 22.38
C ASN A 338 6.64 -7.95 23.35
N ILE A 339 6.69 -7.26 24.48
CA ILE A 339 7.76 -7.39 25.46
C ILE A 339 7.22 -8.16 26.66
N SER A 340 7.90 -9.25 27.01
CA SER A 340 7.54 -10.05 28.18
C SER A 340 8.66 -9.98 29.21
N MET A 341 8.30 -9.64 30.43
CA MET A 341 9.22 -9.49 31.54
C MET A 341 9.47 -10.83 32.22
N PRO A 342 10.65 -11.02 32.83
CA PRO A 342 10.88 -12.24 33.61
C PRO A 342 10.00 -12.27 34.86
N SER A 343 9.44 -13.44 35.14
CA SER A 343 8.53 -13.63 36.26
C SER A 343 9.09 -14.65 37.22
N MET A 344 8.81 -14.46 38.52
CA MET A 344 9.29 -15.36 39.56
C MET A 344 8.28 -16.47 39.85
N ASP A 345 7.82 -17.11 38.78
CA ASP A 345 7.02 -18.32 38.87
C ASP A 345 7.62 -19.29 37.86
N ARG A 346 8.15 -18.74 36.78
CA ARG A 346 8.90 -19.52 35.80
C ARG A 346 10.29 -19.86 36.32
N PHE A 347 10.84 -19.02 37.20
CA PHE A 347 12.17 -19.27 37.77
C PHE A 347 12.18 -20.53 38.63
N ILE A 348 11.10 -20.79 39.36
CA ILE A 348 10.99 -22.01 40.14
C ILE A 348 10.82 -23.22 39.23
N THR A 349 9.95 -23.10 38.23
CA THR A 349 9.56 -24.26 37.42
C THR A 349 10.63 -24.64 36.40
N GLU A 350 11.53 -23.72 36.05
CA GLU A 350 12.52 -24.02 35.01
C GLU A 350 13.60 -24.97 35.51
N SER A 351 13.76 -25.12 36.82
CA SER A 351 14.63 -26.12 37.41
C SER A 351 13.76 -27.16 38.10
N ALA A 352 13.97 -28.43 37.75
CA ALA A 352 13.21 -29.50 38.38
C ALA A 352 13.62 -29.69 39.84
N LYS A 353 14.91 -29.52 40.12
CA LYS A 353 15.40 -29.61 41.49
C LYS A 353 14.83 -28.50 42.36
N LEU A 354 14.77 -27.28 41.83
CA LEU A 354 14.24 -26.16 42.60
C LEU A 354 12.74 -26.30 42.82
N ARG A 355 12.03 -26.84 41.82
CA ARG A 355 10.59 -27.08 41.98
C ARG A 355 10.32 -28.16 43.01
N LYS A 356 11.09 -29.24 42.96
CA LYS A 356 10.91 -30.33 43.93
C LYS A 356 11.31 -29.87 45.34
N LEU A 357 12.31 -29.00 45.44
CA LEU A 357 12.69 -28.48 46.75
C LEU A 357 11.68 -27.47 47.27
N ASP A 358 11.04 -26.71 46.37
CA ASP A 358 9.95 -25.84 46.79
C ASP A 358 8.76 -26.64 47.31
N GLU A 359 8.43 -27.76 46.66
CA GLU A 359 7.37 -28.62 47.19
C GLU A 359 7.80 -29.30 48.48
N LEU A 360 9.08 -29.66 48.63
CA LEU A 360 9.53 -30.35 49.82
C LEU A 360 9.66 -29.43 51.02
N LEU A 361 9.91 -28.14 50.79
CA LEU A 361 10.13 -27.21 51.90
C LEU A 361 8.85 -26.88 52.65
N VAL A 362 7.68 -27.04 52.01
CA VAL A 362 6.41 -26.70 52.65
C VAL A 362 6.11 -27.65 53.80
N LYS A 363 6.36 -28.95 53.60
CA LYS A 363 6.11 -29.93 54.64
C LYS A 363 7.06 -29.77 55.81
N LEU A 364 8.33 -29.42 55.53
CA LEU A 364 9.28 -29.20 56.62
C LEU A 364 9.01 -27.88 57.34
N LYS A 365 8.44 -26.90 56.65
CA LYS A 365 7.99 -25.68 57.32
C LYS A 365 6.80 -25.97 58.22
N SER A 366 5.86 -26.81 57.76
CA SER A 366 4.69 -27.15 58.56
C SER A 366 5.08 -28.00 59.76
N GLU A 367 6.08 -28.86 59.62
CA GLU A 367 6.55 -29.67 60.74
C GLU A 367 7.56 -28.95 61.61
N GLY A 368 8.02 -27.77 61.21
CA GLY A 368 8.86 -26.93 62.04
C GLY A 368 10.25 -27.43 62.36
N HIS A 369 10.99 -27.89 61.35
CA HIS A 369 12.33 -28.39 61.53
C HIS A 369 13.35 -27.29 61.24
N ARG A 370 14.62 -27.68 61.14
CA ARG A 370 15.69 -26.79 60.73
C ARG A 370 16.53 -27.53 59.69
N VAL A 371 16.57 -27.01 58.48
CA VAL A 371 17.03 -27.75 57.30
C VAL A 371 18.38 -27.22 56.85
N LEU A 372 19.28 -28.14 56.48
CA LEU A 372 20.60 -27.82 55.99
C LEU A 372 20.69 -28.13 54.50
N ILE A 373 21.11 -27.15 53.71
CA ILE A 373 21.22 -27.28 52.26
C ILE A 373 22.70 -27.20 51.89
N TYR A 374 23.17 -28.14 51.07
CA TYR A 374 24.58 -28.26 50.72
C TYR A 374 24.80 -28.02 49.24
N PHE A 375 25.95 -27.45 48.91
CA PHE A 375 26.24 -26.96 47.57
C PHE A 375 27.68 -27.31 47.21
N GLN A 376 28.06 -26.92 45.99
CA GLN A 376 29.42 -27.17 45.49
C GLN A 376 30.02 -25.88 44.92
N MET A 377 29.16 -24.97 44.45
CA MET A 377 29.57 -23.69 43.91
C MET A 377 28.95 -22.56 44.73
N THR A 378 29.33 -21.33 44.38
CA THR A 378 28.80 -20.14 45.04
C THR A 378 27.79 -19.37 44.19
N LYS A 379 27.76 -19.62 42.87
CA LYS A 379 26.74 -19.01 42.03
C LYS A 379 25.36 -19.55 42.38
N MET A 380 25.26 -20.86 42.62
CA MET A 380 24.00 -21.42 43.08
C MET A 380 23.69 -20.98 44.51
N MET A 381 24.71 -20.68 45.30
CA MET A 381 24.50 -20.12 46.64
C MET A 381 23.83 -18.75 46.54
N ASP A 382 24.31 -17.90 45.63
CA ASP A 382 23.68 -16.60 45.43
C ASP A 382 22.27 -16.72 44.86
N LEU A 383 22.06 -17.68 43.94
CA LEU A 383 20.73 -17.90 43.37
C LEU A 383 19.73 -18.36 44.41
N MET A 384 20.14 -19.28 45.29
CA MET A 384 19.23 -19.72 46.33
C MET A 384 19.04 -18.66 47.40
N GLU A 385 20.04 -17.80 47.63
CA GLU A 385 19.86 -16.68 48.56
C GLU A 385 18.81 -15.72 48.05
N GLU A 386 18.85 -15.37 46.75
CA GLU A 386 17.85 -14.44 46.24
C GLU A 386 16.47 -15.11 46.12
N TYR A 387 16.43 -16.42 45.87
CA TYR A 387 15.16 -17.15 45.90
C TYR A 387 14.55 -17.15 47.30
N LEU A 388 15.37 -17.36 48.33
CA LEU A 388 14.88 -17.37 49.70
C LEU A 388 14.43 -15.99 50.14
N THR A 389 15.11 -14.93 49.69
CA THR A 389 14.64 -13.58 50.00
C THR A 389 13.35 -13.25 49.25
N TYR A 390 13.14 -13.85 48.08
CA TYR A 390 11.83 -13.72 47.42
C TYR A 390 10.75 -14.43 48.22
N ARG A 391 11.05 -15.63 48.73
CA ARG A 391 10.10 -16.37 49.55
C ARG A 391 10.03 -15.86 50.99
N GLN A 392 10.98 -15.00 51.39
CA GLN A 392 11.04 -14.37 52.72
C GLN A 392 11.11 -15.41 53.84
N TYR A 393 11.95 -16.41 53.67
CA TYR A 393 12.23 -17.38 54.72
C TYR A 393 13.39 -16.90 55.58
N ASN A 394 13.37 -17.26 56.85
CA ASN A 394 14.46 -16.89 57.76
C ASN A 394 15.65 -17.80 57.51
N HIS A 395 16.70 -17.25 56.90
CA HIS A 395 17.85 -18.03 56.48
C HIS A 395 19.13 -17.28 56.81
N ILE A 396 20.21 -18.03 56.98
CA ILE A 396 21.54 -17.47 57.19
C ILE A 396 22.51 -18.11 56.22
N ARG A 397 23.56 -17.36 55.89
CA ARG A 397 24.54 -17.74 54.88
C ARG A 397 25.91 -17.84 55.55
N LEU A 398 26.64 -18.90 55.23
CA LEU A 398 28.02 -19.07 55.71
C LEU A 398 28.94 -17.98 55.16
N ASP A 409 31.18 -17.31 64.17
CA ASP A 409 30.27 -16.43 64.89
C ASP A 409 28.82 -16.73 64.51
N LEU A 410 28.65 -17.56 63.48
CA LEU A 410 27.33 -17.95 63.02
C LEU A 410 26.86 -19.28 63.61
N VAL A 411 27.79 -20.06 64.17
CA VAL A 411 27.46 -21.41 64.63
C VAL A 411 26.54 -21.36 65.84
N HIS A 412 26.98 -20.68 66.91
CA HIS A 412 26.15 -20.56 68.10
C HIS A 412 24.91 -19.71 67.87
N ASP A 413 24.95 -18.81 66.88
CA ASP A 413 23.74 -18.12 66.45
C ASP A 413 22.74 -19.10 65.84
N TRP A 414 23.24 -20.11 65.12
CA TRP A 414 22.36 -21.12 64.55
C TRP A 414 21.80 -22.04 65.62
N GLN A 415 22.62 -22.42 66.61
CA GLN A 415 22.11 -23.30 67.66
C GLN A 415 21.15 -22.57 68.60
N THR A 416 21.43 -21.31 68.94
CA THR A 416 20.62 -20.62 69.94
C THR A 416 19.26 -20.21 69.41
N ASN A 417 19.20 -19.73 68.17
CA ASN A 417 17.96 -19.21 67.61
C ASN A 417 17.24 -20.31 66.82
N PRO A 418 16.03 -20.70 67.19
CA PRO A 418 15.27 -21.66 66.39
C PRO A 418 14.44 -21.05 65.26
N GLU A 419 14.46 -19.72 65.11
CA GLU A 419 13.64 -19.09 64.09
C GLU A 419 14.23 -19.26 62.69
N ILE A 420 15.55 -19.44 62.59
CA ILE A 420 16.20 -19.59 61.30
C ILE A 420 15.92 -20.99 60.75
N PHE A 421 15.50 -21.05 59.50
CA PHE A 421 15.01 -22.30 58.91
C PHE A 421 15.99 -22.97 57.97
N VAL A 422 16.62 -22.22 57.06
CA VAL A 422 17.50 -22.79 56.04
C VAL A 422 18.92 -22.29 56.29
N PHE A 423 19.87 -23.21 56.39
CA PHE A 423 21.28 -22.88 56.46
C PHE A 423 21.94 -23.27 55.15
N LEU A 424 22.61 -22.30 54.52
CA LEU A 424 23.35 -22.54 53.28
C LEU A 424 24.80 -22.82 53.61
N LEU A 425 25.30 -23.97 53.14
CA LEU A 425 26.66 -24.40 53.41
C LEU A 425 27.30 -24.91 52.13
N SER A 426 28.62 -24.81 52.08
CA SER A 426 29.41 -25.28 50.93
C SER A 426 30.34 -26.38 51.39
N THR A 427 30.44 -27.44 50.58
CA THR A 427 31.29 -28.57 50.90
C THR A 427 32.76 -28.22 50.75
N ASN A 435 30.52 -27.65 64.10
CA ASN A 435 29.54 -28.52 64.72
C ASN A 435 28.16 -27.88 64.77
N LEU A 436 27.22 -28.45 64.00
CA LEU A 436 25.83 -27.99 63.96
C LEU A 436 24.96 -29.15 64.44
N THR A 437 24.79 -29.23 65.75
CA THR A 437 24.00 -30.31 66.34
C THR A 437 22.50 -30.04 66.30
N ALA A 438 22.09 -28.80 66.04
CA ALA A 438 20.68 -28.45 66.07
C ALA A 438 19.94 -28.82 64.79
N ALA A 439 20.65 -29.30 63.77
CA ALA A 439 20.01 -29.67 62.52
C ALA A 439 19.22 -30.97 62.66
N ASP A 440 18.08 -31.03 61.98
CA ASP A 440 17.23 -32.22 61.93
C ASP A 440 17.21 -32.87 60.55
N THR A 441 17.21 -32.07 59.50
CA THR A 441 17.18 -32.58 58.13
C THR A 441 18.31 -31.93 57.34
N VAL A 442 19.13 -32.76 56.69
CA VAL A 442 20.21 -32.28 55.85
C VAL A 442 19.88 -32.66 54.40
N ILE A 443 20.19 -31.76 53.47
CA ILE A 443 19.76 -31.88 52.09
C ILE A 443 20.98 -31.68 51.19
N PHE A 444 21.20 -32.64 50.28
CA PHE A 444 22.25 -32.57 49.27
C PHE A 444 21.62 -32.13 47.95
N TYR A 445 21.85 -30.87 47.57
CA TYR A 445 21.39 -30.40 46.27
C TYR A 445 22.28 -30.94 45.16
N ASP A 446 23.56 -30.57 45.16
CA ASP A 446 24.54 -31.11 44.23
C ASP A 446 25.10 -32.39 44.82
N SER A 447 24.35 -33.47 44.65
CA SER A 447 24.65 -34.74 45.31
C SER A 447 25.82 -35.42 44.63
N ASP A 448 26.90 -35.63 45.38
CA ASP A 448 28.04 -36.42 44.95
C ASP A 448 28.25 -37.55 45.95
N TRP A 449 28.56 -38.75 45.43
CA TRP A 449 28.64 -39.95 46.23
C TRP A 449 30.05 -40.27 46.67
N ASN A 450 30.91 -39.27 46.78
CA ASN A 450 32.20 -39.44 47.44
C ASN A 450 31.93 -39.61 48.92
N PRO A 451 32.30 -40.75 49.52
CA PRO A 451 32.01 -40.94 50.95
C PRO A 451 32.89 -40.11 51.87
N THR A 452 34.02 -39.58 51.38
CA THR A 452 34.88 -38.74 52.21
C THR A 452 34.21 -37.42 52.55
N ILE A 453 33.49 -36.83 51.59
CA ILE A 453 32.79 -35.57 51.86
C ILE A 453 31.46 -35.83 52.53
N ASP A 454 30.77 -36.90 52.12
CA ASP A 454 29.44 -37.20 52.66
C ASP A 454 29.53 -37.62 54.13
N SER A 455 30.58 -38.38 54.49
CA SER A 455 30.74 -38.82 55.87
C SER A 455 31.00 -37.66 56.80
N GLN A 456 31.84 -36.70 56.39
CA GLN A 456 32.07 -35.55 57.24
C GLN A 456 30.88 -34.60 57.25
N ALA A 457 30.12 -34.54 56.15
CA ALA A 457 28.92 -33.70 56.11
C ALA A 457 27.84 -34.24 57.04
N MET A 458 27.68 -35.56 57.11
CA MET A 458 26.80 -36.13 58.12
C MET A 458 27.43 -36.10 59.52
N ASP A 459 28.76 -35.97 59.61
CA ASP A 459 29.39 -35.87 60.91
C ASP A 459 29.15 -34.51 61.56
N ARG A 460 29.19 -33.42 60.80
CA ARG A 460 28.89 -32.13 61.41
C ARG A 460 27.40 -31.95 61.67
N ALA A 461 26.55 -32.78 61.06
CA ALA A 461 25.11 -32.73 61.33
C ALA A 461 24.75 -33.55 62.55
N THR A 467 20.26 -35.81 68.64
CA THR A 467 19.29 -36.45 69.52
C THR A 467 18.00 -36.74 68.77
N ARG A 468 17.62 -35.81 67.89
CA ARG A 468 16.44 -35.99 67.06
C ARG A 468 16.75 -36.90 65.88
N GLN A 469 15.70 -37.27 65.15
CA GLN A 469 15.86 -38.11 63.97
C GLN A 469 16.49 -37.32 62.83
N VAL A 470 17.51 -37.91 62.20
CA VAL A 470 18.26 -37.25 61.14
C VAL A 470 17.91 -37.94 59.83
N THR A 471 17.37 -37.16 58.89
CA THR A 471 17.01 -37.65 57.56
C THR A 471 17.79 -36.88 56.51
N VAL A 472 18.37 -37.61 55.55
CA VAL A 472 19.10 -37.02 54.44
C VAL A 472 18.20 -37.04 53.20
N TYR A 473 18.37 -36.07 52.32
CA TYR A 473 17.63 -35.98 51.07
C TYR A 473 18.60 -35.69 49.94
N ARG A 474 18.45 -36.42 48.84
CA ARG A 474 19.25 -36.22 47.64
C ARG A 474 18.32 -35.93 46.48
N LEU A 475 18.53 -34.78 45.83
CA LEU A 475 17.76 -34.41 44.65
C LEU A 475 18.48 -34.90 43.42
N LEU A 476 17.82 -35.78 42.65
CA LEU A 476 18.42 -36.39 41.48
C LEU A 476 17.55 -36.13 40.27
N VAL A 477 18.18 -36.09 39.10
CA VAL A 477 17.50 -35.83 37.84
C VAL A 477 17.57 -37.09 36.99
N ARG A 478 16.43 -37.52 36.45
CA ARG A 478 16.39 -38.71 35.61
C ARG A 478 17.01 -38.43 34.26
N GLY A 479 17.75 -39.40 33.74
CA GLY A 479 18.32 -39.33 32.41
C GLY A 479 19.41 -38.29 32.21
N THR A 480 20.35 -38.19 33.14
CA THR A 480 21.47 -37.26 33.01
C THR A 480 22.71 -37.95 33.56
N ILE A 481 23.76 -37.15 33.77
CA ILE A 481 25.01 -37.64 34.36
C ILE A 481 24.79 -38.13 35.79
N GLU A 482 23.93 -37.42 36.54
CA GLU A 482 23.68 -37.76 37.94
C GLU A 482 22.94 -39.09 38.10
N GLU A 483 22.11 -39.46 37.13
CA GLU A 483 21.40 -40.74 37.20
C GLU A 483 22.37 -41.91 37.07
N ARG A 484 23.38 -41.78 36.21
CA ARG A 484 24.43 -42.78 36.13
C ARG A 484 25.39 -42.68 37.32
N MET A 485 25.53 -41.48 37.89
CA MET A 485 26.31 -41.29 39.11
C MET A 485 25.71 -42.02 40.30
N LYS B 1 54.98 42.25 -17.50
CA LYS B 1 55.90 43.27 -17.01
C LYS B 1 55.27 44.09 -15.89
N ALA B 2 56.01 44.22 -14.78
CA ALA B 2 55.56 45.01 -13.65
C ALA B 2 55.79 46.48 -13.93
N VAL B 3 54.84 47.31 -13.51
CA VAL B 3 54.97 48.75 -13.64
C VAL B 3 55.62 49.30 -12.37
N VAL B 4 56.25 50.45 -12.48
CA VAL B 4 56.92 51.07 -11.34
C VAL B 4 56.27 52.41 -11.03
N ILE B 5 55.88 52.59 -9.78
CA ILE B 5 55.26 53.83 -9.35
C ILE B 5 56.27 54.64 -8.55
N ASP B 6 56.03 55.95 -8.50
CA ASP B 6 56.82 56.89 -7.72
C ASP B 6 55.88 57.87 -7.05
N ASP B 7 56.45 58.88 -6.41
CA ASP B 7 55.66 60.03 -6.02
C ASP B 7 55.25 60.81 -7.27
N PRO B 8 54.12 61.52 -7.23
CA PRO B 8 53.74 62.39 -8.36
C PRO B 8 54.76 63.50 -8.56
N PRO B 9 55.04 63.87 -9.81
CA PRO B 9 56.07 64.88 -10.06
C PRO B 9 55.64 66.27 -9.61
N LEU B 10 56.62 67.02 -9.11
CA LEU B 10 56.37 68.35 -8.59
C LEU B 10 56.05 69.32 -9.73
N ARG B 11 55.26 70.33 -9.41
CA ARG B 11 54.88 71.32 -10.42
C ARG B 11 56.06 72.24 -10.72
N GLN B 12 56.40 72.36 -11.99
CA GLN B 12 57.56 73.16 -12.38
C GLN B 12 57.26 74.65 -12.28
N THR B 13 56.10 75.08 -12.77
CA THR B 13 55.82 76.51 -12.72
C THR B 13 54.98 76.85 -11.49
N PRO B 14 55.32 77.92 -10.78
CA PRO B 14 54.47 78.35 -9.65
C PRO B 14 53.09 78.79 -10.11
N GLU B 15 52.15 78.66 -9.18
CA GLU B 15 50.78 79.11 -9.40
C GLU B 15 50.77 80.63 -9.53
N PRO B 16 50.15 81.19 -10.57
CA PRO B 16 50.06 82.62 -10.65
C PRO B 16 48.87 83.31 -9.98
N PHE B 17 48.59 84.54 -10.40
CA PHE B 17 47.53 85.33 -9.79
C PHE B 17 46.77 86.12 -10.84
N ASP B 18 45.49 86.34 -10.60
CA ASP B 18 44.68 87.15 -11.49
C ASP B 18 45.07 88.62 -11.38
N GLU B 19 44.82 89.36 -12.46
CA GLU B 19 45.23 90.76 -12.52
C GLU B 19 44.36 91.62 -11.60
N GLN B 20 45.01 92.53 -10.90
CA GLN B 20 44.33 93.38 -9.92
C GLN B 20 43.50 94.49 -10.57
N SER B 21 43.73 94.76 -11.86
CA SER B 21 42.94 95.80 -12.54
C SER B 21 41.53 95.32 -12.82
N ALA B 22 41.31 94.02 -12.93
CA ALA B 22 39.99 93.47 -13.22
C ALA B 22 39.12 93.32 -11.98
N TYR B 23 39.65 93.66 -10.80
CA TYR B 23 38.91 93.50 -9.56
C TYR B 23 37.81 94.55 -9.44
N ASN B 24 36.63 94.09 -9.04
CA ASN B 24 35.50 94.95 -8.75
C ASN B 24 34.96 94.60 -7.36
N PRO B 25 34.54 95.60 -6.60
CA PRO B 25 34.24 95.37 -5.17
C PRO B 25 32.82 94.90 -4.85
N GLN B 26 31.96 94.67 -5.83
CA GLN B 26 30.62 94.18 -5.54
C GLN B 26 30.36 92.77 -6.05
N SER B 27 31.32 92.13 -6.69
CA SER B 27 31.16 90.74 -7.10
C SER B 27 31.34 89.81 -5.91
N PRO B 28 30.46 88.83 -5.71
CA PRO B 28 30.68 87.82 -4.67
C PRO B 28 31.89 86.94 -4.99
N ILE B 29 32.44 86.34 -3.95
CA ILE B 29 33.58 85.43 -4.07
C ILE B 29 33.13 84.07 -3.56
N ALA B 30 33.51 83.01 -4.28
CA ALA B 30 33.08 81.65 -4.00
C ALA B 30 34.27 80.83 -3.51
N ILE B 31 34.08 80.14 -2.39
CA ILE B 31 35.12 79.29 -1.80
C ILE B 31 34.53 77.92 -1.50
N ASP B 32 35.14 76.87 -2.06
CA ASP B 32 34.80 75.49 -1.76
C ASP B 32 35.86 74.98 -0.78
N PHE B 33 35.54 75.01 0.51
CA PHE B 33 36.49 74.63 1.56
C PHE B 33 36.40 73.13 1.80
N GLY B 34 37.01 72.37 0.91
CA GLY B 34 37.05 70.93 1.05
C GLY B 34 38.22 70.47 1.89
N SER B 35 38.10 69.26 2.43
CA SER B 35 39.17 68.70 3.23
C SER B 35 40.35 68.26 2.37
N SER B 36 40.09 67.92 1.11
CA SER B 36 41.16 67.48 0.23
C SER B 36 41.70 68.62 -0.62
N LYS B 37 40.83 69.48 -1.13
CA LYS B 37 41.24 70.55 -2.03
C LYS B 37 40.47 71.82 -1.71
N LEU B 38 41.00 72.95 -2.15
CA LEU B 38 40.34 74.23 -2.07
C LEU B 38 40.04 74.72 -3.48
N ARG B 39 38.81 75.17 -3.70
CA ARG B 39 38.41 75.72 -4.98
C ARG B 39 37.90 77.14 -4.76
N ALA B 40 38.45 78.09 -5.49
CA ALA B 40 38.08 79.49 -5.33
C ALA B 40 38.11 80.18 -6.69
N GLY B 41 37.25 81.19 -6.83
CA GLY B 41 37.19 81.97 -8.05
C GLY B 41 36.02 82.94 -8.06
N PHE B 42 36.11 83.97 -8.90
CA PHE B 42 35.06 84.97 -8.99
C PHE B 42 33.82 84.40 -9.68
N VAL B 43 32.67 84.98 -9.38
CA VAL B 43 31.36 84.43 -9.72
C VAL B 43 31.14 84.40 -11.23
N ASN B 44 31.63 85.42 -11.94
CA ASN B 44 31.32 85.63 -13.34
C ASN B 44 31.88 84.57 -14.28
N HIS B 45 32.81 83.73 -13.82
CA HIS B 45 33.31 82.62 -14.63
C HIS B 45 32.51 81.35 -14.34
N ALA B 46 32.67 80.36 -15.21
CA ALA B 46 31.96 79.10 -15.06
C ALA B 46 32.78 78.08 -14.27
N THR B 47 34.12 78.11 -14.37
CA THR B 47 35.02 77.17 -13.71
C THR B 47 35.94 77.90 -12.75
N PRO B 48 36.52 77.19 -11.78
CA PRO B 48 37.49 77.80 -10.87
C PRO B 48 38.71 78.34 -11.59
N THR B 49 39.30 79.38 -11.02
CA THR B 49 40.60 79.83 -11.47
C THR B 49 41.72 79.46 -10.50
N HIS B 50 41.38 78.94 -9.33
CA HIS B 50 42.37 78.57 -8.32
C HIS B 50 41.95 77.26 -7.66
N ILE B 51 42.63 76.18 -8.02
CA ILE B 51 42.45 74.88 -7.37
C ILE B 51 43.82 74.43 -6.87
N PHE B 52 43.96 74.31 -5.56
CA PHE B 52 45.21 73.89 -4.94
C PHE B 52 44.86 72.97 -3.77
N PRO B 53 45.75 72.05 -3.41
CA PRO B 53 45.50 71.24 -2.21
C PRO B 53 45.56 72.07 -0.94
N ASN B 54 44.71 71.71 0.02
CA ASN B 54 44.55 72.48 1.25
C ASN B 54 45.66 72.09 2.22
N ALA B 55 46.83 72.71 2.04
CA ALA B 55 47.97 72.42 2.90
C ALA B 55 48.83 73.67 3.03
N LEU B 56 49.62 73.71 4.10
CA LEU B 56 50.55 74.80 4.33
C LEU B 56 51.83 74.25 4.95
N THR B 57 52.95 74.86 4.59
CA THR B 57 54.25 74.52 5.16
C THR B 57 54.88 75.78 5.75
N LYS B 58 55.53 75.61 6.90
CA LYS B 58 56.30 76.68 7.52
C LYS B 58 57.78 76.35 7.32
N PHE B 59 58.31 76.78 6.18
CA PHE B 59 59.71 76.54 5.86
C PHE B 59 60.52 77.52 6.72
N ARG B 60 61.48 77.00 7.46
CA ARG B 60 62.45 77.81 8.18
C ARG B 60 63.77 77.77 7.41
N ASP B 61 64.26 78.95 7.03
CA ASP B 61 65.48 79.05 6.26
C ASP B 61 66.66 79.23 7.21
N ARG B 62 67.74 78.48 6.97
CA ARG B 62 68.89 78.55 7.87
C ARG B 62 69.68 79.85 7.68
N LYS B 63 69.93 80.24 6.43
CA LYS B 63 70.76 81.41 6.19
C LYS B 63 70.01 82.72 6.43
N LEU B 64 68.72 82.77 6.10
CA LEU B 64 67.93 83.98 6.30
C LEU B 64 67.36 84.11 7.71
N ASN B 65 67.28 83.00 8.45
CA ASN B 65 66.65 82.91 9.78
C ASN B 65 65.21 83.44 9.75
N LYS B 66 64.48 83.08 8.69
CA LYS B 66 63.13 83.56 8.47
C LYS B 66 62.20 82.39 8.24
N ASN B 67 60.97 82.53 8.71
CA ASN B 67 59.95 81.49 8.59
C ASN B 67 59.09 81.79 7.37
N PHE B 68 59.44 81.18 6.24
CA PHE B 68 58.69 81.37 5.01
C PHE B 68 57.42 80.52 5.03
N THR B 69 56.50 80.85 4.12
CA THR B 69 55.20 80.20 4.06
C THR B 69 54.88 79.79 2.63
N PHE B 70 54.68 78.49 2.42
CA PHE B 70 54.29 77.94 1.13
C PHE B 70 52.90 77.33 1.26
N VAL B 71 51.97 77.76 0.42
CA VAL B 71 50.57 77.36 0.49
C VAL B 71 50.17 76.72 -0.82
N GLY B 72 49.44 75.61 -0.75
CA GLY B 72 48.76 75.04 -1.90
C GLY B 72 49.66 74.42 -2.93
N ASN B 73 49.61 74.94 -4.16
CA ASN B 73 50.44 74.44 -5.24
C ASN B 73 51.88 74.89 -5.12
N ASP B 74 52.17 75.85 -4.23
CA ASP B 74 53.56 76.18 -3.92
C ASP B 74 54.23 75.09 -3.10
N THR B 75 53.45 74.23 -2.43
CA THR B 75 54.02 73.10 -1.73
C THR B 75 54.48 72.01 -2.68
N LEU B 76 53.99 71.99 -3.92
CA LEU B 76 54.41 71.02 -4.92
C LEU B 76 55.58 71.55 -5.76
N LEU B 77 56.64 71.98 -5.08
CA LEU B 77 57.87 72.44 -5.70
C LEU B 77 59.08 71.63 -5.30
N ASP B 78 59.14 71.17 -4.05
CA ASP B 78 60.23 70.36 -3.54
C ASP B 78 59.65 69.17 -2.79
N GLN B 79 60.41 68.06 -2.79
CA GLN B 79 60.00 66.85 -2.08
C GLN B 79 59.95 67.10 -0.58
N ALA B 80 60.97 67.77 -0.04
CA ALA B 80 61.05 68.01 1.39
C ALA B 80 59.96 68.99 1.86
N VAL B 81 59.60 69.95 1.01
CA VAL B 81 58.51 70.83 1.37
C VAL B 81 57.15 70.19 1.11
N ARG B 82 57.08 69.16 0.27
CA ARG B 82 55.83 68.44 0.11
C ARG B 82 55.58 67.51 1.30
N SER B 83 56.64 66.88 1.82
CA SER B 83 56.49 65.91 2.89
C SER B 83 56.19 66.54 4.24
N GLN B 84 56.43 67.84 4.39
CA GLN B 84 56.15 68.54 5.64
C GLN B 84 54.83 69.28 5.61
N SER B 85 53.98 69.01 4.61
CA SER B 85 52.73 69.75 4.47
C SER B 85 51.71 69.33 5.53
N ARG B 86 51.05 70.33 6.11
CA ARG B 86 50.08 70.11 7.18
C ARG B 86 48.77 70.77 6.80
N SER B 87 47.72 69.98 6.79
CA SER B 87 46.35 70.38 6.47
C SER B 87 45.65 70.94 7.70
N PRO B 88 44.76 71.92 7.51
CA PRO B 88 43.98 72.43 8.66
C PRO B 88 43.01 71.43 9.23
N PHE B 89 42.61 70.42 8.49
CA PHE B 89 41.59 69.49 8.96
C PHE B 89 42.22 68.37 9.78
N ASP B 90 41.54 68.02 10.87
CA ASP B 90 41.81 66.80 11.63
C ASP B 90 40.46 66.08 11.72
N GLY B 91 40.27 65.10 10.85
CA GLY B 91 38.97 64.50 10.67
C GLY B 91 38.11 65.38 9.79
N PRO B 92 36.78 65.31 9.96
CA PRO B 92 35.89 66.13 9.14
C PRO B 92 35.80 67.58 9.58
N PHE B 93 36.44 67.95 10.69
CA PHE B 93 36.36 69.29 11.25
C PHE B 93 37.66 70.03 11.05
N VAL B 94 37.62 71.34 11.31
CA VAL B 94 38.80 72.19 11.31
C VAL B 94 39.17 72.48 12.75
N THR B 95 40.40 72.19 13.13
CA THR B 95 40.81 72.27 14.53
C THR B 95 41.75 73.41 14.83
N ASN B 96 42.56 73.85 13.87
CA ASN B 96 43.38 75.05 14.04
C ASN B 96 42.86 76.12 13.10
N TRP B 97 43.13 77.38 13.44
CA TRP B 97 42.52 78.49 12.73
C TRP B 97 43.51 79.51 12.19
N ASN B 98 44.73 79.55 12.74
CA ASN B 98 45.76 80.40 12.18
C ASN B 98 46.17 79.93 10.79
N LEU B 99 46.19 78.60 10.60
CA LEU B 99 46.51 78.03 9.30
C LEU B 99 45.45 78.41 8.26
N THR B 100 44.18 78.31 8.63
CA THR B 100 43.09 78.67 7.72
C THR B 100 43.07 80.17 7.44
N GLU B 101 43.38 80.98 8.45
CA GLU B 101 43.43 82.43 8.28
C GLU B 101 44.52 82.84 7.30
N GLU B 102 45.70 82.22 7.42
CA GLU B 102 46.78 82.56 6.50
C GLU B 102 46.58 81.93 5.12
N ILE B 103 45.87 80.79 5.04
CA ILE B 103 45.46 80.24 3.75
C ILE B 103 44.49 81.16 3.04
N LEU B 104 43.52 81.72 3.78
CA LEU B 104 42.58 82.66 3.19
C LEU B 104 43.26 83.95 2.78
N ASP B 105 44.27 84.38 3.53
CA ASP B 105 45.07 85.54 3.12
C ASP B 105 45.82 85.27 1.82
N TYR B 106 46.38 84.05 1.69
CA TYR B 106 47.09 83.67 0.46
C TYR B 106 46.15 83.64 -0.73
N THR B 107 44.96 83.07 -0.56
CA THR B 107 44.05 82.98 -1.70
C THR B 107 43.39 84.32 -2.00
N PHE B 108 43.34 85.25 -1.04
CA PHE B 108 42.92 86.60 -1.37
C PHE B 108 43.99 87.33 -2.15
N HIS B 109 45.26 87.08 -1.83
CA HIS B 109 46.35 87.69 -2.60
C HIS B 109 46.41 87.14 -4.02
N HIS B 110 46.22 85.83 -4.18
CA HIS B 110 46.30 85.25 -5.52
C HIS B 110 45.04 85.46 -6.35
N LEU B 111 43.98 86.00 -5.77
CA LEU B 111 42.77 86.34 -6.52
C LEU B 111 42.86 87.68 -7.20
N GLY B 112 43.85 88.51 -6.86
CA GLY B 112 43.95 89.85 -7.42
C GLY B 112 43.03 90.83 -6.75
N VAL B 113 43.15 90.97 -5.43
CA VAL B 113 42.28 91.83 -4.63
C VAL B 113 43.14 92.95 -4.04
N VAL B 114 42.63 94.18 -4.12
CA VAL B 114 43.28 95.39 -3.57
C VAL B 114 42.47 96.03 -2.44
N PRO B 115 42.11 95.29 -1.40
CA PRO B 115 41.03 95.72 -0.50
C PRO B 115 41.52 96.76 0.52
N ASP B 116 40.56 97.23 1.32
CA ASP B 116 40.85 98.16 2.40
C ASP B 116 39.76 98.00 3.45
N ASN B 117 40.17 98.04 4.71
CA ASN B 117 39.33 97.78 5.89
C ASN B 117 38.61 96.43 5.76
N GLY B 118 39.42 95.38 5.66
CA GLY B 118 38.89 94.06 5.42
C GLY B 118 38.52 93.84 3.97
N ILE B 119 37.70 92.82 3.75
CA ILE B 119 37.34 92.41 2.39
C ILE B 119 35.97 93.01 2.05
N PRO B 120 35.80 93.62 0.88
CA PRO B 120 34.51 94.23 0.52
C PRO B 120 33.57 93.33 -0.27
N ASN B 121 33.89 92.05 -0.44
CA ASN B 121 33.05 91.17 -1.24
C ASN B 121 32.29 90.21 -0.36
N PRO B 122 31.02 89.91 -0.69
CA PRO B 122 30.32 88.82 0.01
C PRO B 122 30.91 87.47 -0.37
N ILE B 123 30.85 86.54 0.58
CA ILE B 123 31.53 85.25 0.46
C ILE B 123 30.51 84.14 0.27
N LEU B 124 30.90 83.12 -0.48
CA LEU B 124 30.10 81.92 -0.71
C LEU B 124 30.88 80.75 -0.12
N LEU B 125 30.30 80.07 0.87
CA LEU B 125 31.06 79.12 1.67
C LEU B 125 30.31 77.81 1.83
N THR B 126 31.09 76.74 2.02
CA THR B 126 30.58 75.40 2.28
C THR B 126 30.55 75.14 3.78
N GLU B 127 29.69 74.22 4.17
CA GLU B 127 29.64 73.74 5.55
C GLU B 127 29.09 72.33 5.55
N ARG B 128 29.55 71.53 6.52
CA ARG B 128 29.20 70.12 6.58
C ARG B 128 27.79 69.96 7.14
N LEU B 129 27.13 68.87 6.74
CA LEU B 129 25.81 68.53 7.25
C LEU B 129 25.84 68.31 8.75
N ALA B 130 24.96 69.01 9.47
CA ALA B 130 24.78 68.93 10.93
C ALA B 130 26.07 69.26 11.67
N THR B 131 26.53 70.50 11.51
CA THR B 131 27.81 70.91 12.07
C THR B 131 27.69 71.30 13.53
N VAL B 132 28.86 71.40 14.17
CA VAL B 132 28.97 71.90 15.53
C VAL B 132 28.80 73.41 15.53
N GLN B 133 28.17 73.93 16.60
CA GLN B 133 28.09 75.37 16.81
C GLN B 133 29.45 76.01 17.00
N SER B 134 30.45 75.24 17.46
CA SER B 134 31.82 75.74 17.52
C SER B 134 32.34 76.10 16.14
N GLN B 135 32.01 75.28 15.13
CA GLN B 135 32.51 75.49 13.79
C GLN B 135 31.93 76.76 13.17
N ARG B 136 30.60 76.90 13.20
CA ARG B 136 29.98 78.08 12.60
C ARG B 136 30.16 79.32 13.46
N THR B 137 30.31 79.16 14.79
CA THR B 137 30.68 80.27 15.65
C THR B 137 32.06 80.82 15.30
N ASN B 138 33.03 79.92 15.11
CA ASN B 138 34.37 80.36 14.74
C ASN B 138 34.41 80.91 13.32
N TRP B 139 33.57 80.37 12.43
CA TRP B 139 33.49 80.92 11.07
C TRP B 139 32.91 82.32 11.06
N TYR B 140 31.83 82.53 11.82
CA TYR B 140 31.25 83.85 12.00
C TYR B 140 32.26 84.82 12.60
N GLN B 141 33.02 84.34 13.59
CA GLN B 141 34.04 85.16 14.24
C GLN B 141 35.11 85.61 13.25
N ILE B 142 35.71 84.66 12.51
CA ILE B 142 36.85 85.01 11.67
C ILE B 142 36.40 85.87 10.48
N LEU B 143 35.26 85.53 9.87
CA LEU B 143 34.74 86.35 8.77
C LEU B 143 34.35 87.75 9.24
N PHE B 144 33.34 87.83 10.12
CA PHE B 144 32.73 89.11 10.49
C PHE B 144 33.65 89.98 11.34
N GLU B 145 34.76 89.44 11.86
CA GLU B 145 35.66 90.31 12.58
C GLU B 145 36.97 90.54 11.82
N THR B 146 37.64 89.48 11.39
CA THR B 146 38.93 89.65 10.74
C THR B 146 38.78 90.21 9.34
N TYR B 147 37.80 89.73 8.57
CA TYR B 147 37.77 90.02 7.15
C TYR B 147 36.77 91.10 6.77
N ASN B 148 35.93 91.55 7.72
CA ASN B 148 35.02 92.69 7.56
C ASN B 148 34.07 92.50 6.38
N VAL B 149 33.57 91.28 6.24
CA VAL B 149 32.75 90.87 5.11
C VAL B 149 31.39 91.57 5.16
N PRO B 150 30.81 91.94 4.02
CA PRO B 150 29.47 92.57 4.03
C PRO B 150 28.38 91.58 4.37
N GLY B 151 28.41 90.41 3.75
CA GLY B 151 27.40 89.39 3.98
C GLY B 151 27.87 87.99 3.65
N VAL B 152 27.45 87.01 4.44
CA VAL B 152 27.87 85.62 4.28
C VAL B 152 26.65 84.76 4.03
N THR B 153 26.89 83.55 3.53
CA THR B 153 25.88 82.51 3.53
C THR B 153 26.56 81.15 3.57
N PHE B 154 25.80 80.14 3.97
CA PHE B 154 26.30 78.79 4.20
C PHE B 154 25.45 77.78 3.45
N GLY B 155 26.06 76.65 3.12
CA GLY B 155 25.30 75.57 2.52
C GLY B 155 26.12 74.30 2.42
N ILE B 156 25.44 73.22 2.08
CA ILE B 156 26.06 71.92 1.90
C ILE B 156 26.39 71.75 0.43
N ASP B 157 27.53 71.11 0.14
CA ASP B 157 28.01 71.02 -1.23
C ASP B 157 27.16 70.09 -2.10
N SER B 158 26.57 69.05 -1.49
CA SER B 158 25.73 68.13 -2.25
C SER B 158 24.45 68.81 -2.72
N LEU B 159 23.81 69.60 -1.85
CA LEU B 159 22.65 70.39 -2.24
C LEU B 159 23.02 71.46 -3.25
N PHE B 160 24.25 71.95 -3.20
CA PHE B 160 24.69 72.98 -4.13
C PHE B 160 24.89 72.39 -5.52
N SER B 161 25.41 71.15 -5.57
CA SER B 161 25.51 70.43 -6.84
C SER B 161 24.13 70.10 -7.39
N PHE B 162 23.19 69.76 -6.51
CA PHE B 162 21.82 69.54 -6.95
C PHE B 162 21.18 70.79 -7.52
N TYR B 163 21.49 71.96 -6.95
CA TYR B 163 21.03 73.21 -7.54
C TYR B 163 21.73 73.47 -8.87
N ASN B 164 23.01 73.08 -9.00
CA ASN B 164 23.73 73.30 -10.25
C ASN B 164 23.12 72.48 -11.40
N TYR B 165 22.76 71.23 -11.14
CA TYR B 165 22.18 70.43 -12.21
C TYR B 165 20.66 70.56 -12.29
N ASN B 166 20.03 71.24 -11.35
CA ASN B 166 18.59 71.52 -11.42
C ASN B 166 18.38 72.98 -11.04
N PRO B 167 18.60 73.91 -11.98
CA PRO B 167 18.64 75.33 -11.62
C PRO B 167 17.29 75.98 -11.39
N SER B 168 16.19 75.24 -11.52
CA SER B 168 14.87 75.82 -11.27
C SER B 168 14.65 76.08 -9.79
N GLY B 169 15.29 75.31 -8.92
CA GLY B 169 15.11 75.47 -7.49
C GLY B 169 13.84 74.87 -6.94
N ASN B 170 13.10 74.09 -7.73
CA ASN B 170 11.85 73.49 -7.29
C ASN B 170 11.76 72.02 -7.69
N LYS B 171 12.88 71.37 -7.96
CA LYS B 171 12.86 69.99 -8.42
C LYS B 171 12.91 69.02 -7.25
N THR B 172 12.90 67.73 -7.56
CA THR B 172 12.87 66.68 -6.54
C THR B 172 13.81 65.58 -6.97
N GLY B 173 14.76 65.21 -6.11
CA GLY B 173 15.70 64.17 -6.44
C GLY B 173 16.43 63.69 -5.21
N LEU B 174 17.38 62.79 -5.43
CA LEU B 174 18.17 62.18 -4.37
C LEU B 174 19.65 62.36 -4.69
N VAL B 175 20.41 62.83 -3.70
CA VAL B 175 21.81 63.18 -3.88
C VAL B 175 22.65 62.19 -3.08
N ILE B 176 23.62 61.56 -3.74
CA ILE B 176 24.54 60.63 -3.11
C ILE B 176 25.94 61.23 -3.24
N SER B 177 26.52 61.63 -2.12
CA SER B 177 27.79 62.33 -2.10
C SER B 177 28.89 61.40 -1.61
N CYS B 178 29.96 61.30 -2.39
CA CYS B 178 31.12 60.45 -2.09
C CYS B 178 32.31 61.38 -1.89
N GLY B 179 32.60 61.71 -0.63
CA GLY B 179 33.58 62.71 -0.30
C GLY B 179 34.89 62.12 0.20
N HIS B 180 35.74 63.02 0.71
CA HIS B 180 37.04 62.61 1.23
C HIS B 180 36.93 61.92 2.57
N GLU B 181 36.06 62.42 3.45
CA GLU B 181 36.00 61.93 4.82
C GLU B 181 34.62 61.44 5.24
N ASP B 182 33.61 61.51 4.39
CA ASP B 182 32.28 61.02 4.72
C ASP B 182 31.51 60.72 3.44
N THR B 183 30.40 59.99 3.60
CA THR B 183 29.50 59.66 2.50
C THR B 183 28.08 59.94 2.95
N ASN B 184 27.36 60.77 2.20
CA ASN B 184 26.04 61.25 2.58
C ASN B 184 25.00 60.86 1.54
N VAL B 185 23.79 60.62 2.03
CA VAL B 185 22.60 60.46 1.20
C VAL B 185 21.58 61.46 1.72
N ILE B 186 21.22 62.44 0.90
CA ILE B 186 20.33 63.51 1.32
C ILE B 186 19.09 63.51 0.43
N PRO B 187 17.88 63.39 1.00
CA PRO B 187 16.65 63.49 0.20
C PRO B 187 16.22 64.94 0.00
N VAL B 188 15.82 65.24 -1.24
CA VAL B 188 15.40 66.59 -1.63
C VAL B 188 13.96 66.51 -2.11
N VAL B 189 13.09 67.30 -1.49
CA VAL B 189 11.68 67.40 -1.89
C VAL B 189 11.39 68.86 -2.21
N ASP B 190 10.94 69.12 -3.44
CA ASP B 190 10.58 70.45 -3.96
C ASP B 190 11.73 71.44 -3.83
N GLY B 191 12.95 70.97 -4.06
CA GLY B 191 14.12 71.82 -4.02
C GLY B 191 14.67 72.08 -2.64
N ALA B 192 14.03 71.61 -1.59
CA ALA B 192 14.47 71.81 -0.22
C ALA B 192 15.04 70.52 0.33
N GLY B 193 16.25 70.60 0.88
CA GLY B 193 16.89 69.42 1.43
C GLY B 193 16.22 68.99 2.72
N ILE B 194 15.65 67.80 2.74
CA ILE B 194 14.99 67.26 3.94
C ILE B 194 16.11 66.67 4.79
N LEU B 195 16.63 67.49 5.70
CA LEU B 195 17.79 67.09 6.49
C LEU B 195 17.41 66.33 7.76
N THR B 196 16.12 66.14 8.02
CA THR B 196 15.71 65.25 9.10
C THR B 196 15.76 63.78 8.70
N ASP B 197 16.02 63.49 7.42
CA ASP B 197 16.12 62.14 6.92
C ASP B 197 17.48 61.83 6.30
N ALA B 198 18.41 62.78 6.29
CA ALA B 198 19.71 62.57 5.69
C ALA B 198 20.58 61.68 6.56
N LYS B 199 21.40 60.86 5.91
CA LYS B 199 22.18 59.85 6.60
C LYS B 199 23.64 59.96 6.19
N ARG B 200 24.54 59.68 7.14
CA ARG B 200 25.98 59.82 6.95
C ARG B 200 26.68 58.52 7.25
N ILE B 201 27.58 58.11 6.35
CA ILE B 201 28.47 56.97 6.56
C ILE B 201 29.87 57.51 6.72
N ASN B 202 30.54 57.12 7.81
CA ASN B 202 31.88 57.63 8.11
C ASN B 202 32.93 56.86 7.31
N TRP B 203 32.96 57.14 6.02
CA TRP B 203 33.94 56.53 5.12
C TRP B 203 34.12 57.42 3.91
N GLY B 204 35.35 57.53 3.44
CA GLY B 204 35.66 58.31 2.26
C GLY B 204 36.90 57.80 1.58
N GLY B 205 37.55 58.66 0.79
CA GLY B 205 38.77 58.26 0.11
C GLY B 205 39.95 58.13 1.05
N HIS B 206 39.96 58.94 2.12
CA HIS B 206 41.05 58.88 3.10
C HIS B 206 41.07 57.53 3.81
N GLN B 207 39.90 57.06 4.23
CA GLN B 207 39.79 55.75 4.86
C GLN B 207 40.06 54.63 3.86
N ALA B 208 39.78 54.85 2.58
CA ALA B 208 40.07 53.84 1.57
C ALA B 208 41.57 53.67 1.34
N VAL B 209 42.31 54.79 1.24
CA VAL B 209 43.75 54.68 1.07
C VAL B 209 44.40 54.19 2.36
N ASP B 210 43.84 54.52 3.53
CA ASP B 210 44.30 53.92 4.78
C ASP B 210 44.03 52.42 4.83
N TYR B 211 42.90 51.97 4.28
CA TYR B 211 42.60 50.54 4.19
C TYR B 211 43.60 49.84 3.30
N LEU B 212 43.99 50.47 2.19
CA LEU B 212 44.98 49.88 1.30
C LEU B 212 46.36 49.86 1.94
N ASN B 213 46.71 50.90 2.71
CA ASN B 213 47.88 50.90 3.58
C ASN B 213 47.93 49.70 4.52
N ASP B 214 46.83 49.48 5.25
CA ASP B 214 46.82 48.39 6.22
C ASP B 214 46.83 47.02 5.55
N LEU B 215 46.11 46.87 4.44
CA LEU B 215 46.09 45.59 3.75
C LEU B 215 47.43 45.25 3.12
N MET B 216 48.12 46.26 2.57
CA MET B 216 49.44 46.02 2.00
C MET B 216 50.48 45.79 3.09
N ALA B 217 50.33 46.44 4.25
CA ALA B 217 51.27 46.23 5.34
C ALA B 217 51.08 44.87 5.98
N LEU B 218 49.86 44.35 5.99
CA LEU B 218 49.57 43.05 6.59
C LEU B 218 49.71 41.90 5.59
N LYS B 219 49.79 42.20 4.29
CA LYS B 219 50.04 41.16 3.29
C LYS B 219 51.53 40.94 3.04
N TYR B 220 52.35 41.96 3.21
CA TYR B 220 53.79 41.88 3.00
C TYR B 220 54.49 42.41 4.24
N PRO B 221 54.58 41.61 5.31
CA PRO B 221 55.17 42.12 6.55
C PRO B 221 56.69 42.27 6.49
N TYR B 222 57.33 41.69 5.49
CA TYR B 222 58.78 41.77 5.33
C TYR B 222 59.17 42.64 4.13
N PHE B 223 58.29 43.54 3.71
CA PHE B 223 58.62 44.47 2.64
C PHE B 223 59.65 45.47 3.15
N PRO B 224 60.75 45.69 2.43
CA PRO B 224 61.83 46.53 2.96
C PRO B 224 61.63 48.02 2.78
N THR B 225 60.93 48.45 1.73
CA THR B 225 60.78 49.85 1.41
C THR B 225 59.44 50.36 1.95
N LYS B 226 59.48 51.48 2.66
CA LYS B 226 58.27 52.08 3.21
C LYS B 226 57.68 53.07 2.21
N MET B 227 56.39 52.92 1.94
CA MET B 227 55.70 53.73 0.97
C MET B 227 54.87 54.80 1.65
N SER B 228 54.79 55.97 1.02
CA SER B 228 54.11 57.13 1.59
C SER B 228 52.63 57.11 1.20
N TYR B 229 51.94 58.21 1.51
CA TYR B 229 50.50 58.29 1.28
C TYR B 229 50.19 58.42 -0.21
N LEU B 230 51.09 59.04 -0.97
CA LEU B 230 50.80 59.41 -2.36
C LEU B 230 50.84 58.20 -3.30
N GLN B 231 51.77 57.28 -3.09
CA GLN B 231 51.83 56.09 -3.93
C GLN B 231 50.65 55.15 -3.66
N TYR B 232 50.20 55.08 -2.41
CA TYR B 232 49.04 54.25 -2.15
C TYR B 232 47.76 54.93 -2.63
N GLU B 233 47.75 56.26 -2.62
CA GLU B 233 46.66 57.02 -3.22
C GLU B 233 46.59 56.80 -4.73
N THR B 234 47.73 56.76 -5.41
CA THR B 234 47.66 56.51 -6.85
C THR B 234 47.41 55.04 -7.18
N MET B 235 47.79 54.10 -6.32
CA MET B 235 47.35 52.72 -6.52
C MET B 235 45.84 52.60 -6.29
N TYR B 236 45.27 53.43 -5.42
CA TYR B 236 43.82 53.50 -5.31
C TYR B 236 43.21 54.11 -6.56
N LYS B 237 43.91 55.08 -7.17
CA LYS B 237 43.35 55.76 -8.34
C LYS B 237 43.34 54.91 -9.60
N ASP B 238 44.46 54.28 -9.99
CA ASP B 238 44.40 53.62 -11.30
C ASP B 238 43.98 52.15 -11.27
N TYR B 239 44.05 51.46 -10.14
CA TYR B 239 43.78 50.03 -10.12
C TYR B 239 42.74 49.63 -9.08
N CYS B 240 41.64 50.35 -9.01
CA CYS B 240 40.53 50.01 -8.13
C CYS B 240 39.21 50.29 -8.82
N TYR B 241 38.28 49.35 -8.73
CA TYR B 241 37.01 49.48 -9.41
C TYR B 241 35.93 48.74 -8.62
N VAL B 242 34.68 49.10 -8.88
CA VAL B 242 33.53 48.56 -8.16
C VAL B 242 32.96 47.40 -8.95
N SER B 243 32.79 46.26 -8.30
CA SER B 243 32.29 45.07 -8.96
C SER B 243 30.79 45.18 -9.23
N ARG B 244 30.34 44.46 -10.25
CA ARG B 244 28.91 44.47 -10.59
C ARG B 244 28.09 43.68 -9.58
N ASN B 245 28.60 42.53 -9.16
CA ASN B 245 28.03 41.80 -8.03
C ASN B 245 29.18 41.15 -7.28
N TYR B 246 29.37 41.57 -6.03
CA TYR B 246 30.59 41.24 -5.29
C TYR B 246 30.66 39.78 -4.88
N ASP B 247 29.51 39.10 -4.82
CA ASP B 247 29.49 37.73 -4.34
C ASP B 247 30.11 36.76 -5.35
N GLU B 248 29.74 36.88 -6.62
CA GLU B 248 30.26 35.96 -7.62
C GLU B 248 31.68 36.30 -8.04
N ASP B 249 32.12 37.54 -7.80
CA ASP B 249 33.47 37.91 -8.19
C ASP B 249 34.52 37.29 -7.28
N ILE B 250 34.28 37.26 -5.97
CA ILE B 250 35.27 36.70 -5.05
C ILE B 250 35.33 35.19 -5.07
N GLU B 251 34.35 34.51 -5.67
CA GLU B 251 34.42 33.07 -5.84
C GLU B 251 35.32 32.65 -6.99
N LYS B 252 35.71 33.58 -7.87
CA LYS B 252 36.60 33.22 -8.97
C LYS B 252 37.66 34.28 -9.24
N ILE B 253 38.02 35.08 -8.25
CA ILE B 253 39.03 36.11 -8.47
C ILE B 253 40.45 35.55 -8.35
N LEU B 254 40.61 34.36 -7.77
CA LEU B 254 41.93 33.76 -7.60
C LEU B 254 42.12 32.52 -8.45
N THR B 255 41.24 32.28 -9.41
CA THR B 255 41.48 31.25 -10.40
C THR B 255 42.54 31.70 -11.39
N LEU B 256 43.12 30.71 -12.09
CA LEU B 256 44.24 31.01 -12.99
C LEU B 256 43.79 31.73 -14.25
N GLU B 257 42.56 31.46 -14.71
CA GLU B 257 42.06 32.11 -15.92
C GLU B 257 41.77 33.59 -15.67
N ASN B 258 41.23 33.92 -14.50
CA ASN B 258 40.93 35.31 -14.18
C ASN B 258 42.21 36.09 -13.91
N LEU B 259 43.19 35.46 -13.26
CA LEU B 259 44.41 36.15 -12.86
C LEU B 259 45.38 36.38 -14.01
N ASP B 260 45.11 35.82 -15.19
CA ASP B 260 45.96 36.12 -16.34
C ASP B 260 45.72 37.53 -16.87
N THR B 261 44.52 38.06 -16.66
CA THR B 261 44.13 39.36 -17.21
C THR B 261 43.90 40.42 -16.14
N ASN B 262 43.33 40.07 -14.99
CA ASN B 262 42.94 41.05 -13.99
C ASN B 262 43.91 41.12 -12.82
N ASP B 263 45.21 40.94 -13.06
CA ASP B 263 46.22 41.02 -12.03
C ASP B 263 47.13 42.19 -12.36
N VAL B 264 47.41 43.02 -11.36
CA VAL B 264 48.28 44.18 -11.49
C VAL B 264 49.50 43.94 -10.62
N VAL B 265 50.69 44.16 -11.20
CA VAL B 265 51.95 44.04 -10.48
C VAL B 265 52.53 45.43 -10.32
N VAL B 266 52.94 45.77 -9.10
CA VAL B 266 53.42 47.10 -8.75
C VAL B 266 54.82 46.96 -8.16
N GLU B 267 55.76 47.76 -8.68
CA GLU B 267 57.15 47.72 -8.24
C GLU B 267 57.47 48.98 -7.44
N ALA B 268 58.00 48.78 -6.25
CA ALA B 268 58.50 49.84 -5.39
C ALA B 268 59.82 50.38 -5.91
N PRO B 269 60.11 51.67 -5.73
CA PRO B 269 61.40 52.19 -6.22
C PRO B 269 62.60 52.08 -5.28
N PHE B 270 63.73 51.73 -5.89
CA PHE B 270 64.96 51.47 -5.14
C PHE B 270 66.15 51.73 -6.05
N THR B 271 67.32 51.84 -5.43
CA THR B 271 68.56 52.07 -6.17
C THR B 271 69.09 50.76 -6.75
N TYR B 573 52.89 19.41 -4.87
CA TYR B 573 53.53 20.58 -4.26
C TYR B 573 53.66 21.72 -5.26
N ASP B 574 52.88 21.65 -6.34
CA ASP B 574 53.00 22.62 -7.42
C ASP B 574 52.38 23.95 -7.02
N TRP B 575 52.89 25.03 -7.62
CA TRP B 575 52.43 26.37 -7.30
C TRP B 575 51.08 26.70 -7.91
N ARG B 576 50.64 25.93 -8.91
CA ARG B 576 49.33 26.16 -9.51
C ARG B 576 48.18 25.61 -8.68
N ASN B 577 48.45 24.83 -7.65
CA ASN B 577 47.43 24.32 -6.76
C ASN B 577 47.44 24.99 -5.39
N SER B 578 48.16 26.08 -5.24
CA SER B 578 48.23 26.83 -3.98
C SER B 578 47.48 28.15 -4.15
N ILE B 579 46.40 28.32 -3.37
CA ILE B 579 45.67 29.57 -3.41
C ILE B 579 46.42 30.66 -2.67
N LEU B 580 47.32 30.27 -1.75
CA LEU B 580 48.13 31.24 -1.02
C LEU B 580 49.23 31.81 -1.91
N HIS B 581 49.84 30.97 -2.74
CA HIS B 581 50.83 31.47 -3.70
C HIS B 581 50.18 32.31 -4.78
N LEU B 582 48.98 31.93 -5.22
CA LEU B 582 48.26 32.74 -6.19
C LEU B 582 47.80 34.05 -5.59
N PHE B 583 47.59 34.09 -4.27
CA PHE B 583 47.27 35.34 -3.60
C PHE B 583 48.50 36.23 -3.44
N LEU B 584 49.65 35.64 -3.11
CA LEU B 584 50.83 36.44 -2.79
C LEU B 584 51.59 36.85 -4.04
N ARG B 585 51.97 35.90 -4.89
CA ARG B 585 52.90 36.17 -5.98
C ARG B 585 52.30 35.91 -7.35
N GLY B 586 50.97 35.80 -7.44
CA GLY B 586 50.30 35.77 -8.73
C GLY B 586 50.46 34.47 -9.48
N PRO B 587 50.17 34.50 -10.79
CA PRO B 587 50.23 33.27 -11.58
C PRO B 587 51.60 32.97 -12.18
N ARG B 588 52.64 33.62 -11.69
CA ARG B 588 53.98 33.36 -12.20
C ARG B 588 54.83 32.68 -11.14
N PRO B 589 55.83 31.90 -11.55
CA PRO B 589 56.82 31.37 -10.58
C PRO B 589 57.53 32.48 -9.83
N HIS B 590 57.79 32.23 -8.56
CA HIS B 590 58.40 33.21 -7.67
C HIS B 590 59.86 32.83 -7.41
N ASP B 591 60.76 33.76 -7.69
CA ASP B 591 62.19 33.58 -7.42
C ASP B 591 62.43 34.37 -6.16
N SER B 592 62.67 33.67 -5.05
CA SER B 592 62.84 34.33 -3.75
C SER B 592 64.16 35.07 -3.64
N GLU B 593 65.14 34.75 -4.48
CA GLU B 593 66.47 35.37 -4.40
C GLU B 593 66.62 36.57 -5.32
N ASN B 594 65.61 36.90 -6.10
CA ASN B 594 65.72 38.03 -7.03
C ASN B 594 65.59 39.35 -6.28
N ILE B 595 66.42 40.32 -6.66
CA ILE B 595 66.33 41.65 -6.05
C ILE B 595 65.08 42.38 -6.52
N HIS B 596 64.74 42.23 -7.80
CA HIS B 596 63.60 42.96 -8.35
C HIS B 596 62.28 42.37 -7.87
N GLU B 597 62.21 41.05 -7.66
CA GLU B 597 60.97 40.42 -7.23
C GLU B 597 60.73 40.55 -5.74
N GLN B 598 61.69 41.09 -4.99
CA GLN B 598 61.49 41.37 -3.58
C GLN B 598 60.89 42.73 -3.32
N HIS B 599 60.68 43.53 -4.35
CA HIS B 599 60.09 44.86 -4.25
C HIS B 599 58.78 44.93 -5.03
N GLN B 600 58.05 43.82 -5.06
CA GLN B 600 56.86 43.67 -5.87
C GLN B 600 55.64 43.40 -4.98
N MET B 601 54.53 44.06 -5.29
CA MET B 601 53.26 43.82 -4.64
C MET B 601 52.23 43.51 -5.71
N HIS B 602 51.38 42.52 -5.43
CA HIS B 602 50.37 42.06 -6.38
C HIS B 602 49.00 42.52 -5.91
N LEU B 603 48.29 43.24 -6.77
CA LEU B 603 46.93 43.70 -6.49
C LEU B 603 45.97 42.77 -7.23
N ASN B 604 45.38 41.84 -6.51
CA ASN B 604 44.43 40.95 -7.16
C ASN B 604 43.04 41.01 -6.56
N VAL B 605 42.91 40.88 -5.24
CA VAL B 605 41.61 40.79 -4.58
C VAL B 605 41.16 42.16 -4.08
N GLU B 606 42.10 42.98 -3.62
CA GLU B 606 41.75 44.29 -3.02
C GLU B 606 41.10 45.23 -4.03
N ARG B 607 41.39 45.07 -5.33
CA ARG B 607 40.88 46.00 -6.34
C ARG B 607 39.37 46.14 -6.26
N ILE B 608 38.66 45.06 -5.92
CA ILE B 608 37.23 45.13 -5.70
C ILE B 608 36.87 45.16 -4.23
N ARG B 609 37.83 44.98 -3.33
CA ARG B 609 37.55 44.94 -1.90
C ARG B 609 37.65 46.31 -1.25
N VAL B 610 38.60 47.13 -1.68
CA VAL B 610 38.74 48.50 -1.17
C VAL B 610 37.54 49.39 -1.50
N PRO B 611 36.99 49.44 -2.73
CA PRO B 611 35.79 50.28 -2.93
C PRO B 611 34.50 49.68 -2.41
N GLU B 612 34.49 48.44 -1.94
CA GLU B 612 33.26 47.79 -1.50
C GLU B 612 32.81 48.23 -0.12
N VAL B 613 33.66 48.94 0.63
CA VAL B 613 33.35 49.33 2.01
C VAL B 613 32.18 50.31 2.06
N ILE B 614 32.00 51.14 1.02
CA ILE B 614 30.87 52.04 0.99
C ILE B 614 29.54 51.34 0.75
N PHE B 615 29.56 50.07 0.36
CA PHE B 615 28.35 49.25 0.27
C PHE B 615 28.16 48.33 1.48
N GLN B 616 29.24 47.80 2.05
CA GLN B 616 29.18 47.01 3.28
C GLN B 616 30.18 47.60 4.28
N PRO B 617 29.73 48.55 5.12
CA PRO B 617 30.68 49.24 6.01
C PRO B 617 31.16 48.42 7.19
N THR B 618 30.61 47.22 7.42
CA THR B 618 31.10 46.33 8.47
C THR B 618 32.51 45.84 8.17
N MET B 619 32.89 45.79 6.89
CA MET B 619 34.24 45.38 6.50
C MET B 619 35.29 46.38 6.98
N GLY B 620 34.98 47.66 6.94
CA GLY B 620 35.90 48.68 7.38
C GLY B 620 35.89 48.96 8.86
N GLY B 621 35.01 48.32 9.62
CA GLY B 621 34.94 48.53 11.04
C GLY B 621 33.84 49.44 11.52
N GLN B 622 32.92 49.84 10.66
CA GLN B 622 31.84 50.74 11.02
C GLN B 622 30.52 50.00 11.00
N ASP B 623 29.82 50.00 12.14
CA ASP B 623 28.52 49.33 12.24
C ASP B 623 27.43 50.27 11.70
N GLN B 624 27.39 50.35 10.37
CA GLN B 624 26.47 51.23 9.69
C GLN B 624 25.92 50.54 8.45
N ALA B 625 24.77 51.01 8.00
CA ALA B 625 24.19 50.55 6.75
C ALA B 625 24.93 51.15 5.56
N GLY B 626 24.85 50.46 4.42
CA GLY B 626 25.48 50.93 3.21
C GLY B 626 24.63 51.96 2.49
N ILE B 627 25.09 52.31 1.28
CA ILE B 627 24.38 53.30 0.47
C ILE B 627 23.02 52.76 0.03
N CYS B 628 22.98 51.48 -0.37
CA CYS B 628 21.77 50.89 -0.94
C CYS B 628 20.67 50.74 0.10
N GLU B 629 21.01 50.40 1.34
CA GLU B 629 19.96 50.16 2.34
C GLU B 629 19.43 51.48 2.92
N LEU B 630 20.27 52.52 2.97
CA LEU B 630 19.77 53.85 3.30
C LEU B 630 18.84 54.36 2.21
N SER B 631 19.18 54.10 0.94
CA SER B 631 18.27 54.44 -0.15
C SER B 631 17.00 53.60 -0.10
N GLU B 632 17.11 52.35 0.36
CA GLU B 632 15.98 51.45 0.56
C GLU B 632 14.97 52.05 1.53
N THR B 633 15.43 52.45 2.71
CA THR B 633 14.50 52.95 3.72
C THR B 633 13.96 54.32 3.33
N ILE B 634 14.78 55.15 2.66
CA ILE B 634 14.32 56.47 2.23
C ILE B 634 13.23 56.35 1.17
N LEU B 635 13.44 55.48 0.17
CA LEU B 635 12.50 55.39 -0.94
C LEU B 635 11.37 54.40 -0.72
N LEU B 636 11.39 53.62 0.36
CA LEU B 636 10.33 52.64 0.56
C LEU B 636 9.58 52.74 1.87
N LYS B 637 10.18 53.26 2.96
CA LYS B 637 9.43 53.38 4.20
C LYS B 637 9.45 54.82 4.73
N LYS B 638 9.73 55.79 3.88
CA LYS B 638 9.66 57.20 4.23
C LYS B 638 8.97 57.96 3.12
N PHE B 639 8.63 59.22 3.43
CA PHE B 639 7.91 60.14 2.55
C PHE B 639 6.57 59.57 2.08
N GLY B 640 5.86 58.95 3.02
CA GLY B 640 4.51 58.46 2.78
C GLY B 640 4.39 57.32 1.79
N SER B 641 5.28 56.34 1.85
CA SER B 641 5.27 55.21 0.93
C SER B 641 5.11 53.92 1.73
N GLN B 642 4.05 53.19 1.45
CA GLN B 642 3.93 51.82 1.92
C GLN B 642 4.88 50.94 1.12
N PRO B 643 5.60 50.02 1.77
CA PRO B 643 6.41 49.05 1.02
C PRO B 643 5.56 48.17 0.14
N GLY B 644 5.79 48.27 -1.17
CA GLY B 644 4.93 47.67 -2.17
C GLY B 644 4.03 48.64 -2.90
N LYS B 645 3.99 49.91 -2.47
CA LYS B 645 3.15 50.92 -3.13
C LYS B 645 3.90 52.25 -3.02
N LEU B 646 4.60 52.61 -4.09
CA LEU B 646 5.35 53.86 -4.11
C LEU B 646 4.40 55.05 -4.20
N SER B 647 4.66 56.06 -3.39
CA SER B 647 3.96 57.33 -3.50
C SER B 647 4.56 58.15 -4.64
N GLN B 648 3.92 59.30 -4.92
CA GLN B 648 4.39 60.15 -6.01
C GLN B 648 5.73 60.78 -5.69
N THR B 649 5.93 61.16 -4.42
CA THR B 649 7.19 61.78 -3.99
C THR B 649 8.37 60.85 -4.22
N SER B 650 8.19 59.56 -3.91
CA SER B 650 9.25 58.57 -4.12
C SER B 650 9.56 58.39 -5.60
N ILE B 651 8.54 58.49 -6.47
CA ILE B 651 8.77 58.37 -7.91
C ILE B 651 9.60 59.53 -8.43
N ASP B 652 9.28 60.76 -8.01
CA ASP B 652 10.13 61.89 -8.41
C ASP B 652 11.52 61.87 -7.79
N MET B 653 11.71 61.26 -6.61
CA MET B 653 13.09 61.08 -6.15
C MET B 653 13.83 60.01 -6.94
N VAL B 654 13.14 58.95 -7.36
CA VAL B 654 13.79 57.87 -8.09
C VAL B 654 14.21 58.35 -9.47
N ASN B 655 13.38 59.18 -10.10
CA ASN B 655 13.65 59.62 -11.47
C ASN B 655 14.79 60.64 -11.57
N ASN B 656 15.33 61.13 -10.46
CA ASN B 656 16.35 62.18 -10.50
C ASN B 656 17.48 61.89 -9.51
N VAL B 657 18.03 60.68 -9.54
CA VAL B 657 19.13 60.31 -8.65
C VAL B 657 20.42 60.93 -9.17
N LEU B 658 21.13 61.65 -8.28
CA LEU B 658 22.35 62.36 -8.63
C LEU B 658 23.52 61.85 -7.80
N ILE B 659 24.62 61.52 -8.45
CA ILE B 659 25.84 61.09 -7.80
C ILE B 659 26.88 62.18 -7.96
N THR B 660 27.41 62.68 -6.84
CA THR B 660 28.41 63.74 -6.85
C THR B 660 29.50 63.42 -5.85
N GLY B 661 30.54 64.23 -5.88
CA GLY B 661 31.67 64.07 -4.99
C GLY B 661 32.88 63.51 -5.72
N GLY B 662 34.05 63.75 -5.13
CA GLY B 662 35.30 63.34 -5.74
C GLY B 662 35.55 61.86 -5.74
N ASN B 663 34.97 61.13 -4.80
CA ASN B 663 35.15 59.69 -4.71
C ASN B 663 34.18 58.90 -5.60
N ALA B 664 33.47 59.59 -6.49
CA ALA B 664 32.68 58.95 -7.52
C ALA B 664 33.48 58.68 -8.79
N LYS B 665 34.79 58.93 -8.77
CA LYS B 665 35.64 58.64 -9.91
C LYS B 665 35.84 57.13 -10.14
N VAL B 666 35.51 56.31 -9.15
CA VAL B 666 35.75 54.86 -9.21
C VAL B 666 34.84 54.24 -10.27
N PRO B 667 35.38 53.45 -11.20
CA PRO B 667 34.54 52.86 -12.24
C PRO B 667 33.58 51.81 -11.70
N GLY B 668 32.43 51.71 -12.36
CA GLY B 668 31.44 50.72 -12.01
C GLY B 668 30.47 51.12 -10.91
N LEU B 669 30.55 52.36 -10.41
CA LEU B 669 29.69 52.75 -9.30
C LEU B 669 28.26 52.98 -9.76
N LYS B 670 28.09 53.65 -10.90
CA LYS B 670 26.76 53.99 -11.41
C LYS B 670 25.98 52.75 -11.83
N GLU B 671 26.65 51.81 -12.50
CA GLU B 671 26.00 50.58 -12.94
C GLU B 671 25.62 49.70 -11.75
N ARG B 672 26.45 49.66 -10.72
CA ARG B 672 26.13 48.91 -9.50
C ARG B 672 24.94 49.53 -8.77
N ILE B 673 24.90 50.86 -8.71
CA ILE B 673 23.78 51.55 -8.07
C ILE B 673 22.48 51.32 -8.86
N VAL B 674 22.56 51.34 -10.19
CA VAL B 674 21.41 51.08 -11.04
C VAL B 674 20.92 49.64 -10.87
N LYS B 675 21.84 48.69 -10.78
CA LYS B 675 21.48 47.28 -10.59
C LYS B 675 20.80 47.05 -9.25
N GLU B 676 21.33 47.63 -8.17
CA GLU B 676 20.72 47.44 -6.86
C GLU B 676 19.36 48.13 -6.76
N PHE B 677 19.26 49.35 -7.31
CA PHE B 677 18.01 50.10 -7.32
C PHE B 677 16.93 49.37 -8.13
N THR B 678 17.32 48.76 -9.25
CA THR B 678 16.41 47.91 -9.99
C THR B 678 16.05 46.66 -9.19
N GLY B 679 16.97 46.21 -8.33
CA GLY B 679 16.69 45.07 -7.48
C GLY B 679 15.57 45.31 -6.48
N PHE B 680 15.59 46.45 -5.78
CA PHE B 680 14.62 46.60 -4.70
C PHE B 680 13.40 47.45 -5.04
N LEU B 681 13.29 47.99 -6.24
CA LEU B 681 12.15 48.81 -6.58
C LEU B 681 11.09 47.98 -7.29
N PRO B 682 9.83 48.44 -7.33
CA PRO B 682 8.80 47.73 -8.09
C PRO B 682 9.11 47.69 -9.58
N THR B 683 8.61 46.65 -10.24
CA THR B 683 8.94 46.39 -11.63
C THR B 683 8.32 47.45 -12.54
N GLY B 684 9.12 47.97 -13.45
CA GLY B 684 8.68 49.03 -14.34
C GLY B 684 8.89 50.44 -13.83
N THR B 685 9.53 50.60 -12.68
CA THR B 685 9.82 51.95 -12.19
C THR B 685 10.97 52.55 -12.99
N ASN B 686 10.78 53.78 -13.44
CA ASN B 686 11.77 54.46 -14.26
C ASN B 686 12.91 54.97 -13.39
N ILE B 687 14.12 54.51 -13.66
CA ILE B 687 15.30 54.79 -12.84
C ILE B 687 16.27 55.59 -13.68
N THR B 688 16.66 56.77 -13.19
CA THR B 688 17.62 57.61 -13.89
C THR B 688 18.71 58.05 -12.92
N VAL B 689 19.96 57.77 -13.28
CA VAL B 689 21.12 58.11 -12.46
C VAL B 689 22.02 59.02 -13.28
N ASN B 690 22.34 60.19 -12.74
CA ASN B 690 23.13 61.19 -13.45
C ASN B 690 24.48 61.34 -12.77
N MET B 691 25.55 61.32 -13.57
CA MET B 691 26.90 61.51 -13.09
C MET B 691 27.58 62.57 -13.94
N SER B 692 28.28 63.49 -13.27
CA SER B 692 29.00 64.54 -13.97
C SER B 692 30.22 63.98 -14.69
N SER B 693 30.76 64.79 -15.60
CA SER B 693 32.00 64.42 -16.28
C SER B 693 33.17 64.41 -15.31
N ASP B 694 33.24 65.41 -14.42
CA ASP B 694 34.18 65.42 -13.31
C ASP B 694 33.36 65.91 -12.11
N PRO B 695 32.98 65.01 -11.20
CA PRO B 695 32.06 65.38 -10.13
C PRO B 695 32.69 66.13 -8.96
N SER B 696 33.97 66.49 -9.03
CA SER B 696 34.62 67.21 -7.94
C SER B 696 34.46 68.72 -8.06
N LEU B 697 33.91 69.22 -9.17
CA LEU B 697 33.79 70.65 -9.40
C LEU B 697 32.35 71.15 -9.34
N ASP B 698 31.40 70.32 -8.92
CA ASP B 698 30.00 70.68 -9.02
C ASP B 698 29.57 71.67 -7.93
N ALA B 699 30.32 71.74 -6.82
CA ALA B 699 29.98 72.67 -5.75
C ALA B 699 30.23 74.11 -6.17
N TRP B 700 31.33 74.37 -6.89
CA TRP B 700 31.59 75.72 -7.36
C TRP B 700 30.64 76.12 -8.47
N LYS B 701 30.22 75.18 -9.30
CA LYS B 701 29.18 75.50 -10.28
C LYS B 701 27.84 75.77 -9.59
N GLY B 702 27.60 75.12 -8.45
CA GLY B 702 26.44 75.49 -7.64
C GLY B 702 26.56 76.87 -7.02
N MET B 703 27.77 77.24 -6.57
CA MET B 703 28.08 78.62 -6.16
C MET B 703 27.71 79.62 -7.23
N ALA B 704 28.20 79.39 -8.44
CA ALA B 704 28.00 80.35 -9.53
C ALA B 704 26.54 80.38 -9.98
N ALA B 705 25.87 79.23 -9.97
CA ALA B 705 24.47 79.19 -10.35
C ALA B 705 23.58 79.90 -9.33
N LEU B 706 23.87 79.76 -8.04
CA LEU B 706 23.09 80.47 -7.03
C LEU B 706 23.42 81.95 -7.03
N ALA B 707 24.66 82.30 -7.35
CA ALA B 707 25.05 83.70 -7.32
C ALA B 707 24.55 84.47 -8.54
N ARG B 708 24.45 83.83 -9.70
CA ARG B 708 23.93 84.51 -10.88
C ARG B 708 22.43 84.76 -10.76
N ASN B 709 21.70 83.85 -10.11
CA ASN B 709 20.28 84.02 -9.85
C ASN B 709 20.12 84.91 -8.63
N GLU B 710 19.88 86.20 -8.87
CA GLU B 710 19.81 87.17 -7.79
C GLU B 710 18.47 87.18 -7.07
N GLU B 711 17.48 86.45 -7.57
CA GLU B 711 16.16 86.47 -6.95
C GLU B 711 16.16 85.69 -5.63
N GLN B 712 16.71 84.48 -5.64
CA GLN B 712 16.72 83.62 -4.47
C GLN B 712 18.09 83.57 -3.79
N TYR B 713 19.03 84.40 -4.23
CA TYR B 713 20.24 84.65 -3.46
C TYR B 713 19.89 85.28 -2.12
N ARG B 714 19.04 86.32 -2.14
CA ARG B 714 18.86 87.18 -0.97
C ARG B 714 18.07 86.54 0.15
N LYS B 715 17.49 85.36 -0.07
CA LYS B 715 16.84 84.63 1.02
C LYS B 715 17.85 83.93 1.92
N THR B 716 19.12 83.87 1.53
CA THR B 716 20.12 83.08 2.23
C THR B 716 21.23 83.91 2.88
N VAL B 717 21.34 85.20 2.56
CA VAL B 717 22.48 86.00 2.97
C VAL B 717 22.35 86.36 4.44
N ILE B 718 23.47 86.32 5.17
CA ILE B 718 23.56 86.83 6.53
C ILE B 718 24.54 87.99 6.51
N SER B 719 24.04 89.19 6.76
CA SER B 719 24.85 90.40 6.70
C SER B 719 25.47 90.67 8.06
N LYS B 720 26.08 91.85 8.21
CA LYS B 720 26.68 92.22 9.49
C LYS B 720 25.61 92.52 10.53
N LYS B 721 24.53 93.20 10.11
CA LYS B 721 23.51 93.66 11.04
C LYS B 721 22.76 92.51 11.67
N GLU B 722 22.46 91.46 10.90
CA GLU B 722 21.76 90.30 11.43
C GLU B 722 22.64 89.54 12.43
N TYR B 723 23.93 89.42 12.12
CA TYR B 723 24.86 88.73 13.01
C TYR B 723 25.06 89.51 14.31
N GLU B 724 25.13 90.84 14.24
CA GLU B 724 25.27 91.62 15.46
C GLU B 724 23.97 91.68 16.25
N GLU B 725 22.83 91.61 15.58
CA GLU B 725 21.55 91.65 16.29
C GLU B 725 21.26 90.34 16.99
N TYR B 726 21.51 89.21 16.32
CA TYR B 726 21.08 87.91 16.83
C TYR B 726 22.22 87.08 17.42
N GLY B 727 23.47 87.53 17.31
CA GLY B 727 24.57 86.83 17.90
C GLY B 727 25.06 85.68 17.06
N PRO B 728 26.05 84.93 17.57
CA PRO B 728 26.56 83.78 16.80
C PRO B 728 25.61 82.60 16.78
N GLU B 729 24.80 82.42 17.82
CA GLU B 729 23.80 81.36 17.84
C GLU B 729 22.58 81.89 17.07
N TYR B 730 22.60 81.67 15.75
CA TYR B 730 21.51 82.07 14.87
C TYR B 730 21.70 81.34 13.54
N ILE B 731 20.66 80.63 13.11
CA ILE B 731 20.72 79.83 11.89
C ILE B 731 19.73 80.39 10.88
N LYS B 732 20.21 80.66 9.67
CA LYS B 732 19.35 81.10 8.58
C LYS B 732 18.76 79.87 7.91
N GLU B 733 17.46 79.63 8.14
CA GLU B 733 16.81 78.44 7.63
C GLU B 733 16.33 78.71 6.21
N HIS B 734 17.12 78.30 5.23
CA HIS B 734 16.69 78.32 3.85
C HIS B 734 16.68 76.90 3.30
N LYS B 735 16.32 76.78 2.01
CA LYS B 735 16.14 75.48 1.39
C LYS B 735 17.46 74.75 1.23
N LEU B 736 18.53 75.51 0.99
CA LEU B 736 19.77 74.96 0.47
C LEU B 736 20.91 75.04 1.48
N GLY B 737 20.58 75.05 2.78
CA GLY B 737 21.54 74.99 3.86
C GLY B 737 21.03 74.18 5.03
N ASN B 738 21.63 74.34 6.22
CA ASN B 738 21.23 73.58 7.39
C ASN B 738 19.98 74.17 8.04
N THR B 739 19.56 73.54 9.15
CA THR B 739 18.33 73.89 9.83
C THR B 739 18.58 73.96 11.34
N LYS B 740 17.50 74.16 12.09
CA LYS B 740 17.58 74.30 13.53
C LYS B 740 17.85 72.94 14.17
N TYR B 741 18.54 72.95 15.31
CA TYR B 741 18.87 71.72 16.01
C TYR B 741 17.63 71.07 16.62
N PHE B 742 16.68 71.87 17.11
CA PHE B 742 15.49 71.35 17.76
C PHE B 742 14.25 71.78 16.99
N GLU B 743 13.11 71.23 17.41
CA GLU B 743 11.82 71.61 16.82
C GLU B 743 11.16 72.72 17.64
N GLU C 1 70.98 77.21 -7.60
CA GLU C 1 69.72 77.60 -8.24
C GLU C 1 68.55 76.90 -7.57
N ARG C 2 68.72 75.59 -7.33
CA ARG C 2 67.69 74.79 -6.69
C ARG C 2 67.43 75.25 -5.26
N LEU C 3 68.49 75.61 -4.54
CA LEU C 3 68.32 76.14 -3.19
C LEU C 3 67.80 77.58 -3.23
N LEU C 4 68.01 78.29 -4.33
CA LEU C 4 67.60 79.68 -4.46
C LEU C 4 66.28 79.86 -5.19
N PHE C 5 65.70 78.79 -5.73
CA PHE C 5 64.42 78.89 -6.42
C PHE C 5 63.26 79.06 -5.44
N LEU C 6 63.35 78.44 -4.27
CA LEU C 6 62.28 78.56 -3.29
C LEU C 6 62.27 79.95 -2.64
N ARG C 7 63.43 80.62 -2.61
CA ARG C 7 63.49 81.97 -2.06
C ARG C 7 62.74 82.96 -2.92
N SER C 8 62.65 82.70 -4.24
CA SER C 8 61.86 83.57 -5.11
C SER C 8 60.38 83.49 -4.79
N VAL C 9 59.86 82.27 -4.58
CA VAL C 9 58.47 82.09 -4.17
C VAL C 9 58.26 82.63 -2.76
N GLY C 10 59.29 82.57 -1.91
CA GLY C 10 59.19 83.17 -0.60
C GLY C 10 59.10 84.69 -0.64
N GLU C 11 59.84 85.32 -1.55
CA GLU C 11 59.81 86.77 -1.66
C GLU C 11 58.71 87.26 -2.60
N ARG C 12 57.94 86.37 -3.21
CA ARG C 12 56.75 86.80 -3.94
C ARG C 12 55.44 86.54 -3.21
N ASN C 13 55.46 85.80 -2.10
CA ASN C 13 54.23 85.42 -1.42
C ASN C 13 54.27 85.76 0.07
N GLU C 14 54.92 86.85 0.44
CA GLU C 14 55.04 87.23 1.84
C GLU C 14 53.94 88.22 2.20
N ILE C 15 53.50 88.16 3.46
CA ILE C 15 52.51 89.08 4.00
C ILE C 15 53.01 89.52 5.37
N GLY C 16 53.12 90.83 5.58
CA GLY C 16 53.61 91.35 6.83
C GLY C 16 52.60 91.24 7.96
N PHE C 17 53.10 91.44 9.18
CA PHE C 17 52.22 91.47 10.35
C PHE C 17 51.21 92.62 10.33
N PRO C 18 51.55 93.87 9.94
CA PRO C 18 50.41 94.77 9.61
C PRO C 18 49.87 94.44 8.22
N SER C 19 49.02 93.42 8.16
CA SER C 19 48.65 92.80 6.91
C SER C 19 47.61 93.64 6.15
N ARG C 20 47.65 93.51 4.83
CA ARG C 20 46.81 94.33 3.96
C ARG C 20 45.36 93.87 3.99
N PHE C 21 45.13 92.59 4.29
CA PHE C 21 43.82 92.00 4.05
C PHE C 21 42.91 92.02 5.26
N LYS C 22 43.46 91.96 6.46
CA LYS C 22 42.63 91.91 7.66
C LYS C 22 42.22 93.32 8.08
N SER C 23 41.31 93.35 9.05
CA SER C 23 40.74 94.61 9.53
C SER C 23 41.73 95.34 10.44
N ALA C 24 41.41 96.62 10.70
CA ALA C 24 42.28 97.43 11.55
C ALA C 24 42.15 97.02 13.02
N HIS C 25 40.93 96.82 13.49
CA HIS C 25 40.72 96.35 14.86
C HIS C 25 40.79 94.83 14.88
N TYR C 26 41.64 94.30 15.74
CA TYR C 26 41.91 92.86 15.76
C TYR C 26 41.49 92.19 17.06
N LYS C 27 42.05 92.62 18.20
CA LYS C 27 41.95 92.03 19.54
C LYS C 27 41.92 90.49 19.51
N LYS C 28 42.99 89.92 18.98
CA LYS C 28 43.08 88.49 18.76
C LYS C 28 43.17 87.72 20.07
N PRO C 29 42.25 86.80 20.35
CA PRO C 29 42.32 86.03 21.60
C PRO C 29 43.21 84.81 21.45
N THR C 30 43.43 84.14 22.57
CA THR C 30 44.13 82.86 22.58
C THR C 30 43.13 81.72 22.43
N ARG C 31 43.56 80.67 21.75
CA ARG C 31 42.69 79.54 21.44
C ARG C 31 43.36 78.24 21.83
N ARG C 32 42.57 77.33 22.42
CA ARG C 32 43.05 75.99 22.67
C ARG C 32 43.07 75.20 21.35
N HIS C 33 43.75 74.05 21.38
CA HIS C 33 43.86 73.24 20.17
C HIS C 33 42.53 72.58 19.82
N LYS C 34 41.96 71.84 20.78
CA LYS C 34 40.61 71.26 20.70
C LYS C 34 40.46 70.34 19.49
N SER C 35 41.16 69.19 19.55
CA SER C 35 41.18 68.24 18.46
C SER C 35 39.81 67.56 18.28
N ALA C 36 39.73 66.65 17.31
CA ALA C 36 38.44 66.14 16.84
C ALA C 36 37.72 65.26 17.85
N ARG C 37 38.43 64.74 18.86
CA ARG C 37 37.78 63.90 19.86
C ARG C 37 36.92 64.73 20.80
N GLN C 38 37.45 65.86 21.29
CA GLN C 38 36.74 66.61 22.32
C GLN C 38 35.57 67.44 21.79
N LEU C 39 35.56 67.78 20.50
CA LEU C 39 34.46 68.55 19.94
C LEU C 39 33.15 67.77 19.97
N ILE C 40 33.21 66.47 19.65
CA ILE C 40 32.04 65.61 19.70
C ILE C 40 31.52 65.49 21.12
N SER C 41 32.42 65.38 22.11
CA SER C 41 31.97 65.21 23.49
C SER C 41 31.40 66.49 24.06
N ASP C 42 31.97 67.66 23.72
CA ASP C 42 31.38 68.90 24.25
C ASP C 42 30.04 69.19 23.58
N GLU C 43 29.91 68.86 22.29
CA GLU C 43 28.61 68.97 21.63
C GLU C 43 27.59 68.03 22.26
N ASN C 44 28.01 66.80 22.58
CA ASN C 44 27.11 65.81 23.16
C ASN C 44 26.64 66.24 24.55
N LYS C 45 27.55 66.73 25.39
CA LYS C 45 27.13 67.17 26.72
C LYS C 45 26.35 68.47 26.66
N ARG C 46 26.57 69.28 25.61
CA ARG C 46 25.73 70.46 25.37
C ARG C 46 24.28 70.08 25.10
N ILE C 47 24.05 69.16 24.14
CA ILE C 47 22.66 68.75 23.84
C ILE C 47 22.05 68.00 25.01
N ASN C 48 22.86 67.22 25.75
CA ASN C 48 22.33 66.54 26.94
C ASN C 48 21.92 67.54 28.02
N ALA C 49 22.71 68.61 28.21
CA ALA C 49 22.36 69.64 29.17
C ALA C 49 21.09 70.39 28.75
N LEU C 50 20.98 70.71 27.45
CA LEU C 50 19.80 71.40 26.97
C LEU C 50 18.56 70.52 27.05
N LEU C 51 18.72 69.22 26.82
CA LEU C 51 17.59 68.29 26.94
C LEU C 51 17.16 68.12 28.39
N THR C 52 18.12 68.08 29.32
CA THR C 52 17.74 67.98 30.73
C THR C 52 17.11 69.28 31.24
N LYS C 53 17.53 70.43 30.70
CA LYS C 53 16.88 71.68 31.05
C LYS C 53 15.48 71.77 30.45
N ALA C 54 15.29 71.21 29.25
CA ALA C 54 13.96 71.20 28.65
C ALA C 54 13.04 70.20 29.32
N ASN C 55 13.60 69.12 29.90
CA ASN C 55 12.77 68.13 30.57
C ASN C 55 12.25 68.63 31.91
N LYS C 56 12.96 69.54 32.55
CA LYS C 56 12.55 70.07 33.84
C LYS C 56 11.41 71.06 33.68
N LEU C 67 11.58 69.32 24.28
CA LEU C 67 12.21 69.56 23.00
C LEU C 67 12.64 68.26 22.33
N VAL C 68 12.08 67.99 21.15
CA VAL C 68 12.51 66.85 20.34
C VAL C 68 13.57 67.36 19.37
N PRO C 69 14.66 66.64 19.16
CA PRO C 69 15.68 67.10 18.21
C PRO C 69 15.24 66.88 16.77
N LYS C 70 15.80 67.69 15.88
CA LYS C 70 15.47 67.62 14.47
C LYS C 70 16.65 67.26 13.60
N ALA C 71 17.77 67.96 13.72
CA ALA C 71 18.94 67.69 12.87
C ALA C 71 20.20 68.03 13.67
N THR C 72 20.82 66.99 14.24
CA THR C 72 22.07 67.12 14.97
C THR C 72 23.08 66.14 14.38
N TYR C 73 24.30 66.16 14.93
CA TYR C 73 25.33 65.22 14.51
C TYR C 73 24.97 63.80 14.87
N PHE C 74 24.31 63.58 16.01
CA PHE C 74 24.02 62.26 16.52
C PHE C 74 22.66 61.73 16.07
N SER C 75 21.90 62.51 15.30
CA SER C 75 20.69 62.01 14.68
C SER C 75 20.83 61.81 13.18
N VAL C 76 21.85 62.42 12.58
CA VAL C 76 22.12 62.27 11.16
C VAL C 76 22.71 60.89 10.87
N GLU C 77 23.47 60.31 11.80
CA GLU C 77 24.33 59.15 11.53
C GLU C 77 23.52 57.91 11.17
N ALA C 78 24.15 57.05 10.36
CA ALA C 78 23.45 55.92 9.79
C ALA C 78 23.21 54.84 10.83
N PRO C 79 22.02 54.25 10.89
CA PRO C 79 21.76 53.19 11.85
C PRO C 79 22.44 51.89 11.43
N PRO C 80 22.66 50.96 12.35
CA PRO C 80 23.21 49.66 11.97
C PRO C 80 22.22 48.85 11.14
N SER C 81 22.79 47.92 10.37
CA SER C 81 22.05 47.16 9.38
C SER C 81 21.10 46.16 10.04
N ILE C 82 20.08 45.77 9.28
CA ILE C 82 19.18 44.71 9.71
C ILE C 82 19.39 43.40 8.96
N ARG C 83 20.00 43.44 7.78
CA ARG C 83 20.39 42.23 7.08
C ARG C 83 21.62 41.62 7.74
N PRO C 84 21.75 40.28 7.70
CA PRO C 84 22.94 39.65 8.29
C PRO C 84 24.19 39.94 7.49
N ALA C 85 25.28 40.22 8.21
CA ALA C 85 26.53 40.61 7.57
C ALA C 85 27.25 39.40 6.99
N LYS C 86 27.99 39.65 5.92
CA LYS C 86 28.76 38.60 5.26
C LYS C 86 30.10 38.40 5.96
N LYS C 87 30.54 37.15 6.01
CA LYS C 87 31.77 36.78 6.67
C LYS C 87 32.85 36.52 5.62
N TYR C 88 34.05 37.01 5.87
CA TYR C 88 35.14 36.93 4.91
C TYR C 88 36.41 36.43 5.60
N CYS C 89 37.33 35.91 4.78
CA CYS C 89 38.61 35.45 5.30
C CYS C 89 39.47 36.63 5.68
N ASP C 90 40.08 36.55 6.86
CA ASP C 90 40.86 37.67 7.38
C ASP C 90 42.23 37.80 6.74
N VAL C 91 42.67 36.79 6.00
CA VAL C 91 43.98 36.80 5.38
C VAL C 91 43.90 37.18 3.91
N THR C 92 42.96 36.59 3.19
CA THR C 92 42.90 36.76 1.74
C THR C 92 41.76 37.64 1.27
N GLY C 93 40.70 37.79 2.06
CA GLY C 93 39.54 38.53 1.63
C GLY C 93 38.49 37.71 0.91
N LEU C 94 38.71 36.42 0.73
CA LEU C 94 37.73 35.55 0.11
C LEU C 94 36.70 35.12 1.15
N LYS C 95 35.80 34.21 0.78
CA LYS C 95 34.70 33.87 1.66
C LYS C 95 35.18 32.92 2.75
N GLY C 96 34.85 33.25 3.99
CA GLY C 96 35.32 32.52 5.14
C GLY C 96 34.38 31.46 5.64
N PHE C 97 34.76 30.19 5.47
CA PHE C 97 33.92 29.09 5.91
C PHE C 97 34.12 28.77 7.39
N TYR C 98 35.33 28.95 7.90
CA TYR C 98 35.71 28.47 9.23
C TYR C 98 36.28 29.61 10.05
N LYS C 99 36.27 29.40 11.37
CA LYS C 99 36.85 30.33 12.32
C LYS C 99 37.69 29.55 13.33
N SER C 100 38.89 30.03 13.61
CA SER C 100 39.79 29.32 14.53
C SER C 100 39.30 29.48 15.97
N PRO C 101 39.28 28.40 16.75
CA PRO C 101 38.72 28.48 18.12
C PRO C 101 39.65 29.14 19.12
N THR C 102 40.90 29.41 18.75
CA THR C 102 41.87 29.97 19.69
C THR C 102 41.92 31.50 19.61
N ASN C 103 42.26 32.03 18.43
CA ASN C 103 42.44 33.47 18.26
C ASN C 103 41.27 34.15 17.55
N ASN C 104 40.23 33.39 17.19
CA ASN C 104 39.00 33.89 16.55
C ASN C 104 39.29 34.65 15.24
N ILE C 105 39.99 33.97 14.34
CA ILE C 105 40.34 34.53 13.05
C ILE C 105 39.76 33.65 11.94
N ARG C 106 38.96 34.24 11.07
CA ARG C 106 38.32 33.52 9.99
C ARG C 106 39.30 33.22 8.86
N TYR C 107 39.09 32.10 8.19
CA TYR C 107 40.00 31.65 7.14
C TYR C 107 39.23 30.84 6.11
N HIS C 108 39.88 30.58 4.98
CA HIS C 108 39.24 30.02 3.79
C HIS C 108 39.38 28.50 3.69
N ASN C 109 40.59 27.97 3.81
CA ASN C 109 40.81 26.53 3.67
C ASN C 109 41.94 26.10 4.59
N ALA C 110 42.39 24.84 4.42
CA ALA C 110 43.37 24.27 5.34
C ALA C 110 44.79 24.77 5.07
N GLU C 111 45.11 25.11 3.83
CA GLU C 111 46.44 25.63 3.51
C GLU C 111 46.71 26.96 4.20
N ILE C 112 45.72 27.86 4.17
CA ILE C 112 45.83 29.16 4.82
C ILE C 112 45.97 29.00 6.33
N TYR C 113 45.19 28.06 6.89
CA TYR C 113 45.25 27.79 8.33
C TYR C 113 46.63 27.29 8.75
N GLN C 114 47.12 26.25 8.07
CA GLN C 114 48.41 25.63 8.42
C GLN C 114 49.58 26.57 8.17
N LEU C 115 49.49 27.45 7.16
CA LEU C 115 50.66 28.24 6.82
C LEU C 115 50.65 29.64 7.43
N ILE C 116 49.49 30.18 7.82
CA ILE C 116 49.38 31.53 8.36
C ILE C 116 48.73 31.53 9.74
N VAL C 117 47.58 30.86 9.87
CA VAL C 117 46.76 31.05 11.06
C VAL C 117 47.32 30.29 12.25
N LYS C 118 47.80 29.06 12.02
CA LYS C 118 48.41 28.29 13.10
C LYS C 118 49.75 28.86 13.59
N PRO C 119 50.79 29.03 12.78
CA PRO C 119 52.11 29.34 13.36
C PRO C 119 52.38 30.81 13.62
N MET C 120 51.38 31.68 13.60
CA MET C 120 51.65 33.10 13.73
C MET C 120 51.87 33.50 15.17
N ALA C 121 52.58 34.62 15.33
CA ALA C 121 52.98 35.09 16.65
C ALA C 121 51.78 35.65 17.40
N PRO C 122 51.81 35.63 18.74
CA PRO C 122 50.76 36.34 19.49
C PRO C 122 50.88 37.85 19.31
N GLY C 123 49.74 38.51 19.22
CA GLY C 123 49.66 39.92 18.97
C GLY C 123 49.31 40.29 17.54
N VAL C 124 49.57 39.41 16.57
CA VAL C 124 49.17 39.68 15.20
C VAL C 124 47.68 39.41 14.98
N ASP C 125 47.05 38.72 15.93
CA ASP C 125 45.59 38.53 15.90
C ASP C 125 44.87 39.86 16.01
N GLN C 126 45.34 40.76 16.89
CA GLN C 126 44.70 42.05 17.05
C GLN C 126 44.89 42.94 15.83
N GLU C 127 46.06 42.89 15.19
CA GLU C 127 46.25 43.63 13.95
C GLU C 127 45.45 43.05 12.80
N TYR C 128 45.16 41.74 12.82
CA TYR C 128 44.27 41.22 11.79
C TYR C 128 42.81 41.59 12.04
N LEU C 129 42.38 41.61 13.29
CA LEU C 129 40.99 41.93 13.63
C LEU C 129 40.74 43.43 13.79
N LYS C 130 41.76 44.26 13.71
CA LYS C 130 41.55 45.71 13.78
C LYS C 130 40.90 46.27 12.52
N LEU C 131 40.97 45.55 11.40
CA LEU C 131 40.43 46.06 10.15
C LEU C 131 38.91 46.04 10.16
N ARG C 132 38.31 44.96 10.64
CA ARG C 132 36.86 44.89 10.76
C ARG C 132 36.37 45.38 12.11
N GLY C 133 37.27 45.86 12.97
CA GLY C 133 36.90 46.36 14.27
C GLY C 133 36.37 45.32 15.22
N ALA C 134 37.03 44.16 15.30
CA ALA C 134 36.58 43.06 16.14
C ALA C 134 37.41 42.90 17.40
N ASN C 135 38.43 43.73 17.60
CA ASN C 135 39.25 43.62 18.79
C ASN C 135 38.56 44.25 20.00
N VAL D 1 25.44 7.00 -27.84
CA VAL D 1 25.08 8.16 -28.66
C VAL D 1 23.73 7.94 -29.32
N THR D 2 23.68 6.97 -30.23
CA THR D 2 22.45 6.64 -30.95
C THR D 2 22.20 5.15 -30.87
N ARG D 3 20.93 4.78 -30.78
CA ARG D 3 20.50 3.40 -30.70
C ARG D 3 19.64 3.05 -31.91
N THR D 4 19.83 1.83 -32.42
CA THR D 4 19.04 1.29 -33.52
C THR D 4 18.39 0.00 -33.06
N ALA D 5 17.08 -0.11 -33.26
CA ALA D 5 16.35 -1.30 -32.83
C ALA D 5 15.31 -1.70 -33.88
N ALA D 6 15.74 -2.50 -34.86
CA ALA D 6 14.91 -3.27 -35.81
C ALA D 6 14.03 -2.43 -36.73
N HIS D 7 14.06 -1.13 -36.56
CA HIS D 7 13.24 -0.15 -37.25
C HIS D 7 14.06 1.13 -37.28
N THR D 8 13.39 2.28 -37.42
CA THR D 8 13.92 3.64 -37.36
C THR D 8 14.76 4.01 -38.58
N HIS D 9 14.98 3.06 -39.48
CA HIS D 9 15.25 3.41 -40.86
C HIS D 9 13.95 3.61 -41.63
N ILE D 10 12.83 3.16 -41.08
CA ILE D 10 11.51 3.38 -41.65
C ILE D 10 11.02 4.74 -41.16
N LYS D 11 10.85 5.69 -42.09
CA LYS D 11 10.41 7.03 -41.74
C LYS D 11 8.99 7.34 -42.21
N GLY D 12 8.46 6.57 -43.14
CA GLY D 12 7.11 6.79 -43.61
C GLY D 12 6.78 5.84 -44.74
N LEU D 13 5.60 6.03 -45.31
CA LEU D 13 5.18 5.20 -46.43
C LEU D 13 5.87 5.56 -47.72
N GLY D 14 6.44 6.76 -47.81
CA GLY D 14 7.16 7.18 -48.99
C GLY D 14 6.32 7.35 -50.24
N LEU D 15 5.16 7.97 -50.10
CA LEU D 15 4.26 8.21 -51.22
C LEU D 15 4.41 9.64 -51.73
N ASP D 16 3.95 9.84 -52.97
CA ASP D 16 3.88 11.16 -53.56
C ASP D 16 2.53 11.80 -53.24
N GLU D 17 2.23 12.92 -53.89
CA GLU D 17 0.98 13.63 -53.62
C GLU D 17 -0.24 12.96 -54.25
N SER D 18 -0.02 12.02 -55.19
CA SER D 18 -1.11 11.30 -55.81
C SER D 18 -1.36 9.94 -55.20
N GLY D 19 -0.62 9.57 -54.16
CA GLY D 19 -0.79 8.28 -53.52
C GLY D 19 -0.01 7.14 -54.13
N VAL D 20 0.88 7.42 -55.07
CA VAL D 20 1.69 6.40 -55.71
C VAL D 20 3.01 6.28 -54.93
N ALA D 21 3.60 5.09 -54.95
CA ALA D 21 4.79 4.80 -54.18
C ALA D 21 6.01 4.69 -55.08
N LYS D 22 7.11 5.32 -54.65
CA LYS D 22 8.39 5.09 -55.30
C LYS D 22 8.99 3.77 -54.83
N ARG D 23 9.98 3.29 -55.58
CA ARG D 23 10.59 2.00 -55.28
C ARG D 23 11.43 2.06 -54.01
N VAL D 24 12.26 3.09 -53.87
CA VAL D 24 13.06 3.28 -52.66
C VAL D 24 12.80 4.71 -52.21
N GLU D 25 12.13 4.86 -51.07
CA GLU D 25 11.84 6.13 -50.42
C GLU D 25 11.31 5.85 -49.01
N GLY D 26 11.77 6.62 -48.03
CA GLY D 26 11.27 6.49 -46.68
C GLY D 26 11.73 5.25 -45.95
N GLY D 27 12.79 4.60 -46.42
CA GLY D 27 13.29 3.40 -45.80
C GLY D 27 12.64 2.11 -46.28
N PHE D 28 11.61 2.21 -47.10
CA PHE D 28 10.94 1.04 -47.65
C PHE D 28 11.52 0.72 -49.02
N VAL D 29 11.79 -0.56 -49.25
CA VAL D 29 12.05 -1.05 -50.60
C VAL D 29 10.92 -2.02 -50.94
N GLY D 30 10.48 -1.98 -52.18
CA GLY D 30 9.42 -2.86 -52.64
C GLY D 30 8.07 -2.56 -52.00
N GLN D 31 7.15 -3.51 -52.21
CA GLN D 31 5.81 -3.53 -51.63
C GLN D 31 5.00 -2.27 -51.96
N ILE D 32 4.72 -2.11 -53.25
CA ILE D 32 4.02 -0.90 -53.71
C ILE D 32 2.56 -0.90 -53.27
N GLU D 33 1.88 -2.03 -53.43
CA GLU D 33 0.42 -2.06 -53.26
C GLU D 33 0.00 -1.93 -51.80
N ALA D 34 0.74 -2.58 -50.89
CA ALA D 34 0.43 -2.48 -49.47
C ALA D 34 0.69 -1.07 -48.95
N ARG D 35 1.74 -0.42 -49.44
CA ARG D 35 2.00 0.96 -49.05
C ARG D 35 0.95 1.92 -49.59
N GLU D 36 0.46 1.67 -50.81
CA GLU D 36 -0.61 2.51 -51.36
C GLU D 36 -1.92 2.34 -50.59
N ALA D 37 -2.26 1.10 -50.22
CA ALA D 37 -3.45 0.84 -49.41
C ALA D 37 -3.33 1.47 -48.03
N CYS D 38 -2.13 1.41 -47.44
CA CYS D 38 -1.91 2.02 -46.14
C CYS D 38 -2.01 3.55 -46.21
N GLY D 39 -1.57 4.14 -47.33
CA GLY D 39 -1.76 5.58 -47.50
C GLY D 39 -3.22 5.98 -47.62
N VAL D 40 -4.01 5.14 -48.31
CA VAL D 40 -5.46 5.39 -48.40
C VAL D 40 -6.11 5.32 -47.02
N ILE D 41 -5.71 4.34 -46.20
CA ILE D 41 -6.26 4.22 -44.85
C ILE D 41 -5.80 5.40 -43.97
N VAL D 42 -4.57 5.89 -44.17
CA VAL D 42 -4.07 7.06 -43.46
C VAL D 42 -4.90 8.29 -43.78
N ASP D 43 -5.24 8.48 -45.07
CA ASP D 43 -6.10 9.59 -45.45
C ASP D 43 -7.50 9.47 -44.86
N LEU D 44 -8.04 8.24 -44.81
CA LEU D 44 -9.35 8.04 -44.20
C LEU D 44 -9.32 8.32 -42.70
N ILE D 45 -8.21 8.04 -42.02
CA ILE D 45 -8.07 8.41 -40.61
C ILE D 45 -7.99 9.92 -40.46
N LYS D 46 -7.24 10.58 -41.36
CA LYS D 46 -7.12 12.04 -41.35
C LYS D 46 -8.44 12.76 -41.64
N ALA D 47 -9.38 12.10 -42.34
CA ALA D 47 -10.64 12.74 -42.69
C ALA D 47 -11.53 13.00 -41.49
N LYS D 48 -11.39 12.19 -40.43
CA LYS D 48 -12.01 12.42 -39.12
C LYS D 48 -13.53 12.36 -39.16
N LYS D 49 -14.07 11.30 -39.74
CA LYS D 49 -15.52 11.14 -39.87
C LYS D 49 -16.03 9.75 -39.54
N MET D 50 -15.19 8.72 -39.53
CA MET D 50 -15.64 7.35 -39.51
C MET D 50 -15.26 6.68 -38.20
N SER D 51 -16.12 5.80 -37.71
CA SER D 51 -15.84 5.04 -36.50
C SER D 51 -15.98 3.55 -36.78
N GLY D 52 -15.08 2.77 -36.19
CA GLY D 52 -15.16 1.32 -36.29
C GLY D 52 -14.62 0.72 -37.57
N ARG D 53 -13.67 1.38 -38.21
CA ARG D 53 -13.07 0.84 -39.42
C ARG D 53 -11.95 -0.12 -39.05
N ALA D 54 -12.02 -1.34 -39.58
CA ALA D 54 -11.10 -2.40 -39.23
C ALA D 54 -10.37 -2.89 -40.48
N ILE D 55 -9.05 -2.99 -40.40
CA ILE D 55 -8.21 -3.43 -41.50
C ILE D 55 -7.25 -4.49 -40.97
N LEU D 56 -7.21 -5.65 -41.63
CA LEU D 56 -6.28 -6.73 -41.31
C LEU D 56 -5.25 -6.84 -42.43
N LEU D 57 -3.98 -6.68 -42.09
CA LEU D 57 -2.92 -6.90 -43.06
C LEU D 57 -2.27 -8.25 -42.77
N ALA D 58 -2.21 -9.10 -43.80
CA ALA D 58 -1.89 -10.50 -43.64
C ALA D 58 -0.80 -10.91 -44.62
N GLY D 59 -0.01 -11.89 -44.20
CA GLY D 59 1.13 -12.34 -44.97
C GLY D 59 2.03 -13.16 -44.09
N GLY D 60 3.07 -13.70 -44.70
CA GLY D 60 4.00 -14.54 -43.99
C GLY D 60 4.91 -13.74 -43.08
N PRO D 61 5.73 -14.44 -42.31
CA PRO D 61 6.67 -13.76 -41.43
C PRO D 61 7.80 -13.08 -42.19
N SER D 62 8.33 -12.01 -41.57
CA SER D 62 9.41 -11.18 -42.09
C SER D 62 9.06 -10.59 -43.45
N THR D 63 7.81 -10.14 -43.61
CA THR D 63 7.36 -9.58 -44.87
C THR D 63 7.02 -8.10 -44.79
N GLY D 64 6.81 -7.56 -43.59
CA GLY D 64 6.75 -6.11 -43.43
C GLY D 64 5.48 -5.53 -42.85
N LYS D 65 4.72 -6.32 -42.07
CA LYS D 65 3.46 -5.84 -41.54
C LYS D 65 3.65 -4.82 -40.42
N THR D 66 4.57 -5.12 -39.49
CA THR D 66 4.84 -4.22 -38.38
C THR D 66 5.48 -2.93 -38.83
N ALA D 67 6.34 -3.01 -39.87
CA ALA D 67 6.91 -1.80 -40.46
C ALA D 67 5.84 -0.94 -41.12
N LEU D 68 4.83 -1.56 -41.75
CA LEU D 68 3.74 -0.81 -42.35
C LEU D 68 2.89 -0.11 -41.29
N ALA D 69 2.60 -0.79 -40.18
CA ALA D 69 1.84 -0.17 -39.10
C ALA D 69 2.63 0.99 -38.47
N LEU D 70 3.94 0.79 -38.28
CA LEU D 70 4.79 1.86 -37.77
C LEU D 70 4.83 3.06 -38.72
N ALA D 71 4.90 2.80 -40.03
CA ALA D 71 4.92 3.87 -41.01
C ALA D 71 3.59 4.62 -41.07
N ILE D 72 2.47 3.91 -40.83
CA ILE D 72 1.18 4.58 -40.70
C ILE D 72 1.20 5.52 -39.50
N SER D 73 1.80 5.08 -38.39
CA SER D 73 1.91 5.92 -37.21
C SER D 73 2.81 7.15 -37.45
N GLN D 74 3.90 6.99 -38.21
CA GLN D 74 4.73 8.17 -38.52
C GLN D 74 4.06 9.10 -39.50
N GLU D 75 3.27 8.57 -40.44
CA GLU D 75 2.56 9.43 -41.38
C GLU D 75 1.44 10.21 -40.70
N LEU D 76 0.83 9.65 -39.65
CA LEU D 76 -0.22 10.37 -38.96
C LEU D 76 0.33 11.52 -38.11
N GLY D 77 1.43 11.28 -37.39
CA GLY D 77 2.06 12.32 -36.63
C GLY D 77 1.97 12.12 -35.13
N PRO D 78 2.68 12.95 -34.36
CA PRO D 78 2.65 12.79 -32.89
C PRO D 78 1.35 13.26 -32.25
N LYS D 79 0.54 14.06 -32.95
CA LYS D 79 -0.72 14.51 -32.37
C LYS D 79 -1.74 13.37 -32.30
N VAL D 80 -1.79 12.53 -33.32
CA VAL D 80 -2.78 11.46 -33.40
C VAL D 80 -2.37 10.34 -32.44
N PRO D 81 -3.28 9.85 -31.59
CA PRO D 81 -2.94 8.74 -30.69
C PRO D 81 -2.69 7.44 -31.43
N PHE D 82 -1.69 6.70 -30.97
CA PHE D 82 -1.34 5.41 -31.53
C PHE D 82 -1.06 4.45 -30.39
N CYS D 83 -1.86 3.41 -30.27
CA CYS D 83 -1.76 2.46 -29.16
C CYS D 83 -1.35 1.10 -29.68
N PRO D 84 -0.07 0.76 -29.65
CA PRO D 84 0.35 -0.56 -30.11
C PRO D 84 0.10 -1.62 -29.05
N LEU D 85 -0.22 -2.82 -29.51
CA LEU D 85 -0.62 -3.89 -28.62
C LEU D 85 -0.31 -5.23 -29.26
N VAL D 86 -0.01 -6.20 -28.39
CA VAL D 86 0.12 -7.60 -28.78
C VAL D 86 -1.07 -8.33 -28.18
N GLY D 87 -1.49 -9.41 -28.84
CA GLY D 87 -2.72 -10.09 -28.47
C GLY D 87 -2.68 -10.79 -27.12
N SER D 88 -1.48 -11.08 -26.61
CA SER D 88 -1.36 -11.75 -25.32
C SER D 88 -1.58 -10.80 -24.15
N GLU D 89 -1.52 -9.49 -24.37
CA GLU D 89 -1.62 -8.53 -23.28
C GLU D 89 -3.03 -8.33 -22.76
N LEU D 90 -4.04 -8.89 -23.45
CA LEU D 90 -5.42 -8.71 -23.02
C LEU D 90 -5.83 -9.62 -21.88
N TYR D 91 -4.99 -10.57 -21.50
CA TYR D 91 -5.29 -11.49 -20.41
C TYR D 91 -4.66 -10.94 -19.14
N SER D 92 -5.50 -10.56 -18.19
CA SER D 92 -5.05 -10.03 -16.91
C SER D 92 -5.72 -10.79 -15.79
N VAL D 93 -5.08 -10.78 -14.62
CA VAL D 93 -5.60 -11.44 -13.44
C VAL D 93 -6.40 -10.51 -12.54
N GLU D 94 -6.59 -9.26 -12.95
CA GLU D 94 -7.31 -8.27 -12.15
C GLU D 94 -8.72 -8.01 -12.66
N VAL D 95 -8.92 -7.95 -13.97
CA VAL D 95 -10.23 -7.72 -14.56
C VAL D 95 -10.41 -8.68 -15.71
N LYS D 96 -11.66 -8.71 -16.23
CA LYS D 96 -11.95 -9.53 -17.39
C LYS D 96 -11.34 -8.91 -18.65
N LYS D 97 -11.18 -9.75 -19.68
CA LYS D 97 -10.44 -9.36 -20.87
C LYS D 97 -11.21 -8.37 -21.73
N THR D 98 -12.55 -8.44 -21.70
CA THR D 98 -13.38 -7.49 -22.44
C THR D 98 -13.24 -6.08 -21.88
N GLU D 99 -13.07 -5.97 -20.55
CA GLU D 99 -12.81 -4.67 -19.93
C GLU D 99 -11.49 -4.09 -20.41
N THR D 100 -10.45 -4.93 -20.47
CA THR D 100 -9.12 -4.48 -20.94
C THR D 100 -9.17 -4.05 -22.40
N LEU D 101 -9.95 -4.76 -23.23
CA LEU D 101 -10.15 -4.35 -24.61
C LEU D 101 -10.88 -3.01 -24.68
N MET D 102 -11.81 -2.75 -23.75
CA MET D 102 -12.50 -1.46 -23.75
C MET D 102 -11.58 -0.31 -23.36
N GLU D 103 -10.68 -0.53 -22.38
CA GLU D 103 -9.69 0.51 -22.06
C GLU D 103 -8.75 0.76 -23.23
N ASN D 104 -8.36 -0.30 -23.94
CA ASN D 104 -7.48 -0.09 -25.08
C ASN D 104 -8.22 0.57 -26.25
N PHE D 105 -9.53 0.37 -26.36
CA PHE D 105 -10.33 1.11 -27.33
C PHE D 105 -10.37 2.60 -27.01
N ARG D 106 -10.62 2.93 -25.75
CA ARG D 106 -10.76 4.33 -25.37
C ARG D 106 -9.41 5.03 -25.18
N ARG D 107 -8.31 4.30 -25.19
CA ARG D 107 -6.99 4.92 -25.19
C ARG D 107 -6.59 5.44 -26.57
N ALA D 108 -7.36 5.15 -27.61
CA ALA D 108 -7.06 5.57 -28.96
C ALA D 108 -7.89 6.76 -29.41
N ILE D 109 -8.68 7.36 -28.53
CA ILE D 109 -9.43 8.57 -28.82
C ILE D 109 -8.89 9.67 -27.91
N GLY D 110 -8.30 10.71 -28.51
CA GLY D 110 -7.60 11.74 -27.79
C GLY D 110 -8.28 13.10 -27.85
N LEU D 111 -7.82 13.99 -26.97
CA LEU D 111 -8.30 15.36 -26.90
C LEU D 111 -7.12 16.32 -26.85
N ARG D 112 -7.35 17.54 -27.34
CA ARG D 112 -6.37 18.60 -27.26
C ARG D 112 -7.01 19.79 -26.55
N ILE D 113 -6.40 20.22 -25.44
CA ILE D 113 -6.88 21.35 -24.66
C ILE D 113 -5.82 22.43 -24.70
N LYS D 114 -6.23 23.66 -24.95
CA LYS D 114 -5.32 24.80 -24.91
C LYS D 114 -5.37 25.43 -23.52
N GLU D 115 -4.22 25.47 -22.86
CA GLU D 115 -4.13 25.98 -21.50
C GLU D 115 -3.05 27.05 -21.43
N THR D 116 -2.90 27.63 -20.25
CA THR D 116 -1.87 28.62 -19.99
C THR D 116 -1.20 28.31 -18.65
N LYS D 117 0.04 28.76 -18.52
CA LYS D 117 0.82 28.60 -17.29
C LYS D 117 1.24 29.98 -16.80
N GLU D 118 0.89 30.29 -15.56
CA GLU D 118 1.15 31.58 -14.96
C GLU D 118 1.80 31.37 -13.61
N VAL D 119 3.05 31.81 -13.47
CA VAL D 119 3.86 31.48 -12.31
C VAL D 119 4.45 32.76 -11.72
N TYR D 120 4.29 32.93 -10.41
CA TYR D 120 5.03 33.92 -9.64
C TYR D 120 6.08 33.21 -8.81
N GLU D 121 7.34 33.61 -8.95
CA GLU D 121 8.42 33.06 -8.13
C GLU D 121 9.29 34.20 -7.64
N GLY D 122 9.84 34.03 -6.45
CA GLY D 122 10.70 35.03 -5.87
C GLY D 122 10.78 34.93 -4.36
N GLU D 123 11.56 35.84 -3.80
CA GLU D 123 11.83 35.87 -2.36
C GLU D 123 10.73 36.65 -1.64
N VAL D 124 10.23 36.08 -0.56
CA VAL D 124 9.11 36.68 0.18
C VAL D 124 9.65 37.80 1.06
N THR D 125 9.14 39.02 0.83
CA THR D 125 9.51 40.18 1.62
C THR D 125 8.46 40.58 2.64
N GLU D 126 7.19 40.39 2.33
CA GLU D 126 6.10 40.72 3.24
C GLU D 126 5.07 39.61 3.20
N LEU D 127 4.65 39.14 4.37
CA LEU D 127 3.58 38.16 4.49
C LEU D 127 2.72 38.61 5.68
N THR D 128 1.73 39.44 5.41
CA THR D 128 0.90 40.04 6.45
C THR D 128 -0.57 39.67 6.23
N PRO D 129 -1.14 38.80 7.06
CA PRO D 129 -2.57 38.53 6.99
C PRO D 129 -3.44 39.37 7.91
N GLU D 130 -4.68 39.60 7.47
CA GLU D 130 -5.64 40.39 8.22
C GLU D 130 -6.95 39.62 8.30
N ASP D 131 -7.64 39.75 9.43
CA ASP D 131 -8.86 39.01 9.70
C ASP D 131 -10.08 39.89 9.48
N ALA D 132 -11.25 39.23 9.51
CA ALA D 132 -12.58 39.83 9.31
C ALA D 132 -12.70 40.63 8.01
N LYS D 141 -11.86 35.07 13.94
CA LYS D 141 -10.89 33.98 13.92
C LYS D 141 -10.68 33.46 12.52
N THR D 142 -11.18 34.20 11.53
CA THR D 142 -11.08 33.82 10.13
C THR D 142 -10.39 34.94 9.37
N ILE D 143 -9.48 34.58 8.47
CA ILE D 143 -8.73 35.56 7.69
C ILE D 143 -9.51 35.93 6.44
N SER D 144 -9.50 37.22 6.10
CA SER D 144 -10.17 37.67 4.88
C SER D 144 -9.27 37.45 3.66
N HIS D 145 -8.04 37.93 3.71
CA HIS D 145 -7.07 37.78 2.63
C HIS D 145 -5.68 37.93 3.22
N VAL D 146 -4.67 37.65 2.41
CA VAL D 146 -3.28 37.90 2.77
C VAL D 146 -2.61 38.61 1.62
N ILE D 147 -1.76 39.58 1.94
CA ILE D 147 -0.98 40.32 0.94
C ILE D 147 0.46 39.84 1.03
N VAL D 148 0.98 39.33 -0.08
CA VAL D 148 2.31 38.74 -0.14
C VAL D 148 3.16 39.58 -1.08
N GLY D 149 4.39 39.88 -0.66
CA GLY D 149 5.36 40.59 -1.49
C GLY D 149 6.46 39.66 -1.93
N LEU D 150 6.77 39.70 -3.23
CA LEU D 150 7.74 38.82 -3.84
C LEU D 150 8.83 39.64 -4.50
N LYS D 151 10.06 39.14 -4.47
CA LYS D 151 11.21 39.89 -4.97
C LYS D 151 12.06 39.01 -5.87
N SER D 152 12.45 39.54 -7.02
CA SER D 152 13.45 38.89 -7.86
C SER D 152 14.59 39.85 -8.16
N ALA D 153 15.47 39.46 -9.07
CA ALA D 153 16.57 40.33 -9.47
C ALA D 153 16.11 41.47 -10.36
N LYS D 154 14.92 41.38 -10.95
CA LYS D 154 14.41 42.40 -11.84
C LYS D 154 13.35 43.29 -11.21
N GLY D 155 13.06 43.10 -9.94
CA GLY D 155 12.17 43.99 -9.24
C GLY D 155 11.35 43.25 -8.20
N THR D 156 10.33 43.95 -7.70
CA THR D 156 9.42 43.38 -6.72
C THR D 156 7.99 43.58 -7.20
N LYS D 157 7.13 42.61 -6.84
CA LYS D 157 5.73 42.65 -7.21
C LYS D 157 4.92 42.16 -6.02
N THR D 158 3.87 42.90 -5.67
CA THR D 158 3.01 42.54 -4.55
C THR D 158 1.71 41.93 -5.05
N LEU D 159 1.16 41.01 -4.26
CA LEU D 159 0.03 40.20 -4.69
C LEU D 159 -0.98 40.07 -3.55
N ARG D 160 -2.25 40.03 -3.90
CA ARG D 160 -3.33 39.75 -2.95
C ARG D 160 -3.73 38.29 -3.11
N LEU D 161 -3.99 37.61 -1.99
CA LEU D 161 -4.22 36.16 -2.02
C LEU D 161 -5.42 35.80 -1.15
N ASP D 162 -6.12 34.74 -1.57
CA ASP D 162 -7.27 34.17 -0.88
C ASP D 162 -6.79 33.33 0.31
N PRO D 163 -7.67 33.05 1.28
CA PRO D 163 -7.26 32.26 2.46
C PRO D 163 -6.83 30.82 2.18
N THR D 164 -7.28 30.22 1.07
CA THR D 164 -6.90 28.84 0.77
C THR D 164 -5.41 28.74 0.41
N ILE D 165 -4.92 29.66 -0.42
CA ILE D 165 -3.50 29.68 -0.74
C ILE D 165 -2.66 30.13 0.47
N TYR D 166 -3.25 30.91 1.38
CA TYR D 166 -2.55 31.21 2.64
C TYR D 166 -2.42 29.96 3.50
N GLU D 167 -3.44 29.10 3.51
CA GLU D 167 -3.35 27.83 4.21
C GLU D 167 -2.32 26.91 3.57
N SER D 168 -2.22 26.94 2.25
CA SER D 168 -1.18 26.18 1.55
C SER D 168 0.22 26.73 1.85
N ILE D 169 0.33 28.05 2.03
CA ILE D 169 1.60 28.65 2.43
C ILE D 169 1.97 28.21 3.85
N GLN D 170 0.99 28.18 4.74
CA GLN D 170 1.23 27.74 6.12
C GLN D 170 1.55 26.25 6.20
N ARG D 171 1.05 25.45 5.27
CA ARG D 171 1.37 24.03 5.25
C ARG D 171 2.83 23.78 4.88
N GLU D 172 3.37 24.58 3.97
CA GLU D 172 4.73 24.38 3.49
C GLU D 172 5.78 25.08 4.35
N LYS D 173 5.36 25.70 5.46
CA LYS D 173 6.23 26.36 6.45
C LYS D 173 7.08 27.46 5.80
N VAL D 174 6.39 28.47 5.31
CA VAL D 174 7.02 29.58 4.60
C VAL D 174 7.09 30.78 5.55
N SER D 175 8.28 31.34 5.71
CA SER D 175 8.50 32.54 6.49
C SER D 175 9.12 33.62 5.61
N ILE D 176 9.51 34.73 6.24
CA ILE D 176 10.13 35.84 5.52
C ILE D 176 11.55 35.47 5.13
N GLY D 177 11.87 35.60 3.85
CA GLY D 177 13.17 35.28 3.34
C GLY D 177 13.28 33.99 2.56
N ASP D 178 12.16 33.32 2.29
CA ASP D 178 12.15 32.06 1.56
C ASP D 178 11.75 32.29 0.11
N VAL D 179 12.42 31.58 -0.80
CA VAL D 179 12.08 31.61 -2.22
C VAL D 179 10.95 30.61 -2.46
N ILE D 180 9.81 31.10 -2.92
CA ILE D 180 8.63 30.27 -3.11
C ILE D 180 8.21 30.29 -4.58
N TYR D 181 7.27 29.40 -4.91
CA TYR D 181 6.74 29.22 -6.25
C TYR D 181 5.22 29.20 -6.14
N ILE D 182 4.56 30.10 -6.84
CA ILE D 182 3.09 30.16 -6.86
C ILE D 182 2.63 30.07 -8.31
N GLU D 183 1.73 29.13 -8.59
CA GLU D 183 1.08 29.07 -9.89
C GLU D 183 -0.33 29.64 -9.77
N ALA D 184 -0.69 30.52 -10.70
CA ALA D 184 -1.89 31.35 -10.52
C ALA D 184 -3.17 30.56 -10.71
N ASN D 185 -3.22 29.69 -11.72
CA ASN D 185 -4.47 29.02 -12.08
C ASN D 185 -4.87 27.95 -11.07
N THR D 186 -3.89 27.15 -10.62
CA THR D 186 -4.21 26.02 -9.74
C THR D 186 -4.06 26.39 -8.27
N GLY D 187 -3.19 27.33 -7.94
CA GLY D 187 -2.93 27.66 -6.56
C GLY D 187 -1.90 26.80 -5.89
N ALA D 188 -1.04 26.11 -6.65
CA ALA D 188 0.01 25.29 -6.06
C ALA D 188 1.11 26.16 -5.49
N VAL D 189 1.59 25.79 -4.30
CA VAL D 189 2.64 26.51 -3.61
C VAL D 189 3.78 25.54 -3.34
N LYS D 190 4.98 25.90 -3.79
CA LYS D 190 6.19 25.12 -3.58
C LYS D 190 7.25 26.01 -2.97
N ARG D 191 7.98 25.48 -1.99
CA ARG D 191 9.05 26.22 -1.31
C ARG D 191 10.39 25.74 -1.87
N VAL D 192 11.06 26.60 -2.63
CA VAL D 192 12.37 26.28 -3.17
C VAL D 192 13.42 26.27 -2.06
N GLY D 193 13.37 27.25 -1.17
CA GLY D 193 14.30 27.31 -0.05
C GLY D 193 14.48 28.73 0.41
N ARG D 194 15.36 28.88 1.40
CA ARG D 194 15.73 30.20 1.87
C ARG D 194 16.72 30.84 0.90
N SER D 195 16.84 32.17 0.98
CA SER D 195 17.69 32.93 0.09
C SER D 195 19.09 33.07 0.66
N ASP D 196 20.04 33.34 -0.24
CA ASP D 196 21.44 33.56 0.12
C ASP D 196 21.68 34.84 0.91
N ALA D 197 20.73 35.77 0.92
CA ALA D 197 20.89 36.98 1.73
C ALA D 197 20.80 36.69 3.22
N TYR D 198 20.18 35.58 3.61
CA TYR D 198 20.07 35.17 4.99
C TYR D 198 20.91 33.92 5.26
N ALA D 199 22.01 33.76 4.54
CA ALA D 199 22.84 32.57 4.69
C ALA D 199 23.83 32.66 5.83
N THR D 200 24.06 33.86 6.37
CA THR D 200 25.04 34.06 7.42
C THR D 200 24.40 34.45 8.75
N GLU D 201 23.12 34.12 8.94
CA GLU D 201 22.48 34.36 10.23
C GLU D 201 23.01 33.40 11.29
N PHE D 202 23.45 32.22 10.86
CA PHE D 202 24.14 31.29 11.74
C PHE D 202 25.30 30.68 10.95
N ASP D 203 26.28 30.15 11.68
CA ASP D 203 27.38 29.47 11.02
C ASP D 203 26.96 28.11 10.48
N LEU D 204 26.14 27.37 11.24
CA LEU D 204 25.64 26.08 10.80
C LEU D 204 24.12 26.05 10.93
N GLU D 205 23.46 25.59 9.87
CA GLU D 205 22.00 25.55 9.83
C GLU D 205 21.55 24.35 9.03
N THR D 206 20.28 23.97 9.25
CA THR D 206 19.66 22.85 8.57
C THR D 206 18.95 23.26 7.28
N GLU D 207 19.02 24.52 6.90
CA GLU D 207 18.26 25.03 5.76
C GLU D 207 19.14 25.05 4.52
N GLU D 208 18.52 24.86 3.36
CA GLU D 208 19.24 25.02 2.10
C GLU D 208 19.02 26.43 1.56
N TYR D 209 20.08 27.00 1.00
CA TYR D 209 20.09 28.39 0.57
C TYR D 209 20.23 28.44 -0.95
N VAL D 210 19.18 28.91 -1.61
CA VAL D 210 19.12 29.00 -3.06
C VAL D 210 19.25 30.47 -3.46
N PRO D 211 19.80 30.78 -4.63
CA PRO D 211 19.91 32.18 -5.03
C PRO D 211 18.59 32.75 -5.53
N LEU D 212 18.59 34.06 -5.73
CA LEU D 212 17.43 34.76 -6.27
C LEU D 212 17.20 34.37 -7.73
N PRO D 213 15.95 34.38 -8.18
CA PRO D 213 15.69 34.22 -9.62
C PRO D 213 16.17 35.43 -10.40
N LYS D 214 16.86 35.17 -11.51
CA LYS D 214 17.44 36.24 -12.32
C LYS D 214 16.43 36.88 -13.26
N GLY D 215 15.27 36.28 -13.47
CA GLY D 215 14.26 36.82 -14.34
C GLY D 215 13.21 37.62 -13.59
N GLU D 216 12.09 37.83 -14.25
CA GLU D 216 10.98 38.54 -13.63
C GLU D 216 10.24 37.62 -12.66
N VAL D 217 9.46 38.23 -11.77
CA VAL D 217 8.62 37.46 -10.86
C VAL D 217 7.49 36.80 -11.63
N HIS D 218 6.82 37.56 -12.49
CA HIS D 218 5.65 37.08 -13.22
C HIS D 218 6.09 36.50 -14.56
N LYS D 219 5.66 35.26 -14.83
CA LYS D 219 5.94 34.60 -16.09
C LYS D 219 4.65 34.02 -16.65
N LYS D 220 4.48 34.16 -17.97
CA LYS D 220 3.29 33.74 -18.68
C LYS D 220 3.68 32.87 -19.85
N LYS D 221 2.90 31.81 -20.10
CA LYS D 221 3.24 30.82 -21.12
C LYS D 221 1.98 30.06 -21.51
N GLU D 222 1.79 29.87 -22.81
CA GLU D 222 0.66 29.11 -23.34
C GLU D 222 1.09 27.70 -23.67
N ILE D 223 0.37 26.71 -23.13
CA ILE D 223 0.72 25.31 -23.27
C ILE D 223 -0.42 24.54 -23.93
N VAL D 224 -0.09 23.35 -24.42
CA VAL D 224 -1.04 22.41 -25.01
C VAL D 224 -1.02 21.13 -24.20
N GLN D 225 -2.21 20.65 -23.81
CA GLN D 225 -2.34 19.42 -23.05
C GLN D 225 -3.04 18.36 -23.89
N ASP D 226 -2.45 17.17 -23.94
CA ASP D 226 -3.00 16.03 -24.68
C ASP D 226 -3.43 14.96 -23.68
N VAL D 227 -4.71 14.61 -23.72
CA VAL D 227 -5.26 13.54 -22.88
C VAL D 227 -6.04 12.59 -23.78
N THR D 228 -6.37 11.43 -23.22
CA THR D 228 -7.23 10.46 -23.88
C THR D 228 -8.49 10.27 -23.03
N LEU D 229 -9.47 9.57 -23.61
CA LEU D 229 -10.71 9.31 -22.89
C LEU D 229 -10.50 8.33 -21.74
N HIS D 230 -9.51 7.45 -21.84
CA HIS D 230 -9.21 6.51 -20.77
C HIS D 230 -8.64 7.21 -19.54
N ASP D 231 -7.90 8.31 -19.76
CA ASP D 231 -7.37 9.09 -18.63
C ASP D 231 -8.50 9.70 -17.81
N LEU D 232 -9.51 10.27 -18.49
CA LEU D 232 -10.67 10.79 -17.78
C LEU D 232 -11.50 9.67 -17.15
N ASP D 233 -11.55 8.52 -17.83
CA ASP D 233 -12.27 7.36 -17.31
C ASP D 233 -11.68 6.87 -15.99
N VAL D 234 -10.34 6.80 -15.91
CA VAL D 234 -9.71 6.35 -14.67
C VAL D 234 -9.55 7.47 -13.66
N ALA D 235 -9.60 8.73 -14.09
CA ALA D 235 -9.60 9.82 -13.12
C ALA D 235 -10.94 9.92 -12.40
N ASN D 236 -12.04 9.55 -13.06
CA ASN D 236 -13.35 9.63 -12.46
C ASN D 236 -13.79 8.35 -11.77
N ALA D 237 -13.03 7.27 -11.86
CA ALA D 237 -13.43 5.98 -11.32
C ALA D 237 -12.37 5.45 -10.36
N ARG D 238 -11.91 6.30 -9.46
CA ARG D 238 -10.99 5.87 -8.42
C ARG D 238 -11.77 5.35 -7.23
N PRO D 239 -11.66 4.07 -6.88
CA PRO D 239 -12.50 3.53 -5.80
C PRO D 239 -12.00 3.89 -4.40
N GLN D 240 -10.69 3.95 -4.23
CA GLN D 240 -10.13 4.26 -2.91
C GLN D 240 -10.30 5.74 -2.57
N GLY D 241 -10.10 6.62 -3.53
CA GLY D 241 -10.30 8.04 -3.33
C GLY D 241 -9.33 8.90 -4.09
N GLY D 242 -9.49 10.22 -3.97
CA GLY D 242 -8.57 11.15 -4.61
C GLY D 242 -7.24 11.17 -3.88
N GLN D 243 -6.15 11.17 -4.63
CA GLN D 243 -4.82 11.13 -4.04
C GLN D 243 -4.28 12.54 -3.86
N ASP D 244 -3.36 12.68 -2.91
CA ASP D 244 -2.70 13.96 -2.67
C ASP D 244 -1.69 14.27 -3.77
N VAL D 245 -1.10 15.46 -3.70
CA VAL D 245 -0.17 15.91 -4.73
C VAL D 245 1.14 15.13 -4.65
N ILE D 246 1.68 14.96 -3.45
CA ILE D 246 2.96 14.29 -3.24
C ILE D 246 2.72 13.07 -2.36
N SER D 247 3.11 11.90 -2.85
CA SER D 247 3.00 10.66 -2.07
C SER D 247 4.17 9.74 -2.42
N MET D 248 5.24 9.84 -1.62
CA MET D 248 6.28 8.81 -1.67
C MET D 248 5.76 7.46 -1.20
N MET D 249 4.95 7.45 -0.16
CA MET D 249 4.52 6.19 0.41
C MET D 249 3.14 5.86 -0.12
N GLY D 250 2.86 4.56 -0.26
CA GLY D 250 1.65 4.12 -0.91
C GLY D 250 0.40 4.31 -0.09
N GLN D 251 -0.73 3.98 -0.71
CA GLN D 251 -2.00 4.02 -0.01
C GLN D 251 -2.11 2.84 0.94
N LEU D 252 -3.10 2.93 1.83
CA LEU D 252 -3.28 1.88 2.83
C LEU D 252 -3.80 0.58 2.21
N LEU D 253 -4.69 0.70 1.23
CA LEU D 253 -5.17 -0.43 0.47
C LEU D 253 -4.64 -0.34 -0.96
N LYS D 254 -4.41 -1.48 -1.56
CA LYS D 254 -3.84 -1.51 -2.90
C LYS D 254 -4.96 -1.40 -3.94
N PRO D 255 -4.99 -0.33 -4.74
CA PRO D 255 -6.08 -0.17 -5.70
C PRO D 255 -5.88 -1.04 -6.93
N LYS D 256 -6.88 -1.85 -7.22
CA LYS D 256 -6.86 -2.74 -8.38
C LYS D 256 -7.86 -2.24 -9.42
N LYS D 257 -7.71 -2.76 -10.64
CA LYS D 257 -8.60 -2.39 -11.73
C LYS D 257 -10.00 -2.94 -11.50
N THR D 258 -11.00 -2.20 -11.97
CA THR D 258 -12.39 -2.56 -11.75
C THR D 258 -13.15 -2.42 -13.07
N GLU D 259 -14.27 -3.11 -13.18
CA GLU D 259 -15.09 -3.06 -14.40
C GLU D 259 -15.81 -1.72 -14.43
N ILE D 260 -15.29 -0.79 -15.23
CA ILE D 260 -15.85 0.56 -15.30
C ILE D 260 -17.18 0.50 -16.02
N THR D 261 -18.23 1.01 -15.38
CA THR D 261 -19.58 0.90 -15.90
C THR D 261 -19.78 1.79 -17.11
N GLU D 262 -20.79 1.46 -17.92
CA GLU D 262 -21.11 2.26 -19.09
C GLU D 262 -21.74 3.60 -18.73
N LYS D 263 -22.29 3.72 -17.53
CA LYS D 263 -22.86 4.99 -17.09
C LYS D 263 -21.77 6.05 -16.90
N LEU D 264 -20.63 5.67 -16.34
CA LEU D 264 -19.52 6.60 -16.19
C LEU D 264 -18.96 7.01 -17.54
N ARG D 265 -18.94 6.08 -18.49
CA ARG D 265 -18.50 6.40 -19.85
C ARG D 265 -19.46 7.37 -20.53
N GLN D 266 -20.77 7.21 -20.29
CA GLN D 266 -21.75 8.15 -20.84
C GLN D 266 -21.61 9.55 -20.23
N GLU D 267 -21.40 9.63 -18.92
CA GLU D 267 -21.20 10.95 -18.29
C GLU D 267 -19.93 11.63 -18.77
N VAL D 268 -18.84 10.86 -18.92
CA VAL D 268 -17.60 11.41 -19.43
C VAL D 268 -17.77 11.89 -20.87
N ASN D 269 -18.55 11.15 -21.66
CA ASN D 269 -18.86 11.54 -23.03
C ASN D 269 -19.64 12.85 -23.09
N LYS D 270 -20.62 13.02 -22.20
CA LYS D 270 -21.41 14.26 -22.26
C LYS D 270 -20.63 15.46 -21.74
N VAL D 271 -19.71 15.26 -20.77
CA VAL D 271 -18.88 16.37 -20.32
C VAL D 271 -17.88 16.78 -21.40
N VAL D 272 -17.30 15.80 -22.09
CA VAL D 272 -16.36 16.09 -23.18
C VAL D 272 -17.07 16.78 -24.35
N ALA D 273 -18.31 16.36 -24.64
CA ALA D 273 -19.07 17.02 -25.71
C ALA D 273 -19.42 18.45 -25.35
N LYS D 274 -19.77 18.70 -24.09
CA LYS D 274 -20.09 20.07 -23.67
C LYS D 274 -18.86 20.96 -23.66
N TYR D 275 -17.68 20.38 -23.41
CA TYR D 275 -16.46 21.17 -23.53
C TYR D 275 -16.04 21.36 -24.98
N ILE D 276 -16.41 20.43 -25.86
CA ILE D 276 -16.09 20.57 -27.28
C ILE D 276 -16.92 21.68 -27.92
N ASP D 277 -18.20 21.77 -27.54
CA ASP D 277 -19.09 22.78 -28.10
C ASP D 277 -18.70 24.21 -27.71
N GLN D 278 -17.93 24.40 -26.66
CA GLN D 278 -17.46 25.73 -26.25
C GLN D 278 -16.12 26.10 -26.86
N GLY D 279 -15.55 25.25 -27.71
CA GLY D 279 -14.26 25.56 -28.31
C GLY D 279 -13.07 25.34 -27.43
N VAL D 280 -13.23 24.64 -26.30
CA VAL D 280 -12.11 24.41 -25.41
C VAL D 280 -11.31 23.17 -25.84
N ALA D 281 -11.98 22.19 -26.42
CA ALA D 281 -11.37 20.91 -26.73
C ALA D 281 -11.50 20.59 -28.22
N GLU D 282 -10.56 19.78 -28.72
CA GLU D 282 -10.56 19.28 -30.08
C GLU D 282 -10.41 17.77 -30.04
N LEU D 283 -11.25 17.06 -30.81
CA LEU D 283 -11.25 15.60 -30.80
C LEU D 283 -10.33 15.07 -31.90
N ILE D 284 -9.40 14.22 -31.52
CA ILE D 284 -8.47 13.56 -32.43
C ILE D 284 -8.60 12.06 -32.27
N PRO D 285 -9.38 11.39 -33.12
CA PRO D 285 -9.39 9.93 -33.13
C PRO D 285 -8.07 9.36 -33.65
N GLY D 286 -7.74 8.17 -33.17
CA GLY D 286 -6.48 7.53 -33.52
C GLY D 286 -6.57 6.08 -33.91
N VAL D 287 -5.48 5.34 -33.76
CA VAL D 287 -5.34 3.99 -34.25
C VAL D 287 -5.03 3.05 -33.09
N LEU D 288 -5.77 1.95 -33.01
CA LEU D 288 -5.43 0.83 -32.15
C LEU D 288 -4.88 -0.29 -33.00
N PHE D 289 -3.62 -0.65 -32.78
CA PHE D 289 -2.94 -1.69 -33.54
C PHE D 289 -2.73 -2.91 -32.65
N ILE D 290 -3.20 -4.07 -33.11
CA ILE D 290 -3.11 -5.32 -32.37
C ILE D 290 -2.28 -6.29 -33.20
N ASP D 291 -1.02 -6.46 -32.84
CA ASP D 291 -0.19 -7.47 -33.48
C ASP D 291 -0.44 -8.83 -32.86
N GLU D 292 -0.24 -9.87 -33.67
CA GLU D 292 -0.50 -11.27 -33.32
C GLU D 292 -1.96 -11.46 -32.87
N VAL D 293 -2.86 -11.22 -33.81
CA VAL D 293 -4.30 -11.34 -33.55
C VAL D 293 -4.75 -12.79 -33.39
N ASN D 294 -3.90 -13.76 -33.76
CA ASN D 294 -4.21 -15.17 -33.61
C ASN D 294 -4.17 -15.64 -32.17
N MET D 295 -3.63 -14.85 -31.25
CA MET D 295 -3.61 -15.17 -29.83
C MET D 295 -4.93 -14.89 -29.14
N LEU D 296 -5.89 -14.29 -29.83
CA LEU D 296 -7.13 -13.88 -29.19
C LEU D 296 -8.09 -15.06 -29.08
N ASP D 297 -8.77 -15.14 -27.95
CA ASP D 297 -9.81 -16.12 -27.72
C ASP D 297 -11.06 -15.74 -28.51
N ILE D 298 -11.98 -16.70 -28.63
CA ILE D 298 -13.23 -16.45 -29.35
C ILE D 298 -14.15 -15.50 -28.58
N GLU D 299 -13.98 -15.36 -27.26
CA GLU D 299 -14.80 -14.42 -26.50
C GLU D 299 -14.43 -12.97 -26.80
N ILE D 300 -13.13 -12.69 -26.93
CA ILE D 300 -12.69 -11.36 -27.33
C ILE D 300 -13.08 -11.06 -28.77
N PHE D 301 -13.01 -12.09 -29.62
CA PHE D 301 -13.43 -11.95 -31.02
C PHE D 301 -14.93 -11.67 -31.11
N THR D 302 -15.70 -12.25 -30.21
CA THR D 302 -17.15 -12.01 -30.19
C THR D 302 -17.48 -10.64 -29.63
N TYR D 303 -16.70 -10.17 -28.65
CA TYR D 303 -16.94 -8.83 -28.10
C TYR D 303 -16.48 -7.73 -29.06
N LEU D 304 -15.52 -8.03 -29.95
CA LEU D 304 -15.05 -7.03 -30.91
C LEU D 304 -16.13 -6.61 -31.89
N ASN D 305 -17.07 -7.52 -32.20
CA ASN D 305 -18.15 -7.22 -33.13
C ASN D 305 -19.05 -6.11 -32.61
N LYS D 306 -19.44 -6.17 -31.33
CA LYS D 306 -20.24 -5.11 -30.75
C LYS D 306 -19.40 -3.93 -30.29
N ALA D 307 -18.09 -4.10 -30.13
CA ALA D 307 -17.24 -2.96 -29.81
C ALA D 307 -16.98 -2.08 -31.01
N LEU D 308 -16.92 -2.65 -32.21
CA LEU D 308 -16.68 -1.85 -33.42
C LEU D 308 -17.91 -1.08 -33.88
N GLU D 309 -19.08 -1.34 -33.30
CA GLU D 309 -20.31 -0.67 -33.69
C GLU D 309 -20.62 0.56 -32.87
N SER D 310 -19.74 0.94 -31.94
CA SER D 310 -19.96 2.13 -31.15
C SER D 310 -19.71 3.39 -31.99
N ASN D 311 -20.21 4.52 -31.49
CA ASN D 311 -20.08 5.78 -32.19
C ASN D 311 -18.75 6.48 -31.96
N ILE D 312 -17.91 5.96 -31.07
CA ILE D 312 -16.68 6.64 -30.70
C ILE D 312 -15.54 5.63 -30.83
N ALA D 313 -15.76 4.62 -31.65
CA ALA D 313 -14.75 3.59 -31.86
C ALA D 313 -13.62 4.12 -32.75
N PRO D 314 -12.37 3.74 -32.47
CA PRO D 314 -11.25 4.18 -33.33
C PRO D 314 -11.06 3.29 -34.55
N VAL D 315 -9.97 3.50 -35.29
CA VAL D 315 -9.62 2.67 -36.41
C VAL D 315 -8.71 1.55 -35.92
N VAL D 316 -9.12 0.29 -36.12
CA VAL D 316 -8.43 -0.87 -35.60
C VAL D 316 -7.64 -1.53 -36.71
N VAL D 317 -6.35 -1.75 -36.48
CA VAL D 317 -5.46 -2.42 -37.42
C VAL D 317 -5.02 -3.73 -36.78
N LEU D 318 -5.15 -4.83 -37.53
CA LEU D 318 -4.79 -6.15 -37.05
C LEU D 318 -3.78 -6.80 -37.98
N ALA D 319 -2.94 -7.68 -37.43
CA ALA D 319 -1.94 -8.41 -38.19
C ALA D 319 -1.91 -9.88 -37.79
N SER D 320 -1.64 -10.75 -38.76
CA SER D 320 -1.61 -12.19 -38.53
C SER D 320 -0.73 -12.84 -39.58
N ASN D 321 0.01 -13.86 -39.17
CA ASN D 321 0.86 -14.62 -40.08
C ASN D 321 0.49 -16.10 -40.16
N ARG D 322 -0.73 -16.44 -39.82
CA ARG D 322 -1.21 -17.81 -39.92
C ARG D 322 -1.99 -18.03 -41.20
N GLY D 323 -2.25 -19.30 -41.51
CA GLY D 323 -3.05 -19.66 -42.66
C GLY D 323 -4.40 -20.22 -42.26
N MET D 324 -4.74 -21.40 -42.75
CA MET D 324 -5.96 -22.10 -42.35
C MET D 324 -5.70 -22.74 -41.00
N THR D 325 -6.01 -22.01 -39.94
CA THR D 325 -5.61 -22.36 -38.58
C THR D 325 -6.85 -22.38 -37.69
N THR D 326 -6.83 -23.26 -36.69
CA THR D 326 -7.94 -23.34 -35.75
C THR D 326 -7.94 -22.13 -34.83
N VAL D 327 -9.12 -21.74 -34.39
CA VAL D 327 -9.27 -20.56 -33.54
C VAL D 327 -9.20 -20.99 -32.09
N ARG D 328 -8.55 -20.17 -31.27
CA ARG D 328 -8.41 -20.47 -29.85
C ARG D 328 -9.76 -20.44 -29.16
N GLY D 329 -9.99 -21.42 -28.29
CA GLY D 329 -11.24 -21.56 -27.59
C GLY D 329 -12.25 -22.43 -28.29
N THR D 330 -11.95 -22.90 -29.49
CA THR D 330 -12.82 -23.80 -30.25
C THR D 330 -12.12 -25.12 -30.48
N GLU D 331 -12.84 -26.05 -31.08
CA GLU D 331 -12.30 -27.35 -31.47
C GLU D 331 -12.39 -27.62 -32.96
N ASP D 332 -13.43 -27.17 -33.63
CA ASP D 332 -13.66 -27.52 -35.02
C ASP D 332 -14.06 -26.31 -35.85
N VAL D 333 -13.37 -25.19 -35.65
CA VAL D 333 -13.53 -24.00 -36.49
C VAL D 333 -12.19 -23.75 -37.15
N ILE D 334 -12.07 -24.11 -38.43
CA ILE D 334 -10.90 -23.82 -39.23
C ILE D 334 -11.25 -22.59 -40.05
N SER D 335 -10.43 -21.54 -39.92
CA SER D 335 -10.72 -20.25 -40.52
C SER D 335 -9.41 -19.61 -40.96
N PRO D 336 -9.43 -18.84 -42.04
CA PRO D 336 -8.19 -18.20 -42.51
C PRO D 336 -7.68 -17.14 -41.55
N HIS D 337 -6.35 -17.09 -41.43
CA HIS D 337 -5.57 -16.19 -40.60
C HIS D 337 -5.87 -16.31 -39.10
N GLY D 338 -6.54 -17.36 -38.67
CA GLY D 338 -6.92 -17.50 -37.28
C GLY D 338 -7.99 -16.54 -36.82
N VAL D 339 -8.75 -15.97 -37.74
CA VAL D 339 -9.77 -14.96 -37.47
C VAL D 339 -11.13 -15.58 -37.78
N PRO D 340 -12.10 -15.51 -36.88
CA PRO D 340 -13.41 -16.15 -37.09
C PRO D 340 -14.17 -15.51 -38.24
N PRO D 341 -15.10 -16.24 -38.87
CA PRO D 341 -15.82 -15.67 -40.03
C PRO D 341 -16.76 -14.51 -39.69
N ASP D 342 -17.12 -14.31 -38.43
CA ASP D 342 -18.00 -13.20 -38.09
C ASP D 342 -17.29 -11.86 -38.14
N LEU D 343 -15.99 -11.82 -37.83
CA LEU D 343 -15.25 -10.58 -37.83
C LEU D 343 -14.54 -10.31 -39.15
N ILE D 344 -14.23 -11.36 -39.92
CA ILE D 344 -13.64 -11.17 -41.24
C ILE D 344 -14.62 -10.60 -42.25
N ASP D 345 -15.93 -10.62 -41.95
CA ASP D 345 -16.89 -9.93 -42.79
C ASP D 345 -16.85 -8.42 -42.58
N ARG D 346 -16.39 -7.96 -41.41
CA ARG D 346 -16.29 -6.56 -41.09
C ARG D 346 -14.92 -5.96 -41.42
N LEU D 347 -14.04 -6.72 -42.06
CA LEU D 347 -12.66 -6.34 -42.25
C LEU D 347 -12.36 -6.09 -43.73
N LEU D 348 -11.32 -5.32 -43.97
CA LEU D 348 -10.72 -5.18 -45.30
C LEU D 348 -9.31 -5.74 -45.22
N ILE D 349 -8.99 -6.68 -46.12
CA ILE D 349 -7.76 -7.44 -46.04
C ILE D 349 -6.76 -6.85 -47.04
N VAL D 350 -5.57 -6.52 -46.55
CA VAL D 350 -4.46 -6.04 -47.36
C VAL D 350 -3.38 -7.10 -47.37
N ARG D 351 -2.97 -7.54 -48.57
CA ARG D 351 -1.96 -8.58 -48.70
C ARG D 351 -0.55 -7.98 -48.66
N THR D 352 0.38 -8.79 -48.19
CA THR D 352 1.78 -8.39 -48.05
C THR D 352 2.65 -9.51 -48.65
N LEU D 353 3.53 -9.16 -49.59
CA LEU D 353 4.22 -10.07 -50.48
C LEU D 353 5.59 -10.49 -49.94
N PRO D 354 6.08 -11.68 -50.32
CA PRO D 354 7.47 -12.03 -50.03
C PRO D 354 8.44 -11.30 -50.95
N TYR D 355 9.71 -11.30 -50.54
CA TYR D 355 10.75 -10.51 -51.19
C TYR D 355 11.58 -11.34 -52.15
N ASP D 356 12.29 -10.64 -53.04
CA ASP D 356 13.24 -11.20 -53.99
C ASP D 356 14.65 -10.96 -53.48
N LYS D 357 15.64 -11.29 -54.32
CA LYS D 357 17.03 -11.23 -53.87
C LYS D 357 17.55 -9.80 -53.80
N ASP D 358 17.23 -8.99 -54.81
CA ASP D 358 17.71 -7.61 -54.84
C ASP D 358 17.04 -6.75 -53.77
N GLU D 359 15.79 -7.05 -53.44
CA GLU D 359 15.12 -6.40 -52.33
C GLU D 359 15.81 -6.72 -51.00
N ILE D 360 16.23 -7.99 -50.84
CA ILE D 360 16.96 -8.41 -49.65
C ILE D 360 18.30 -7.69 -49.56
N ARG D 361 18.99 -7.56 -50.70
CA ARG D 361 20.28 -6.86 -50.74
C ARG D 361 20.13 -5.38 -50.41
N THR D 362 19.07 -4.73 -50.92
CA THR D 362 18.86 -3.32 -50.61
C THR D 362 18.45 -3.11 -49.16
N ILE D 363 17.69 -4.04 -48.58
CA ILE D 363 17.35 -3.98 -47.16
C ILE D 363 18.59 -4.12 -46.29
N ILE D 364 19.49 -5.04 -46.68
CA ILE D 364 20.72 -5.24 -45.92
C ILE D 364 21.62 -4.02 -46.01
N GLU D 365 21.71 -3.38 -47.18
CA GLU D 365 22.51 -2.17 -47.32
C GLU D 365 21.93 -1.01 -46.52
N ARG D 366 20.59 -0.89 -46.48
CA ARG D 366 19.96 0.16 -45.68
C ARG D 366 20.18 -0.06 -44.18
N ARG D 367 20.08 -1.31 -43.74
CA ARG D 367 20.33 -1.60 -42.32
C ARG D 367 21.81 -1.43 -41.98
N ALA D 368 22.70 -1.63 -42.96
CA ALA D 368 24.11 -1.37 -42.73
C ALA D 368 24.39 0.12 -42.60
N THR D 369 23.76 0.94 -43.42
CA THR D 369 24.07 2.36 -43.34
C THR D 369 23.32 3.08 -42.23
N VAL D 370 22.26 2.49 -41.65
CA VAL D 370 21.69 3.14 -40.47
C VAL D 370 22.49 2.76 -39.23
N GLU D 371 23.18 1.62 -39.25
CA GLU D 371 23.97 1.15 -38.13
C GLU D 371 25.42 1.63 -38.18
N ARG D 372 25.75 2.50 -39.14
CA ARG D 372 27.07 3.12 -39.30
C ARG D 372 28.17 2.08 -39.50
N LEU D 373 27.94 1.17 -40.43
CA LEU D 373 28.91 0.15 -40.79
C LEU D 373 29.18 0.20 -42.29
N GLN D 374 30.45 0.01 -42.66
CA GLN D 374 30.85 -0.05 -44.05
C GLN D 374 31.05 -1.52 -44.43
N VAL D 375 30.50 -1.90 -45.57
CA VAL D 375 30.62 -3.26 -46.09
C VAL D 375 31.20 -3.19 -47.50
N GLU D 376 31.95 -4.24 -47.85
CA GLU D 376 32.46 -4.38 -49.20
C GLU D 376 31.38 -4.94 -50.11
N SER D 377 31.68 -5.05 -51.40
CA SER D 377 30.71 -5.57 -52.35
C SER D 377 30.52 -7.06 -52.17
N SER D 378 31.63 -7.82 -52.06
CA SER D 378 31.55 -9.27 -51.97
C SER D 378 30.91 -9.74 -50.68
N ALA D 379 31.15 -9.02 -49.58
CA ALA D 379 30.46 -9.31 -48.33
C ALA D 379 28.97 -9.06 -48.45
N LEU D 380 28.58 -8.04 -49.23
CA LEU D 380 27.17 -7.79 -49.47
C LEU D 380 26.52 -8.89 -50.28
N ASP D 381 27.22 -9.42 -51.30
CA ASP D 381 26.62 -10.52 -52.05
C ASP D 381 26.54 -11.80 -51.23
N LEU D 382 27.53 -12.05 -50.35
CA LEU D 382 27.45 -13.23 -49.50
C LEU D 382 26.34 -13.09 -48.46
N LEU D 383 26.14 -11.88 -47.94
CA LEU D 383 25.04 -11.64 -47.01
C LEU D 383 23.68 -11.78 -47.70
N ALA D 384 23.59 -11.35 -48.96
CA ALA D 384 22.34 -11.52 -49.71
C ALA D 384 22.06 -12.99 -50.01
N THR D 385 23.10 -13.75 -50.36
CA THR D 385 22.93 -15.19 -50.60
C THR D 385 22.56 -15.93 -49.33
N MET D 386 23.15 -15.54 -48.20
CA MET D 386 22.78 -16.09 -46.90
C MET D 386 21.35 -15.74 -46.52
N GLY D 387 20.90 -14.53 -46.85
CA GLY D 387 19.53 -14.14 -46.58
C GLY D 387 18.52 -14.92 -47.41
N THR D 388 18.84 -15.16 -48.69
CA THR D 388 17.97 -15.98 -49.51
C THR D 388 18.01 -17.45 -49.11
N GLU D 389 19.11 -17.92 -48.54
CA GLU D 389 19.20 -19.33 -48.19
C GLU D 389 18.67 -19.65 -46.79
N THR D 390 18.79 -18.74 -45.83
CA THR D 390 18.34 -19.04 -44.47
C THR D 390 17.15 -18.21 -44.04
N SER D 391 17.29 -16.88 -43.98
CA SER D 391 16.28 -15.95 -43.47
C SER D 391 16.77 -14.54 -43.72
N LEU D 392 15.81 -13.62 -43.90
CA LEU D 392 16.17 -12.21 -44.01
C LEU D 392 16.64 -11.65 -42.69
N ARG D 393 16.04 -12.09 -41.58
CA ARG D 393 16.40 -11.58 -40.26
C ARG D 393 17.77 -12.06 -39.82
N TYR D 394 18.23 -13.21 -40.34
CA TYR D 394 19.53 -13.75 -39.97
C TYR D 394 20.68 -12.85 -40.41
N ALA D 395 20.60 -12.32 -41.64
CA ALA D 395 21.66 -11.43 -42.12
C ALA D 395 21.66 -10.10 -41.39
N LEU D 396 20.47 -9.56 -41.11
CA LEU D 396 20.36 -8.31 -40.36
C LEU D 396 20.86 -8.46 -38.93
N GLN D 397 20.67 -9.64 -38.33
CA GLN D 397 21.21 -9.87 -36.99
C GLN D 397 22.69 -10.23 -37.04
N LEU D 398 23.20 -10.69 -38.18
CA LEU D 398 24.62 -10.99 -38.30
C LEU D 398 25.45 -9.79 -38.72
N LEU D 399 24.82 -8.68 -39.08
CA LEU D 399 25.57 -7.49 -39.51
C LEU D 399 26.45 -6.92 -38.40
N ALA D 400 25.96 -6.90 -37.16
CA ALA D 400 26.71 -6.31 -36.05
C ALA D 400 27.85 -7.17 -35.47
N PRO D 401 27.72 -8.50 -35.30
CA PRO D 401 28.93 -9.29 -34.98
C PRO D 401 30.02 -9.23 -36.01
N CYS D 402 29.67 -9.07 -37.29
CA CYS D 402 30.67 -8.83 -38.33
C CYS D 402 31.43 -7.53 -38.07
N GLY D 403 30.71 -6.49 -37.65
CA GLY D 403 31.36 -5.23 -37.33
C GLY D 403 32.28 -5.32 -36.13
N ILE D 404 31.87 -6.10 -35.12
CA ILE D 404 32.72 -6.31 -33.95
C ILE D 404 33.97 -7.10 -34.32
N LEU D 405 33.82 -8.14 -35.13
CA LEU D 405 34.96 -8.93 -35.57
C LEU D 405 35.91 -8.13 -36.48
N ALA D 406 35.37 -7.18 -37.25
CA ALA D 406 36.23 -6.30 -38.02
C ALA D 406 36.92 -5.26 -37.16
N GLN D 407 36.26 -4.83 -36.08
CA GLN D 407 36.86 -3.85 -35.18
C GLN D 407 37.98 -4.48 -34.35
N THR D 408 37.88 -5.79 -34.07
CA THR D 408 38.93 -6.49 -33.35
C THR D 408 40.25 -6.52 -34.12
N SER D 409 40.20 -6.77 -35.43
CA SER D 409 41.40 -6.87 -36.26
C SER D 409 41.83 -5.53 -36.84
N ASN D 410 41.36 -4.42 -36.26
CA ASN D 410 41.75 -3.05 -36.63
C ASN D 410 41.42 -2.72 -38.09
N ARG D 411 40.14 -2.85 -38.44
CA ARG D 411 39.67 -2.52 -39.77
C ARG D 411 38.36 -1.75 -39.66
N LYS D 412 38.08 -0.94 -40.69
CA LYS D 412 36.90 -0.10 -40.72
C LYS D 412 35.84 -0.62 -41.69
N GLU D 413 36.08 -1.77 -42.31
CA GLU D 413 35.15 -2.33 -43.28
C GLU D 413 34.96 -3.81 -42.99
N ILE D 414 33.82 -4.35 -43.42
CA ILE D 414 33.50 -5.76 -43.22
C ILE D 414 33.92 -6.52 -44.47
N VAL D 415 34.77 -7.52 -44.28
CA VAL D 415 35.42 -8.25 -45.36
C VAL D 415 34.80 -9.64 -45.31
N VAL D 416 35.00 -10.46 -46.35
CA VAL D 416 34.42 -11.80 -46.46
C VAL D 416 34.82 -12.69 -45.29
N ASN D 417 36.04 -12.52 -44.77
CA ASN D 417 36.52 -13.33 -43.66
C ASN D 417 35.73 -13.06 -42.38
N ASP D 418 35.33 -11.80 -42.17
CA ASP D 418 34.49 -11.46 -41.02
C ASP D 418 33.11 -12.11 -41.12
N VAL D 419 32.55 -12.15 -42.33
CA VAL D 419 31.25 -12.77 -42.55
C VAL D 419 31.33 -14.27 -42.33
N ASN D 420 32.41 -14.90 -42.82
CA ASN D 420 32.60 -16.34 -42.62
C ASN D 420 32.81 -16.68 -41.15
N GLU D 421 33.56 -15.83 -40.43
CA GLU D 421 33.78 -16.06 -38.99
C GLU D 421 32.49 -15.92 -38.20
N ALA D 422 31.67 -14.91 -38.54
CA ALA D 422 30.40 -14.73 -37.84
C ALA D 422 29.42 -15.85 -38.17
N LYS D 423 29.46 -16.37 -39.40
CA LYS D 423 28.64 -17.52 -39.75
C LYS D 423 29.11 -18.79 -39.04
N LEU D 424 30.42 -18.89 -38.78
CA LEU D 424 30.92 -20.05 -38.03
C LEU D 424 30.54 -19.98 -36.56
N LEU D 425 30.57 -18.78 -35.96
CA LEU D 425 30.29 -18.68 -34.53
C LEU D 425 28.81 -18.79 -34.21
N PHE D 426 27.95 -18.25 -35.06
CA PHE D 426 26.52 -18.18 -34.81
C PHE D 426 25.76 -18.97 -35.87
N LEU D 427 24.75 -19.71 -35.43
CA LEU D 427 23.96 -20.56 -36.30
C LEU D 427 22.57 -20.00 -36.48
N ASP D 428 21.84 -20.59 -37.42
CA ASP D 428 20.45 -20.30 -37.68
C ASP D 428 19.59 -21.45 -37.18
N ALA D 429 18.29 -21.37 -37.46
CA ALA D 429 17.37 -22.39 -36.99
C ALA D 429 17.56 -23.72 -37.72
N LYS D 430 17.93 -23.67 -38.99
CA LYS D 430 18.04 -24.89 -39.79
C LYS D 430 19.23 -25.74 -39.36
N ARG D 431 20.40 -25.11 -39.18
CA ARG D 431 21.58 -25.86 -38.77
C ARG D 431 21.46 -26.35 -37.33
N SER D 432 20.81 -25.57 -36.47
CA SER D 432 20.57 -26.00 -35.10
C SER D 432 19.60 -27.18 -35.06
N THR D 433 18.59 -27.18 -35.92
CA THR D 433 17.68 -28.32 -36.02
C THR D 433 18.42 -29.54 -36.57
N LYS D 434 19.36 -29.33 -37.50
CA LYS D 434 20.16 -30.43 -38.03
C LYS D 434 21.05 -31.05 -36.94
N ILE D 435 21.63 -30.22 -36.07
CA ILE D 435 22.39 -30.73 -34.94
C ILE D 435 21.47 -31.45 -33.96
N LEU D 436 20.25 -30.94 -33.82
CA LEU D 436 19.26 -31.52 -32.91
C LEU D 436 18.82 -32.91 -33.36
N GLU D 437 18.65 -33.12 -34.66
CA GLU D 437 18.13 -34.39 -35.16
C GLU D 437 19.17 -35.49 -35.08
N THR D 438 20.42 -35.20 -35.43
CA THR D 438 21.50 -36.18 -35.37
C THR D 438 22.28 -36.05 -34.07
N SER D 439 21.58 -36.28 -32.96
CA SER D 439 22.17 -36.14 -31.63
C SER D 439 21.62 -37.23 -30.73
N ALA D 440 22.36 -37.48 -29.65
CA ALA D 440 22.05 -38.61 -28.77
C ALA D 440 21.16 -38.21 -27.60
N ASN D 441 21.59 -37.25 -26.78
CA ASN D 441 20.92 -36.92 -25.52
C ASN D 441 20.66 -35.42 -25.43
N TYR D 442 19.54 -34.98 -26.01
CA TYR D 442 19.01 -33.61 -25.91
C TYR D 442 20.03 -32.58 -26.41
N LEU D 443 20.27 -32.62 -27.72
CA LEU D 443 21.44 -32.04 -28.40
C LEU D 443 22.70 -32.64 -27.77
N LYS E 1 31.11 -8.12 3.48
CA LYS E 1 30.21 -7.78 2.38
C LYS E 1 29.96 -8.98 1.49
N SER E 2 28.69 -9.15 1.10
CA SER E 2 28.23 -10.20 0.18
C SER E 2 28.57 -11.60 0.70
N LEU E 3 27.90 -11.94 1.81
CA LEU E 3 28.13 -13.23 2.47
C LEU E 3 27.72 -14.39 1.56
N SER E 4 28.54 -15.44 1.58
CA SER E 4 28.45 -16.53 0.63
C SER E 4 29.26 -17.71 1.13
N LEU E 5 28.72 -18.93 1.04
CA LEU E 5 29.49 -20.06 1.58
C LEU E 5 30.50 -20.59 0.57
N ILE E 6 30.01 -21.29 -0.47
CA ILE E 6 30.62 -21.85 -1.69
C ILE E 6 29.46 -22.19 -2.63
N ALA E 7 29.53 -21.73 -3.87
CA ALA E 7 28.52 -22.04 -4.88
C ALA E 7 29.13 -22.94 -5.95
N ALA E 8 28.27 -23.42 -6.85
CA ALA E 8 28.73 -24.29 -7.92
C ALA E 8 29.49 -23.53 -9.00
N HIS E 9 29.20 -22.24 -9.19
CA HIS E 9 29.86 -21.41 -10.19
C HIS E 9 30.80 -20.40 -9.55
N SER E 10 31.28 -20.71 -8.34
CA SER E 10 32.06 -19.74 -7.57
C SER E 10 33.48 -19.58 -8.10
N HIS E 11 33.94 -20.48 -8.96
CA HIS E 11 35.28 -20.38 -9.53
C HIS E 11 35.34 -19.56 -10.81
N ILE E 12 34.21 -19.15 -11.36
CA ILE E 12 34.18 -18.43 -12.62
C ILE E 12 34.19 -16.93 -12.31
N THR E 13 35.26 -16.26 -12.71
CA THR E 13 35.41 -14.82 -12.52
C THR E 13 35.24 -14.06 -13.82
N GLY E 14 34.97 -14.74 -14.92
CA GLY E 14 34.77 -14.08 -16.20
C GLY E 14 35.15 -14.99 -17.34
N LEU E 15 35.12 -14.42 -18.53
CA LEU E 15 35.56 -15.10 -19.74
C LEU E 15 37.06 -14.88 -19.91
N GLY E 16 37.80 -15.94 -20.13
CA GLY E 16 39.22 -15.79 -20.34
C GLY E 16 39.54 -15.45 -21.78
N LEU E 17 39.79 -14.19 -22.06
CA LEU E 17 39.95 -13.71 -23.43
C LEU E 17 41.15 -12.79 -23.51
N ASP E 18 41.77 -12.77 -24.69
CA ASP E 18 42.90 -11.88 -24.95
C ASP E 18 42.36 -10.53 -25.43
N GLU E 19 43.27 -9.65 -25.86
CA GLU E 19 42.84 -8.36 -26.41
C GLU E 19 42.25 -8.50 -27.81
N ASN E 20 42.52 -9.61 -28.49
CA ASN E 20 41.96 -9.88 -29.80
C ASN E 20 40.75 -10.81 -29.73
N LEU E 21 40.13 -10.92 -28.54
CA LEU E 21 38.96 -11.75 -28.29
C LEU E 21 39.20 -13.22 -28.64
N GLN E 22 40.34 -13.73 -28.18
CA GLN E 22 40.67 -15.14 -28.37
C GLN E 22 40.73 -15.86 -27.04
N PRO E 23 40.15 -17.06 -26.93
CA PRO E 23 40.05 -17.72 -25.63
C PRO E 23 41.33 -18.47 -25.27
N ARG E 24 41.81 -18.25 -24.06
CA ARG E 24 42.90 -19.05 -23.52
C ARG E 24 42.37 -20.45 -23.16
N PRO E 25 43.24 -21.47 -23.17
CA PRO E 25 42.78 -22.82 -22.78
C PRO E 25 42.27 -22.92 -21.35
N THR E 26 42.89 -22.21 -20.41
CA THR E 26 42.35 -22.07 -19.07
C THR E 26 42.69 -20.68 -18.54
N SER E 27 41.65 -19.92 -18.22
CA SER E 27 41.76 -18.56 -17.72
C SER E 27 40.46 -18.18 -17.04
N GLU E 28 40.58 -17.52 -15.88
CA GLU E 28 39.45 -16.97 -15.11
C GLU E 28 38.44 -18.04 -14.71
N GLY E 29 38.91 -19.26 -14.48
CA GLY E 29 38.05 -20.34 -14.05
C GLY E 29 37.31 -21.08 -15.14
N MET E 30 37.57 -20.78 -16.41
CA MET E 30 36.87 -21.42 -17.51
C MET E 30 37.86 -22.21 -18.35
N VAL E 31 37.57 -23.50 -18.55
CA VAL E 31 38.37 -24.34 -19.42
C VAL E 31 37.49 -24.79 -20.58
N GLY E 32 38.12 -25.06 -21.72
CA GLY E 32 37.45 -25.55 -22.91
C GLY E 32 36.47 -24.55 -23.49
N GLN E 33 35.66 -25.08 -24.43
CA GLN E 33 34.54 -24.38 -25.06
C GLN E 33 34.98 -23.06 -25.72
N LEU E 34 35.89 -23.20 -26.68
CA LEU E 34 36.58 -22.03 -27.24
C LEU E 34 35.64 -21.20 -28.12
N GLN E 35 34.88 -21.86 -28.98
CA GLN E 35 33.99 -21.14 -29.89
C GLN E 35 32.83 -20.48 -29.15
N ALA E 36 32.30 -21.17 -28.13
CA ALA E 36 31.22 -20.60 -27.32
C ALA E 36 31.71 -19.39 -26.52
N ARG E 37 32.94 -19.45 -26.01
CA ARG E 37 33.51 -18.33 -25.28
C ARG E 37 33.80 -17.15 -26.20
N ARG E 38 34.23 -17.43 -27.43
CA ARG E 38 34.44 -16.37 -28.41
C ARG E 38 33.12 -15.68 -28.78
N ALA E 39 32.06 -16.46 -28.97
CA ALA E 39 30.75 -15.89 -29.28
C ALA E 39 30.21 -15.07 -28.11
N ALA E 40 30.40 -15.55 -26.89
CA ALA E 40 29.99 -14.79 -25.71
C ALA E 40 30.82 -13.53 -25.54
N GLY E 41 32.08 -13.55 -25.94
CA GLY E 41 32.89 -12.33 -25.92
C GLY E 41 32.44 -11.30 -26.93
N VAL E 42 32.02 -11.75 -28.12
CA VAL E 42 31.44 -10.84 -29.11
C VAL E 42 30.13 -10.25 -28.60
N ILE E 43 29.31 -11.06 -27.93
CA ILE E 43 28.07 -10.56 -27.31
C ILE E 43 28.38 -9.57 -26.19
N LEU E 44 29.46 -9.80 -25.45
CA LEU E 44 29.87 -8.89 -24.39
C LEU E 44 30.33 -7.54 -24.94
N LYS E 45 31.08 -7.56 -26.04
CA LYS E 45 31.48 -6.30 -26.68
C LYS E 45 30.26 -5.58 -27.27
N MET E 46 29.29 -6.35 -27.74
CA MET E 46 28.02 -5.81 -28.23
C MET E 46 27.24 -5.12 -27.12
N VAL E 47 27.24 -5.69 -25.92
CA VAL E 47 26.61 -5.05 -24.76
C VAL E 47 27.38 -3.80 -24.35
N GLN E 48 28.71 -3.87 -24.35
CA GLN E 48 29.54 -2.76 -23.89
C GLN E 48 29.49 -1.56 -24.83
N ASN E 49 29.31 -1.80 -26.14
CA ASN E 49 29.18 -0.68 -27.07
C ASN E 49 27.85 0.05 -26.88
N GLY E 50 26.76 -0.70 -26.68
CA GLY E 50 25.50 -0.12 -26.32
C GLY E 50 24.74 0.60 -27.42
N THR E 51 25.15 0.42 -28.68
CA THR E 51 24.50 1.11 -29.79
C THR E 51 23.37 0.33 -30.44
N ILE E 52 23.19 -0.94 -30.08
CA ILE E 52 22.11 -1.75 -30.61
C ILE E 52 21.21 -2.20 -29.46
N ALA E 53 19.95 -2.48 -29.79
CA ALA E 53 18.96 -2.79 -28.77
C ALA E 53 18.12 -3.98 -29.18
N GLY E 54 17.73 -4.78 -28.18
CA GLY E 54 16.73 -5.81 -28.34
C GLY E 54 17.08 -6.97 -29.26
N ARG E 55 18.27 -7.53 -29.10
CA ARG E 55 18.68 -8.68 -29.89
C ARG E 55 18.74 -9.91 -28.99
N ALA E 56 18.15 -11.01 -29.47
CA ALA E 56 18.04 -12.23 -28.70
C ALA E 56 19.11 -13.23 -29.10
N VAL E 57 19.75 -13.82 -28.11
CA VAL E 57 20.81 -14.81 -28.30
C VAL E 57 20.45 -16.07 -27.52
N LEU E 58 20.45 -17.20 -28.21
CA LEU E 58 20.08 -18.48 -27.62
C LEU E 58 21.32 -19.33 -27.42
N VAL E 59 21.49 -19.86 -26.20
CA VAL E 59 22.57 -20.79 -25.90
C VAL E 59 21.94 -22.16 -25.71
N ALA E 60 22.27 -23.09 -26.59
CA ALA E 60 21.65 -24.41 -26.61
C ALA E 60 22.72 -25.48 -26.67
N GLY E 61 22.46 -26.60 -26.00
CA GLY E 61 23.39 -27.71 -25.97
C GLY E 61 22.92 -28.84 -25.09
N PRO E 62 23.75 -29.86 -24.93
CA PRO E 62 23.42 -30.97 -24.04
C PRO E 62 23.50 -30.53 -22.58
N PRO E 63 22.85 -31.25 -21.67
CA PRO E 63 22.95 -30.89 -20.26
C PRO E 63 24.34 -31.10 -19.69
N SER E 64 24.66 -30.27 -18.67
CA SER E 64 25.96 -30.22 -17.98
C SER E 64 27.11 -29.92 -18.94
N THR E 65 26.87 -29.01 -19.89
CA THR E 65 27.94 -28.51 -20.78
C THR E 65 27.89 -26.98 -20.77
N GLY E 66 28.47 -26.38 -19.73
CA GLY E 66 28.81 -24.97 -19.61
C GLY E 66 27.93 -23.86 -20.15
N LYS E 67 26.62 -23.89 -19.91
CA LYS E 67 25.74 -22.83 -20.39
C LYS E 67 25.52 -21.76 -19.34
N THR E 68 25.11 -22.18 -18.13
CA THR E 68 24.99 -21.27 -17.00
C THR E 68 26.37 -20.74 -16.61
N ALA E 69 27.42 -21.54 -16.85
CA ALA E 69 28.79 -21.07 -16.69
C ALA E 69 29.12 -19.93 -17.65
N LEU E 70 28.66 -20.02 -18.91
CA LEU E 70 28.86 -18.93 -19.86
C LEU E 70 28.11 -17.67 -19.45
N ALA E 71 26.87 -17.84 -18.95
CA ALA E 71 26.10 -16.70 -18.45
C ALA E 71 26.78 -16.05 -17.25
N MET E 72 27.35 -16.86 -16.36
CA MET E 72 28.06 -16.32 -15.21
C MET E 72 29.34 -15.60 -15.63
N GLY E 73 30.02 -16.12 -16.66
CA GLY E 73 31.19 -15.44 -17.18
C GLY E 73 30.87 -14.09 -17.79
N VAL E 74 29.75 -14.00 -18.52
CA VAL E 74 29.30 -12.72 -19.07
C VAL E 74 28.93 -11.75 -17.94
N SER E 75 28.23 -12.25 -16.91
CA SER E 75 27.80 -11.40 -15.80
C SER E 75 28.98 -10.89 -14.99
N GLN E 76 30.01 -11.72 -14.82
CA GLN E 76 31.20 -11.26 -14.09
C GLN E 76 32.06 -10.35 -14.95
N SER E 77 32.08 -10.54 -16.26
CA SER E 77 32.85 -9.66 -17.13
C SER E 77 32.20 -8.29 -17.27
N LEU E 78 30.88 -8.20 -17.08
CA LEU E 78 30.24 -6.89 -17.12
C LEU E 78 30.60 -6.05 -15.90
N GLY E 79 30.70 -6.69 -14.74
CA GLY E 79 30.98 -5.97 -13.52
C GLY E 79 29.76 -5.25 -12.97
N LYS E 80 30.02 -4.33 -12.05
CA LYS E 80 28.97 -3.55 -11.43
C LYS E 80 28.57 -2.38 -12.34
N ASP E 81 27.53 -1.66 -11.92
CA ASP E 81 26.92 -0.50 -12.57
C ASP E 81 26.37 -0.80 -13.95
N VAL E 82 26.14 -2.06 -14.29
CA VAL E 82 25.47 -2.45 -15.52
C VAL E 82 24.44 -3.51 -15.13
N PRO E 83 23.16 -3.35 -15.49
CA PRO E 83 22.13 -4.25 -14.97
C PRO E 83 22.22 -5.65 -15.58
N PHE E 84 22.12 -6.64 -14.71
CA PHE E 84 22.06 -8.05 -15.10
C PHE E 84 20.89 -8.68 -14.35
N THR E 85 19.87 -9.10 -15.08
CA THR E 85 18.69 -9.71 -14.52
C THR E 85 18.64 -11.18 -14.91
N ALA E 86 18.50 -12.05 -13.92
CA ALA E 86 18.46 -13.49 -14.15
C ALA E 86 17.15 -14.03 -13.60
N ILE E 87 16.29 -14.52 -14.49
CA ILE E 87 15.03 -15.14 -14.10
C ILE E 87 14.98 -16.54 -14.68
N ALA E 88 14.18 -17.39 -14.05
CA ALA E 88 13.85 -18.69 -14.59
C ALA E 88 12.52 -18.61 -15.34
N GLY E 89 12.21 -19.67 -16.08
CA GLY E 89 10.97 -19.70 -16.84
C GLY E 89 9.73 -19.86 -16.00
N SER E 90 9.86 -20.37 -14.78
CA SER E 90 8.71 -20.58 -13.91
C SER E 90 8.46 -19.41 -12.98
N GLU E 91 9.21 -18.33 -13.09
CA GLU E 91 9.07 -17.20 -12.17
C GLU E 91 8.01 -16.20 -12.60
N ILE E 92 7.42 -16.36 -13.79
CA ILE E 92 6.45 -15.38 -14.28
C ILE E 92 5.01 -15.87 -14.19
N PHE E 93 4.80 -17.12 -13.77
CA PHE E 93 3.45 -17.66 -13.61
C PHE E 93 2.96 -17.28 -12.22
N SER E 94 2.49 -16.05 -12.10
CA SER E 94 2.12 -15.44 -10.83
C SER E 94 0.60 -15.41 -10.66
N LEU E 95 0.19 -15.10 -9.43
CA LEU E 95 -1.22 -15.04 -9.07
C LEU E 95 -1.75 -13.61 -8.99
N GLU E 96 -0.87 -12.62 -8.92
CA GLU E 96 -1.27 -11.23 -8.88
C GLU E 96 -0.76 -10.40 -10.03
N LEU E 97 0.04 -10.98 -10.93
CA LEU E 97 0.50 -10.30 -12.13
C LEU E 97 0.26 -11.20 -13.33
N SER E 98 -0.07 -10.59 -14.46
CA SER E 98 -0.18 -11.36 -15.69
C SER E 98 1.21 -11.69 -16.23
N LYS E 99 1.25 -12.61 -17.19
CA LYS E 99 2.52 -13.10 -17.72
C LYS E 99 3.25 -12.03 -18.52
N THR E 100 2.51 -11.29 -19.35
CA THR E 100 3.11 -10.21 -20.12
C THR E 100 3.56 -9.05 -19.25
N GLU E 101 2.84 -8.78 -18.15
CA GLU E 101 3.24 -7.72 -17.24
C GLU E 101 4.51 -8.09 -16.49
N ALA E 102 4.63 -9.36 -16.07
CA ALA E 102 5.84 -9.83 -15.41
C ALA E 102 7.04 -9.82 -16.35
N LEU E 103 6.81 -10.20 -17.62
CA LEU E 103 7.87 -10.12 -18.61
C LEU E 103 8.28 -8.67 -18.89
N THR E 104 7.31 -7.75 -18.89
CA THR E 104 7.63 -6.33 -19.09
C THR E 104 8.45 -5.78 -17.93
N GLN E 105 8.11 -6.17 -16.70
CA GLN E 105 8.90 -5.74 -15.54
C GLN E 105 10.32 -6.30 -15.59
N ALA E 106 10.46 -7.57 -16.02
CA ALA E 106 11.79 -8.16 -16.16
C ALA E 106 12.60 -7.49 -17.27
N PHE E 107 11.93 -7.09 -18.36
CA PHE E 107 12.59 -6.36 -19.43
C PHE E 107 13.07 -4.99 -18.96
N ARG E 108 12.23 -4.29 -18.18
CA ARG E 108 12.55 -2.93 -17.76
C ARG E 108 13.44 -2.87 -16.54
N LYS E 109 13.69 -3.99 -15.85
CA LYS E 109 14.71 -4.01 -14.81
C LYS E 109 16.13 -4.03 -15.37
N SER E 110 16.28 -4.26 -16.67
CA SER E 110 17.59 -4.45 -17.29
C SER E 110 18.09 -3.23 -18.05
N ILE E 111 17.43 -2.09 -17.91
CA ILE E 111 17.86 -0.84 -18.53
C ILE E 111 18.03 0.20 -17.44
N GLY E 112 19.20 0.83 -17.41
CA GLY E 112 19.49 1.79 -16.36
C GLY E 112 19.71 3.21 -16.85
N ILE E 113 19.57 4.18 -15.96
CA ILE E 113 19.78 5.59 -16.26
C ILE E 113 20.84 6.11 -15.29
N LYS E 114 21.89 6.71 -15.84
CA LYS E 114 23.04 7.14 -15.05
C LYS E 114 22.99 8.65 -14.84
N ILE E 115 22.90 9.07 -13.58
CA ILE E 115 22.79 10.47 -13.19
C ILE E 115 23.92 10.80 -12.22
N LYS E 116 24.65 11.87 -12.50
CA LYS E 116 25.75 12.33 -11.65
C LYS E 116 25.34 13.63 -10.97
N GLU E 117 25.45 13.67 -9.65
CA GLU E 117 25.10 14.86 -8.89
C GLU E 117 26.12 15.10 -7.78
N GLU E 118 26.24 16.35 -7.37
CA GLU E 118 27.17 16.78 -6.33
C GLU E 118 26.40 17.32 -5.14
N THR E 119 26.81 16.89 -3.94
CA THR E 119 26.23 17.36 -2.69
C THR E 119 27.37 17.67 -1.73
N GLU E 120 27.19 18.73 -0.95
CA GLU E 120 28.21 19.22 -0.02
C GLU E 120 27.96 18.63 1.36
N LEU E 121 29.00 18.01 1.94
CA LEU E 121 28.89 17.39 3.26
C LEU E 121 30.04 17.81 4.15
N ILE E 122 29.81 17.73 5.46
CA ILE E 122 30.80 18.04 6.48
C ILE E 122 31.03 16.78 7.31
N GLU E 123 32.29 16.36 7.40
CA GLU E 123 32.65 15.19 8.21
C GLU E 123 33.90 15.49 9.03
N GLY E 124 33.85 15.11 10.31
CA GLY E 124 34.97 15.39 11.18
C GLY E 124 34.72 14.87 12.58
N GLU E 125 35.67 15.17 13.47
CA GLU E 125 35.66 14.71 14.85
C GLU E 125 35.21 15.82 15.78
N VAL E 126 34.22 15.52 16.63
CA VAL E 126 33.66 16.49 17.55
C VAL E 126 34.61 16.69 18.73
N VAL E 127 34.96 17.95 18.99
CA VAL E 127 35.86 18.30 20.08
C VAL E 127 35.10 18.76 21.32
N GLU E 128 34.16 19.69 21.17
CA GLU E 128 33.43 20.22 22.31
C GLU E 128 32.09 20.75 21.85
N ILE E 129 31.04 20.41 22.60
CA ILE E 129 29.67 20.85 22.31
C ILE E 129 29.17 21.61 23.53
N GLN E 130 28.88 22.89 23.35
CA GLN E 130 28.25 23.72 24.38
C GLN E 130 26.86 24.10 23.93
N ILE E 131 25.87 23.83 24.77
CA ILE E 131 24.48 24.16 24.48
C ILE E 131 23.88 24.81 25.71
N ASP E 132 23.35 26.03 25.55
CA ASP E 132 22.71 26.77 26.62
C ASP E 132 21.20 26.81 26.40
N ARG E 133 20.44 26.52 27.45
CA ARG E 133 18.99 26.50 27.37
C ARG E 133 18.42 27.51 28.36
N SER E 134 17.19 27.96 28.09
CA SER E 134 16.51 28.90 28.95
C SER E 134 15.69 28.14 29.99
N ILE E 135 14.85 28.86 30.74
CA ILE E 135 14.00 28.23 31.75
C ILE E 135 12.91 27.40 31.09
N THR E 136 12.25 27.95 30.07
CA THR E 136 11.20 27.23 29.36
C THR E 136 11.71 26.49 28.13
N GLY E 137 12.97 26.70 27.74
CA GLY E 137 13.51 26.03 26.57
C GLY E 137 12.99 26.55 25.25
N GLY E 138 12.48 27.79 25.22
CA GLY E 138 11.96 28.33 23.97
C GLY E 138 13.05 28.66 22.97
N HIS E 139 14.13 29.28 23.43
CA HIS E 139 15.25 29.65 22.59
C HIS E 139 16.52 29.01 23.14
N LYS E 140 17.28 28.36 22.25
CA LYS E 140 18.51 27.67 22.60
C LYS E 140 19.67 28.20 21.76
N GLN E 141 20.80 28.46 22.42
CA GLN E 141 22.01 28.90 21.75
C GLN E 141 23.09 27.84 21.95
N GLY E 142 23.99 27.74 20.98
CA GLY E 142 25.00 26.70 21.05
C GLY E 142 26.23 26.99 20.22
N LYS E 143 27.31 26.31 20.58
CA LYS E 143 28.54 26.31 19.81
C LYS E 143 29.02 24.88 19.61
N LEU E 144 29.69 24.63 18.50
CA LEU E 144 30.22 23.32 18.17
C LEU E 144 31.66 23.48 17.69
N THR E 145 32.58 22.78 18.34
CA THR E 145 33.98 22.75 17.93
C THR E 145 34.26 21.40 17.29
N ILE E 146 34.69 21.43 16.03
CA ILE E 146 34.91 20.23 15.24
C ILE E 146 36.25 20.37 14.54
N LYS E 147 36.85 19.24 14.18
CA LYS E 147 38.20 19.27 13.64
C LYS E 147 38.44 18.07 12.74
N THR E 148 39.43 18.23 11.86
CA THR E 148 40.05 17.16 11.10
C THR E 148 41.52 17.11 11.49
N THR E 149 42.29 16.31 10.75
CA THR E 149 43.73 16.25 10.99
C THR E 149 44.47 17.46 10.45
N ASP E 150 43.82 18.29 9.64
CA ASP E 150 44.47 19.46 9.05
C ASP E 150 43.91 20.79 9.52
N MET E 151 42.71 20.83 10.08
CA MET E 151 42.11 22.09 10.47
C MET E 151 41.16 21.89 11.64
N GLU E 152 40.88 22.98 12.35
CA GLU E 152 39.93 23.02 13.45
C GLU E 152 39.05 24.26 13.29
N THR E 153 37.78 24.14 13.65
CA THR E 153 36.87 25.27 13.55
C THR E 153 35.89 25.27 14.70
N ILE E 154 35.21 26.40 14.85
CA ILE E 154 34.10 26.55 15.79
C ILE E 154 32.90 27.12 15.03
N TYR E 155 31.72 26.58 15.31
CA TYR E 155 30.50 26.92 14.61
C TYR E 155 29.44 27.41 15.59
N GLU E 156 28.80 28.53 15.26
CA GLU E 156 27.61 28.97 15.96
C GLU E 156 26.40 28.26 15.38
N LEU E 157 25.59 27.67 16.24
CA LEU E 157 24.49 26.81 15.81
C LEU E 157 23.15 27.50 15.95
N GLY E 158 22.19 27.07 15.13
CA GLY E 158 20.82 27.49 15.28
C GLY E 158 20.00 26.50 16.06
N ASN E 159 18.68 26.76 16.11
CA ASN E 159 17.79 25.98 16.96
C ASN E 159 17.58 24.57 16.43
N LYS E 160 17.37 24.45 15.12
CA LYS E 160 17.03 23.14 14.55
C LYS E 160 18.24 22.23 14.48
N MET E 161 19.43 22.79 14.30
CA MET E 161 20.64 21.98 14.38
C MET E 161 20.92 21.55 15.82
N ILE E 162 20.57 22.39 16.79
CA ILE E 162 20.66 22.01 18.20
C ILE E 162 19.71 20.86 18.50
N ASP E 163 18.50 20.91 17.95
CA ASP E 163 17.53 19.82 18.13
C ASP E 163 17.97 18.55 17.40
N GLY E 164 18.67 18.71 16.26
CA GLY E 164 19.19 17.55 15.55
C GLY E 164 20.48 17.00 16.11
N LEU E 165 21.14 17.74 17.00
CA LEU E 165 22.28 17.24 17.75
C LEU E 165 21.88 16.61 19.07
N THR E 166 20.82 17.11 19.71
CA THR E 166 20.31 16.50 20.93
C THR E 166 19.71 15.13 20.65
N LYS E 167 18.80 15.06 19.67
CA LYS E 167 18.45 13.79 19.06
C LYS E 167 19.67 13.25 18.33
N GLU E 168 19.86 11.93 18.36
CA GLU E 168 21.06 11.22 17.93
C GLU E 168 22.22 11.78 18.76
N LYS E 169 22.27 11.31 20.01
CA LYS E 169 23.10 11.89 21.06
C LYS E 169 24.58 11.89 20.70
N VAL E 170 25.12 13.10 20.50
CA VAL E 170 26.50 13.27 20.07
C VAL E 170 27.28 13.77 21.28
N LEU E 171 28.31 13.03 21.66
CA LEU E 171 29.26 13.47 22.67
C LEU E 171 30.57 13.86 22.00
N ALA E 172 31.51 14.32 22.80
CA ALA E 172 32.82 14.68 22.29
C ALA E 172 33.60 13.42 21.95
N GLY E 173 34.40 13.49 20.89
CA GLY E 173 35.14 12.34 20.42
C GLY E 173 34.39 11.42 19.50
N ASP E 174 33.25 11.84 18.97
CA ASP E 174 32.51 11.07 17.98
C ASP E 174 32.76 11.66 16.60
N VAL E 175 32.87 10.78 15.61
CA VAL E 175 33.05 11.19 14.22
C VAL E 175 31.68 11.18 13.55
N ILE E 176 31.25 12.35 13.08
CA ILE E 176 29.91 12.51 12.54
C ILE E 176 29.99 13.09 11.13
N SER E 177 28.92 12.88 10.37
CA SER E 177 28.77 13.45 9.03
C SER E 177 27.47 14.25 8.99
N ILE E 178 27.55 15.51 8.53
CA ILE E 178 26.43 16.44 8.56
C ILE E 178 26.10 16.83 7.12
N ASP E 179 24.83 16.71 6.75
CA ASP E 179 24.31 17.24 5.49
C ASP E 179 23.47 18.47 5.82
N LYS E 180 23.87 19.62 5.28
CA LYS E 180 23.22 20.87 5.67
C LYS E 180 21.84 21.00 5.05
N ALA E 181 21.69 20.62 3.78
CA ALA E 181 20.46 20.90 3.06
C ALA E 181 19.31 19.98 3.51
N SER E 182 19.62 18.81 4.04
CA SER E 182 18.59 17.88 4.49
C SER E 182 18.53 17.76 6.01
N GLY E 183 19.54 18.23 6.73
CA GLY E 183 19.57 18.11 8.17
C GLY E 183 19.85 16.72 8.69
N LYS E 184 20.44 15.86 7.88
CA LYS E 184 20.68 14.47 8.25
C LYS E 184 22.08 14.34 8.83
N ILE E 185 22.17 13.83 10.05
CA ILE E 185 23.45 13.64 10.72
C ILE E 185 23.61 12.16 11.05
N THR E 186 24.71 11.56 10.59
CA THR E 186 25.00 10.15 10.84
C THR E 186 26.29 10.05 11.63
N LYS E 187 26.26 9.23 12.69
CA LYS E 187 27.46 8.94 13.47
C LYS E 187 28.24 7.85 12.77
N LEU E 188 29.42 8.19 12.27
CA LEU E 188 30.28 7.18 11.67
C LEU E 188 30.87 6.24 12.71
N GLY E 189 31.11 6.74 13.90
CA GLY E 189 31.67 5.93 14.98
C GLY E 189 32.45 6.81 15.95
N ARG E 190 33.28 6.15 16.76
CA ARG E 190 34.16 6.82 17.70
C ARG E 190 35.58 6.78 17.17
N SER E 191 36.38 7.75 17.57
CA SER E 191 37.74 7.86 17.05
C SER E 191 38.68 7.05 17.94
N PHE E 192 39.99 7.19 17.69
CA PHE E 192 41.00 6.41 18.42
C PHE E 192 41.28 7.09 19.75
N ALA E 193 40.37 6.87 20.71
CA ALA E 193 40.57 7.25 22.10
C ALA E 193 39.82 6.22 22.95
N ARG E 194 40.55 5.19 23.40
CA ARG E 194 39.91 4.09 24.10
C ARG E 194 39.52 4.49 25.52
N SER E 195 40.41 5.20 26.22
CA SER E 195 40.23 5.66 27.61
C SER E 195 39.90 4.54 28.59
N ARG E 206 31.85 1.65 17.48
CA ARG E 206 32.90 1.11 16.62
C ARG E 206 33.96 2.18 16.40
N PHE E 207 35.17 1.77 16.06
CA PHE E 207 36.33 2.65 16.04
C PHE E 207 36.76 2.90 14.60
N VAL E 208 36.80 4.18 14.21
CA VAL E 208 37.19 4.59 12.88
C VAL E 208 38.27 5.66 13.01
N GLN E 209 38.86 6.04 11.87
CA GLN E 209 39.92 7.03 11.84
C GLN E 209 39.34 8.43 11.72
N CYS E 210 40.13 9.40 12.16
CA CYS E 210 39.74 10.80 12.00
C CYS E 210 39.84 11.19 10.53
N PRO E 211 38.85 11.92 10.01
CA PRO E 211 38.91 12.36 8.61
C PRO E 211 40.02 13.38 8.37
N GLU E 212 40.50 13.40 7.13
CA GLU E 212 41.59 14.26 6.71
C GLU E 212 41.11 15.19 5.60
N GLY E 213 41.93 16.20 5.32
CA GLY E 213 41.61 17.13 4.26
C GLY E 213 40.70 18.26 4.71
N GLU E 214 39.98 18.83 3.75
CA GLU E 214 39.04 19.90 4.05
C GLU E 214 37.81 19.36 4.77
N LEU E 215 37.27 20.18 5.66
CA LEU E 215 36.04 19.84 6.36
C LEU E 215 34.84 19.90 5.42
N GLN E 216 34.79 20.99 4.64
CA GLN E 216 33.69 21.19 3.66
C GLN E 216 34.12 20.57 2.34
N LYS E 217 33.48 19.49 1.93
CA LYS E 217 33.84 18.77 0.72
C LYS E 217 32.62 18.61 -0.18
N ARG E 218 32.88 18.58 -1.49
CA ARG E 218 31.87 18.31 -2.50
C ARG E 218 32.19 16.97 -3.14
N LYS E 219 31.34 15.98 -2.94
CA LYS E 219 31.54 14.66 -3.51
C LYS E 219 30.48 14.39 -4.57
N THR E 220 30.93 13.94 -5.74
CA THR E 220 30.06 13.57 -6.83
C THR E 220 29.70 12.09 -6.71
N VAL E 221 28.41 11.81 -6.59
CA VAL E 221 27.91 10.45 -6.44
C VAL E 221 27.22 10.07 -7.74
N VAL E 222 27.59 8.92 -8.30
CA VAL E 222 26.99 8.41 -9.52
C VAL E 222 25.86 7.48 -9.16
N HIS E 223 24.65 7.80 -9.63
CA HIS E 223 23.47 6.99 -9.43
C HIS E 223 23.19 6.16 -10.67
N THR E 224 22.56 5.00 -10.47
CA THR E 224 22.04 4.20 -11.57
C THR E 224 20.69 3.67 -11.15
N VAL E 225 19.63 4.13 -11.82
CA VAL E 225 18.25 3.81 -11.48
C VAL E 225 17.64 3.09 -12.66
N SER E 226 17.01 1.94 -12.40
CA SER E 226 16.35 1.18 -13.44
C SER E 226 15.05 1.87 -13.86
N LEU E 227 14.58 1.53 -15.05
CA LEU E 227 13.35 2.13 -15.57
C LEU E 227 12.13 1.60 -14.86
N HIS E 228 12.21 0.38 -14.31
CA HIS E 228 11.13 -0.17 -13.51
C HIS E 228 10.92 0.63 -12.24
N GLU E 229 12.00 1.12 -11.64
CA GLU E 229 11.90 1.94 -10.43
C GLU E 229 11.20 3.26 -10.70
N ILE E 230 11.56 3.93 -11.81
CA ILE E 230 10.90 5.18 -12.18
C ILE E 230 9.45 4.92 -12.57
N ASP E 231 9.16 3.77 -13.17
CA ASP E 231 7.77 3.40 -13.48
C ASP E 231 6.95 3.22 -12.21
N VAL E 232 7.52 2.59 -11.18
CA VAL E 232 6.78 2.36 -9.94
C VAL E 232 6.59 3.67 -9.19
N ILE E 233 7.62 4.52 -9.17
CA ILE E 233 7.53 5.80 -8.46
C ILE E 233 6.56 6.75 -9.15
N ASN E 234 6.61 6.82 -10.49
CA ASN E 234 5.74 7.74 -11.21
C ASN E 234 4.28 7.29 -11.19
N SER E 235 4.03 5.99 -11.10
CA SER E 235 2.66 5.50 -10.94
C SER E 235 2.21 5.78 -9.52
N ARG E 236 1.23 6.66 -9.37
CA ARG E 236 0.85 7.15 -8.05
C ARG E 236 0.05 6.14 -7.23
N THR E 237 -0.39 5.04 -7.83
CA THR E 237 -1.24 4.08 -7.14
C THR E 237 -0.49 3.33 -6.04
N GLN E 238 0.83 3.23 -6.13
CA GLN E 238 1.65 2.58 -5.11
C GLN E 238 2.93 3.37 -4.92
N GLY E 239 3.53 3.24 -3.75
CA GLY E 239 4.71 3.98 -3.40
C GLY E 239 5.98 3.28 -3.84
N PHE E 240 7.11 3.72 -3.28
CA PHE E 240 8.38 3.05 -3.54
C PHE E 240 8.51 1.76 -2.77
N LEU E 241 7.64 1.55 -1.77
CA LEU E 241 7.70 0.35 -0.95
C LEU E 241 7.28 -0.90 -1.69
N ALA E 242 6.64 -0.76 -2.85
CA ALA E 242 6.35 -1.91 -3.69
C ALA E 242 7.59 -2.46 -4.38
N LEU E 243 8.68 -1.68 -4.42
CA LEU E 243 9.95 -2.21 -4.91
C LEU E 243 10.57 -3.21 -3.97
N PHE E 244 10.16 -3.19 -2.70
CA PHE E 244 10.63 -4.13 -1.69
C PHE E 244 9.59 -5.17 -1.30
N THR E 245 8.33 -4.77 -1.14
CA THR E 245 7.28 -5.70 -0.79
C THR E 245 6.83 -6.53 -1.99
N GLY E 246 6.82 -5.95 -3.18
CA GLY E 246 6.50 -6.68 -4.38
C GLY E 246 5.07 -6.57 -4.87
N ASP E 247 4.29 -5.62 -4.37
CA ASP E 247 2.92 -5.42 -4.83
C ASP E 247 2.81 -4.16 -5.68
N THR E 248 3.15 -4.31 -6.95
CA THR E 248 2.95 -3.24 -7.92
C THR E 248 1.57 -3.34 -8.57
N GLY E 249 1.25 -4.49 -9.14
CA GLY E 249 -0.11 -4.77 -9.56
C GLY E 249 -0.53 -4.13 -10.86
N GLU E 250 0.12 -4.53 -11.96
CA GLU E 250 -0.26 -4.20 -13.33
C GLU E 250 -0.24 -2.70 -13.58
N ILE E 251 0.98 -2.15 -13.57
CA ILE E 251 1.23 -0.76 -13.90
C ILE E 251 0.71 -0.46 -15.30
N ARG E 252 0.02 0.66 -15.44
CA ARG E 252 -0.60 1.06 -16.70
C ARG E 252 0.46 1.43 -17.73
N SER E 253 0.05 1.40 -19.00
CA SER E 253 0.99 1.66 -20.08
C SER E 253 1.33 3.13 -20.20
N GLU E 254 0.38 4.01 -19.86
CA GLU E 254 0.52 5.44 -20.12
C GLU E 254 1.69 6.04 -19.36
N VAL E 255 1.88 5.64 -18.10
CA VAL E 255 3.02 6.11 -17.33
C VAL E 255 4.33 5.61 -17.91
N ARG E 256 4.31 4.45 -18.59
CA ARG E 256 5.51 4.00 -19.28
C ARG E 256 5.82 4.88 -20.49
N ASP E 257 4.81 5.37 -21.23
CA ASP E 257 5.13 6.35 -22.27
C ASP E 257 5.66 7.67 -21.69
N GLN E 258 5.13 8.14 -20.55
CA GLN E 258 5.68 9.36 -19.97
C GLN E 258 7.12 9.18 -19.51
N ILE E 259 7.44 8.02 -18.93
CA ILE E 259 8.81 7.77 -18.49
C ILE E 259 9.74 7.65 -19.68
N ASN E 260 9.26 7.05 -20.79
CA ASN E 260 10.09 6.94 -21.99
C ASN E 260 10.38 8.31 -22.61
N THR E 261 9.36 9.18 -22.68
CA THR E 261 9.55 10.51 -23.23
C THR E 261 10.45 11.36 -22.33
N LYS E 262 10.29 11.26 -21.01
CA LYS E 262 11.14 12.01 -20.09
C LYS E 262 12.59 11.54 -20.14
N VAL E 263 12.81 10.24 -20.31
CA VAL E 263 14.16 9.70 -20.40
C VAL E 263 14.83 10.15 -21.70
N ALA E 264 14.07 10.18 -22.80
CA ALA E 264 14.60 10.70 -24.06
C ALA E 264 14.92 12.18 -23.96
N GLU E 265 14.09 12.95 -23.26
CA GLU E 265 14.34 14.37 -23.05
C GLU E 265 15.59 14.61 -22.20
N TRP E 266 15.77 13.81 -21.15
CA TRP E 266 16.97 13.92 -20.30
C TRP E 266 18.22 13.53 -21.07
N LYS E 267 18.11 12.56 -21.98
CA LYS E 267 19.26 12.18 -22.79
C LYS E 267 19.61 13.28 -23.80
N GLU E 268 18.59 13.93 -24.38
CA GLU E 268 18.88 15.01 -25.33
C GLU E 268 19.46 16.23 -24.63
N GLU E 269 18.98 16.55 -23.43
CA GLU E 269 19.47 17.74 -22.74
C GLU E 269 20.83 17.50 -22.08
N GLY E 270 21.22 16.25 -21.88
CA GLY E 270 22.52 15.94 -21.31
C GLY E 270 22.54 15.70 -19.82
N LYS E 271 21.39 15.54 -19.19
CA LYS E 271 21.34 15.32 -17.74
C LYS E 271 21.43 13.85 -17.35
N ALA E 272 21.38 12.93 -18.31
CA ALA E 272 21.40 11.51 -18.01
C ALA E 272 21.90 10.76 -19.23
N GLU E 273 22.29 9.50 -19.01
CA GLU E 273 22.66 8.62 -20.11
C GLU E 273 22.10 7.24 -19.84
N ILE E 274 21.84 6.51 -20.92
CA ILE E 274 21.23 5.20 -20.86
C ILE E 274 22.33 4.15 -20.73
N VAL E 275 22.20 3.28 -19.74
CA VAL E 275 23.10 2.14 -19.57
C VAL E 275 22.31 0.87 -19.81
N PRO E 276 22.31 0.32 -21.01
CA PRO E 276 21.58 -0.93 -21.25
C PRO E 276 22.29 -2.13 -20.65
N GLY E 277 21.51 -3.17 -20.37
CA GLY E 277 22.06 -4.35 -19.75
C GLY E 277 21.63 -5.64 -20.39
N VAL E 278 21.68 -6.74 -19.64
CA VAL E 278 21.40 -8.08 -20.14
C VAL E 278 20.31 -8.69 -19.28
N LEU E 279 19.33 -9.30 -19.94
CA LEU E 279 18.35 -10.16 -19.29
C LEU E 279 18.68 -11.61 -19.64
N PHE E 280 18.76 -12.47 -18.62
CA PHE E 280 19.09 -13.87 -18.81
C PHE E 280 17.91 -14.72 -18.36
N ILE E 281 17.34 -15.48 -19.30
CA ILE E 281 16.22 -16.38 -19.02
C ILE E 281 16.77 -17.81 -19.10
N ASP E 282 16.69 -18.52 -17.98
CA ASP E 282 17.17 -19.89 -17.91
C ASP E 282 15.99 -20.85 -17.93
N GLU E 283 16.16 -21.97 -18.61
CA GLU E 283 15.09 -22.90 -18.99
C GLU E 283 13.93 -22.15 -19.66
N VAL E 284 14.24 -21.57 -20.82
CA VAL E 284 13.28 -20.76 -21.55
C VAL E 284 12.18 -21.58 -22.21
N HIS E 285 12.35 -22.91 -22.26
CA HIS E 285 11.35 -23.78 -22.85
C HIS E 285 10.10 -23.93 -21.98
N MET E 286 10.12 -23.44 -20.75
CA MET E 286 9.00 -23.59 -19.84
C MET E 286 8.04 -22.42 -19.88
N LEU E 287 8.21 -21.51 -20.83
CA LEU E 287 7.24 -20.44 -21.04
C LEU E 287 6.11 -20.92 -21.95
N ASP E 288 5.06 -20.11 -22.03
CA ASP E 288 3.91 -20.41 -22.87
C ASP E 288 4.05 -19.73 -24.22
N ILE E 289 3.14 -20.08 -25.14
CA ILE E 289 3.17 -19.52 -26.49
C ILE E 289 2.81 -18.03 -26.47
N GLU E 290 1.98 -17.60 -25.52
CA GLU E 290 1.66 -16.19 -25.37
C GLU E 290 2.89 -15.39 -24.94
N CYS E 291 3.71 -15.96 -24.07
CA CYS E 291 4.94 -15.30 -23.64
C CYS E 291 5.92 -15.15 -24.80
N PHE E 292 6.01 -16.18 -25.66
CA PHE E 292 6.89 -16.09 -26.82
C PHE E 292 6.38 -15.05 -27.82
N SER E 293 5.06 -14.97 -28.00
CA SER E 293 4.48 -13.96 -28.87
C SER E 293 4.69 -12.55 -28.33
N PHE E 294 4.67 -12.38 -27.00
CA PHE E 294 4.99 -11.08 -26.43
C PHE E 294 6.47 -10.73 -26.56
N ILE E 295 7.34 -11.73 -26.37
CA ILE E 295 8.78 -11.53 -26.45
C ILE E 295 9.20 -11.18 -27.88
N ASN E 296 8.47 -11.68 -28.88
CA ASN E 296 8.74 -11.37 -30.28
C ASN E 296 8.62 -9.88 -30.58
N ARG E 297 7.66 -9.20 -29.95
CA ARG E 297 7.44 -7.79 -30.21
C ARG E 297 8.05 -6.87 -29.15
N ALA E 298 8.41 -7.39 -27.98
CA ALA E 298 9.08 -6.57 -26.99
C ALA E 298 10.54 -6.31 -27.30
N LEU E 299 11.10 -6.99 -28.30
CA LEU E 299 12.50 -6.82 -28.67
C LEU E 299 12.71 -5.73 -29.71
N GLU E 300 11.63 -5.15 -30.25
CA GLU E 300 11.72 -4.12 -31.27
C GLU E 300 11.50 -2.73 -30.70
N ASP E 301 11.94 -2.50 -29.48
CA ASP E 301 11.81 -1.21 -28.82
C ASP E 301 13.21 -0.66 -28.63
N GLU E 302 13.31 0.67 -28.60
CA GLU E 302 14.61 1.32 -28.41
C GLU E 302 15.15 1.07 -27.01
N PHE E 303 14.26 0.96 -26.03
CA PHE E 303 14.65 0.65 -24.65
C PHE E 303 14.46 -0.84 -24.35
N ALA E 304 15.21 -1.66 -25.08
CA ALA E 304 15.15 -3.09 -24.88
C ALA E 304 16.55 -3.64 -24.65
N PRO E 305 16.71 -4.55 -23.71
CA PRO E 305 18.03 -5.10 -23.42
C PRO E 305 18.35 -6.26 -24.36
N ILE E 306 19.53 -6.84 -24.18
CA ILE E 306 19.92 -8.04 -24.91
C ILE E 306 19.50 -9.24 -24.08
N VAL E 307 18.69 -10.11 -24.67
CA VAL E 307 18.11 -11.25 -23.97
C VAL E 307 18.92 -12.49 -24.28
N MET E 308 19.45 -13.12 -23.25
CA MET E 308 20.15 -14.39 -23.35
C MET E 308 19.23 -15.48 -22.86
N MET E 309 18.97 -16.48 -23.70
CA MET E 309 18.09 -17.59 -23.36
C MET E 309 18.87 -18.89 -23.41
N ALA E 310 18.61 -19.76 -22.43
CA ALA E 310 19.30 -21.03 -22.33
C ALA E 310 18.26 -22.15 -22.33
N THR E 311 18.53 -23.19 -23.12
CA THR E 311 17.65 -24.35 -23.16
C THR E 311 18.48 -25.58 -23.48
N ASN E 312 17.97 -26.73 -23.04
CA ASN E 312 18.62 -28.00 -23.30
C ASN E 312 17.74 -29.00 -24.05
N ARG E 313 16.47 -28.67 -24.27
CA ARG E 313 15.55 -29.58 -24.93
C ARG E 313 15.86 -29.70 -26.41
N GLY E 314 15.38 -30.78 -27.00
CA GLY E 314 15.45 -30.89 -28.46
C GLY E 314 14.25 -31.59 -29.06
N VAL E 315 13.55 -30.86 -29.93
CA VAL E 315 12.28 -31.23 -30.56
C VAL E 315 11.30 -31.77 -29.53
N SER E 316 10.83 -30.91 -28.65
CA SER E 316 9.84 -31.25 -27.63
C SER E 316 8.59 -30.40 -27.84
N LYS E 317 7.60 -30.63 -26.98
CA LYS E 317 6.31 -29.96 -27.13
C LYS E 317 6.39 -28.53 -26.58
N THR E 318 5.96 -27.58 -27.40
CA THR E 318 5.85 -26.19 -26.96
C THR E 318 4.63 -26.05 -26.06
N ARG E 319 4.81 -25.39 -24.91
CA ARG E 319 3.75 -25.31 -23.92
C ARG E 319 2.63 -24.39 -24.40
N GLY E 320 1.40 -24.80 -24.13
CA GLY E 320 0.23 -24.10 -24.60
C GLY E 320 -0.24 -24.52 -25.98
N THR E 321 0.54 -25.32 -26.68
CA THR E 321 0.21 -25.82 -28.01
C THR E 321 0.12 -27.34 -27.94
N ASN E 322 -0.07 -27.96 -29.11
CA ASN E 322 -0.13 -29.41 -29.20
C ASN E 322 0.79 -29.95 -30.28
N TYR E 323 1.78 -29.17 -30.71
CA TYR E 323 2.77 -29.61 -31.67
C TYR E 323 4.16 -29.52 -31.06
N LYS E 324 5.15 -30.04 -31.80
CA LYS E 324 6.53 -30.10 -31.35
C LYS E 324 7.40 -29.21 -32.23
N SER E 325 8.33 -28.50 -31.60
CA SER E 325 9.19 -27.56 -32.27
C SER E 325 10.64 -27.75 -31.81
N PRO E 326 11.62 -27.40 -32.64
CA PRO E 326 13.02 -27.44 -32.20
C PRO E 326 13.27 -26.49 -31.03
N HIS E 327 14.03 -26.98 -30.06
CA HIS E 327 14.44 -26.30 -28.83
C HIS E 327 13.27 -25.95 -27.91
N GLY E 328 12.07 -26.48 -28.18
CA GLY E 328 10.89 -26.09 -27.44
C GLY E 328 10.36 -24.72 -27.75
N LEU E 329 10.85 -24.07 -28.81
CA LEU E 329 10.50 -22.71 -29.15
C LEU E 329 9.92 -22.63 -30.55
N PRO E 330 8.92 -21.78 -30.79
CA PRO E 330 8.35 -21.66 -32.14
C PRO E 330 9.30 -20.97 -33.09
N LEU E 331 9.04 -21.17 -34.38
CA LEU E 331 9.98 -20.79 -35.43
C LEU E 331 10.08 -19.27 -35.62
N ASP E 332 9.07 -18.52 -35.20
CA ASP E 332 9.16 -17.06 -35.25
C ASP E 332 10.18 -16.54 -34.25
N LEU E 333 10.22 -17.13 -33.06
CA LEU E 333 11.21 -16.73 -32.06
C LEU E 333 12.61 -17.18 -32.47
N LEU E 334 12.72 -18.36 -33.10
CA LEU E 334 14.03 -18.84 -33.54
C LEU E 334 14.53 -18.07 -34.75
N ASP E 335 13.63 -17.49 -35.53
CA ASP E 335 14.02 -16.67 -36.67
C ASP E 335 14.63 -15.34 -36.23
N ARG E 336 14.28 -14.87 -35.04
CA ARG E 336 14.80 -13.62 -34.50
C ARG E 336 16.05 -13.81 -33.66
N SER E 337 16.63 -15.01 -33.62
CA SER E 337 17.72 -15.32 -32.71
C SER E 337 18.94 -15.82 -33.46
N ILE E 338 20.11 -15.56 -32.87
CA ILE E 338 21.36 -16.21 -33.26
C ILE E 338 21.73 -17.18 -32.14
N ILE E 339 22.30 -18.33 -32.53
CA ILE E 339 22.39 -19.49 -31.65
C ILE E 339 23.85 -19.83 -31.39
N ILE E 340 24.20 -19.93 -30.11
CA ILE E 340 25.50 -20.43 -29.66
C ILE E 340 25.33 -21.86 -29.20
N THR E 341 26.16 -22.77 -29.71
CA THR E 341 26.05 -24.19 -29.41
C THR E 341 27.21 -24.63 -28.53
N THR E 342 26.89 -25.28 -27.41
CA THR E 342 27.87 -25.85 -26.50
C THR E 342 28.05 -27.35 -26.80
N LYS E 343 29.24 -27.86 -26.48
CA LYS E 343 29.62 -29.21 -26.84
C LYS E 343 30.00 -30.01 -25.59
N SER E 344 30.01 -31.33 -25.75
CA SER E 344 30.41 -32.23 -24.68
C SER E 344 31.91 -32.18 -24.45
N TYR E 345 32.31 -32.56 -23.24
CA TYR E 345 33.68 -32.40 -22.78
C TYR E 345 34.50 -33.67 -23.00
N ASN E 346 35.82 -33.51 -22.84
CA ASN E 346 36.80 -34.57 -22.95
C ASN E 346 37.31 -34.96 -21.57
N GLU E 347 38.26 -35.88 -21.53
CA GLU E 347 38.81 -36.34 -20.26
C GLU E 347 39.68 -35.27 -19.61
N GLN E 348 40.50 -34.58 -20.41
CA GLN E 348 41.42 -33.58 -19.88
C GLN E 348 40.67 -32.36 -19.33
N GLU E 349 39.61 -31.94 -20.03
CA GLU E 349 38.80 -30.83 -19.55
C GLU E 349 38.04 -31.20 -18.28
N ILE E 350 37.58 -32.45 -18.19
CA ILE E 350 36.91 -32.93 -16.99
C ILE E 350 37.85 -32.93 -15.80
N LYS E 351 39.10 -33.36 -16.02
CA LYS E 351 40.07 -33.38 -14.93
C LYS E 351 40.50 -31.97 -14.52
N THR E 352 40.60 -31.05 -15.47
CA THR E 352 40.91 -29.66 -15.14
C THR E 352 39.79 -28.99 -14.36
N ILE E 353 38.53 -29.26 -14.74
CA ILE E 353 37.37 -28.72 -14.03
C ILE E 353 37.31 -29.29 -12.62
N LEU E 354 37.58 -30.59 -12.45
CA LEU E 354 37.59 -31.20 -11.14
C LEU E 354 38.70 -30.64 -10.25
N SER E 355 39.87 -30.39 -10.82
CA SER E 355 40.96 -29.80 -10.05
C SER E 355 40.66 -28.36 -9.63
N ILE E 356 40.03 -27.59 -10.51
CA ILE E 356 39.64 -26.21 -10.16
C ILE E 356 38.57 -26.21 -9.06
N ARG E 357 37.58 -27.11 -9.16
CA ARG E 357 36.55 -27.23 -8.14
C ARG E 357 37.13 -27.67 -6.80
N ALA E 358 38.06 -28.62 -6.82
CA ALA E 358 38.69 -29.08 -5.59
C ALA E 358 39.57 -28.00 -4.96
N GLN E 359 40.22 -27.18 -5.80
CA GLN E 359 40.96 -26.04 -5.28
C GLN E 359 40.04 -24.99 -4.67
N GLU E 360 38.82 -24.86 -5.20
CA GLU E 360 37.88 -23.88 -4.65
C GLU E 360 37.24 -24.35 -3.35
N GLU E 361 37.15 -25.65 -3.13
CA GLU E 361 36.58 -26.16 -1.88
C GLU E 361 37.63 -26.43 -0.81
N GLU E 362 38.90 -26.05 -1.07
CA GLU E 362 40.05 -26.29 -0.17
C GLU E 362 40.22 -27.78 0.14
N VAL E 363 40.19 -28.60 -0.90
CA VAL E 363 40.34 -30.04 -0.78
C VAL E 363 41.64 -30.44 -1.47
N GLU E 364 42.53 -31.07 -0.73
CA GLU E 364 43.79 -31.57 -1.28
C GLU E 364 43.59 -33.01 -1.74
N LEU E 365 43.92 -33.26 -3.00
CA LEU E 365 43.66 -34.55 -3.63
C LEU E 365 44.97 -35.19 -4.07
N SER E 366 45.03 -36.51 -3.96
CA SER E 366 46.12 -37.26 -4.54
C SER E 366 45.96 -37.33 -6.06
N SER E 367 47.01 -37.76 -6.74
CA SER E 367 46.92 -37.94 -8.18
C SER E 367 46.00 -39.09 -8.55
N ASP E 368 46.08 -40.21 -7.81
CA ASP E 368 45.27 -41.38 -8.13
C ASP E 368 43.79 -41.15 -7.82
N ALA E 369 43.51 -40.38 -6.76
CA ALA E 369 42.13 -39.99 -6.48
C ALA E 369 41.56 -39.11 -7.58
N LEU E 370 42.40 -38.23 -8.15
CA LEU E 370 41.98 -37.40 -9.26
C LEU E 370 41.72 -38.23 -10.52
N ASP E 371 42.54 -39.25 -10.76
CA ASP E 371 42.30 -40.13 -11.91
C ASP E 371 41.02 -40.95 -11.73
N LEU E 372 40.76 -41.43 -10.50
CA LEU E 372 39.52 -42.16 -10.25
C LEU E 372 38.29 -41.27 -10.41
N LEU E 373 38.39 -40.01 -9.95
CA LEU E 373 37.29 -39.07 -10.11
C LEU E 373 37.06 -38.70 -11.58
N THR E 374 38.14 -38.55 -12.35
CA THR E 374 38.01 -38.28 -13.78
C THR E 374 37.39 -39.46 -14.51
N LYS E 375 37.78 -40.69 -14.15
CA LYS E 375 37.21 -41.87 -14.78
C LYS E 375 35.73 -42.02 -14.45
N THR E 376 35.34 -41.80 -13.20
CA THR E 376 33.93 -41.89 -12.85
C THR E 376 33.13 -40.66 -13.29
N GLY E 377 33.79 -39.58 -13.70
CA GLY E 377 33.11 -38.48 -14.33
C GLY E 377 32.85 -38.71 -15.79
N VAL E 378 33.80 -39.38 -16.47
CA VAL E 378 33.59 -39.77 -17.85
C VAL E 378 32.52 -40.86 -17.94
N GLU E 379 32.52 -41.80 -16.99
CA GLU E 379 31.56 -42.90 -17.04
C GLU E 379 30.15 -42.45 -16.68
N THR E 380 29.99 -41.57 -15.69
CA THR E 380 28.65 -41.22 -15.22
C THR E 380 28.26 -39.77 -15.50
N SER E 381 28.96 -38.79 -14.92
CA SER E 381 28.55 -37.38 -14.96
C SER E 381 29.62 -36.53 -14.30
N LEU E 382 29.69 -35.27 -14.73
CA LEU E 382 30.61 -34.30 -14.15
C LEU E 382 30.13 -33.82 -12.78
N ARG E 383 28.82 -33.61 -12.64
CA ARG E 383 28.25 -33.14 -11.39
C ARG E 383 28.36 -34.18 -10.28
N TYR E 384 28.29 -35.47 -10.63
CA TYR E 384 28.42 -36.53 -9.63
C TYR E 384 29.82 -36.57 -9.04
N SER E 385 30.84 -36.41 -9.88
CA SER E 385 32.22 -36.35 -9.39
C SER E 385 32.46 -35.08 -8.59
N SER E 386 31.87 -33.96 -9.02
CA SER E 386 31.99 -32.73 -8.25
C SER E 386 31.27 -32.82 -6.91
N ASN E 387 30.21 -33.63 -6.82
CA ASN E 387 29.55 -33.85 -5.53
C ASN E 387 30.35 -34.77 -4.63
N LEU E 388 31.02 -35.78 -5.22
CA LEU E 388 31.82 -36.70 -4.42
C LEU E 388 33.10 -36.05 -3.92
N ILE E 389 33.60 -35.03 -4.63
CA ILE E 389 34.88 -34.40 -4.30
C ILE E 389 34.85 -33.65 -2.98
N SER E 390 33.67 -33.32 -2.45
CA SER E 390 33.55 -32.65 -1.17
C SER E 390 32.99 -33.53 -0.07
N VAL E 391 32.32 -34.63 -0.42
CA VAL E 391 31.88 -35.60 0.56
C VAL E 391 32.97 -36.62 0.89
N ALA E 392 34.01 -36.72 0.05
CA ALA E 392 35.16 -37.54 0.39
C ALA E 392 36.09 -36.88 1.40
N GLN E 393 36.05 -35.55 1.50
CA GLN E 393 36.88 -34.84 2.47
C GLN E 393 36.45 -35.15 3.90
N GLN E 394 35.15 -35.32 4.12
CA GLN E 394 34.66 -35.66 5.46
C GLN E 394 35.02 -37.09 5.84
N ILE E 395 35.01 -38.01 4.86
CA ILE E 395 35.46 -39.37 5.10
C ILE E 395 36.96 -39.40 5.39
N ALA E 396 37.71 -38.51 4.73
CA ALA E 396 39.14 -38.40 4.99
C ALA E 396 39.41 -37.83 6.39
N MET E 397 38.68 -36.79 6.79
CA MET E 397 38.87 -36.18 8.10
C MET E 397 38.31 -37.03 9.23
N LYS E 398 37.45 -38.01 8.92
CA LYS E 398 37.01 -38.95 9.94
C LYS E 398 38.14 -39.88 10.38
N ARG E 399 39.05 -40.20 9.47
CA ARG E 399 40.21 -41.02 9.80
C ARG E 399 41.42 -40.18 10.18
N LYS E 400 41.24 -38.87 10.33
CA LYS E 400 42.25 -37.90 10.76
C LYS E 400 43.45 -37.86 9.81
N ASN E 401 43.16 -37.53 8.54
CA ASN E 401 44.20 -37.15 7.61
C ASN E 401 43.73 -35.96 6.78
N ASN E 402 44.67 -35.34 6.06
CA ASN E 402 44.38 -34.15 5.29
C ASN E 402 44.04 -34.48 3.83
N THR E 403 44.93 -35.19 3.16
CA THR E 403 44.76 -35.50 1.75
C THR E 403 43.73 -36.60 1.55
N VAL E 404 42.86 -36.42 0.57
CA VAL E 404 41.87 -37.42 0.20
C VAL E 404 42.54 -38.45 -0.71
N GLU E 405 42.48 -39.71 -0.32
CA GLU E 405 43.11 -40.81 -1.04
C GLU E 405 42.06 -41.62 -1.79
N VAL E 406 42.50 -42.72 -2.38
CA VAL E 406 41.63 -43.52 -3.25
C VAL E 406 40.53 -44.22 -2.45
N GLU E 407 40.85 -44.64 -1.23
CA GLU E 407 39.89 -45.37 -0.40
C GLU E 407 38.71 -44.50 0.00
N ASP E 408 38.95 -43.20 0.24
CA ASP E 408 37.85 -42.29 0.56
C ASP E 408 36.93 -42.08 -0.64
N VAL E 409 37.50 -42.01 -1.84
CA VAL E 409 36.70 -41.88 -3.06
C VAL E 409 35.89 -43.14 -3.30
N LYS E 410 36.47 -44.31 -3.04
CA LYS E 410 35.74 -45.56 -3.18
C LYS E 410 34.63 -45.68 -2.14
N ARG E 411 34.89 -45.20 -0.92
CA ARG E 411 33.88 -45.20 0.13
C ARG E 411 32.71 -44.27 -0.22
N ALA E 412 33.01 -43.09 -0.76
CA ALA E 412 31.96 -42.17 -1.19
C ALA E 412 31.20 -42.70 -2.40
N TYR E 413 31.88 -43.43 -3.29
CA TYR E 413 31.20 -44.03 -4.43
C TYR E 413 30.28 -45.16 -3.99
N LEU E 414 30.67 -45.90 -2.96
CA LEU E 414 29.83 -46.98 -2.47
C LEU E 414 28.63 -46.45 -1.69
N LEU E 415 28.82 -45.41 -0.88
CA LEU E 415 27.75 -44.91 -0.04
C LEU E 415 26.68 -44.16 -0.84
N PHE E 416 27.09 -43.34 -1.80
CA PHE E 416 26.18 -42.47 -2.54
C PHE E 416 26.08 -42.92 -3.98
N LEU E 417 24.84 -43.09 -4.46
CA LEU E 417 24.58 -43.63 -5.79
C LEU E 417 24.42 -42.52 -6.82
N ASP E 418 24.42 -42.93 -8.09
CA ASP E 418 24.22 -42.07 -9.24
C ASP E 418 22.93 -42.48 -9.94
N SER E 419 22.73 -41.93 -11.15
CA SER E 419 21.51 -42.19 -11.91
C SER E 419 21.38 -43.65 -12.29
N ALA E 420 22.43 -44.23 -12.88
CA ALA E 420 22.33 -45.54 -13.53
C ALA E 420 22.18 -46.66 -12.52
N ARG E 421 22.89 -46.58 -11.40
CA ARG E 421 22.81 -47.63 -10.38
C ARG E 421 21.46 -47.62 -9.68
N SER E 422 20.94 -46.42 -9.38
CA SER E 422 19.62 -46.31 -8.77
C SER E 422 18.53 -46.79 -9.73
N VAL E 423 18.67 -46.49 -11.02
CA VAL E 423 17.73 -46.98 -12.01
C VAL E 423 17.77 -48.50 -12.09
N LYS E 424 18.98 -49.09 -12.07
CA LYS E 424 19.13 -50.54 -12.08
C LYS E 424 18.51 -51.20 -10.85
N TYR E 425 18.69 -50.60 -9.68
CA TYR E 425 18.07 -51.16 -8.47
C TYR E 425 16.56 -51.00 -8.47
N VAL E 426 16.04 -49.96 -9.13
CA VAL E 426 14.59 -49.80 -9.22
C VAL E 426 13.99 -50.84 -10.16
N GLN E 427 14.59 -51.05 -11.34
CA GLN E 427 14.06 -52.07 -12.25
C GLN E 427 14.27 -53.49 -11.76
N GLU E 428 15.28 -53.74 -10.92
CA GLU E 428 15.46 -55.09 -10.41
C GLU E 428 14.58 -55.38 -9.19
N ASN E 429 13.94 -54.38 -8.61
CA ASN E 429 13.12 -54.55 -7.41
C ASN E 429 11.84 -53.75 -7.52
N GLU E 430 11.15 -53.87 -8.66
CA GLU E 430 10.06 -52.95 -8.97
C GLU E 430 8.80 -53.18 -8.16
N SER E 431 8.69 -54.32 -7.47
CA SER E 431 7.49 -54.59 -6.68
C SER E 431 7.52 -53.92 -5.31
N GLN E 432 8.67 -53.40 -4.89
CA GLN E 432 8.78 -52.71 -3.62
C GLN E 432 8.51 -51.22 -3.72
N TYR E 433 8.37 -50.69 -4.93
CA TYR E 433 8.15 -49.27 -5.16
C TYR E 433 6.75 -49.06 -5.70
N ILE E 434 6.33 -47.80 -5.73
CA ILE E 434 4.99 -47.44 -6.18
C ILE E 434 5.08 -47.03 -7.65
N ASP E 435 4.32 -47.71 -8.50
CA ASP E 435 4.39 -47.49 -9.93
C ASP E 435 3.35 -46.46 -10.37
N ASP E 436 3.15 -46.36 -11.68
CA ASP E 436 2.18 -45.41 -12.24
C ASP E 436 0.74 -45.81 -11.92
N GLN E 437 0.50 -47.09 -11.66
CA GLN E 437 -0.84 -47.57 -11.34
C GLN E 437 -1.14 -47.58 -9.85
N GLY E 438 -0.23 -47.10 -9.03
CA GLY E 438 -0.48 -47.04 -7.59
C GLY E 438 -0.39 -48.37 -6.89
N ASN E 439 0.33 -49.33 -7.47
CA ASN E 439 0.45 -50.67 -6.91
C ASN E 439 1.78 -50.82 -6.18
N VAL E 440 1.74 -51.49 -5.04
CA VAL E 440 2.93 -51.73 -4.24
C VAL E 440 2.73 -53.02 -3.45
N GLN E 441 3.84 -53.70 -3.14
CA GLN E 441 3.84 -54.84 -2.24
C GLN E 441 4.79 -54.53 -1.09
N ILE E 442 4.22 -54.39 0.11
CA ILE E 442 5.00 -54.03 1.28
C ILE E 442 5.33 -55.24 2.15
N SER E 443 4.55 -56.30 2.06
CA SER E 443 4.85 -57.54 2.79
C SER E 443 6.08 -58.21 2.20
N ILE E 444 6.74 -59.01 3.03
CA ILE E 444 7.93 -59.74 2.61
C ILE E 444 7.56 -61.13 2.12
N ALA E 445 6.80 -61.88 2.91
CA ALA E 445 6.36 -63.20 2.51
C ALA E 445 5.10 -63.11 1.65
N LYS E 446 4.84 -64.19 0.91
CA LYS E 446 3.70 -64.35 -0.01
C LYS E 446 3.59 -63.23 -1.05
N VAL F 1 1.12 -41.07 31.21
CA VAL F 1 2.41 -40.50 31.58
C VAL F 1 2.89 -39.53 30.50
N THR F 2 3.43 -40.08 29.42
CA THR F 2 3.92 -39.31 28.30
C THR F 2 3.23 -39.79 27.02
N ARG F 3 3.28 -38.97 25.98
CA ARG F 3 2.61 -39.24 24.73
C ARG F 3 3.62 -39.58 23.64
N THR F 4 3.27 -40.55 22.81
CA THR F 4 4.11 -41.05 21.72
C THR F 4 3.31 -41.09 20.43
N ALA F 5 3.97 -40.81 19.31
CA ALA F 5 3.27 -40.84 18.02
C ALA F 5 4.26 -41.24 16.92
N ALA F 6 4.33 -42.55 16.65
CA ALA F 6 4.98 -43.18 15.49
C ALA F 6 6.48 -42.91 15.42
N HIS F 7 7.06 -42.30 16.44
CA HIS F 7 8.42 -41.79 16.51
C HIS F 7 8.74 -41.68 17.99
N THR F 8 9.75 -40.87 18.34
CA THR F 8 10.23 -40.55 19.69
C THR F 8 10.87 -41.73 20.39
N HIS F 9 10.99 -42.87 19.75
CA HIS F 9 11.92 -43.92 20.15
C HIS F 9 13.23 -43.80 19.40
N ILE F 10 13.38 -42.76 18.58
CA ILE F 10 14.57 -42.51 17.79
C ILE F 10 15.27 -41.29 18.37
N LYS F 11 16.50 -41.47 18.84
CA LYS F 11 17.25 -40.42 19.51
C LYS F 11 18.49 -39.98 18.75
N GLY F 12 18.78 -40.59 17.62
CA GLY F 12 19.96 -40.23 16.86
C GLY F 12 20.36 -41.36 15.95
N LEU F 13 21.48 -41.14 15.25
CA LEU F 13 21.93 -42.13 14.29
C LEU F 13 22.60 -43.32 14.97
N GLY F 14 23.20 -43.11 16.14
CA GLY F 14 23.85 -44.20 16.85
C GLY F 14 25.14 -44.68 16.20
N LEU F 15 25.98 -43.73 15.79
CA LEU F 15 27.27 -44.01 15.21
C LEU F 15 28.36 -43.93 16.28
N ASP F 16 29.53 -44.46 15.95
CA ASP F 16 30.69 -44.39 16.83
C ASP F 16 31.45 -43.09 16.57
N GLU F 17 32.65 -42.97 17.14
CA GLU F 17 33.50 -41.83 16.86
C GLU F 17 34.18 -41.95 15.50
N SER F 18 34.24 -43.14 14.93
CA SER F 18 34.79 -43.35 13.60
C SER F 18 33.72 -43.35 12.51
N GLY F 19 32.46 -43.12 12.87
CA GLY F 19 31.39 -43.14 11.90
C GLY F 19 30.80 -44.50 11.59
N VAL F 20 31.20 -45.53 12.32
CA VAL F 20 30.70 -46.87 12.09
C VAL F 20 29.37 -47.03 12.83
N ALA F 21 28.34 -47.49 12.11
CA ALA F 21 27.01 -47.63 12.71
C ALA F 21 26.93 -48.94 13.48
N LYS F 22 26.64 -48.85 14.77
CA LYS F 22 26.32 -50.04 15.53
C LYS F 22 24.92 -50.53 15.15
N ARG F 23 24.70 -51.83 15.36
CA ARG F 23 23.51 -52.48 14.83
C ARG F 23 22.24 -52.04 15.53
N VAL F 24 22.23 -52.05 16.86
CA VAL F 24 21.07 -51.68 17.66
C VAL F 24 21.52 -50.58 18.60
N GLU F 25 21.41 -49.33 18.15
CA GLU F 25 21.74 -48.16 18.96
C GLU F 25 20.91 -46.97 18.47
N GLY F 26 20.61 -46.07 19.40
CA GLY F 26 19.86 -44.87 19.07
C GLY F 26 18.41 -45.10 18.73
N GLY F 27 17.86 -46.25 19.08
CA GLY F 27 16.54 -46.62 18.64
C GLY F 27 16.46 -47.14 17.23
N PHE F 28 17.60 -47.29 16.55
CA PHE F 28 17.64 -47.75 15.17
C PHE F 28 18.06 -49.21 15.12
N VAL F 29 17.39 -49.98 14.27
CA VAL F 29 17.75 -51.36 13.99
C VAL F 29 18.04 -51.46 12.49
N GLY F 30 19.26 -51.87 12.16
CA GLY F 30 19.60 -52.00 10.76
C GLY F 30 19.81 -50.66 10.09
N GLN F 31 19.70 -50.68 8.76
CA GLN F 31 19.94 -49.55 7.86
C GLN F 31 21.31 -48.93 8.08
N ILE F 32 22.34 -49.79 8.08
CA ILE F 32 23.67 -49.38 8.54
C ILE F 32 24.32 -48.42 7.54
N GLU F 33 24.27 -48.75 6.25
CA GLU F 33 24.92 -47.91 5.25
C GLU F 33 24.20 -46.58 5.08
N ALA F 34 22.87 -46.58 5.18
CA ALA F 34 22.11 -45.33 5.14
C ALA F 34 22.41 -44.45 6.33
N ARG F 35 22.58 -45.05 7.52
CA ARG F 35 22.93 -44.29 8.71
C ARG F 35 24.33 -43.70 8.61
N GLU F 36 25.26 -44.45 8.02
CA GLU F 36 26.62 -43.92 7.82
C GLU F 36 26.64 -42.78 6.81
N ALA F 37 25.86 -42.91 5.72
CA ALA F 37 25.76 -41.82 4.74
C ALA F 37 25.12 -40.57 5.35
N CYS F 38 24.09 -40.76 6.17
CA CYS F 38 23.47 -39.63 6.85
C CYS F 38 24.41 -38.99 7.88
N GLY F 39 25.28 -39.79 8.50
CA GLY F 39 26.27 -39.22 9.40
C GLY F 39 27.32 -38.37 8.67
N VAL F 40 27.74 -38.82 7.49
CA VAL F 40 28.65 -38.01 6.68
C VAL F 40 27.97 -36.71 6.25
N ILE F 41 26.67 -36.79 5.93
CA ILE F 41 25.90 -35.59 5.58
C ILE F 41 25.81 -34.64 6.78
N VAL F 42 25.65 -35.19 7.99
CA VAL F 42 25.59 -34.39 9.21
C VAL F 42 26.91 -33.67 9.45
N ASP F 43 28.04 -34.35 9.22
CA ASP F 43 29.34 -33.71 9.33
C ASP F 43 29.54 -32.62 8.27
N LEU F 44 29.01 -32.85 7.06
CA LEU F 44 29.09 -31.84 6.00
C LEU F 44 28.29 -30.60 6.36
N ILE F 45 27.13 -30.77 7.00
CA ILE F 45 26.33 -29.63 7.44
C ILE F 45 27.04 -28.90 8.58
N LYS F 46 27.68 -29.65 9.48
CA LYS F 46 28.43 -29.04 10.58
C LYS F 46 29.69 -28.33 10.11
N ALA F 47 30.20 -28.65 8.91
CA ALA F 47 31.41 -28.01 8.42
C ALA F 47 31.19 -26.53 8.08
N LYS F 48 29.95 -26.16 7.72
CA LYS F 48 29.50 -24.77 7.54
C LYS F 48 30.26 -24.07 6.41
N LYS F 49 30.40 -24.75 5.28
CA LYS F 49 31.23 -24.22 4.20
C LYS F 49 30.56 -24.30 2.84
N MET F 50 29.66 -25.25 2.64
CA MET F 50 29.05 -25.51 1.35
C MET F 50 27.62 -24.98 1.31
N SER F 51 27.13 -24.72 0.10
CA SER F 51 25.78 -24.24 -0.13
C SER F 51 25.13 -25.03 -1.25
N GLY F 52 23.84 -25.30 -1.11
CA GLY F 52 23.07 -25.97 -2.14
C GLY F 52 23.44 -27.41 -2.40
N ARG F 53 23.66 -28.20 -1.36
CA ARG F 53 23.96 -29.62 -1.48
C ARG F 53 22.68 -30.40 -1.22
N ALA F 54 22.30 -31.24 -2.16
CA ALA F 54 21.02 -31.94 -2.09
C ALA F 54 21.23 -33.45 -2.15
N ILE F 55 20.53 -34.16 -1.25
CA ILE F 55 20.50 -35.61 -1.24
C ILE F 55 19.05 -36.07 -1.41
N LEU F 56 18.90 -37.33 -1.81
CA LEU F 56 17.58 -37.95 -1.97
C LEU F 56 17.58 -39.28 -1.24
N LEU F 57 16.57 -39.50 -0.40
CA LEU F 57 16.39 -40.75 0.31
C LEU F 57 15.36 -41.57 -0.47
N ALA F 58 15.82 -42.65 -1.11
CA ALA F 58 15.00 -43.44 -2.00
C ALA F 58 14.82 -44.85 -1.45
N GLY F 59 13.57 -45.30 -1.39
CA GLY F 59 13.27 -46.62 -0.89
C GLY F 59 11.79 -46.87 -0.99
N GLY F 60 11.37 -48.02 -0.47
CA GLY F 60 9.98 -48.38 -0.50
C GLY F 60 9.20 -47.79 0.65
N PRO F 61 7.93 -48.15 0.78
CA PRO F 61 7.17 -47.74 1.96
C PRO F 61 7.59 -48.52 3.19
N SER F 62 7.56 -47.83 4.34
CA SER F 62 7.89 -48.37 5.67
C SER F 62 9.32 -48.94 5.71
N THR F 63 10.29 -48.09 5.38
CA THR F 63 11.69 -48.52 5.35
C THR F 63 12.63 -47.62 6.13
N GLY F 64 12.17 -46.50 6.66
CA GLY F 64 13.00 -45.68 7.53
C GLY F 64 13.60 -44.43 6.93
N LYS F 65 12.83 -43.67 6.15
CA LYS F 65 13.34 -42.44 5.57
C LYS F 65 13.03 -41.23 6.46
N THR F 66 11.78 -41.13 6.91
CA THR F 66 11.41 -40.07 7.85
C THR F 66 12.12 -40.24 9.18
N ALA F 67 12.35 -41.49 9.60
CA ALA F 67 13.16 -41.76 10.78
C ALA F 67 14.58 -41.25 10.63
N LEU F 68 15.15 -41.39 9.43
CA LEU F 68 16.48 -40.85 9.17
C LEU F 68 16.48 -39.33 9.15
N ALA F 69 15.39 -38.72 8.67
CA ALA F 69 15.30 -37.25 8.66
C ALA F 69 15.25 -36.67 10.07
N LEU F 70 14.39 -37.23 10.94
CA LEU F 70 14.41 -36.79 12.33
C LEU F 70 15.68 -37.19 13.08
N ALA F 71 16.35 -38.27 12.67
CA ALA F 71 17.64 -38.60 13.27
C ALA F 71 18.70 -37.57 12.94
N ILE F 72 18.72 -37.08 11.69
CA ILE F 72 19.63 -36.01 11.29
C ILE F 72 19.31 -34.73 12.05
N SER F 73 18.01 -34.43 12.21
CA SER F 73 17.58 -33.26 12.95
C SER F 73 18.00 -33.31 14.43
N GLN F 74 17.91 -34.50 15.04
CA GLN F 74 18.34 -34.64 16.43
C GLN F 74 19.85 -34.66 16.59
N GLU F 75 20.58 -35.15 15.58
CA GLU F 75 22.04 -35.11 15.64
C GLU F 75 22.55 -33.68 15.50
N LEU F 76 21.88 -32.85 14.70
CA LEU F 76 22.34 -31.48 14.53
C LEU F 76 21.99 -30.59 15.71
N GLY F 77 20.91 -30.87 16.41
CA GLY F 77 20.58 -30.17 17.64
C GLY F 77 19.58 -29.05 17.46
N PRO F 78 19.14 -28.46 18.57
CA PRO F 78 18.15 -27.37 18.50
C PRO F 78 18.71 -26.05 18.00
N LYS F 79 20.02 -25.90 17.94
CA LYS F 79 20.61 -24.66 17.43
C LYS F 79 20.45 -24.54 15.92
N VAL F 80 20.59 -25.64 15.20
CA VAL F 80 20.55 -25.63 13.73
C VAL F 80 19.10 -25.65 13.27
N PRO F 81 18.68 -24.72 12.42
CA PRO F 81 17.27 -24.70 11.98
C PRO F 81 16.94 -25.85 11.05
N PHE F 82 15.86 -26.55 11.36
CA PHE F 82 15.36 -27.66 10.57
C PHE F 82 13.92 -27.38 10.18
N CYS F 83 13.63 -27.41 8.87
CA CYS F 83 12.33 -27.03 8.35
C CYS F 83 11.67 -28.24 7.68
N PRO F 84 10.82 -28.97 8.38
CA PRO F 84 10.11 -30.08 7.75
C PRO F 84 8.98 -29.57 6.87
N LEU F 85 8.71 -30.31 5.80
CA LEU F 85 7.76 -29.89 4.79
C LEU F 85 7.28 -31.10 4.02
N VAL F 86 5.98 -31.12 3.75
CA VAL F 86 5.38 -32.06 2.82
C VAL F 86 5.18 -31.33 1.50
N GLY F 87 5.26 -32.07 0.39
CA GLY F 87 5.21 -31.47 -0.93
C GLY F 87 3.88 -30.84 -1.30
N SER F 88 2.81 -31.17 -0.59
CA SER F 88 1.51 -30.56 -0.79
C SER F 88 1.40 -29.17 -0.17
N GLU F 89 2.33 -28.78 0.70
CA GLU F 89 2.26 -27.50 1.39
C GLU F 89 2.67 -26.33 0.52
N LEU F 90 3.26 -26.57 -0.65
CA LEU F 90 3.74 -25.47 -1.47
C LEU F 90 2.65 -24.80 -2.28
N TYR F 91 1.46 -25.40 -2.36
CA TYR F 91 0.39 -24.89 -3.20
C TYR F 91 -0.50 -23.95 -2.37
N SER F 92 -0.17 -22.67 -2.43
CA SER F 92 -0.86 -21.64 -1.66
C SER F 92 -1.79 -20.85 -2.57
N VAL F 93 -2.97 -20.52 -2.03
CA VAL F 93 -3.93 -19.69 -2.75
C VAL F 93 -3.63 -18.20 -2.62
N GLU F 94 -2.70 -17.82 -1.74
CA GLU F 94 -2.37 -16.42 -1.53
C GLU F 94 -1.21 -15.95 -2.40
N VAL F 95 -0.19 -16.80 -2.58
CA VAL F 95 0.99 -16.45 -3.34
C VAL F 95 1.36 -17.65 -4.21
N LYS F 96 2.17 -17.39 -5.23
CA LYS F 96 2.63 -18.46 -6.12
C LYS F 96 3.60 -19.39 -5.40
N LYS F 97 3.71 -20.62 -5.92
CA LYS F 97 4.42 -21.69 -5.24
C LYS F 97 5.94 -21.48 -5.24
N THR F 98 6.43 -20.75 -6.25
CA THR F 98 7.84 -20.37 -6.30
C THR F 98 8.24 -19.52 -5.09
N GLU F 99 7.38 -18.58 -4.70
CA GLU F 99 7.64 -17.75 -3.54
C GLU F 99 7.57 -18.55 -2.23
N THR F 100 6.69 -19.54 -2.16
CA THR F 100 6.63 -20.42 -0.99
C THR F 100 7.89 -21.24 -0.83
N LEU F 101 8.42 -21.76 -1.95
CA LEU F 101 9.68 -22.50 -1.91
C LEU F 101 10.85 -21.61 -1.49
N MET F 102 10.92 -20.39 -2.03
CA MET F 102 12.00 -19.48 -1.66
C MET F 102 11.86 -19.02 -0.21
N GLU F 103 10.63 -18.89 0.28
CA GLU F 103 10.40 -18.55 1.68
C GLU F 103 10.89 -19.64 2.62
N ASN F 104 10.65 -20.91 2.26
CA ASN F 104 11.18 -22.01 3.06
C ASN F 104 12.70 -22.10 2.97
N PHE F 105 13.26 -21.79 1.80
CA PHE F 105 14.71 -21.75 1.63
C PHE F 105 15.36 -20.72 2.55
N ARG F 106 14.75 -19.53 2.66
CA ARG F 106 15.29 -18.54 3.58
C ARG F 106 14.98 -18.88 5.04
N ARG F 107 13.90 -19.63 5.28
CA ARG F 107 13.58 -20.04 6.64
C ARG F 107 14.54 -21.10 7.17
N ALA F 108 15.22 -21.84 6.30
CA ALA F 108 16.18 -22.85 6.73
C ALA F 108 17.59 -22.28 7.00
N ILE F 109 17.70 -20.99 7.30
CA ILE F 109 18.98 -20.35 7.58
C ILE F 109 18.86 -19.64 8.92
N GLY F 110 19.82 -19.87 9.81
CA GLY F 110 19.80 -19.26 11.12
C GLY F 110 20.78 -18.11 11.25
N LEU F 111 20.62 -17.37 12.35
CA LEU F 111 21.46 -16.22 12.62
C LEU F 111 21.39 -15.94 14.12
N ARG F 112 22.55 -15.80 14.75
CA ARG F 112 22.63 -15.54 16.18
C ARG F 112 23.26 -14.17 16.37
N ILE F 113 22.48 -13.21 16.86
CA ILE F 113 22.90 -11.82 16.97
C ILE F 113 23.01 -11.44 18.44
N LYS F 114 24.08 -10.76 18.80
CA LYS F 114 24.25 -10.15 20.11
C LYS F 114 23.89 -8.68 20.02
N GLU F 115 22.72 -8.31 20.50
CA GLU F 115 22.17 -6.97 20.34
C GLU F 115 22.14 -6.25 21.68
N THR F 116 22.58 -4.99 21.67
CA THR F 116 22.50 -4.14 22.84
C THR F 116 21.19 -3.35 22.83
N LYS F 117 20.69 -3.04 24.03
CA LYS F 117 19.40 -2.40 24.21
C LYS F 117 19.53 -1.27 25.22
N GLU F 118 19.00 -0.09 24.86
CA GLU F 118 18.94 1.03 25.79
C GLU F 118 17.57 1.03 26.47
N VAL F 119 17.56 0.98 27.79
CA VAL F 119 16.34 0.74 28.55
C VAL F 119 16.18 1.85 29.59
N TYR F 120 15.02 2.50 29.58
CA TYR F 120 14.57 3.33 30.70
C TYR F 120 13.47 2.58 31.42
N GLU F 121 13.58 2.48 32.74
CA GLU F 121 12.57 1.75 33.50
C GLU F 121 12.48 2.33 34.90
N GLY F 122 11.33 2.11 35.52
CA GLY F 122 11.09 2.58 36.87
C GLY F 122 9.61 2.72 37.13
N GLU F 123 9.31 3.24 38.31
CA GLU F 123 7.94 3.49 38.73
C GLU F 123 7.57 4.94 38.47
N VAL F 124 6.42 5.15 37.84
CA VAL F 124 6.00 6.49 37.44
C VAL F 124 5.61 7.30 38.66
N THR F 125 6.34 8.40 38.89
CA THR F 125 6.08 9.28 40.01
C THR F 125 5.27 10.51 39.60
N GLU F 126 5.56 11.10 38.45
CA GLU F 126 4.82 12.25 37.95
C GLU F 126 4.56 12.11 36.46
N LEU F 127 3.48 12.73 36.01
CA LEU F 127 3.04 12.67 34.62
C LEU F 127 2.34 13.99 34.30
N THR F 128 3.10 14.94 33.75
CA THR F 128 2.61 16.30 33.54
C THR F 128 2.90 16.76 32.12
N PRO F 129 1.88 16.88 31.27
CA PRO F 129 2.10 17.45 29.93
C PRO F 129 2.05 18.97 29.94
N GLU F 130 2.79 19.55 29.00
CA GLU F 130 2.74 20.98 28.75
C GLU F 130 2.07 21.25 27.40
N ASP F 131 1.24 22.28 27.36
CA ASP F 131 0.32 22.52 26.27
C ASP F 131 0.98 23.29 25.13
N ALA F 132 0.41 23.14 23.95
CA ALA F 132 0.81 23.94 22.81
C ALA F 132 0.13 25.30 22.84
N GLU F 133 0.69 26.24 22.07
CA GLU F 133 0.11 27.59 22.03
C GLU F 133 -1.22 27.60 21.29
N ASN F 134 -1.26 27.00 20.10
CA ASN F 134 -2.48 26.95 19.28
C ASN F 134 -2.85 25.50 19.00
N PRO F 135 -3.79 24.91 19.74
CA PRO F 135 -4.12 23.51 19.52
C PRO F 135 -4.89 23.24 18.24
N LEU F 136 -5.71 24.19 17.80
CA LEU F 136 -6.53 24.02 16.61
C LEU F 136 -5.88 24.60 15.36
N GLY F 137 -4.55 24.61 15.32
CA GLY F 137 -3.83 25.21 14.20
C GLY F 137 -3.75 24.37 12.95
N GLY F 138 -4.25 23.13 13.00
CA GLY F 138 -4.17 22.23 11.85
C GLY F 138 -2.88 21.46 11.74
N TYR F 139 -1.74 22.14 11.84
CA TYR F 139 -0.43 21.52 11.82
C TYR F 139 0.15 21.55 13.22
N GLY F 140 0.61 20.40 13.70
CA GLY F 140 1.11 20.30 15.05
C GLY F 140 0.14 19.58 15.97
N LYS F 141 0.62 19.21 17.14
CA LYS F 141 -0.13 18.42 18.09
C LYS F 141 -0.80 19.31 19.12
N THR F 142 -1.60 18.68 19.99
CA THR F 142 -2.26 19.39 21.06
C THR F 142 -1.29 19.70 22.21
N ILE F 143 -0.34 18.81 22.47
CA ILE F 143 0.68 19.01 23.48
C ILE F 143 2.02 19.28 22.82
N SER F 144 2.98 19.74 23.61
CA SER F 144 4.36 19.94 23.16
C SER F 144 5.32 18.91 23.74
N HIS F 145 5.35 18.77 25.07
CA HIS F 145 6.20 17.80 25.74
C HIS F 145 5.46 17.26 26.95
N VAL F 146 5.89 16.10 27.44
CA VAL F 146 5.37 15.49 28.65
C VAL F 146 6.54 15.16 29.57
N ILE F 147 6.46 15.60 30.81
CA ILE F 147 7.49 15.31 31.81
C ILE F 147 7.09 14.07 32.59
N VAL F 148 7.93 13.04 32.55
CA VAL F 148 7.72 11.80 33.26
C VAL F 148 8.86 11.60 34.24
N GLY F 149 8.52 11.36 35.50
CA GLY F 149 9.53 11.09 36.50
C GLY F 149 9.54 9.64 36.92
N LEU F 150 10.68 8.98 36.74
CA LEU F 150 10.84 7.57 37.04
C LEU F 150 11.78 7.40 38.21
N LYS F 151 11.44 6.51 39.13
CA LYS F 151 12.30 6.18 40.24
C LYS F 151 12.51 4.68 40.29
N SER F 152 13.66 4.28 40.81
CA SER F 152 14.04 2.88 40.94
C SER F 152 14.88 2.74 42.20
N ALA F 153 15.54 1.59 42.34
CA ALA F 153 16.44 1.37 43.46
C ALA F 153 17.74 2.14 43.22
N LYS F 154 18.06 3.05 44.15
CA LYS F 154 19.22 3.96 44.07
C LYS F 154 19.17 4.79 42.79
N GLY F 155 18.09 5.53 42.60
CA GLY F 155 17.97 6.39 41.44
C GLY F 155 16.63 7.05 41.26
N THR F 156 16.64 8.23 40.64
CA THR F 156 15.43 8.96 40.28
C THR F 156 15.78 9.87 39.11
N LYS F 157 15.06 9.72 38.00
CA LYS F 157 15.42 10.40 36.76
C LYS F 157 14.20 11.11 36.20
N THR F 158 14.39 12.31 35.66
CA THR F 158 13.32 13.12 35.11
C THR F 158 13.45 13.19 33.60
N LEU F 159 12.42 12.76 32.88
CA LEU F 159 12.46 12.61 31.43
C LEU F 159 11.53 13.62 30.76
N ARG F 160 12.05 14.30 29.74
CA ARG F 160 11.25 15.16 28.87
C ARG F 160 11.05 14.43 27.55
N LEU F 161 9.81 14.30 27.12
CA LEU F 161 9.48 13.44 26.00
C LEU F 161 8.89 14.22 24.84
N ASP F 162 9.12 13.71 23.63
CA ASP F 162 8.38 14.14 22.48
C ASP F 162 6.96 13.57 22.52
N PRO F 163 6.03 14.13 21.73
CA PRO F 163 4.68 13.54 21.68
C PRO F 163 4.62 12.11 21.14
N THR F 164 5.53 11.72 20.25
CA THR F 164 5.46 10.41 19.61
C THR F 164 5.71 9.27 20.61
N ILE F 165 6.62 9.48 21.57
CA ILE F 165 6.83 8.49 22.61
C ILE F 165 5.63 8.46 23.57
N TYR F 166 5.07 9.63 23.88
CA TYR F 166 4.00 9.69 24.87
C TYR F 166 2.69 9.11 24.31
N GLU F 167 2.53 9.09 22.99
CA GLU F 167 1.40 8.39 22.39
C GLU F 167 1.48 6.88 22.66
N SER F 168 2.67 6.30 22.57
CA SER F 168 2.86 4.90 22.90
C SER F 168 2.70 4.65 24.39
N ILE F 169 3.18 5.60 25.21
CA ILE F 169 3.05 5.50 26.67
C ILE F 169 1.58 5.47 27.08
N GLN F 170 0.78 6.35 26.49
CA GLN F 170 -0.64 6.37 26.82
C GLN F 170 -1.43 5.27 26.10
N ARG F 171 -0.89 4.72 25.00
CA ARG F 171 -1.50 3.53 24.42
C ARG F 171 -1.30 2.31 25.30
N GLU F 172 -0.22 2.29 26.09
CA GLU F 172 -0.03 1.23 27.07
C GLU F 172 -0.85 1.44 28.33
N LYS F 173 -1.53 2.60 28.45
CA LYS F 173 -2.46 2.94 29.54
C LYS F 173 -1.78 2.97 30.90
N VAL F 174 -0.75 3.81 31.01
CA VAL F 174 -0.03 3.96 32.27
C VAL F 174 -0.78 4.91 33.19
N SER F 175 -0.37 4.93 34.46
CA SER F 175 -0.92 5.83 35.45
C SER F 175 0.18 6.14 36.46
N ILE F 176 -0.12 7.03 37.39
CA ILE F 176 0.81 7.30 38.48
C ILE F 176 0.76 6.12 39.45
N GLY F 177 1.91 5.53 39.73
CA GLY F 177 1.97 4.31 40.51
C GLY F 177 2.22 3.05 39.71
N ASP F 178 2.69 3.18 38.47
CA ASP F 178 2.88 2.06 37.57
C ASP F 178 4.35 1.87 37.27
N VAL F 179 4.78 0.61 37.20
CA VAL F 179 6.15 0.30 36.81
C VAL F 179 6.14 0.05 35.31
N ILE F 180 6.88 0.86 34.57
CA ILE F 180 6.91 0.80 33.12
C ILE F 180 8.31 0.42 32.66
N TYR F 181 8.45 0.21 31.36
CA TYR F 181 9.70 -0.26 30.78
C TYR F 181 9.73 0.27 29.34
N ILE F 182 10.68 1.17 29.06
CA ILE F 182 10.72 1.89 27.79
C ILE F 182 11.92 1.42 27.00
N GLU F 183 11.69 1.01 25.76
CA GLU F 183 12.73 0.59 24.84
C GLU F 183 13.09 1.77 23.94
N ALA F 184 14.36 2.14 23.95
CA ALA F 184 14.81 3.28 23.14
C ALA F 184 15.16 2.90 21.72
N ASN F 185 15.21 1.61 21.40
CA ASN F 185 15.56 1.19 20.05
C ASN F 185 14.41 1.41 19.09
N THR F 186 13.19 1.13 19.53
CA THR F 186 12.01 1.26 18.68
C THR F 186 10.93 2.16 19.26
N GLY F 187 11.09 2.68 20.47
CA GLY F 187 10.05 3.46 21.09
C GLY F 187 8.96 2.64 21.76
N ALA F 188 9.17 1.35 21.95
CA ALA F 188 8.14 0.51 22.55
C ALA F 188 8.13 0.67 24.06
N VAL F 189 6.94 0.68 24.64
CA VAL F 189 6.75 0.76 26.08
C VAL F 189 5.97 -0.45 26.55
N LYS F 190 6.47 -1.11 27.59
CA LYS F 190 5.77 -2.19 28.25
C LYS F 190 5.42 -1.76 29.66
N ARG F 191 4.14 -1.88 30.00
CA ARG F 191 3.67 -1.60 31.35
C ARG F 191 3.68 -2.91 32.13
N VAL F 192 4.58 -3.00 33.10
CA VAL F 192 4.78 -4.26 33.81
C VAL F 192 3.62 -4.54 34.76
N GLY F 193 3.23 -3.55 35.54
CA GLY F 193 2.13 -3.72 36.46
C GLY F 193 2.21 -2.70 37.58
N ARG F 194 1.37 -2.91 38.58
CA ARG F 194 1.33 -2.00 39.72
C ARG F 194 2.52 -2.22 40.64
N SER F 195 2.94 -1.16 41.30
CA SER F 195 3.98 -1.26 42.31
C SER F 195 3.41 -1.80 43.62
N ASP F 196 4.26 -2.51 44.35
CA ASP F 196 3.86 -3.08 45.63
C ASP F 196 4.08 -2.13 46.80
N ALA F 197 4.54 -0.91 46.54
CA ALA F 197 4.74 0.06 47.61
C ALA F 197 3.43 0.61 48.16
N TYR F 198 2.33 0.43 47.43
CA TYR F 198 1.01 0.82 47.87
C TYR F 198 0.20 -0.43 48.21
N ALA F 199 -1.06 -0.22 48.56
CA ALA F 199 -1.93 -1.33 48.92
C ALA F 199 -2.28 -2.16 47.70
N THR F 200 -2.63 -3.42 47.93
CA THR F 200 -2.86 -4.39 46.87
C THR F 200 -4.32 -4.81 46.76
N GLU F 201 -4.99 -4.98 47.90
CA GLU F 201 -6.27 -5.67 47.98
C GLU F 201 -7.47 -4.78 47.64
N PHE F 202 -7.26 -3.68 46.94
CA PHE F 202 -8.35 -2.74 46.67
C PHE F 202 -8.56 -2.53 45.17
N ASP F 203 -8.32 -3.54 44.36
CA ASP F 203 -8.49 -3.45 42.92
C ASP F 203 -9.55 -4.43 42.44
N LEU F 204 -9.94 -4.26 41.17
CA LEU F 204 -10.92 -5.15 40.54
C LEU F 204 -10.50 -5.52 39.13
N GLU F 205 -9.21 -5.41 38.80
CA GLU F 205 -8.76 -5.58 37.42
C GLU F 205 -7.69 -6.66 37.27
N THR F 206 -7.71 -7.68 38.15
CA THR F 206 -6.88 -8.89 38.15
C THR F 206 -5.38 -8.67 37.89
N GLU F 207 -4.89 -7.53 38.36
CA GLU F 207 -3.56 -7.02 38.03
C GLU F 207 -2.48 -7.81 38.75
N GLU F 208 -1.25 -7.65 38.30
CA GLU F 208 -0.11 -8.26 38.95
C GLU F 208 0.82 -7.18 39.49
N TYR F 209 1.38 -7.45 40.66
CA TYR F 209 2.06 -6.44 41.47
C TYR F 209 3.54 -6.75 41.53
N VAL F 210 4.36 -5.82 41.07
CA VAL F 210 5.78 -6.05 40.88
C VAL F 210 6.58 -5.16 41.82
N PRO F 211 7.76 -5.59 42.28
CA PRO F 211 8.59 -4.72 43.11
C PRO F 211 9.29 -3.66 42.27
N LEU F 212 9.93 -2.74 42.97
CA LEU F 212 10.67 -1.67 42.32
C LEU F 212 11.89 -2.24 41.60
N PRO F 213 12.13 -1.86 40.35
CA PRO F 213 13.23 -2.48 39.58
C PRO F 213 14.60 -2.11 40.13
N LYS F 214 15.54 -3.05 39.98
CA LYS F 214 16.88 -2.87 40.48
C LYS F 214 17.73 -2.06 39.49
N GLY F 215 18.81 -1.50 40.01
CA GLY F 215 19.74 -0.77 39.19
C GLY F 215 19.28 0.65 38.88
N GLU F 216 20.06 1.30 38.03
CA GLU F 216 19.74 2.66 37.60
C GLU F 216 18.58 2.65 36.61
N VAL F 217 18.03 3.85 36.37
CA VAL F 217 16.91 3.98 35.45
C VAL F 217 17.37 3.76 34.01
N HIS F 218 18.49 4.35 33.63
CA HIS F 218 19.04 4.21 32.28
C HIS F 218 20.04 3.06 32.27
N LYS F 219 19.84 2.11 31.34
CA LYS F 219 20.63 0.89 31.30
C LYS F 219 21.03 0.59 29.87
N LYS F 220 22.09 -0.21 29.74
CA LYS F 220 22.45 -0.84 28.47
C LYS F 220 22.68 -2.31 28.74
N LYS F 221 21.86 -3.16 28.13
CA LYS F 221 21.92 -4.60 28.36
C LYS F 221 22.12 -5.35 27.05
N GLU F 222 22.72 -6.53 27.15
CA GLU F 222 23.04 -7.37 26.00
C GLU F 222 22.10 -8.56 25.94
N ILE F 223 21.49 -8.77 24.78
CA ILE F 223 20.52 -9.83 24.57
C ILE F 223 20.97 -10.65 23.37
N VAL F 224 21.00 -11.97 23.52
CA VAL F 224 21.31 -12.87 22.42
C VAL F 224 20.01 -13.30 21.76
N GLN F 225 19.89 -13.04 20.45
CA GLN F 225 18.69 -13.32 19.70
C GLN F 225 18.97 -14.39 18.65
N ASP F 226 17.96 -15.20 18.35
CA ASP F 226 18.05 -16.27 17.36
C ASP F 226 16.96 -16.04 16.33
N VAL F 227 17.34 -15.56 15.14
CA VAL F 227 16.40 -15.23 14.09
C VAL F 227 16.73 -16.03 12.84
N THR F 228 15.82 -16.01 11.88
CA THR F 228 16.03 -16.53 10.55
C THR F 228 15.99 -15.38 9.55
N LEU F 229 16.48 -15.64 8.34
CA LEU F 229 16.49 -14.61 7.31
C LEU F 229 15.09 -14.31 6.80
N HIS F 230 14.19 -15.29 6.86
CA HIS F 230 12.80 -15.08 6.51
C HIS F 230 12.12 -14.11 7.46
N ASP F 231 12.52 -14.11 8.73
CA ASP F 231 11.97 -13.16 9.69
C ASP F 231 12.37 -11.73 9.35
N LEU F 232 13.63 -11.53 8.93
CA LEU F 232 14.08 -10.22 8.49
C LEU F 232 13.34 -9.77 7.23
N ASP F 233 13.17 -10.68 6.28
CA ASP F 233 12.45 -10.36 5.04
C ASP F 233 10.98 -10.01 5.30
N VAL F 234 10.31 -10.77 6.16
CA VAL F 234 8.91 -10.52 6.47
C VAL F 234 8.75 -9.23 7.26
N ALA F 235 9.64 -8.99 8.22
CA ALA F 235 9.57 -7.78 9.03
C ALA F 235 9.87 -6.54 8.21
N ASN F 236 10.68 -6.66 7.15
CA ASN F 236 10.92 -5.49 6.31
C ASN F 236 9.87 -5.31 5.22
N ALA F 237 9.23 -6.40 4.77
CA ALA F 237 8.23 -6.28 3.72
C ALA F 237 6.94 -5.65 4.23
N ARG F 238 6.47 -6.11 5.39
CA ARG F 238 5.29 -5.53 6.05
C ARG F 238 5.80 -4.90 7.34
N PRO F 239 6.13 -3.60 7.32
CA PRO F 239 6.77 -2.99 8.48
C PRO F 239 5.80 -2.74 9.63
N GLN F 240 6.18 -3.23 10.81
CA GLN F 240 5.61 -2.86 12.09
C GLN F 240 6.76 -2.58 13.05
N GLY F 241 6.46 -2.09 14.23
CA GLY F 241 7.53 -1.87 15.18
C GLY F 241 8.11 -0.48 15.23
N GLY F 242 7.67 0.41 14.34
CA GLY F 242 7.93 1.83 14.50
C GLY F 242 6.69 2.52 15.07
N GLN F 243 6.90 3.75 15.55
CA GLN F 243 5.79 4.55 16.04
C GLN F 243 5.19 5.45 14.98
N ASP F 244 5.72 5.43 13.76
CA ASP F 244 5.14 6.17 12.65
C ASP F 244 3.85 5.48 12.18
N VAL F 245 3.06 6.23 11.42
CA VAL F 245 1.67 5.87 11.13
C VAL F 245 1.56 4.61 10.28
N ILE F 246 2.47 4.43 9.32
CA ILE F 246 2.38 3.30 8.40
C ILE F 246 2.67 1.99 9.11
N SER F 247 3.68 1.97 9.97
CA SER F 247 3.89 0.81 10.84
C SER F 247 2.81 0.71 11.91
N MET F 248 2.14 1.83 12.22
CA MET F 248 1.17 1.83 13.30
C MET F 248 -0.12 1.17 12.82
N MET F 249 -0.45 1.37 11.54
CA MET F 249 -1.57 0.78 10.84
C MET F 249 -1.24 -0.56 10.19
N GLY F 250 0.04 -0.93 10.10
CA GLY F 250 0.38 -2.26 9.63
C GLY F 250 0.02 -3.37 10.59
N GLN F 251 -0.13 -3.05 11.88
CA GLN F 251 -0.54 -4.05 12.86
C GLN F 251 -2.03 -4.36 12.77
N LEU F 252 -2.82 -3.42 12.27
CA LEU F 252 -4.27 -3.59 12.22
C LEU F 252 -4.76 -4.25 10.94
N LEU F 253 -4.00 -4.16 9.86
CA LEU F 253 -4.41 -4.80 8.61
C LEU F 253 -4.22 -6.31 8.69
N LYS F 254 -5.06 -7.02 7.98
CA LYS F 254 -4.99 -8.48 7.94
C LYS F 254 -3.75 -8.91 7.17
N PRO F 255 -2.93 -9.79 7.73
CA PRO F 255 -1.67 -10.16 7.06
C PRO F 255 -1.92 -11.02 5.82
N LYS F 256 -1.02 -10.86 4.85
CA LYS F 256 -1.12 -11.58 3.58
C LYS F 256 0.29 -11.81 3.06
N LYS F 257 0.52 -13.00 2.51
CA LYS F 257 1.79 -13.29 1.86
C LYS F 257 1.91 -12.49 0.57
N THR F 258 3.09 -11.92 0.35
CA THR F 258 3.39 -11.18 -0.87
C THR F 258 4.63 -11.77 -1.52
N GLU F 259 4.88 -11.36 -2.75
CA GLU F 259 6.05 -11.79 -3.50
C GLU F 259 7.22 -10.88 -3.13
N ILE F 260 8.10 -11.37 -2.25
CA ILE F 260 9.25 -10.59 -1.82
C ILE F 260 10.24 -10.47 -2.98
N THR F 261 10.70 -9.27 -3.23
CA THR F 261 11.58 -9.01 -4.36
C THR F 261 12.99 -9.48 -4.05
N GLU F 262 13.80 -9.53 -5.11
CA GLU F 262 15.21 -9.88 -4.95
C GLU F 262 16.01 -8.74 -4.35
N LYS F 263 15.57 -7.49 -4.58
CA LYS F 263 16.28 -6.33 -4.07
C LYS F 263 16.25 -6.28 -2.54
N LEU F 264 15.10 -6.60 -1.95
CA LEU F 264 14.97 -6.64 -0.50
C LEU F 264 15.85 -7.72 0.11
N ARG F 265 15.93 -8.89 -0.54
CA ARG F 265 16.77 -9.96 -0.02
C ARG F 265 18.25 -9.62 -0.15
N GLN F 266 18.63 -8.93 -1.23
CA GLN F 266 20.01 -8.46 -1.36
C GLN F 266 20.37 -7.42 -0.29
N GLU F 267 19.43 -6.51 0.02
CA GLU F 267 19.71 -5.51 1.06
C GLU F 267 19.77 -6.13 2.45
N VAL F 268 18.90 -7.12 2.72
CA VAL F 268 18.96 -7.84 3.99
C VAL F 268 20.26 -8.61 4.12
N ASN F 269 20.73 -9.21 3.01
CA ASN F 269 22.02 -9.88 2.99
C ASN F 269 23.17 -8.92 3.27
N LYS F 270 23.07 -7.70 2.73
CA LYS F 270 24.12 -6.70 2.97
C LYS F 270 24.18 -6.28 4.44
N VAL F 271 23.00 -6.12 5.07
CA VAL F 271 22.97 -5.75 6.48
C VAL F 271 23.50 -6.88 7.36
N VAL F 272 23.16 -8.13 7.01
CA VAL F 272 23.63 -9.28 7.79
C VAL F 272 25.14 -9.47 7.62
N ALA F 273 25.67 -9.20 6.42
CA ALA F 273 27.10 -9.27 6.20
C ALA F 273 27.85 -8.19 6.97
N LYS F 274 27.27 -6.98 7.03
CA LYS F 274 27.87 -5.92 7.85
C LYS F 274 27.82 -6.25 9.34
N TYR F 275 26.77 -6.95 9.78
CA TYR F 275 26.71 -7.41 11.17
C TYR F 275 27.77 -8.46 11.45
N ILE F 276 27.98 -9.40 10.52
CA ILE F 276 28.95 -10.47 10.70
C ILE F 276 30.37 -9.91 10.71
N ASP F 277 30.64 -8.89 9.87
CA ASP F 277 31.97 -8.32 9.78
C ASP F 277 32.39 -7.55 11.02
N GLN F 278 31.45 -7.10 11.85
CA GLN F 278 31.77 -6.40 13.08
C GLN F 278 31.88 -7.31 14.28
N GLY F 279 31.76 -8.62 14.11
CA GLY F 279 31.88 -9.53 15.23
C GLY F 279 30.66 -9.62 16.11
N VAL F 280 29.49 -9.32 15.56
CA VAL F 280 28.25 -9.33 16.32
C VAL F 280 27.41 -10.56 16.01
N ALA F 281 27.23 -10.88 14.73
CA ALA F 281 26.36 -11.97 14.30
C ALA F 281 27.18 -13.19 13.92
N GLU F 282 26.48 -14.32 13.83
CA GLU F 282 27.08 -15.60 13.43
C GLU F 282 26.05 -16.38 12.64
N LEU F 283 26.48 -16.92 11.50
CA LEU F 283 25.59 -17.59 10.55
C LEU F 283 25.52 -19.08 10.86
N ILE F 284 24.30 -19.61 10.98
CA ILE F 284 24.07 -21.03 11.23
C ILE F 284 23.22 -21.60 10.09
N PRO F 285 23.82 -22.13 9.03
CA PRO F 285 23.04 -22.77 7.97
C PRO F 285 22.37 -24.05 8.44
N GLY F 286 21.24 -24.36 7.83
CA GLY F 286 20.42 -25.47 8.28
C GLY F 286 19.92 -26.39 7.19
N VAL F 287 18.89 -27.17 7.50
CA VAL F 287 18.40 -28.23 6.62
C VAL F 287 16.94 -27.97 6.29
N LEU F 288 16.57 -28.15 5.03
CA LEU F 288 15.19 -28.14 4.57
C LEU F 288 14.83 -29.57 4.15
N PHE F 289 13.78 -30.13 4.74
CA PHE F 289 13.34 -31.48 4.44
C PHE F 289 12.00 -31.42 3.71
N ILE F 290 11.95 -31.99 2.51
CA ILE F 290 10.74 -32.05 1.70
C ILE F 290 10.36 -33.52 1.56
N ASP F 291 9.42 -33.95 2.38
CA ASP F 291 8.86 -35.30 2.27
C ASP F 291 7.79 -35.33 1.19
N GLU F 292 7.67 -36.49 0.55
CA GLU F 292 6.79 -36.74 -0.61
C GLU F 292 7.06 -35.73 -1.72
N VAL F 293 8.30 -35.77 -2.24
CA VAL F 293 8.72 -34.86 -3.30
C VAL F 293 8.10 -35.18 -4.65
N ASN F 294 7.47 -36.35 -4.79
CA ASN F 294 6.78 -36.70 -6.02
C ASN F 294 5.48 -35.93 -6.20
N MET F 295 4.99 -35.25 -5.17
CA MET F 295 3.82 -34.40 -5.30
C MET F 295 4.14 -33.04 -5.91
N LEU F 296 5.41 -32.73 -6.13
CA LEU F 296 5.79 -31.51 -6.82
C LEU F 296 5.59 -31.66 -8.33
N ASP F 297 5.25 -30.56 -8.97
CA ASP F 297 5.16 -30.53 -10.43
C ASP F 297 6.45 -29.95 -11.03
N ILE F 298 6.48 -29.86 -12.35
CA ILE F 298 7.71 -29.59 -13.10
C ILE F 298 8.18 -28.15 -12.90
N GLU F 299 7.28 -27.24 -12.55
CA GLU F 299 7.67 -25.84 -12.33
C GLU F 299 8.48 -25.66 -11.05
N ILE F 300 8.09 -26.33 -9.97
CA ILE F 300 8.83 -26.23 -8.71
C ILE F 300 10.19 -26.91 -8.83
N PHE F 301 10.26 -28.02 -9.57
CA PHE F 301 11.55 -28.67 -9.84
C PHE F 301 12.46 -27.76 -10.67
N THR F 302 11.91 -27.14 -11.71
CA THR F 302 12.69 -26.25 -12.56
C THR F 302 13.15 -25.01 -11.80
N TYR F 303 12.37 -24.56 -10.81
CA TYR F 303 12.86 -23.49 -9.95
C TYR F 303 13.88 -23.99 -8.94
N LEU F 304 13.82 -25.28 -8.55
CA LEU F 304 14.81 -25.84 -7.64
C LEU F 304 16.20 -25.87 -8.26
N ASN F 305 16.28 -26.18 -9.56
CA ASN F 305 17.57 -26.10 -10.27
C ASN F 305 18.16 -24.69 -10.29
N LYS F 306 17.36 -23.64 -10.16
CA LYS F 306 17.94 -22.30 -10.08
C LYS F 306 18.21 -21.89 -8.64
N ALA F 307 17.32 -22.27 -7.72
CA ALA F 307 17.46 -21.89 -6.32
C ALA F 307 18.58 -22.65 -5.62
N LEU F 308 19.00 -23.80 -6.16
CA LEU F 308 20.11 -24.52 -5.59
C LEU F 308 21.46 -23.89 -5.91
N GLU F 309 21.54 -23.03 -6.91
CA GLU F 309 22.80 -22.49 -7.36
C GLU F 309 23.13 -21.16 -6.70
N SER F 310 22.29 -20.68 -5.79
CA SER F 310 22.60 -19.47 -5.04
C SER F 310 23.72 -19.73 -4.05
N ASN F 311 24.38 -18.66 -3.65
CA ASN F 311 25.50 -18.75 -2.72
C ASN F 311 25.06 -18.69 -1.26
N ILE F 312 23.77 -18.86 -0.99
CA ILE F 312 23.27 -18.84 0.38
C ILE F 312 22.32 -20.01 0.60
N ALA F 313 22.26 -20.93 -0.34
CA ALA F 313 21.27 -22.00 -0.28
C ALA F 313 21.60 -23.01 0.81
N PRO F 314 20.59 -23.55 1.49
CA PRO F 314 20.82 -24.57 2.53
C PRO F 314 21.03 -25.97 1.96
N VAL F 315 21.14 -26.95 2.83
CA VAL F 315 21.19 -28.35 2.44
C VAL F 315 19.77 -28.89 2.44
N VAL F 316 19.32 -29.41 1.30
CA VAL F 316 17.94 -29.83 1.13
C VAL F 316 17.89 -31.35 0.98
N VAL F 317 17.11 -31.99 1.84
CA VAL F 317 16.98 -33.45 1.86
C VAL F 317 15.60 -33.80 1.32
N LEU F 318 15.57 -34.65 0.29
CA LEU F 318 14.34 -35.08 -0.35
C LEU F 318 14.07 -36.55 -0.05
N ALA F 319 12.80 -36.94 -0.15
CA ALA F 319 12.40 -38.31 0.08
C ALA F 319 11.33 -38.70 -0.94
N SER F 320 11.43 -39.93 -1.46
CA SER F 320 10.45 -40.43 -2.46
C SER F 320 10.13 -41.92 -2.20
N ASN F 321 9.03 -42.41 -2.77
CA ASN F 321 8.71 -43.86 -2.71
C ASN F 321 8.18 -44.23 -4.09
N ARG F 322 8.87 -43.80 -5.15
CA ARG F 322 8.36 -44.01 -6.53
C ARG F 322 9.34 -44.79 -7.41
N GLY F 323 8.85 -45.79 -8.15
CA GLY F 323 9.65 -46.48 -9.12
C GLY F 323 10.19 -46.09 -10.48
N MET F 324 9.30 -45.81 -11.42
CA MET F 324 9.70 -45.30 -12.73
C MET F 324 8.30 -44.75 -12.98
N THR F 325 8.10 -43.48 -12.61
CA THR F 325 6.79 -42.86 -12.66
C THR F 325 6.87 -41.57 -13.46
N THR F 326 5.72 -41.13 -13.94
CA THR F 326 5.66 -39.88 -14.70
C THR F 326 5.63 -38.68 -13.75
N VAL F 327 6.38 -37.64 -14.11
CA VAL F 327 6.41 -36.43 -13.31
C VAL F 327 5.12 -35.67 -13.50
N ARG F 328 4.62 -35.09 -12.41
CA ARG F 328 3.42 -34.27 -12.47
C ARG F 328 3.68 -33.00 -13.27
N GLY F 329 2.68 -32.59 -14.05
CA GLY F 329 2.85 -31.49 -14.98
C GLY F 329 3.37 -31.90 -16.35
N THR F 330 3.68 -33.17 -16.55
CA THR F 330 4.12 -33.70 -17.83
C THR F 330 3.18 -34.81 -18.26
N GLU F 331 3.32 -35.24 -19.51
CA GLU F 331 2.51 -36.33 -20.05
C GLU F 331 3.32 -37.53 -20.49
N ASP F 332 4.56 -37.35 -20.91
CA ASP F 332 5.36 -38.44 -21.46
C ASP F 332 6.70 -38.66 -20.78
N VAL F 333 7.13 -37.76 -19.90
CA VAL F 333 8.43 -37.88 -19.27
C VAL F 333 8.29 -38.89 -18.12
N ILE F 334 9.11 -39.94 -18.16
CA ILE F 334 9.12 -40.98 -17.14
C ILE F 334 10.54 -41.01 -16.57
N SER F 335 10.63 -40.87 -15.26
CA SER F 335 11.91 -40.64 -14.59
C SER F 335 11.96 -41.46 -13.31
N PRO F 336 13.17 -41.80 -12.84
CA PRO F 336 13.28 -42.50 -11.56
C PRO F 336 12.86 -41.62 -10.39
N HIS F 337 12.12 -42.24 -9.45
CA HIS F 337 11.64 -41.65 -8.20
C HIS F 337 10.71 -40.45 -8.41
N GLY F 338 10.15 -40.29 -9.60
CA GLY F 338 9.30 -39.15 -9.91
C GLY F 338 10.01 -37.82 -9.95
N VAL F 339 11.33 -37.81 -10.10
CA VAL F 339 12.15 -36.60 -10.06
C VAL F 339 12.81 -36.45 -11.41
N PRO F 340 12.73 -35.27 -12.05
CA PRO F 340 13.24 -35.13 -13.42
C PRO F 340 14.75 -35.25 -13.47
N PRO F 341 15.30 -35.67 -14.62
CA PRO F 341 16.75 -35.94 -14.69
C PRO F 341 17.63 -34.71 -14.63
N ASP F 342 17.09 -33.51 -14.86
CA ASP F 342 17.88 -32.30 -14.67
C ASP F 342 18.15 -32.03 -13.20
N LEU F 343 17.32 -32.55 -12.30
CA LEU F 343 17.57 -32.40 -10.87
C LEU F 343 18.33 -33.58 -10.29
N ILE F 344 18.12 -34.79 -10.81
CA ILE F 344 18.79 -36.00 -10.33
C ILE F 344 20.30 -35.91 -10.51
N ASP F 345 20.76 -35.20 -11.54
CA ASP F 345 22.18 -34.99 -11.76
C ASP F 345 22.81 -34.15 -10.65
N ARG F 346 22.02 -33.30 -10.00
CA ARG F 346 22.48 -32.49 -8.88
C ARG F 346 22.24 -33.14 -7.51
N LEU F 347 21.70 -34.35 -7.46
CA LEU F 347 21.45 -35.03 -6.20
C LEU F 347 22.53 -36.08 -5.93
N LEU F 348 22.56 -36.56 -4.68
CA LEU F 348 23.31 -37.74 -4.29
C LEU F 348 22.31 -38.70 -3.64
N ILE F 349 22.12 -39.86 -4.25
CA ILE F 349 21.04 -40.77 -3.87
C ILE F 349 21.53 -41.71 -2.77
N VAL F 350 20.69 -41.91 -1.76
CA VAL F 350 20.96 -42.82 -0.65
C VAL F 350 19.89 -43.90 -0.64
N ARG F 351 20.29 -45.15 -0.85
CA ARG F 351 19.36 -46.27 -0.85
C ARG F 351 18.89 -46.59 0.56
N THR F 352 17.68 -47.15 0.66
CA THR F 352 17.10 -47.56 1.92
C THR F 352 16.34 -48.86 1.68
N LEU F 353 16.88 -49.97 2.22
CA LEU F 353 16.61 -51.39 2.06
C LEU F 353 15.48 -51.87 2.99
N PRO F 354 14.75 -52.91 2.62
CA PRO F 354 13.71 -53.46 3.50
C PRO F 354 14.33 -54.32 4.61
N TYR F 355 13.45 -54.89 5.44
CA TYR F 355 13.84 -55.54 6.67
C TYR F 355 13.66 -57.05 6.58
N ASP F 356 14.06 -57.74 7.64
CA ASP F 356 13.95 -59.19 7.80
C ASP F 356 13.08 -59.47 9.00
N LYS F 357 12.86 -60.76 9.29
CA LYS F 357 11.97 -61.15 10.39
C LYS F 357 12.52 -60.73 11.75
N ASP F 358 13.83 -60.87 11.96
CA ASP F 358 14.42 -60.53 13.24
C ASP F 358 14.39 -59.02 13.49
N GLU F 359 14.64 -58.24 12.43
CA GLU F 359 14.57 -56.78 12.53
C GLU F 359 13.16 -56.31 12.83
N ILE F 360 12.15 -56.93 12.21
CA ILE F 360 10.76 -56.62 12.48
C ILE F 360 10.41 -56.95 13.92
N ARG F 361 10.89 -58.10 14.41
CA ARG F 361 10.61 -58.52 15.78
C ARG F 361 11.23 -57.57 16.80
N THR F 362 12.46 -57.14 16.58
CA THR F 362 13.06 -56.23 17.56
C THR F 362 12.51 -54.81 17.43
N ILE F 363 12.05 -54.39 16.24
CA ILE F 363 11.36 -53.11 16.13
C ILE F 363 10.07 -53.12 16.94
N ILE F 364 9.34 -54.25 16.90
CA ILE F 364 8.16 -54.42 17.73
C ILE F 364 8.53 -54.40 19.21
N GLU F 365 9.70 -54.95 19.55
CA GLU F 365 10.18 -54.92 20.94
C GLU F 365 10.40 -53.50 21.46
N ARG F 366 11.15 -52.67 20.71
CA ARG F 366 11.35 -51.28 21.16
C ARG F 366 10.06 -50.46 21.12
N ARG F 367 9.19 -50.70 20.15
CA ARG F 367 7.92 -49.98 20.14
C ARG F 367 7.01 -50.42 21.28
N ALA F 368 7.17 -51.65 21.76
CA ALA F 368 6.41 -52.10 22.92
C ALA F 368 6.92 -51.48 24.20
N THR F 369 8.25 -51.42 24.38
CA THR F 369 8.73 -50.86 25.65
C THR F 369 8.65 -49.35 25.70
N VAL F 370 8.62 -48.66 24.56
CA VAL F 370 8.38 -47.23 24.57
C VAL F 370 6.93 -46.88 24.90
N GLU F 371 5.97 -47.67 24.39
CA GLU F 371 4.56 -47.48 24.68
C GLU F 371 4.15 -48.01 26.05
N ARG F 372 5.10 -48.51 26.86
CA ARG F 372 4.88 -49.04 28.20
C ARG F 372 3.89 -50.21 28.18
N LEU F 373 4.27 -51.27 27.47
CA LEU F 373 3.49 -52.47 27.37
C LEU F 373 4.39 -53.68 27.52
N GLN F 374 3.81 -54.76 28.04
CA GLN F 374 4.54 -56.00 28.31
C GLN F 374 3.95 -57.12 27.46
N VAL F 375 4.79 -57.77 26.65
CA VAL F 375 4.37 -58.78 25.69
C VAL F 375 5.03 -60.11 26.03
N GLU F 376 4.29 -61.20 25.88
CA GLU F 376 4.84 -62.54 25.96
C GLU F 376 5.73 -62.83 24.75
N SER F 377 6.48 -63.92 24.83
CA SER F 377 7.35 -64.30 23.71
C SER F 377 6.56 -64.90 22.55
N SER F 378 5.55 -65.71 22.85
CA SER F 378 4.75 -66.33 21.80
C SER F 378 3.90 -65.30 21.07
N ALA F 379 3.37 -64.32 21.80
CA ALA F 379 2.65 -63.22 21.18
C ALA F 379 3.57 -62.37 20.31
N LEU F 380 4.83 -62.23 20.73
CA LEU F 380 5.81 -61.51 19.94
C LEU F 380 6.14 -62.25 18.65
N ASP F 381 6.23 -63.58 18.71
CA ASP F 381 6.45 -64.37 17.50
C ASP F 381 5.27 -64.27 16.55
N LEU F 382 4.05 -64.29 17.09
CA LEU F 382 2.85 -64.13 16.27
C LEU F 382 2.78 -62.74 15.63
N LEU F 383 3.17 -61.71 16.38
CA LEU F 383 3.20 -60.35 15.84
C LEU F 383 4.26 -60.20 14.75
N ALA F 384 5.41 -60.84 14.91
CA ALA F 384 6.44 -60.80 13.87
C ALA F 384 5.99 -61.54 12.61
N THR F 385 5.29 -62.66 12.79
CA THR F 385 4.77 -63.39 11.64
C THR F 385 3.69 -62.57 10.90
N MET F 386 2.85 -61.84 11.64
CA MET F 386 1.91 -60.92 11.02
C MET F 386 2.63 -59.80 10.28
N GLY F 387 3.71 -59.28 10.88
CA GLY F 387 4.45 -58.20 10.25
C GLY F 387 5.11 -58.61 8.95
N THR F 388 5.57 -59.86 8.88
CA THR F 388 6.06 -60.37 7.59
C THR F 388 4.93 -60.67 6.63
N GLU F 389 3.78 -61.12 7.14
CA GLU F 389 2.71 -61.54 6.24
C GLU F 389 1.96 -60.36 5.64
N THR F 390 1.69 -59.31 6.42
CA THR F 390 0.88 -58.19 5.94
C THR F 390 1.67 -56.89 5.81
N SER F 391 2.20 -56.37 6.92
CA SER F 391 2.92 -55.10 6.97
C SER F 391 3.53 -54.89 8.35
N LEU F 392 4.64 -54.13 8.43
CA LEU F 392 5.22 -53.81 9.72
C LEU F 392 4.35 -52.83 10.50
N ARG F 393 3.76 -51.86 9.80
CA ARG F 393 2.94 -50.83 10.45
C ARG F 393 1.69 -51.44 11.08
N TYR F 394 1.07 -52.41 10.41
CA TYR F 394 -0.13 -53.06 10.95
C TYR F 394 0.18 -53.84 12.22
N ALA F 395 1.34 -54.49 12.28
CA ALA F 395 1.77 -55.13 13.51
C ALA F 395 2.16 -54.10 14.56
N LEU F 396 2.58 -52.91 14.14
CA LEU F 396 2.98 -51.89 15.11
C LEU F 396 1.77 -51.27 15.80
N GLN F 397 0.71 -50.99 15.03
CA GLN F 397 -0.48 -50.30 15.60
C GLN F 397 -1.34 -51.27 16.41
N LEU F 398 -1.27 -52.57 16.12
CA LEU F 398 -2.16 -53.50 16.79
C LEU F 398 -1.78 -53.69 18.25
N LEU F 399 -0.72 -53.02 18.72
CA LEU F 399 -0.25 -53.21 20.08
C LEU F 399 -1.19 -52.60 21.10
N ALA F 400 -1.71 -51.41 20.81
CA ALA F 400 -2.58 -50.70 21.76
C ALA F 400 -4.01 -51.25 21.85
N PRO F 401 -4.66 -51.71 20.76
CA PRO F 401 -5.89 -52.51 20.98
C PRO F 401 -5.64 -53.78 21.76
N CYS F 402 -4.48 -54.42 21.59
CA CYS F 402 -4.14 -55.58 22.42
C CYS F 402 -3.96 -55.20 23.88
N GLY F 403 -3.37 -54.03 24.14
CA GLY F 403 -3.24 -53.55 25.52
C GLY F 403 -4.57 -53.23 26.16
N ILE F 404 -5.49 -52.63 25.40
CA ILE F 404 -6.83 -52.35 25.91
C ILE F 404 -7.59 -53.66 26.17
N LEU F 405 -7.48 -54.63 25.26
CA LEU F 405 -8.14 -55.91 25.45
C LEU F 405 -7.52 -56.72 26.60
N ALA F 406 -6.24 -56.49 26.89
CA ALA F 406 -5.63 -57.14 28.05
C ALA F 406 -6.03 -56.47 29.35
N GLN F 407 -6.16 -55.14 29.34
CA GLN F 407 -6.57 -54.41 30.53
C GLN F 407 -8.03 -54.67 30.87
N THR F 408 -8.87 -54.91 29.85
CA THR F 408 -10.29 -55.14 30.10
C THR F 408 -10.58 -56.51 30.70
N SER F 409 -9.62 -57.42 30.73
CA SER F 409 -9.77 -58.71 31.39
C SER F 409 -9.01 -58.76 32.71
N ASN F 410 -8.71 -57.60 33.30
CA ASN F 410 -7.96 -57.44 34.55
C ASN F 410 -6.61 -58.13 34.48
N ARG F 411 -5.80 -57.70 33.52
CA ARG F 411 -4.51 -58.31 33.27
C ARG F 411 -3.55 -57.24 32.77
N LYS F 412 -2.27 -57.52 32.91
CA LYS F 412 -1.21 -56.66 32.39
C LYS F 412 -0.53 -57.24 31.17
N GLU F 413 -0.34 -58.56 31.16
CA GLU F 413 0.47 -59.20 30.15
C GLU F 413 -0.34 -59.40 28.88
N ILE F 414 0.30 -59.21 27.73
CA ILE F 414 -0.36 -59.44 26.45
C ILE F 414 -0.12 -60.88 26.04
N VAL F 415 -1.20 -61.62 25.78
CA VAL F 415 -1.11 -63.03 25.42
C VAL F 415 -1.56 -63.22 23.98
N VAL F 416 -1.48 -64.47 23.51
CA VAL F 416 -1.80 -64.81 22.13
C VAL F 416 -3.28 -64.61 21.82
N ASN F 417 -4.15 -64.88 22.79
CA ASN F 417 -5.59 -64.75 22.58
C ASN F 417 -6.00 -63.29 22.36
N ASP F 418 -5.30 -62.35 23.00
CA ASP F 418 -5.56 -60.94 22.76
C ASP F 418 -5.16 -60.54 21.34
N VAL F 419 -4.05 -61.09 20.84
CA VAL F 419 -3.63 -60.80 19.47
C VAL F 419 -4.60 -61.39 18.47
N ASN F 420 -5.15 -62.58 18.77
CA ASN F 420 -6.15 -63.18 17.88
C ASN F 420 -7.46 -62.40 17.89
N GLU F 421 -7.87 -61.91 19.06
CA GLU F 421 -9.07 -61.08 19.15
C GLU F 421 -8.88 -59.76 18.41
N ALA F 422 -7.69 -59.16 18.49
CA ALA F 422 -7.42 -57.94 17.74
C ALA F 422 -7.26 -58.22 16.25
N LYS F 423 -6.87 -59.44 15.88
CA LYS F 423 -6.89 -59.86 14.49
C LYS F 423 -8.32 -59.88 13.96
N LEU F 424 -9.24 -60.41 14.76
CA LEU F 424 -10.62 -60.54 14.32
C LEU F 424 -11.33 -59.19 14.27
N LEU F 425 -11.04 -58.31 15.23
CA LEU F 425 -11.75 -57.05 15.32
C LEU F 425 -11.30 -56.04 14.26
N PHE F 426 -10.01 -56.01 13.95
CA PHE F 426 -9.43 -55.02 13.05
C PHE F 426 -8.78 -55.72 11.87
N LEU F 427 -8.95 -55.14 10.69
CA LEU F 427 -8.46 -55.72 9.46
C LEU F 427 -7.30 -54.89 8.90
N ASP F 428 -6.71 -55.40 7.84
CA ASP F 428 -5.64 -54.73 7.12
C ASP F 428 -6.10 -54.47 5.69
N ALA F 429 -5.16 -54.02 4.84
CA ALA F 429 -5.50 -53.66 3.48
C ALA F 429 -5.87 -54.87 2.64
N LYS F 430 -5.18 -55.99 2.84
CA LYS F 430 -5.36 -57.14 1.95
C LYS F 430 -6.68 -57.85 2.19
N ARG F 431 -7.06 -58.04 3.47
CA ARG F 431 -8.34 -58.67 3.79
C ARG F 431 -9.51 -57.79 3.36
N SER F 432 -9.39 -56.48 3.55
CA SER F 432 -10.45 -55.56 3.13
C SER F 432 -10.58 -55.51 1.61
N THR F 433 -9.45 -55.58 0.89
CA THR F 433 -9.49 -55.65 -0.57
C THR F 433 -10.12 -56.95 -1.06
N LYS F 434 -9.85 -58.05 -0.36
CA LYS F 434 -10.46 -59.33 -0.74
C LYS F 434 -11.96 -59.32 -0.46
N ILE F 435 -12.39 -58.64 0.59
CA ILE F 435 -13.82 -58.46 0.83
C ILE F 435 -14.44 -57.56 -0.24
N LEU F 436 -13.69 -56.54 -0.68
CA LEU F 436 -14.18 -55.62 -1.71
C LEU F 436 -14.37 -56.31 -3.05
N GLU F 437 -13.44 -57.19 -3.43
CA GLU F 437 -13.56 -57.87 -4.72
C GLU F 437 -14.74 -58.84 -4.75
N THR F 438 -14.97 -59.55 -3.66
CA THR F 438 -16.12 -60.45 -3.54
C THR F 438 -17.17 -59.76 -2.67
N SER F 439 -17.94 -58.88 -3.30
CA SER F 439 -18.96 -58.13 -2.59
C SER F 439 -20.13 -57.86 -3.54
N ALA F 440 -21.29 -57.58 -2.95
CA ALA F 440 -22.49 -57.39 -3.74
C ALA F 440 -22.56 -55.97 -4.32
N ASN F 441 -22.60 -54.95 -3.45
CA ASN F 441 -22.78 -53.57 -3.89
C ASN F 441 -21.72 -52.68 -3.25
N TYR F 442 -20.54 -52.64 -3.90
CA TYR F 442 -19.37 -51.78 -3.68
C TYR F 442 -19.09 -51.43 -2.22
N LEU F 443 -18.89 -52.47 -1.39
CA LEU F 443 -18.93 -52.43 0.08
C LEU F 443 -18.17 -51.30 0.79
N SER G 4 -36.58 -30.64 21.48
CA SER G 4 -36.07 -30.09 20.23
C SER G 4 -36.74 -30.76 19.04
N LEU G 5 -36.02 -30.84 17.92
CA LEU G 5 -36.52 -31.44 16.71
C LEU G 5 -35.87 -32.80 16.48
N ILE G 6 -36.53 -33.64 15.69
CA ILE G 6 -36.15 -35.03 15.53
C ILE G 6 -35.28 -35.17 14.29
N ALA G 7 -34.09 -35.74 14.45
CA ALA G 7 -33.11 -35.93 13.40
C ALA G 7 -32.93 -37.41 13.10
N ALA G 8 -31.95 -37.72 12.24
CA ALA G 8 -31.75 -39.08 11.79
C ALA G 8 -31.18 -39.97 12.89
N HIS G 9 -30.29 -39.44 13.72
CA HIS G 9 -29.65 -40.19 14.78
C HIS G 9 -30.01 -39.62 16.15
N SER G 10 -31.27 -39.24 16.32
CA SER G 10 -31.73 -38.71 17.59
C SER G 10 -31.99 -39.80 18.62
N HIS G 11 -32.01 -41.06 18.21
CA HIS G 11 -32.32 -42.17 19.09
C HIS G 11 -31.07 -42.86 19.64
N ILE G 12 -29.88 -42.41 19.26
CA ILE G 12 -28.63 -43.05 19.65
C ILE G 12 -27.97 -42.18 20.71
N THR G 13 -27.90 -42.70 21.94
CA THR G 13 -27.21 -42.03 23.04
C THR G 13 -26.26 -43.04 23.66
N GLY G 14 -25.08 -43.18 23.08
CA GLY G 14 -24.10 -44.12 23.56
C GLY G 14 -23.86 -45.25 22.57
N LEU G 15 -23.10 -46.24 23.04
CA LEU G 15 -22.66 -47.34 22.20
C LEU G 15 -23.24 -48.69 22.61
N GLY G 16 -23.84 -48.80 23.78
CA GLY G 16 -24.46 -50.04 24.21
C GLY G 16 -23.48 -51.13 24.55
N LEU G 17 -22.59 -50.87 25.51
CA LEU G 17 -21.53 -51.80 25.87
C LEU G 17 -21.53 -52.04 27.37
N ASP G 18 -21.01 -53.19 27.76
CA ASP G 18 -20.91 -53.57 29.16
C ASP G 18 -19.59 -53.08 29.75
N GLU G 19 -19.26 -53.54 30.95
CA GLU G 19 -17.98 -53.18 31.54
C GLU G 19 -16.83 -53.96 30.91
N ASN G 20 -17.12 -55.10 30.30
CA ASN G 20 -16.12 -55.91 29.62
C ASN G 20 -16.07 -55.65 28.12
N LEU G 21 -16.56 -54.48 27.69
CA LEU G 21 -16.61 -54.05 26.28
C LEU G 21 -17.37 -55.04 25.40
N GLN G 22 -18.44 -55.63 25.94
CA GLN G 22 -19.26 -56.57 25.21
C GLN G 22 -20.59 -55.91 24.87
N PRO G 23 -21.06 -55.99 23.63
CA PRO G 23 -22.30 -55.29 23.27
C PRO G 23 -23.54 -56.06 23.71
N ARG G 24 -24.52 -55.32 24.17
CA ARG G 24 -25.86 -55.86 24.36
C ARG G 24 -26.58 -55.93 23.01
N PRO G 25 -27.50 -56.87 22.84
CA PRO G 25 -28.27 -56.92 21.58
C PRO G 25 -29.16 -55.70 21.33
N THR G 26 -29.65 -55.06 22.38
CA THR G 26 -30.50 -53.88 22.23
C THR G 26 -30.21 -52.95 23.40
N SER G 27 -29.47 -51.87 23.14
CA SER G 27 -29.11 -50.94 24.20
C SER G 27 -28.72 -49.60 23.59
N GLU G 28 -29.16 -48.52 24.24
CA GLU G 28 -28.82 -47.13 23.92
C GLU G 28 -29.17 -46.76 22.48
N GLY G 29 -30.27 -47.32 21.96
CA GLY G 29 -30.71 -47.05 20.62
C GLY G 29 -29.99 -47.79 19.52
N MET G 30 -29.06 -48.68 19.85
CA MET G 30 -28.29 -49.42 18.87
C MET G 30 -28.66 -50.89 18.94
N VAL G 31 -28.96 -51.48 17.78
CA VAL G 31 -29.29 -52.90 17.70
C VAL G 31 -28.40 -53.56 16.67
N GLY G 32 -27.91 -54.75 17.01
CA GLY G 32 -27.03 -55.49 16.13
C GLY G 32 -25.66 -54.84 16.02
N GLN G 33 -24.93 -55.27 14.98
CA GLN G 33 -23.59 -54.80 14.64
C GLN G 33 -22.61 -54.96 15.80
N LEU G 34 -22.41 -56.22 16.21
CA LEU G 34 -21.71 -56.49 17.46
C LEU G 34 -20.20 -56.24 17.34
N GLN G 35 -19.58 -56.69 16.25
CA GLN G 35 -18.13 -56.59 16.11
C GLN G 35 -17.67 -55.16 15.90
N ALA G 36 -18.41 -54.39 15.09
CA ALA G 36 -18.09 -52.99 14.88
C ALA G 36 -18.27 -52.17 16.15
N ARG G 37 -19.28 -52.50 16.95
CA ARG G 37 -19.50 -51.80 18.22
C ARG G 37 -18.41 -52.14 19.22
N ARG G 38 -17.93 -53.39 19.24
CA ARG G 38 -16.83 -53.76 20.13
C ARG G 38 -15.53 -53.06 19.72
N ALA G 39 -15.25 -53.00 18.42
CA ALA G 39 -14.07 -52.29 17.93
C ALA G 39 -14.15 -50.79 18.22
N ALA G 40 -15.35 -50.20 18.07
CA ALA G 40 -15.55 -48.81 18.40
C ALA G 40 -15.39 -48.55 19.90
N GLY G 41 -15.78 -49.51 20.74
CA GLY G 41 -15.53 -49.38 22.17
C GLY G 41 -14.05 -49.43 22.50
N VAL G 42 -13.29 -50.24 21.76
CA VAL G 42 -11.83 -50.25 21.91
C VAL G 42 -11.24 -48.89 21.53
N ILE G 43 -11.71 -48.31 20.43
CA ILE G 43 -11.24 -46.98 20.01
C ILE G 43 -11.65 -45.92 21.05
N LEU G 44 -12.83 -46.09 21.65
CA LEU G 44 -13.30 -45.18 22.70
C LEU G 44 -12.40 -45.23 23.93
N LYS G 45 -12.00 -46.42 24.36
CA LYS G 45 -11.05 -46.53 25.47
C LYS G 45 -9.68 -45.99 25.10
N MET G 46 -9.29 -46.13 23.83
CA MET G 46 -8.03 -45.57 23.35
C MET G 46 -8.03 -44.05 23.43
N VAL G 47 -9.16 -43.42 23.10
CA VAL G 47 -9.27 -41.98 23.23
C VAL G 47 -9.31 -41.56 24.69
N GLN G 48 -10.02 -42.33 25.53
CA GLN G 48 -10.18 -41.98 26.94
C GLN G 48 -8.87 -42.13 27.72
N ASN G 49 -7.96 -43.00 27.26
CA ASN G 49 -6.66 -43.09 27.91
C ASN G 49 -5.81 -41.85 27.65
N GLY G 50 -5.84 -41.33 26.43
CA GLY G 50 -5.07 -40.16 26.10
C GLY G 50 -3.59 -40.36 26.01
N THR G 51 -3.14 -41.59 25.77
CA THR G 51 -1.72 -41.91 25.80
C THR G 51 -1.05 -41.77 24.43
N ILE G 52 -1.74 -42.11 23.35
CA ILE G 52 -1.12 -42.16 22.03
C ILE G 52 -1.77 -41.14 21.12
N ALA G 53 -1.20 -40.99 19.93
CA ALA G 53 -1.56 -39.93 19.01
C ALA G 53 -1.48 -40.42 17.57
N GLY G 54 -2.32 -39.84 16.73
CA GLY G 54 -2.26 -40.05 15.30
C GLY G 54 -2.58 -41.44 14.80
N ARG G 55 -3.64 -42.05 15.31
CA ARG G 55 -4.10 -43.35 14.82
C ARG G 55 -5.22 -43.13 13.82
N ALA G 56 -5.13 -43.80 12.68
CA ALA G 56 -6.14 -43.72 11.64
C ALA G 56 -7.05 -44.93 11.71
N VAL G 57 -8.35 -44.69 11.79
CA VAL G 57 -9.36 -45.73 11.81
C VAL G 57 -10.24 -45.54 10.59
N LEU G 58 -10.46 -46.61 9.85
CA LEU G 58 -11.33 -46.59 8.67
C LEU G 58 -12.55 -47.45 8.95
N VAL G 59 -13.73 -46.89 8.70
CA VAL G 59 -14.99 -47.61 8.81
C VAL G 59 -15.51 -47.82 7.40
N ALA G 60 -15.65 -49.08 7.00
CA ALA G 60 -16.01 -49.41 5.63
C ALA G 60 -17.16 -50.40 5.62
N GLY G 61 -18.07 -50.21 4.67
CA GLY G 61 -19.21 -51.06 4.51
C GLY G 61 -20.11 -50.57 3.40
N PRO G 62 -21.14 -51.34 3.07
CA PRO G 62 -22.12 -50.89 2.08
C PRO G 62 -22.98 -49.76 2.63
N PRO G 63 -23.72 -49.04 1.77
CA PRO G 63 -24.62 -48.00 2.28
C PRO G 63 -25.76 -48.55 3.12
N SER G 64 -26.25 -47.68 4.01
CA SER G 64 -27.36 -47.95 4.94
C SER G 64 -27.05 -49.15 5.85
N THR G 65 -25.97 -48.99 6.63
CA THR G 65 -25.45 -50.11 7.40
C THR G 65 -25.19 -49.65 8.85
N GLY G 66 -24.93 -48.37 9.05
CA GLY G 66 -24.74 -47.87 10.39
C GLY G 66 -23.39 -47.25 10.67
N LYS G 67 -22.82 -46.63 9.64
CA LYS G 67 -21.51 -46.01 9.75
C LYS G 67 -21.56 -44.74 10.61
N THR G 68 -22.36 -43.77 10.17
CA THR G 68 -22.53 -42.53 10.92
C THR G 68 -23.27 -42.77 12.23
N ALA G 69 -24.08 -43.84 12.29
CA ALA G 69 -24.66 -44.26 13.56
C ALA G 69 -23.58 -44.65 14.57
N LEU G 70 -22.57 -45.37 14.11
CA LEU G 70 -21.43 -45.72 14.96
C LEU G 70 -20.64 -44.48 15.36
N ALA G 71 -20.49 -43.53 14.43
CA ALA G 71 -19.79 -42.28 14.74
C ALA G 71 -20.53 -41.46 15.80
N MET G 72 -21.85 -41.34 15.69
CA MET G 72 -22.59 -40.61 16.72
C MET G 72 -22.67 -41.39 18.03
N GLY G 73 -22.61 -42.71 17.98
CA GLY G 73 -22.51 -43.48 19.21
C GLY G 73 -21.20 -43.22 19.95
N VAL G 74 -20.10 -43.14 19.20
CA VAL G 74 -18.80 -42.80 19.78
C VAL G 74 -18.82 -41.38 20.34
N SER G 75 -19.43 -40.44 19.60
CA SER G 75 -19.49 -39.05 20.06
C SER G 75 -20.36 -38.90 21.31
N GLN G 76 -21.47 -39.64 21.38
CA GLN G 76 -22.35 -39.56 22.55
C GLN G 76 -21.74 -40.25 23.76
N SER G 77 -20.96 -41.31 23.54
CA SER G 77 -20.27 -41.95 24.65
C SER G 77 -18.98 -41.25 25.02
N LEU G 78 -18.51 -40.30 24.21
CA LEU G 78 -17.26 -39.60 24.49
C LEU G 78 -17.43 -38.61 25.64
N GLY G 79 -18.64 -38.14 25.87
CA GLY G 79 -18.92 -37.21 26.95
C GLY G 79 -18.62 -35.78 26.58
N LYS G 80 -18.96 -34.89 27.52
CA LYS G 80 -18.70 -33.47 27.35
C LYS G 80 -17.22 -33.18 27.55
N ASP G 81 -16.82 -31.97 27.12
CA ASP G 81 -15.50 -31.35 27.25
C ASP G 81 -14.41 -32.07 26.46
N VAL G 82 -14.73 -33.06 25.63
CA VAL G 82 -13.77 -33.71 24.75
C VAL G 82 -14.17 -33.37 23.32
N PRO G 83 -13.28 -32.79 22.51
CA PRO G 83 -13.69 -32.32 21.19
C PRO G 83 -13.99 -33.44 20.20
N PHE G 84 -15.03 -33.22 19.41
CA PHE G 84 -15.44 -34.15 18.35
C PHE G 84 -15.72 -33.30 17.10
N THR G 85 -14.74 -33.23 16.21
CA THR G 85 -14.86 -32.45 14.98
C THR G 85 -15.34 -33.35 13.85
N ALA G 86 -16.50 -33.04 13.29
CA ALA G 86 -17.08 -33.79 12.20
C ALA G 86 -17.10 -32.93 10.95
N ILE G 87 -16.35 -33.35 9.93
CA ILE G 87 -16.31 -32.67 8.64
C ILE G 87 -16.61 -33.67 7.55
N ALA G 88 -17.09 -33.15 6.42
CA ALA G 88 -17.26 -33.94 5.20
C ALA G 88 -16.05 -33.74 4.31
N GLY G 89 -16.03 -34.49 3.21
CA GLY G 89 -14.87 -34.44 2.33
C GLY G 89 -14.79 -33.19 1.49
N SER G 90 -15.90 -32.50 1.30
CA SER G 90 -15.96 -31.37 0.38
C SER G 90 -15.70 -30.02 1.03
N GLU G 91 -15.58 -29.96 2.36
CA GLU G 91 -15.38 -28.69 3.03
C GLU G 91 -13.93 -28.22 2.99
N ILE G 92 -13.01 -29.06 2.54
CA ILE G 92 -11.59 -28.69 2.51
C ILE G 92 -11.32 -27.69 1.40
N PHE G 93 -12.05 -27.81 0.29
CA PHE G 93 -11.81 -26.96 -0.88
C PHE G 93 -12.36 -25.57 -0.64
N SER G 94 -11.46 -24.61 -0.43
CA SER G 94 -11.82 -23.23 -0.13
C SER G 94 -11.08 -22.30 -1.07
N LEU G 95 -11.64 -21.12 -1.28
CA LEU G 95 -11.05 -20.12 -2.15
C LEU G 95 -10.10 -19.17 -1.43
N GLU G 96 -10.05 -19.22 -0.10
CA GLU G 96 -9.11 -18.41 0.66
C GLU G 96 -8.16 -19.23 1.50
N LEU G 97 -8.34 -20.54 1.60
CA LEU G 97 -7.46 -21.43 2.32
C LEU G 97 -7.00 -22.55 1.40
N SER G 98 -5.73 -22.94 1.53
CA SER G 98 -5.24 -24.12 0.85
C SER G 98 -5.76 -25.38 1.52
N LYS G 99 -5.59 -26.51 0.83
CA LYS G 99 -6.07 -27.78 1.36
C LYS G 99 -5.30 -28.21 2.61
N THR G 100 -3.99 -27.97 2.61
CA THR G 100 -3.17 -28.32 3.76
C THR G 100 -3.47 -27.42 4.95
N GLU G 101 -3.76 -26.14 4.71
CA GLU G 101 -4.14 -25.24 5.79
C GLU G 101 -5.48 -25.62 6.40
N ALA G 102 -6.45 -26.00 5.54
CA ALA G 102 -7.76 -26.43 6.04
C ALA G 102 -7.66 -27.73 6.84
N LEU G 103 -6.83 -28.67 6.37
CA LEU G 103 -6.63 -29.90 7.13
C LEU G 103 -5.87 -29.66 8.43
N THR G 104 -4.94 -28.70 8.43
CA THR G 104 -4.22 -28.34 9.65
C THR G 104 -5.16 -27.74 10.69
N GLN G 105 -6.08 -26.88 10.25
CA GLN G 105 -7.06 -26.32 11.18
C GLN G 105 -8.04 -27.38 11.67
N ALA G 106 -8.41 -28.33 10.81
CA ALA G 106 -9.27 -29.43 11.26
C ALA G 106 -8.56 -30.35 12.24
N PHE G 107 -7.25 -30.51 12.09
CA PHE G 107 -6.46 -31.27 13.07
C PHE G 107 -6.38 -30.53 14.40
N ARG G 108 -6.18 -29.21 14.36
CA ARG G 108 -6.00 -28.44 15.58
C ARG G 108 -7.31 -28.10 16.28
N LYS G 109 -8.46 -28.28 15.62
CA LYS G 109 -9.72 -28.10 16.32
C LYS G 109 -10.05 -29.26 17.25
N SER G 110 -9.36 -30.38 17.13
CA SER G 110 -9.70 -31.59 17.86
C SER G 110 -8.80 -31.83 19.08
N ILE G 111 -8.00 -30.85 19.47
CA ILE G 111 -7.14 -30.96 20.64
C ILE G 111 -7.55 -29.87 21.63
N GLY G 112 -8.07 -30.29 22.77
CA GLY G 112 -8.55 -29.37 23.79
C GLY G 112 -7.52 -29.08 24.85
N ILE G 113 -7.37 -27.80 25.19
CA ILE G 113 -6.50 -27.35 26.26
C ILE G 113 -7.37 -26.89 27.41
N LYS G 114 -7.23 -27.56 28.55
CA LYS G 114 -8.04 -27.30 29.73
C LYS G 114 -7.22 -26.48 30.71
N ILE G 115 -7.61 -25.22 30.92
CA ILE G 115 -6.83 -24.24 31.66
C ILE G 115 -7.42 -24.07 33.04
N LYS G 116 -6.54 -24.07 34.05
CA LYS G 116 -6.93 -23.84 35.44
C LYS G 116 -6.77 -22.37 35.77
N GLU G 117 -7.83 -21.77 36.33
CA GLU G 117 -7.82 -20.33 36.58
C GLU G 117 -8.34 -20.04 37.98
N GLU G 118 -7.63 -19.15 38.68
CA GLU G 118 -7.97 -18.71 40.02
C GLU G 118 -8.73 -17.38 39.94
N THR G 119 -9.95 -17.37 40.44
CA THR G 119 -10.79 -16.18 40.39
C THR G 119 -11.23 -15.79 41.80
N GLU G 120 -11.76 -14.57 41.91
CA GLU G 120 -12.29 -14.04 43.16
C GLU G 120 -13.69 -13.49 42.90
N LEU G 121 -14.64 -13.83 43.77
CA LEU G 121 -16.02 -13.41 43.64
C LEU G 121 -16.38 -12.39 44.72
N ILE G 122 -17.10 -11.35 44.32
CA ILE G 122 -17.53 -10.29 45.23
C ILE G 122 -19.03 -10.08 45.06
N GLU G 123 -19.78 -10.28 46.15
CA GLU G 123 -21.22 -10.03 46.16
C GLU G 123 -21.60 -9.16 47.35
N GLY G 124 -22.49 -8.21 47.13
CA GLY G 124 -22.91 -7.31 48.19
C GLY G 124 -23.80 -6.22 47.67
N GLU G 125 -24.11 -5.28 48.57
CA GLU G 125 -24.93 -4.12 48.24
C GLU G 125 -24.06 -2.93 47.85
N VAL G 126 -24.47 -2.23 46.79
CA VAL G 126 -23.77 -1.04 46.34
C VAL G 126 -24.21 0.14 47.21
N VAL G 127 -23.25 0.82 47.82
CA VAL G 127 -23.52 1.98 48.66
C VAL G 127 -23.32 3.27 47.90
N GLU G 128 -22.18 3.43 47.23
CA GLU G 128 -21.87 4.67 46.52
C GLU G 128 -21.05 4.34 45.29
N ILE G 129 -21.40 4.96 44.17
CA ILE G 129 -20.61 4.88 42.94
C ILE G 129 -20.19 6.29 42.57
N GLN G 130 -18.89 6.49 42.45
CA GLN G 130 -18.32 7.72 41.93
C GLN G 130 -17.60 7.39 40.63
N ILE G 131 -17.95 8.10 39.56
CA ILE G 131 -17.37 7.88 38.24
C ILE G 131 -16.81 9.21 37.76
N ASP G 132 -15.51 9.23 37.46
CA ASP G 132 -14.85 10.40 36.92
C ASP G 132 -14.49 10.14 35.47
N ARG G 133 -15.00 10.97 34.57
CA ARG G 133 -14.74 10.84 33.15
C ARG G 133 -14.12 12.12 32.62
N SER G 134 -13.53 12.03 31.44
CA SER G 134 -13.00 13.19 30.77
C SER G 134 -14.12 13.94 30.05
N ILE G 135 -13.77 15.06 29.41
CA ILE G 135 -14.76 15.86 28.71
C ILE G 135 -15.25 15.14 27.45
N THR G 136 -14.33 14.54 26.69
CA THR G 136 -14.74 13.76 25.54
C THR G 136 -15.26 12.37 25.89
N GLY G 137 -15.05 11.92 27.12
CA GLY G 137 -15.61 10.65 27.55
C GLY G 137 -14.77 9.42 27.26
N GLY G 138 -13.49 9.59 26.93
CA GLY G 138 -12.64 8.45 26.63
C GLY G 138 -12.02 7.82 27.86
N HIS G 139 -11.32 8.63 28.65
CA HIS G 139 -10.69 8.18 29.89
C HIS G 139 -11.75 8.09 30.98
N LYS G 140 -11.83 6.94 31.64
CA LYS G 140 -12.77 6.74 32.74
C LYS G 140 -12.04 6.13 33.93
N GLN G 141 -12.38 6.60 35.13
CA GLN G 141 -11.89 6.05 36.38
C GLN G 141 -12.91 6.35 37.46
N GLY G 142 -12.80 5.65 38.57
CA GLY G 142 -13.73 5.90 39.66
C GLY G 142 -13.55 4.95 40.81
N LYS G 143 -14.50 5.00 41.73
CA LYS G 143 -14.49 4.21 42.95
C LYS G 143 -15.87 3.57 43.16
N LEU G 144 -15.86 2.37 43.73
CA LEU G 144 -17.08 1.63 44.03
C LEU G 144 -17.07 1.29 45.51
N THR G 145 -18.17 1.59 46.19
CA THR G 145 -18.30 1.34 47.62
C THR G 145 -19.35 0.26 47.79
N ILE G 146 -18.91 -0.93 48.20
CA ILE G 146 -19.77 -2.10 48.30
C ILE G 146 -19.74 -2.61 49.74
N LYS G 147 -20.86 -3.18 50.17
CA LYS G 147 -21.03 -3.59 51.55
C LYS G 147 -21.81 -4.88 51.63
N THR G 148 -21.55 -5.63 52.69
CA THR G 148 -22.37 -6.76 53.13
C THR G 148 -22.81 -6.47 54.57
N THR G 149 -23.36 -7.50 55.22
CA THR G 149 -23.82 -7.34 56.60
C THR G 149 -22.66 -7.02 57.54
N ASP G 150 -21.51 -7.69 57.37
CA ASP G 150 -20.40 -7.55 58.29
C ASP G 150 -19.27 -6.65 57.80
N MET G 151 -19.08 -6.51 56.48
CA MET G 151 -17.89 -5.84 55.95
C MET G 151 -18.29 -4.68 55.05
N GLU G 152 -17.26 -3.92 54.63
CA GLU G 152 -17.39 -2.71 53.85
C GLU G 152 -16.02 -2.46 53.24
N THR G 153 -15.96 -2.16 51.94
CA THR G 153 -14.68 -1.95 51.28
C THR G 153 -14.87 -1.03 50.08
N ILE G 154 -14.07 0.03 50.01
CA ILE G 154 -14.05 0.93 48.87
C ILE G 154 -13.03 0.39 47.87
N TYR G 155 -13.50 0.08 46.66
CA TYR G 155 -12.66 -0.45 45.61
C TYR G 155 -12.31 0.65 44.60
N GLU G 156 -11.41 0.31 43.69
CA GLU G 156 -11.03 1.17 42.58
C GLU G 156 -11.43 0.53 41.27
N LEU G 157 -12.03 1.31 40.39
CA LEU G 157 -12.53 0.81 39.12
C LEU G 157 -11.67 1.30 37.96
N GLY G 158 -11.68 0.51 36.88
CA GLY G 158 -11.06 0.89 35.63
C GLY G 158 -12.09 0.93 34.52
N ASN G 159 -11.64 1.09 33.27
CA ASN G 159 -12.53 1.41 32.15
C ASN G 159 -13.54 0.30 31.88
N LYS G 160 -13.11 -0.96 31.95
CA LYS G 160 -14.00 -2.08 31.68
C LYS G 160 -15.06 -2.22 32.77
N MET G 161 -14.72 -1.90 34.02
CA MET G 161 -15.68 -1.98 35.10
C MET G 161 -16.75 -0.89 34.98
N ILE G 162 -16.37 0.33 34.63
CA ILE G 162 -17.36 1.38 34.42
C ILE G 162 -18.21 1.09 33.18
N ASP G 163 -17.62 0.51 32.14
CA ASP G 163 -18.39 0.13 30.96
C ASP G 163 -19.40 -0.96 31.28
N GLY G 164 -19.03 -1.91 32.14
CA GLY G 164 -19.99 -2.92 32.56
C GLY G 164 -20.97 -2.44 33.61
N LEU G 165 -20.64 -1.34 34.29
CA LEU G 165 -21.55 -0.79 35.28
C LEU G 165 -22.62 0.10 34.64
N THR G 166 -22.25 0.83 33.58
CA THR G 166 -23.21 1.68 32.89
C THR G 166 -24.21 0.85 32.10
N LYS G 167 -23.74 -0.18 31.42
CA LYS G 167 -24.63 -1.22 30.91
C LYS G 167 -25.27 -1.94 32.10
N GLU G 168 -26.55 -2.29 31.93
CA GLU G 168 -27.46 -2.82 32.98
C GLU G 168 -27.31 -2.05 34.30
N LYS G 169 -27.77 -0.80 34.25
CA LYS G 169 -27.50 0.25 35.23
C LYS G 169 -27.82 -0.16 36.66
N VAL G 170 -26.84 0.01 37.55
CA VAL G 170 -27.03 -0.23 38.97
C VAL G 170 -27.10 1.11 39.68
N LEU G 171 -27.94 1.20 40.71
CA LEU G 171 -28.47 2.48 41.17
C LEU G 171 -28.44 2.60 42.68
N ALA G 172 -27.30 2.28 43.30
CA ALA G 172 -26.98 2.56 44.71
C ALA G 172 -27.99 1.91 45.66
N GLY G 173 -27.94 0.58 45.68
CA GLY G 173 -28.87 -0.20 46.49
C GLY G 173 -29.22 -1.51 45.83
N ASP G 174 -28.70 -1.72 44.63
CA ASP G 174 -28.81 -3.01 43.97
C ASP G 174 -27.73 -3.96 44.50
N VAL G 175 -28.00 -5.24 44.35
CA VAL G 175 -27.08 -6.30 44.78
C VAL G 175 -26.43 -6.89 43.55
N ILE G 176 -25.11 -6.78 43.46
CA ILE G 176 -24.37 -7.21 42.29
C ILE G 176 -23.37 -8.30 42.66
N SER G 177 -22.98 -9.09 41.68
CA SER G 177 -21.97 -10.12 41.83
C SER G 177 -20.87 -9.88 40.81
N ILE G 178 -19.64 -9.77 41.27
CA ILE G 178 -18.50 -9.43 40.42
C ILE G 178 -17.59 -10.64 40.32
N ASP G 179 -17.29 -11.04 39.08
CA ASP G 179 -16.28 -12.06 38.81
C ASP G 179 -15.03 -11.34 38.35
N LYS G 180 -13.92 -11.58 39.04
CA LYS G 180 -12.71 -10.79 38.82
C LYS G 180 -11.92 -11.25 37.61
N ALA G 181 -11.96 -12.54 37.29
CA ALA G 181 -11.19 -13.08 36.17
C ALA G 181 -11.96 -13.04 34.86
N SER G 182 -13.28 -13.24 34.89
CA SER G 182 -14.09 -13.13 33.69
C SER G 182 -14.59 -11.71 33.44
N GLY G 183 -14.48 -10.83 34.42
CA GLY G 183 -14.89 -9.45 34.26
C GLY G 183 -16.37 -9.23 34.09
N LYS G 184 -17.20 -9.99 34.80
CA LYS G 184 -18.64 -9.98 34.60
C LYS G 184 -19.33 -9.28 35.76
N ILE G 185 -20.23 -8.35 35.44
CA ILE G 185 -21.06 -7.69 36.43
C ILE G 185 -22.47 -8.24 36.26
N THR G 186 -23.01 -8.83 37.31
CA THR G 186 -24.33 -9.45 37.27
C THR G 186 -25.19 -8.87 38.37
N LYS G 187 -26.32 -8.28 37.99
CA LYS G 187 -27.25 -7.67 38.94
C LYS G 187 -28.23 -8.74 39.42
N LEU G 188 -28.26 -8.97 40.73
CA LEU G 188 -29.12 -10.01 41.29
C LEU G 188 -30.48 -9.49 41.71
N GLY G 189 -30.57 -8.23 42.12
CA GLY G 189 -31.84 -7.69 42.58
C GLY G 189 -31.62 -6.34 43.23
N ARG G 190 -32.60 -5.96 44.06
CA ARG G 190 -32.62 -4.68 44.74
C ARG G 190 -33.17 -4.89 46.14
N SER G 191 -32.52 -4.31 47.14
CA SER G 191 -32.90 -4.50 48.53
C SER G 191 -33.23 -3.22 49.29
N PHE G 192 -32.77 -2.05 48.83
CA PHE G 192 -32.90 -0.83 49.62
C PHE G 192 -34.32 -0.29 49.62
N ALA G 193 -35.02 -0.41 48.49
CA ALA G 193 -36.39 0.09 48.27
C ALA G 193 -36.46 1.61 48.51
N ARG G 194 -35.77 2.32 47.63
CA ARG G 194 -35.70 3.78 47.69
C ARG G 194 -37.07 4.40 47.43
N SER G 195 -37.43 5.36 48.28
CA SER G 195 -38.76 5.97 48.20
C SER G 195 -38.90 6.89 46.99
N ARG G 196 -37.89 7.73 46.75
CA ARG G 196 -37.96 8.72 45.68
C ARG G 196 -37.37 8.12 44.42
N ASP G 197 -38.24 7.66 43.52
CA ASP G 197 -37.84 7.02 42.26
C ASP G 197 -38.32 7.91 41.11
N TYR G 198 -37.39 8.59 40.45
CA TYR G 198 -37.70 9.35 39.26
C TYR G 198 -37.92 8.46 38.03
N ASP G 199 -39.15 7.96 37.89
CA ASP G 199 -39.47 6.84 37.02
C ASP G 199 -39.44 7.28 35.55
N ALA G 200 -38.25 7.22 34.96
CA ALA G 200 -38.09 7.21 33.52
C ALA G 200 -38.16 5.81 32.95
N MET G 201 -38.23 4.80 33.81
CA MET G 201 -38.13 3.40 33.42
C MET G 201 -39.26 2.60 34.05
N GLY G 202 -39.47 1.40 33.51
CA GLY G 202 -40.46 0.49 34.03
C GLY G 202 -39.85 -0.69 34.75
N ALA G 203 -38.81 -0.43 35.54
CA ALA G 203 -38.13 -1.49 36.25
C ALA G 203 -38.98 -2.03 37.39
N ASP G 204 -39.06 -3.36 37.47
CA ASP G 204 -39.78 -4.08 38.50
C ASP G 204 -38.84 -5.08 39.17
N THR G 205 -37.69 -4.58 39.61
CA THR G 205 -36.57 -5.41 40.03
C THR G 205 -36.90 -6.22 41.29
N ARG G 206 -36.26 -7.37 41.41
CA ARG G 206 -36.59 -8.35 42.44
C ARG G 206 -36.14 -7.85 43.81
N PHE G 207 -36.91 -8.24 44.83
CA PHE G 207 -36.56 -7.93 46.21
C PHE G 207 -35.74 -9.09 46.75
N VAL G 208 -34.43 -8.92 46.79
CA VAL G 208 -33.53 -9.93 47.32
C VAL G 208 -32.99 -9.45 48.66
N GLN G 209 -32.46 -10.40 49.43
CA GLN G 209 -31.89 -10.09 50.73
C GLN G 209 -30.46 -9.58 50.54
N CYS G 210 -30.01 -8.78 51.50
CA CYS G 210 -28.61 -8.36 51.51
C CYS G 210 -27.76 -9.55 51.95
N PRO G 211 -26.73 -9.93 51.19
CA PRO G 211 -25.93 -11.09 51.56
C PRO G 211 -25.07 -10.84 52.79
N GLU G 212 -24.72 -11.92 53.48
CA GLU G 212 -23.96 -11.84 54.71
C GLU G 212 -22.70 -12.67 54.58
N GLY G 213 -21.72 -12.36 55.42
CA GLY G 213 -20.47 -13.10 55.43
C GLY G 213 -19.35 -12.39 54.73
N GLU G 214 -18.42 -13.16 54.16
CA GLU G 214 -17.23 -12.60 53.55
C GLU G 214 -17.56 -11.92 52.23
N LEU G 215 -16.99 -10.74 52.02
CA LEU G 215 -17.24 -9.98 50.80
C LEU G 215 -16.50 -10.60 49.61
N GLN G 216 -15.26 -11.00 49.80
CA GLN G 216 -14.41 -11.53 48.74
C GLN G 216 -14.15 -13.01 48.99
N LYS G 217 -14.42 -13.84 47.99
CA LYS G 217 -14.28 -15.29 48.10
C LYS G 217 -13.54 -15.82 46.88
N ARG G 218 -12.54 -16.67 47.11
CA ARG G 218 -11.76 -17.28 46.05
C ARG G 218 -12.50 -18.49 45.49
N LYS G 219 -12.21 -18.82 44.23
CA LYS G 219 -12.85 -19.94 43.55
C LYS G 219 -11.95 -20.41 42.42
N THR G 220 -11.85 -21.72 42.25
CA THR G 220 -11.11 -22.33 41.15
C THR G 220 -12.09 -22.72 40.04
N VAL G 221 -11.80 -22.27 38.82
CA VAL G 221 -12.60 -22.60 37.65
C VAL G 221 -11.75 -23.35 36.65
N VAL G 222 -12.41 -24.07 35.75
CA VAL G 222 -11.77 -24.78 34.65
C VAL G 222 -12.56 -24.52 33.38
N HIS G 223 -11.85 -24.31 32.28
CA HIS G 223 -12.48 -24.10 30.99
C HIS G 223 -11.59 -24.70 29.90
N THR G 224 -12.23 -25.27 28.89
CA THR G 224 -11.52 -25.95 27.81
C THR G 224 -11.52 -25.08 26.56
N VAL G 225 -10.34 -24.89 25.99
CA VAL G 225 -10.14 -24.12 24.78
C VAL G 225 -9.44 -25.01 23.77
N SER G 226 -9.57 -24.68 22.49
CA SER G 226 -8.95 -25.48 21.45
C SER G 226 -7.63 -24.86 20.99
N LEU G 227 -6.79 -25.70 20.38
CA LEU G 227 -5.49 -25.25 19.90
C LEU G 227 -5.62 -24.27 18.73
N HIS G 228 -6.62 -24.49 17.87
CA HIS G 228 -6.90 -23.59 16.77
C HIS G 228 -7.34 -22.22 17.28
N GLU G 229 -8.06 -22.19 18.40
CA GLU G 229 -8.55 -20.91 18.92
C GLU G 229 -7.41 -20.07 19.50
N ILE G 230 -6.45 -20.72 20.15
CA ILE G 230 -5.26 -20.02 20.63
C ILE G 230 -4.44 -19.51 19.47
N ASP G 231 -4.30 -20.31 18.40
CA ASP G 231 -3.56 -19.86 17.22
C ASP G 231 -4.22 -18.66 16.55
N VAL G 232 -5.55 -18.69 16.42
CA VAL G 232 -6.27 -17.60 15.75
C VAL G 232 -6.25 -16.33 16.61
N ILE G 233 -6.36 -16.48 17.93
CA ILE G 233 -6.26 -15.33 18.83
C ILE G 233 -4.87 -14.71 18.76
N ASN G 234 -3.83 -15.54 18.75
CA ASN G 234 -2.47 -15.02 18.74
C ASN G 234 -1.97 -14.60 17.36
N SER G 235 -2.72 -14.87 16.30
CA SER G 235 -2.24 -14.58 14.94
C SER G 235 -2.17 -13.08 14.66
N ARG G 236 -3.24 -12.34 14.97
CA ARG G 236 -3.27 -10.92 14.64
C ARG G 236 -3.97 -10.16 15.76
N THR G 237 -4.28 -8.89 15.48
CA THR G 237 -4.82 -8.00 16.51
C THR G 237 -6.28 -8.32 16.82
N GLN G 238 -7.06 -8.66 15.81
CA GLN G 238 -8.49 -8.89 16.02
C GLN G 238 -8.88 -10.31 15.65
N GLY G 239 -8.11 -11.30 16.12
CA GLY G 239 -8.37 -12.68 15.79
C GLY G 239 -9.58 -13.28 16.47
N PHE G 240 -10.01 -12.71 17.59
CA PHE G 240 -11.22 -13.20 18.26
C PHE G 240 -12.46 -12.99 17.40
N LEU G 241 -12.48 -11.93 16.60
CA LEU G 241 -13.51 -11.79 15.59
C LEU G 241 -13.39 -12.86 14.51
N ALA G 242 -12.15 -13.18 14.11
CA ALA G 242 -11.90 -14.17 13.06
C ALA G 242 -12.21 -15.59 13.52
N LEU G 243 -12.38 -15.82 14.82
CA LEU G 243 -12.93 -17.08 15.28
C LEU G 243 -14.40 -17.26 14.93
N PHE G 244 -15.09 -16.17 14.59
CA PHE G 244 -16.50 -16.19 14.22
C PHE G 244 -16.74 -15.88 12.76
N THR G 245 -15.94 -15.00 12.15
CA THR G 245 -16.10 -14.71 10.73
C THR G 245 -15.28 -15.64 9.84
N GLY G 246 -14.38 -16.43 10.39
CA GLY G 246 -13.58 -17.29 9.55
C GLY G 246 -12.56 -16.58 8.68
N ASP G 247 -12.12 -15.39 9.08
CA ASP G 247 -11.11 -14.64 8.34
C ASP G 247 -9.71 -14.95 8.82
N THR G 248 -9.37 -16.23 8.86
CA THR G 248 -8.06 -16.71 9.28
C THR G 248 -7.34 -17.21 8.05
N GLY G 249 -6.67 -16.30 7.35
CA GLY G 249 -6.08 -16.67 6.09
C GLY G 249 -4.65 -17.13 6.18
N GLU G 250 -4.44 -18.45 6.22
CA GLU G 250 -3.12 -19.09 6.13
C GLU G 250 -2.17 -18.62 7.24
N ILE G 251 -2.52 -19.04 8.47
CA ILE G 251 -1.70 -18.74 9.64
C ILE G 251 -0.29 -19.26 9.47
N ARG G 252 0.69 -18.42 9.77
CA ARG G 252 2.09 -18.73 9.54
C ARG G 252 2.56 -19.82 10.52
N SER G 253 3.64 -20.50 10.12
CA SER G 253 4.11 -21.66 10.89
C SER G 253 4.77 -21.24 12.20
N GLU G 254 5.36 -20.05 12.25
CA GLU G 254 6.06 -19.57 13.43
C GLU G 254 5.12 -19.41 14.61
N VAL G 255 3.88 -18.96 14.34
CA VAL G 255 2.83 -18.89 15.35
C VAL G 255 2.57 -20.26 15.93
N ARG G 256 2.53 -21.28 15.08
CA ARG G 256 2.22 -22.63 15.53
C ARG G 256 3.35 -23.23 16.36
N ASP G 257 4.61 -22.98 15.97
CA ASP G 257 5.73 -23.46 16.79
C ASP G 257 5.77 -22.80 18.15
N GLN G 258 5.53 -21.48 18.21
CA GLN G 258 5.53 -20.80 19.50
C GLN G 258 4.35 -21.22 20.37
N ILE G 259 3.20 -21.51 19.76
CA ILE G 259 2.05 -21.98 20.53
C ILE G 259 2.30 -23.38 21.09
N ASN G 260 2.95 -24.25 20.30
CA ASN G 260 3.29 -25.59 20.78
C ASN G 260 4.25 -25.55 21.95
N THR G 261 5.28 -24.68 21.86
CA THR G 261 6.23 -24.54 22.97
C THR G 261 5.57 -23.96 24.21
N LYS G 262 4.67 -22.97 24.04
CA LYS G 262 4.00 -22.37 25.19
C LYS G 262 2.99 -23.33 25.81
N VAL G 263 2.37 -24.21 25.03
CA VAL G 263 1.43 -25.19 25.58
C VAL G 263 2.19 -26.24 26.38
N ALA G 264 3.36 -26.67 25.88
CA ALA G 264 4.21 -27.56 26.66
C ALA G 264 4.69 -26.90 27.95
N GLU G 265 5.00 -25.60 27.88
CA GLU G 265 5.39 -24.86 29.08
C GLU G 265 4.26 -24.77 30.09
N TRP G 266 3.03 -24.53 29.62
CA TRP G 266 1.89 -24.49 30.53
C TRP G 266 1.59 -25.85 31.14
N LYS G 267 1.85 -26.94 30.41
CA LYS G 267 1.78 -28.27 31.01
C LYS G 267 2.84 -28.45 32.08
N GLU G 268 4.03 -27.87 31.89
CA GLU G 268 5.11 -28.07 32.85
C GLU G 268 4.86 -27.37 34.18
N GLU G 269 4.06 -26.30 34.21
CA GLU G 269 3.73 -25.65 35.47
C GLU G 269 2.46 -26.18 36.11
N GLY G 270 1.74 -27.09 35.46
CA GLY G 270 0.48 -27.53 36.01
C GLY G 270 -0.66 -26.55 35.84
N LYS G 271 -0.49 -25.55 34.99
CA LYS G 271 -1.57 -24.61 34.71
C LYS G 271 -2.59 -25.21 33.75
N ALA G 272 -2.15 -25.98 32.77
CA ALA G 272 -3.02 -26.53 31.75
C ALA G 272 -2.77 -28.01 31.56
N GLU G 273 -3.64 -28.65 30.78
CA GLU G 273 -3.44 -30.03 30.36
C GLU G 273 -4.08 -30.22 28.98
N ILE G 274 -3.62 -31.26 28.28
CA ILE G 274 -4.01 -31.51 26.90
C ILE G 274 -5.03 -32.64 26.88
N VAL G 275 -6.20 -32.36 26.33
CA VAL G 275 -7.28 -33.33 26.19
C VAL G 275 -7.53 -33.54 24.70
N PRO G 276 -7.02 -34.63 24.13
CA PRO G 276 -7.23 -34.90 22.71
C PRO G 276 -8.60 -35.50 22.45
N GLY G 277 -9.03 -35.39 21.20
CA GLY G 277 -10.33 -35.88 20.82
C GLY G 277 -10.36 -36.64 19.53
N VAL G 278 -11.51 -36.64 18.85
CA VAL G 278 -11.73 -37.41 17.63
C VAL G 278 -12.05 -36.45 16.50
N LEU G 279 -11.36 -36.61 15.38
CA LEU G 279 -11.74 -35.96 14.14
C LEU G 279 -12.39 -37.01 13.24
N PHE G 280 -13.61 -36.73 12.81
CA PHE G 280 -14.39 -37.66 11.98
C PHE G 280 -14.55 -37.07 10.59
N ILE G 281 -13.96 -37.73 9.60
CA ILE G 281 -14.08 -37.31 8.20
C ILE G 281 -15.03 -38.29 7.52
N ASP G 282 -16.25 -37.84 7.26
CA ASP G 282 -17.21 -38.61 6.51
C ASP G 282 -17.04 -38.37 5.02
N GLU G 283 -17.29 -39.43 4.24
CA GLU G 283 -17.08 -39.48 2.79
C GLU G 283 -15.65 -39.06 2.43
N VAL G 284 -14.69 -39.88 2.88
CA VAL G 284 -13.27 -39.55 2.75
C VAL G 284 -12.74 -39.78 1.35
N HIS G 285 -13.50 -40.44 0.47
CA HIS G 285 -13.10 -40.61 -0.91
C HIS G 285 -13.17 -39.31 -1.70
N MET G 286 -13.83 -38.28 -1.19
CA MET G 286 -13.88 -36.98 -1.84
C MET G 286 -12.74 -36.08 -1.38
N LEU G 287 -11.53 -36.62 -1.43
CA LEU G 287 -10.30 -35.88 -1.10
C LEU G 287 -9.28 -36.14 -2.19
N ASP G 288 -8.47 -35.12 -2.46
CA ASP G 288 -7.44 -35.24 -3.48
C ASP G 288 -6.26 -36.04 -2.95
N ILE G 289 -5.35 -36.40 -3.87
CA ILE G 289 -4.17 -37.18 -3.50
C ILE G 289 -3.21 -36.34 -2.65
N GLU G 290 -3.23 -35.02 -2.82
CA GLU G 290 -2.38 -34.14 -2.01
C GLU G 290 -2.85 -34.12 -0.55
N CYS G 291 -4.16 -34.21 -0.33
CA CYS G 291 -4.69 -34.29 1.03
C CYS G 291 -4.27 -35.59 1.72
N PHE G 292 -4.29 -36.70 0.99
CA PHE G 292 -3.83 -37.97 1.53
C PHE G 292 -2.33 -37.95 1.84
N SER G 293 -1.53 -37.34 0.96
CA SER G 293 -0.11 -37.20 1.19
C SER G 293 0.19 -36.29 2.39
N PHE G 294 -0.67 -35.30 2.64
CA PHE G 294 -0.50 -34.48 3.82
C PHE G 294 -0.90 -35.21 5.09
N ILE G 295 -1.99 -36.00 5.03
CA ILE G 295 -2.49 -36.70 6.22
C ILE G 295 -1.50 -37.77 6.67
N ASN G 296 -0.82 -38.41 5.70
CA ASN G 296 0.16 -39.45 5.99
C ASN G 296 1.31 -38.96 6.88
N ARG G 297 1.65 -37.68 6.78
CA ARG G 297 2.71 -37.11 7.60
C ARG G 297 2.19 -36.20 8.70
N ALA G 298 0.92 -35.81 8.64
CA ALA G 298 0.33 -35.07 9.74
C ALA G 298 -0.14 -35.98 10.86
N LEU G 299 -0.23 -37.28 10.60
CA LEU G 299 -0.56 -38.22 11.66
C LEU G 299 0.61 -38.53 12.59
N GLU G 300 1.82 -38.05 12.29
CA GLU G 300 3.02 -38.41 13.03
C GLU G 300 3.48 -37.30 13.97
N ASP G 301 2.61 -36.35 14.29
CA ASP G 301 2.96 -35.24 15.15
C ASP G 301 2.56 -35.55 16.59
N GLU G 302 3.16 -34.82 17.52
CA GLU G 302 2.83 -34.98 18.94
C GLU G 302 1.40 -34.57 19.23
N PHE G 303 0.93 -33.47 18.61
CA PHE G 303 -0.44 -33.00 18.76
C PHE G 303 -1.26 -33.49 17.57
N ALA G 304 -1.66 -34.75 17.63
CA ALA G 304 -2.50 -35.35 16.59
C ALA G 304 -3.66 -36.08 17.25
N PRO G 305 -4.88 -35.89 16.76
CA PRO G 305 -6.02 -36.60 17.33
C PRO G 305 -6.14 -37.99 16.72
N ILE G 306 -7.20 -38.69 17.09
CA ILE G 306 -7.56 -39.95 16.46
C ILE G 306 -8.47 -39.65 15.29
N VAL G 307 -8.04 -40.01 14.09
CA VAL G 307 -8.76 -39.72 12.85
C VAL G 307 -9.62 -40.92 12.51
N MET G 308 -10.93 -40.70 12.39
CA MET G 308 -11.89 -41.72 12.01
C MET G 308 -12.48 -41.36 10.66
N MET G 309 -12.39 -42.28 9.70
CA MET G 309 -12.86 -42.06 8.34
C MET G 309 -13.93 -43.08 8.00
N ALA G 310 -14.93 -42.64 7.23
CA ALA G 310 -16.03 -43.50 6.80
C ALA G 310 -16.10 -43.51 5.29
N THR G 311 -16.17 -44.71 4.72
CA THR G 311 -16.21 -44.89 3.27
C THR G 311 -17.23 -45.96 2.92
N ASN G 312 -17.95 -45.73 1.84
CA ASN G 312 -19.00 -46.62 1.36
C ASN G 312 -18.72 -47.10 -0.06
N ARG G 313 -17.48 -46.96 -0.50
CA ARG G 313 -17.10 -47.11 -1.90
C ARG G 313 -16.16 -48.30 -2.07
N GLY G 314 -16.21 -48.92 -3.25
CA GLY G 314 -15.39 -50.07 -3.57
C GLY G 314 -14.08 -49.69 -4.21
N VAL G 315 -13.61 -50.54 -5.13
CA VAL G 315 -12.40 -50.27 -5.89
C VAL G 315 -12.75 -49.22 -6.93
N SER G 316 -12.46 -47.96 -6.62
CA SER G 316 -12.83 -46.85 -7.47
C SER G 316 -11.66 -45.89 -7.63
N LYS G 317 -11.86 -44.90 -8.49
CA LYS G 317 -10.77 -44.03 -8.91
C LYS G 317 -10.42 -43.04 -7.79
N THR G 318 -9.14 -42.97 -7.46
CA THR G 318 -8.67 -41.98 -6.51
C THR G 318 -8.64 -40.62 -7.19
N ARG G 319 -9.15 -39.60 -6.50
CA ARG G 319 -9.23 -38.27 -7.08
C ARG G 319 -7.84 -37.65 -7.22
N GLY G 320 -7.61 -36.98 -8.35
CA GLY G 320 -6.33 -36.41 -8.66
C GLY G 320 -5.40 -37.35 -9.41
N THR G 321 -5.76 -38.62 -9.53
CA THR G 321 -4.95 -39.60 -10.23
C THR G 321 -5.75 -40.23 -11.36
N ASN G 322 -5.18 -41.23 -12.02
CA ASN G 322 -5.89 -41.94 -13.09
C ASN G 322 -5.94 -43.44 -12.82
N TYR G 323 -5.79 -43.86 -11.58
CA TYR G 323 -5.84 -45.27 -11.23
C TYR G 323 -6.89 -45.52 -10.17
N LYS G 324 -7.34 -46.77 -10.09
CA LYS G 324 -8.37 -47.19 -9.15
C LYS G 324 -7.72 -47.93 -7.99
N SER G 325 -8.13 -47.61 -6.77
CA SER G 325 -7.56 -48.13 -5.54
C SER G 325 -8.69 -48.61 -4.65
N PRO G 326 -8.42 -49.55 -3.74
CA PRO G 326 -9.46 -49.98 -2.79
C PRO G 326 -9.89 -48.86 -1.86
N HIS G 327 -11.21 -48.78 -1.63
CA HIS G 327 -11.90 -47.78 -0.83
C HIS G 327 -11.71 -46.35 -1.33
N GLY G 328 -11.22 -46.16 -2.55
CA GLY G 328 -10.87 -44.84 -3.03
C GLY G 328 -9.66 -44.21 -2.39
N LEU G 329 -8.86 -44.97 -1.63
CA LEU G 329 -7.75 -44.44 -0.89
C LEU G 329 -6.45 -45.08 -1.36
N PRO G 330 -5.37 -44.32 -1.44
CA PRO G 330 -4.08 -44.90 -1.83
C PRO G 330 -3.52 -45.81 -0.76
N LEU G 331 -2.60 -46.68 -1.18
CA LEU G 331 -2.13 -47.76 -0.33
C LEU G 331 -1.22 -47.27 0.80
N ASP G 332 -0.66 -46.07 0.68
CA ASP G 332 0.12 -45.49 1.79
C ASP G 332 -0.80 -45.14 2.96
N LEU G 333 -1.95 -44.56 2.68
CA LEU G 333 -2.91 -44.25 3.74
C LEU G 333 -3.54 -45.52 4.30
N LEU G 334 -3.76 -46.52 3.45
CA LEU G 334 -4.30 -47.79 3.92
C LEU G 334 -3.28 -48.60 4.70
N ASP G 335 -1.98 -48.32 4.53
CA ASP G 335 -0.96 -49.01 5.31
C ASP G 335 -1.02 -48.63 6.78
N ARG G 336 -1.23 -47.36 7.08
CA ARG G 336 -1.22 -46.86 8.46
C ARG G 336 -2.62 -46.68 9.03
N SER G 337 -3.56 -47.55 8.64
CA SER G 337 -4.91 -47.50 9.17
C SER G 337 -5.38 -48.90 9.53
N ILE G 338 -6.23 -48.97 10.55
CA ILE G 338 -6.89 -50.20 10.95
C ILE G 338 -8.37 -50.09 10.56
N ILE G 339 -8.88 -51.13 9.90
CA ILE G 339 -10.16 -51.06 9.20
C ILE G 339 -11.22 -51.82 9.98
N ILE G 340 -12.34 -51.15 10.25
CA ILE G 340 -13.53 -51.78 10.82
C ILE G 340 -14.54 -52.03 9.70
N THR G 341 -14.99 -53.27 9.59
CA THR G 341 -15.89 -53.69 8.52
C THR G 341 -17.29 -53.88 9.11
N THR G 342 -18.27 -53.24 8.48
CA THR G 342 -19.65 -53.27 8.92
C THR G 342 -20.51 -54.02 7.91
N LYS G 343 -21.46 -54.83 8.41
CA LYS G 343 -22.17 -55.80 7.61
C LYS G 343 -23.65 -55.45 7.49
N SER G 344 -24.30 -56.07 6.50
CA SER G 344 -25.71 -55.82 6.22
C SER G 344 -26.61 -56.45 7.28
N TYR G 345 -27.91 -56.16 7.18
CA TYR G 345 -28.86 -56.47 8.24
C TYR G 345 -29.79 -57.61 7.84
N ASN G 346 -30.33 -58.25 8.87
CA ASN G 346 -31.39 -59.25 8.73
C ASN G 346 -32.75 -58.54 8.73
N GLU G 347 -33.83 -59.31 8.87
CA GLU G 347 -35.15 -58.69 8.92
C GLU G 347 -35.55 -58.30 10.34
N GLN G 348 -35.04 -59.00 11.36
CA GLN G 348 -35.40 -58.67 12.73
C GLN G 348 -34.72 -57.38 13.17
N GLU G 349 -33.51 -57.14 12.70
CA GLU G 349 -32.82 -55.89 12.96
C GLU G 349 -33.53 -54.71 12.29
N ILE G 350 -34.04 -54.93 11.08
CA ILE G 350 -34.81 -53.90 10.38
C ILE G 350 -36.12 -53.60 11.13
N LYS G 351 -36.78 -54.65 11.64
CA LYS G 351 -37.99 -54.45 12.43
C LYS G 351 -37.71 -53.68 13.72
N THR G 352 -36.61 -54.02 14.41
CA THR G 352 -36.27 -53.32 15.65
C THR G 352 -35.88 -51.87 15.39
N ILE G 353 -35.20 -51.61 14.26
CA ILE G 353 -34.85 -50.26 13.85
C ILE G 353 -36.11 -49.44 13.60
N LEU G 354 -37.07 -50.03 12.88
CA LEU G 354 -38.31 -49.30 12.58
C LEU G 354 -39.14 -49.06 13.83
N SER G 355 -39.13 -50.01 14.77
CA SER G 355 -39.86 -49.82 16.03
C SER G 355 -39.23 -48.71 16.87
N ILE G 356 -37.89 -48.66 16.94
CA ILE G 356 -37.22 -47.61 17.70
C ILE G 356 -37.43 -46.24 17.05
N ARG G 357 -37.35 -46.19 15.72
CA ARG G 357 -37.57 -44.92 15.01
C ARG G 357 -39.03 -44.47 15.10
N ALA G 358 -39.97 -45.41 15.24
CA ALA G 358 -41.35 -45.02 15.48
C ALA G 358 -41.54 -44.51 16.91
N GLN G 359 -40.85 -45.11 17.87
CA GLN G 359 -40.94 -44.64 19.25
C GLN G 359 -40.29 -43.28 19.44
N GLU G 360 -39.28 -42.97 18.62
CA GLU G 360 -38.63 -41.67 18.75
C GLU G 360 -39.49 -40.55 18.19
N GLU G 361 -40.25 -40.83 17.14
CA GLU G 361 -41.11 -39.83 16.52
C GLU G 361 -42.47 -39.71 17.20
N GLU G 362 -42.70 -40.47 18.28
CA GLU G 362 -43.96 -40.50 19.04
C GLU G 362 -45.14 -40.84 18.15
N VAL G 363 -44.97 -41.93 17.40
CA VAL G 363 -45.94 -42.37 16.42
C VAL G 363 -46.28 -43.81 16.74
N GLU G 364 -47.57 -44.09 16.94
CA GLU G 364 -48.02 -45.41 17.36
C GLU G 364 -48.34 -46.25 16.13
N LEU G 365 -47.76 -47.44 16.06
CA LEU G 365 -47.93 -48.33 14.92
C LEU G 365 -48.66 -49.61 15.35
N SER G 366 -49.47 -50.13 14.45
CA SER G 366 -50.09 -51.43 14.68
C SER G 366 -49.11 -52.54 14.35
N SER G 367 -49.52 -53.79 14.63
CA SER G 367 -48.65 -54.92 14.37
C SER G 367 -48.50 -55.18 12.88
N ASP G 368 -49.62 -55.22 12.15
CA ASP G 368 -49.56 -55.56 10.72
C ASP G 368 -48.93 -54.44 9.91
N ALA G 369 -49.08 -53.20 10.37
CA ALA G 369 -48.34 -52.08 9.76
C ALA G 369 -46.85 -52.23 9.96
N LEU G 370 -46.44 -52.71 11.14
CA LEU G 370 -45.03 -52.98 11.40
C LEU G 370 -44.49 -54.10 10.52
N ASP G 371 -45.28 -55.17 10.32
CA ASP G 371 -44.82 -56.24 9.43
C ASP G 371 -44.73 -55.80 7.97
N LEU G 372 -45.67 -54.97 7.51
CA LEU G 372 -45.61 -54.55 6.11
C LEU G 372 -44.50 -53.52 5.90
N LEU G 373 -44.25 -52.66 6.89
CA LEU G 373 -43.10 -51.76 6.82
C LEU G 373 -41.79 -52.53 6.88
N THR G 374 -41.73 -53.62 7.65
CA THR G 374 -40.56 -54.48 7.69
C THR G 374 -40.33 -55.16 6.33
N LYS G 375 -41.41 -55.64 5.72
CA LYS G 375 -41.31 -56.27 4.41
C LYS G 375 -40.85 -55.29 3.33
N THR G 376 -41.39 -54.06 3.35
CA THR G 376 -40.94 -53.09 2.38
C THR G 376 -39.58 -52.49 2.71
N GLY G 377 -39.10 -52.64 3.95
CA GLY G 377 -37.76 -52.18 4.26
C GLY G 377 -36.73 -53.25 3.96
N VAL G 378 -37.20 -54.49 3.83
CA VAL G 378 -36.35 -55.57 3.37
C VAL G 378 -36.24 -55.57 1.85
N GLU G 379 -37.37 -55.42 1.16
CA GLU G 379 -37.35 -55.40 -0.30
C GLU G 379 -36.69 -54.14 -0.84
N THR G 380 -37.09 -52.98 -0.33
CA THR G 380 -36.45 -51.74 -0.70
C THR G 380 -35.41 -51.41 0.37
N SER G 381 -34.94 -50.17 0.42
CA SER G 381 -33.99 -49.80 1.44
C SER G 381 -34.69 -49.46 2.75
N LEU G 382 -33.89 -49.37 3.82
CA LEU G 382 -34.43 -49.14 5.16
C LEU G 382 -34.84 -47.68 5.35
N ARG G 383 -34.11 -46.76 4.73
CA ARG G 383 -34.37 -45.34 4.89
C ARG G 383 -35.71 -44.92 4.30
N TYR G 384 -36.14 -45.58 3.23
CA TYR G 384 -37.46 -45.33 2.66
C TYR G 384 -38.58 -45.71 3.61
N SER G 385 -38.47 -46.88 4.25
CA SER G 385 -39.49 -47.32 5.18
C SER G 385 -39.45 -46.50 6.46
N SER G 386 -38.29 -45.94 6.82
CA SER G 386 -38.24 -45.02 7.94
C SER G 386 -38.88 -43.68 7.58
N ASN G 387 -38.74 -43.25 6.33
CA ASN G 387 -39.32 -41.98 5.91
C ASN G 387 -40.83 -42.06 5.76
N LEU G 388 -41.37 -43.25 5.46
CA LEU G 388 -42.81 -43.39 5.27
C LEU G 388 -43.63 -43.24 6.55
N ILE G 389 -42.99 -43.27 7.73
CA ILE G 389 -43.72 -43.36 8.99
C ILE G 389 -44.45 -42.05 9.29
N SER G 390 -43.77 -40.91 9.10
CA SER G 390 -44.38 -39.62 9.38
C SER G 390 -45.48 -39.29 8.37
N VAL G 391 -45.30 -39.70 7.12
CA VAL G 391 -46.31 -39.52 6.08
C VAL G 391 -47.55 -40.34 6.40
N ALA G 392 -47.37 -41.60 6.81
CA ALA G 392 -48.51 -42.43 7.21
C ALA G 392 -49.19 -41.90 8.47
N GLN G 393 -48.42 -41.27 9.36
CA GLN G 393 -49.01 -40.65 10.54
C GLN G 393 -49.88 -39.45 10.16
N GLN G 394 -49.44 -38.63 9.21
CA GLN G 394 -50.26 -37.50 8.78
C GLN G 394 -51.50 -37.97 8.02
N ILE G 395 -51.38 -39.06 7.26
CA ILE G 395 -52.53 -39.64 6.58
C ILE G 395 -53.56 -40.16 7.58
N ALA G 396 -53.09 -40.85 8.62
CA ALA G 396 -53.99 -41.33 9.66
C ALA G 396 -54.57 -40.19 10.49
N MET G 397 -53.83 -39.09 10.63
CA MET G 397 -54.36 -37.92 11.33
C MET G 397 -55.39 -37.16 10.50
N LYS G 398 -55.38 -37.34 9.16
CA LYS G 398 -56.44 -36.77 8.35
C LYS G 398 -57.78 -37.45 8.61
N ARG G 399 -57.77 -38.75 8.87
CA ARG G 399 -58.99 -39.51 9.12
C ARG G 399 -59.48 -39.41 10.56
N LYS G 400 -58.77 -38.65 11.40
CA LYS G 400 -59.10 -38.42 12.81
C LYS G 400 -59.10 -39.71 13.62
N ASN G 401 -57.98 -40.43 13.57
CA ASN G 401 -57.69 -41.49 14.54
C ASN G 401 -56.18 -41.55 14.74
N ASN G 402 -55.77 -41.76 15.99
CA ASN G 402 -54.36 -41.69 16.37
C ASN G 402 -53.70 -43.07 16.38
N THR G 403 -53.82 -43.83 15.29
CA THR G 403 -53.13 -45.11 15.15
C THR G 403 -52.96 -45.35 13.66
N VAL G 404 -51.77 -45.80 13.26
CA VAL G 404 -51.47 -46.05 11.85
C VAL G 404 -51.84 -47.47 11.49
N GLU G 405 -52.71 -47.64 10.49
CA GLU G 405 -53.16 -48.92 9.98
C GLU G 405 -52.42 -49.29 8.70
N VAL G 406 -52.85 -50.39 8.09
CA VAL G 406 -52.30 -50.84 6.81
C VAL G 406 -52.73 -49.91 5.67
N GLU G 407 -53.93 -49.33 5.77
CA GLU G 407 -54.43 -48.47 4.70
C GLU G 407 -53.62 -47.18 4.60
N ASP G 408 -53.18 -46.64 5.73
CA ASP G 408 -52.39 -45.41 5.73
C ASP G 408 -51.02 -45.62 5.10
N VAL G 409 -50.33 -46.71 5.46
CA VAL G 409 -49.02 -46.98 4.89
C VAL G 409 -49.14 -47.44 3.45
N LYS G 410 -50.27 -48.05 3.08
CA LYS G 410 -50.52 -48.39 1.68
C LYS G 410 -50.72 -47.15 0.83
N ARG G 411 -51.47 -46.16 1.34
CA ARG G 411 -51.62 -44.89 0.66
C ARG G 411 -50.29 -44.14 0.56
N ALA G 412 -49.47 -44.22 1.62
CA ALA G 412 -48.16 -43.59 1.61
C ALA G 412 -47.22 -44.25 0.62
N TYR G 413 -47.33 -45.57 0.46
CA TYR G 413 -46.53 -46.26 -0.54
C TYR G 413 -46.99 -45.93 -1.95
N LEU G 414 -48.29 -45.75 -2.15
CA LEU G 414 -48.80 -45.41 -3.47
C LEU G 414 -48.43 -43.98 -3.85
N LEU G 415 -48.49 -43.04 -2.90
CA LEU G 415 -48.28 -41.63 -3.24
C LEU G 415 -46.81 -41.31 -3.45
N PHE G 416 -45.92 -41.90 -2.66
CA PHE G 416 -44.50 -41.56 -2.69
C PHE G 416 -43.70 -42.74 -3.19
N LEU G 417 -42.77 -42.46 -4.10
CA LEU G 417 -42.10 -43.49 -4.89
C LEU G 417 -40.76 -43.89 -4.30
N ASP G 418 -40.33 -45.10 -4.66
CA ASP G 418 -38.99 -45.58 -4.38
C ASP G 418 -37.99 -45.12 -5.44
N SER G 419 -36.74 -45.57 -5.27
CA SER G 419 -35.75 -45.44 -6.32
C SER G 419 -36.04 -46.41 -7.46
N ALA G 420 -36.30 -47.68 -7.14
CA ALA G 420 -36.41 -48.73 -8.16
C ALA G 420 -37.63 -48.54 -9.04
N ARG G 421 -38.76 -48.15 -8.46
CA ARG G 421 -39.94 -47.81 -9.24
C ARG G 421 -39.71 -46.56 -10.09
N SER G 422 -38.87 -45.63 -9.63
CA SER G 422 -38.55 -44.46 -10.44
C SER G 422 -37.69 -44.82 -11.64
N VAL G 423 -36.70 -45.70 -11.45
CA VAL G 423 -35.90 -46.23 -12.57
C VAL G 423 -36.80 -46.96 -13.56
N LYS G 424 -37.72 -47.77 -13.05
CA LYS G 424 -38.64 -48.50 -13.91
C LYS G 424 -39.56 -47.57 -14.70
N TYR G 425 -40.08 -46.52 -14.05
CA TYR G 425 -40.98 -45.59 -14.73
C TYR G 425 -40.25 -44.69 -15.71
N VAL G 426 -38.99 -44.34 -15.43
CA VAL G 426 -38.21 -43.54 -16.37
C VAL G 426 -37.86 -44.37 -17.61
N GLN G 427 -37.53 -45.65 -17.42
CA GLN G 427 -37.04 -46.44 -18.53
C GLN G 427 -38.12 -46.82 -19.57
N GLU G 428 -39.41 -46.79 -19.20
CA GLU G 428 -40.43 -46.96 -20.23
C GLU G 428 -40.87 -45.66 -20.89
N ASN G 429 -40.45 -44.51 -20.37
CA ASN G 429 -40.90 -43.21 -20.86
C ASN G 429 -39.71 -42.30 -21.11
N GLU G 430 -38.72 -42.80 -21.84
CA GLU G 430 -37.49 -42.06 -22.08
C GLU G 430 -37.69 -40.86 -23.00
N SER G 431 -38.76 -40.83 -23.79
CA SER G 431 -39.00 -39.70 -24.68
C SER G 431 -39.51 -38.49 -23.91
N GLN G 432 -40.20 -38.70 -22.79
CA GLN G 432 -40.76 -37.58 -22.04
C GLN G 432 -39.69 -36.80 -21.30
N TYR G 433 -38.59 -37.45 -20.91
CA TYR G 433 -37.55 -36.84 -20.11
C TYR G 433 -36.38 -36.45 -21.00
N ILE G 434 -35.59 -35.50 -20.53
CA ILE G 434 -34.43 -35.03 -21.30
C ILE G 434 -33.31 -36.04 -21.12
N ASP G 435 -32.80 -36.56 -22.23
CA ASP G 435 -31.75 -37.57 -22.19
C ASP G 435 -30.38 -36.93 -22.00
N ASP G 436 -29.35 -37.75 -22.13
CA ASP G 436 -27.98 -37.27 -22.00
C ASP G 436 -27.52 -36.48 -23.22
N GLN G 437 -28.20 -36.63 -24.35
CA GLN G 437 -27.87 -35.91 -25.57
C GLN G 437 -28.73 -34.67 -25.79
N GLY G 438 -29.60 -34.34 -24.84
CA GLY G 438 -30.40 -33.13 -24.93
C GLY G 438 -31.67 -33.22 -25.72
N ASN G 439 -32.09 -34.42 -26.13
CA ASN G 439 -33.29 -34.59 -26.92
C ASN G 439 -34.49 -34.89 -26.02
N VAL G 440 -35.62 -34.28 -26.35
CA VAL G 440 -36.86 -34.50 -25.61
C VAL G 440 -38.05 -34.21 -26.54
N GLN G 441 -39.06 -35.05 -26.45
CA GLN G 441 -40.35 -34.81 -27.10
C GLN G 441 -41.29 -34.20 -26.07
N ILE G 442 -41.74 -32.97 -26.33
CA ILE G 442 -42.57 -32.24 -25.39
C ILE G 442 -44.03 -32.33 -25.82
N SER G 443 -44.26 -32.40 -27.12
CA SER G 443 -45.61 -32.51 -27.65
C SER G 443 -46.19 -33.89 -27.37
N ILE G 444 -47.47 -33.91 -27.00
CA ILE G 444 -48.13 -35.17 -26.65
C ILE G 444 -48.69 -35.90 -27.86
N ALA G 445 -48.56 -35.32 -29.05
CA ALA G 445 -49.01 -35.98 -30.27
C ALA G 445 -48.16 -35.54 -31.46
N THR H 2 -51.83 -4.11 -13.68
CA THR H 2 -51.38 -5.37 -13.10
C THR H 2 -50.42 -6.09 -14.04
N ARG H 3 -49.40 -6.75 -13.47
CA ARG H 3 -48.42 -7.48 -14.24
C ARG H 3 -48.53 -8.96 -13.96
N THR H 4 -48.62 -9.76 -15.02
CA THR H 4 -48.69 -11.21 -14.94
C THR H 4 -47.45 -11.80 -15.59
N ALA H 5 -46.87 -12.81 -14.94
CA ALA H 5 -45.64 -13.44 -15.45
C ALA H 5 -45.68 -14.94 -15.18
N ALA H 6 -46.22 -15.71 -16.15
CA ALA H 6 -46.12 -17.16 -16.27
C ALA H 6 -46.73 -17.96 -15.11
N HIS H 7 -47.36 -17.27 -14.18
CA HIS H 7 -47.88 -17.79 -12.93
C HIS H 7 -48.96 -16.81 -12.48
N THR H 8 -49.29 -16.82 -11.19
CA THR H 8 -50.25 -15.96 -10.49
C THR H 8 -51.69 -16.21 -10.90
N HIS H 9 -51.95 -17.26 -11.67
CA HIS H 9 -53.27 -17.85 -11.76
C HIS H 9 -53.43 -19.01 -10.79
N ILE H 10 -52.42 -19.28 -9.97
CA ILE H 10 -52.39 -20.44 -9.09
C ILE H 10 -52.34 -19.95 -7.66
N LYS H 11 -53.40 -20.23 -6.90
CA LYS H 11 -53.53 -19.83 -5.50
C LYS H 11 -53.81 -21.09 -4.69
N GLY H 12 -52.76 -21.68 -4.13
CA GLY H 12 -52.94 -22.86 -3.32
C GLY H 12 -53.05 -24.12 -4.14
N LEU H 13 -53.35 -25.22 -3.44
CA LEU H 13 -53.43 -26.52 -4.08
C LEU H 13 -54.84 -26.85 -4.55
N GLY H 14 -55.83 -26.66 -3.68
CA GLY H 14 -57.20 -26.95 -4.03
C GLY H 14 -57.83 -28.10 -3.29
N LEU H 15 -57.18 -28.63 -2.27
CA LEU H 15 -57.74 -29.72 -1.50
C LEU H 15 -58.85 -29.21 -0.58
N ASP H 16 -59.81 -30.08 -0.30
CA ASP H 16 -60.80 -29.80 0.72
C ASP H 16 -60.28 -30.32 2.06
N GLU H 17 -61.13 -30.31 3.08
CA GLU H 17 -60.71 -30.80 4.38
C GLU H 17 -60.82 -32.32 4.43
N SER H 18 -59.72 -32.97 4.81
CA SER H 18 -59.62 -34.42 5.01
C SER H 18 -60.03 -35.21 3.77
N GLY H 19 -59.62 -34.73 2.60
CA GLY H 19 -60.12 -35.33 1.39
C GLY H 19 -59.21 -35.15 0.19
N VAL H 20 -59.71 -35.61 -0.95
CA VAL H 20 -58.97 -35.63 -2.20
C VAL H 20 -59.10 -34.30 -2.92
N ALA H 21 -58.25 -34.07 -3.92
CA ALA H 21 -58.31 -32.84 -4.70
C ALA H 21 -59.41 -32.95 -5.76
N LYS H 22 -60.23 -31.93 -5.86
CA LYS H 22 -61.20 -31.88 -6.95
C LYS H 22 -60.50 -31.40 -8.23
N ARG H 23 -61.25 -31.48 -9.33
CA ARG H 23 -60.65 -31.45 -10.67
C ARG H 23 -60.09 -30.07 -11.01
N VAL H 24 -60.87 -29.02 -10.79
CA VAL H 24 -60.42 -27.64 -11.02
C VAL H 24 -60.71 -26.83 -9.76
N GLU H 25 -59.64 -26.36 -9.11
CA GLU H 25 -59.71 -25.46 -7.96
C GLU H 25 -58.33 -24.87 -7.72
N GLY H 26 -58.28 -23.58 -7.43
CA GLY H 26 -57.01 -22.92 -7.17
C GLY H 26 -56.17 -22.70 -8.40
N GLY H 27 -56.76 -22.72 -9.59
CA GLY H 27 -56.02 -22.57 -10.82
C GLY H 27 -55.44 -23.86 -11.37
N PHE H 28 -55.56 -24.97 -10.65
CA PHE H 28 -54.99 -26.23 -11.07
C PHE H 28 -56.01 -27.03 -11.85
N VAL H 29 -55.56 -27.59 -12.97
CA VAL H 29 -56.36 -28.51 -13.77
C VAL H 29 -55.63 -29.84 -13.76
N GLY H 30 -56.13 -30.79 -12.97
CA GLY H 30 -55.52 -32.10 -12.92
C GLY H 30 -54.34 -32.16 -11.96
N GLN H 31 -53.46 -33.14 -12.23
CA GLN H 31 -52.34 -33.52 -11.37
C GLN H 31 -52.80 -33.83 -9.95
N ILE H 32 -53.79 -34.72 -9.84
CA ILE H 32 -54.50 -34.93 -8.57
C ILE H 32 -53.62 -35.62 -7.54
N GLU H 33 -52.87 -36.64 -7.95
CA GLU H 33 -52.04 -37.39 -7.02
C GLU H 33 -50.86 -36.55 -6.52
N ALA H 34 -50.27 -35.76 -7.41
CA ALA H 34 -49.19 -34.85 -7.03
C ALA H 34 -49.68 -33.79 -6.06
N ARG H 35 -50.89 -33.28 -6.27
CA ARG H 35 -51.48 -32.31 -5.34
C ARG H 35 -51.78 -32.93 -3.99
N GLU H 36 -52.22 -34.20 -3.97
CA GLU H 36 -52.47 -34.87 -2.71
C GLU H 36 -51.20 -35.11 -1.91
N ALA H 37 -50.12 -35.57 -2.59
CA ALA H 37 -48.84 -35.77 -1.93
C ALA H 37 -48.26 -34.46 -1.43
N CYS H 38 -48.37 -33.39 -2.23
CA CYS H 38 -47.88 -32.09 -1.80
C CYS H 38 -48.69 -31.54 -0.64
N GLY H 39 -49.99 -31.84 -0.57
CA GLY H 39 -50.78 -31.43 0.59
C GLY H 39 -50.39 -32.17 1.86
N VAL H 40 -50.07 -33.46 1.74
CA VAL H 40 -49.56 -34.21 2.89
C VAL H 40 -48.22 -33.63 3.35
N ILE H 41 -47.38 -33.22 2.40
CA ILE H 41 -46.13 -32.55 2.73
C ILE H 41 -46.40 -31.21 3.43
N VAL H 42 -47.45 -30.50 3.03
CA VAL H 42 -47.83 -29.23 3.66
C VAL H 42 -48.24 -29.44 5.11
N ASP H 43 -49.05 -30.48 5.38
CA ASP H 43 -49.39 -30.77 6.77
C ASP H 43 -48.17 -31.24 7.58
N LEU H 44 -47.22 -31.91 6.94
CA LEU H 44 -45.99 -32.31 7.63
C LEU H 44 -45.14 -31.10 7.99
N ILE H 45 -45.09 -30.10 7.11
CA ILE H 45 -44.37 -28.85 7.42
C ILE H 45 -45.08 -28.08 8.52
N LYS H 46 -46.41 -28.03 8.48
CA LYS H 46 -47.18 -27.36 9.52
C LYS H 46 -47.13 -28.09 10.85
N ALA H 47 -46.77 -29.38 10.86
CA ALA H 47 -46.65 -30.12 12.11
C ALA H 47 -45.49 -29.65 12.96
N LYS H 48 -44.46 -29.06 12.33
CA LYS H 48 -43.32 -28.40 13.00
C LYS H 48 -42.52 -29.36 13.88
N LYS H 49 -42.39 -30.61 13.42
CA LYS H 49 -41.68 -31.62 14.19
C LYS H 49 -40.46 -32.16 13.47
N MET H 50 -40.61 -32.60 12.23
CA MET H 50 -39.51 -33.24 11.52
C MET H 50 -38.50 -32.23 11.02
N SER H 51 -37.24 -32.65 10.92
CA SER H 51 -36.16 -31.80 10.44
C SER H 51 -35.34 -32.55 9.42
N GLY H 52 -34.91 -31.83 8.38
CA GLY H 52 -34.05 -32.40 7.36
C GLY H 52 -34.67 -33.46 6.48
N ARG H 53 -35.89 -33.24 6.03
CA ARG H 53 -36.55 -34.15 5.10
C ARG H 53 -36.47 -33.60 3.68
N ALA H 54 -36.21 -34.47 2.72
CA ALA H 54 -36.07 -34.09 1.33
C ALA H 54 -37.18 -34.71 0.48
N ILE H 55 -37.74 -33.92 -0.41
CA ILE H 55 -38.73 -34.37 -1.39
C ILE H 55 -38.28 -33.90 -2.76
N LEU H 56 -38.06 -34.83 -3.68
CA LEU H 56 -37.76 -34.50 -5.06
C LEU H 56 -38.97 -34.85 -5.90
N LEU H 57 -39.51 -33.88 -6.61
CA LEU H 57 -40.63 -34.11 -7.51
C LEU H 57 -40.11 -34.05 -8.94
N ALA H 58 -40.35 -35.12 -9.70
CA ALA H 58 -39.69 -35.34 -10.97
C ALA H 58 -40.72 -35.64 -12.05
N GLY H 59 -40.41 -35.16 -13.25
CA GLY H 59 -41.28 -35.33 -14.40
C GLY H 59 -40.66 -34.66 -15.60
N GLY H 60 -41.36 -34.71 -16.71
CA GLY H 60 -40.89 -34.08 -17.92
C GLY H 60 -41.06 -32.57 -17.88
N PRO H 61 -40.56 -31.91 -18.92
CA PRO H 61 -40.75 -30.46 -19.02
C PRO H 61 -42.21 -30.09 -19.26
N SER H 62 -42.56 -28.89 -18.77
CA SER H 62 -43.91 -28.30 -18.86
C SER H 62 -44.97 -29.21 -18.24
N THR H 63 -44.80 -29.48 -16.96
CA THR H 63 -45.66 -30.41 -16.24
C THR H 63 -46.23 -29.83 -14.95
N GLY H 64 -45.53 -28.93 -14.27
CA GLY H 64 -46.10 -28.24 -13.13
C GLY H 64 -45.34 -28.37 -11.82
N LYS H 65 -44.04 -28.59 -11.90
CA LYS H 65 -43.22 -28.76 -10.70
C LYS H 65 -43.06 -27.43 -9.96
N THR H 66 -42.69 -26.38 -10.70
CA THR H 66 -42.55 -25.05 -10.11
C THR H 66 -43.87 -24.52 -9.61
N ALA H 67 -44.96 -24.84 -10.34
CA ALA H 67 -46.30 -24.48 -9.92
C ALA H 67 -46.67 -25.13 -8.59
N LEU H 68 -46.29 -26.39 -8.40
CA LEU H 68 -46.55 -27.05 -7.14
C LEU H 68 -45.71 -26.49 -6.00
N ALA H 69 -44.48 -26.04 -6.31
CA ALA H 69 -43.66 -25.39 -5.28
C ALA H 69 -44.27 -24.07 -4.81
N LEU H 70 -44.69 -23.22 -5.76
CA LEU H 70 -45.36 -21.98 -5.34
C LEU H 70 -46.73 -22.25 -4.71
N ALA H 71 -47.40 -23.34 -5.08
CA ALA H 71 -48.64 -23.69 -4.41
C ALA H 71 -48.40 -24.09 -2.95
N ILE H 72 -47.29 -24.79 -2.69
CA ILE H 72 -46.88 -25.10 -1.33
C ILE H 72 -46.59 -23.81 -0.55
N SER H 73 -45.91 -22.86 -1.21
CA SER H 73 -45.60 -21.58 -0.56
C SER H 73 -46.86 -20.78 -0.25
N GLN H 74 -47.84 -20.79 -1.15
CA GLN H 74 -49.08 -20.07 -0.90
C GLN H 74 -49.92 -20.77 0.16
N GLU H 75 -49.89 -22.10 0.21
CA GLU H 75 -50.68 -22.82 1.18
C GLU H 75 -50.09 -22.71 2.57
N LEU H 76 -48.77 -22.55 2.68
CA LEU H 76 -48.16 -22.37 4.00
C LEU H 76 -48.45 -20.99 4.57
N GLY H 77 -48.50 -19.97 3.74
CA GLY H 77 -48.76 -18.63 4.20
C GLY H 77 -47.56 -17.72 4.01
N PRO H 78 -47.73 -16.43 4.29
CA PRO H 78 -46.63 -15.47 4.11
C PRO H 78 -45.70 -15.33 5.30
N LYS H 79 -45.91 -16.09 6.38
CA LYS H 79 -45.03 -16.04 7.53
C LYS H 79 -44.04 -17.17 7.58
N VAL H 80 -44.37 -18.31 6.98
CA VAL H 80 -43.42 -19.41 6.84
C VAL H 80 -42.42 -19.05 5.75
N PRO H 81 -41.12 -19.10 6.02
CA PRO H 81 -40.13 -18.68 5.03
C PRO H 81 -40.06 -19.60 3.83
N PHE H 82 -39.81 -19.00 2.67
CA PHE H 82 -39.70 -19.71 1.41
C PHE H 82 -38.50 -19.15 0.66
N CYS H 83 -37.57 -20.00 0.28
CA CYS H 83 -36.35 -19.59 -0.40
C CYS H 83 -36.27 -20.26 -1.77
N PRO H 84 -36.75 -19.61 -2.82
CA PRO H 84 -36.58 -20.17 -4.16
C PRO H 84 -35.16 -20.01 -4.65
N LEU H 85 -34.69 -21.02 -5.37
CA LEU H 85 -33.28 -21.07 -5.73
C LEU H 85 -33.12 -21.89 -7.00
N VAL H 86 -32.07 -21.59 -7.74
CA VAL H 86 -31.64 -22.35 -8.90
C VAL H 86 -30.30 -22.97 -8.55
N GLY H 87 -30.06 -24.20 -9.01
CA GLY H 87 -28.80 -24.88 -8.73
C GLY H 87 -27.59 -24.21 -9.32
N SER H 88 -27.77 -23.36 -10.33
CA SER H 88 -26.67 -22.59 -10.89
C SER H 88 -26.21 -21.47 -9.97
N GLU H 89 -27.06 -21.01 -9.04
CA GLU H 89 -26.73 -19.89 -8.16
C GLU H 89 -25.73 -20.25 -7.08
N LEU H 90 -25.49 -21.54 -6.83
CA LEU H 90 -24.60 -21.92 -5.75
C LEU H 90 -23.13 -21.70 -6.09
N TYR H 91 -22.80 -21.52 -7.36
CA TYR H 91 -21.42 -21.31 -7.77
C TYR H 91 -21.11 -19.82 -7.66
N SER H 92 -20.31 -19.46 -6.66
CA SER H 92 -19.95 -18.08 -6.40
C SER H 92 -18.44 -17.93 -6.44
N VAL H 93 -17.99 -16.74 -6.82
CA VAL H 93 -16.56 -16.44 -6.94
C VAL H 93 -16.02 -15.77 -5.68
N GLU H 94 -16.84 -15.61 -4.65
CA GLU H 94 -16.42 -14.96 -3.42
C GLU H 94 -16.15 -15.96 -2.30
N VAL H 95 -17.09 -16.86 -2.02
CA VAL H 95 -16.89 -17.94 -1.06
C VAL H 95 -17.10 -19.27 -1.77
N LYS H 96 -16.84 -20.35 -1.04
CA LYS H 96 -17.05 -21.69 -1.56
C LYS H 96 -18.54 -22.03 -1.61
N LYS H 97 -18.89 -22.98 -2.47
CA LYS H 97 -20.30 -23.29 -2.71
C LYS H 97 -20.95 -24.00 -1.53
N THR H 98 -20.14 -24.66 -0.70
CA THR H 98 -20.57 -25.21 0.57
C THR H 98 -21.19 -24.14 1.47
N GLU H 99 -20.54 -22.97 1.56
CA GLU H 99 -21.07 -21.92 2.42
C GLU H 99 -22.28 -21.23 1.80
N THR H 100 -22.37 -21.19 0.46
CA THR H 100 -23.56 -20.68 -0.19
C THR H 100 -24.78 -21.56 0.11
N LEU H 101 -24.59 -22.88 0.05
CA LEU H 101 -25.66 -23.80 0.41
C LEU H 101 -26.03 -23.69 1.88
N MET H 102 -25.04 -23.48 2.76
CA MET H 102 -25.35 -23.34 4.18
C MET H 102 -26.10 -22.05 4.48
N GLU H 103 -25.75 -20.96 3.78
CA GLU H 103 -26.47 -19.69 3.95
C GLU H 103 -27.92 -19.81 3.47
N ASN H 104 -28.12 -20.47 2.33
CA ASN H 104 -29.48 -20.73 1.86
C ASN H 104 -30.24 -21.68 2.78
N PHE H 105 -29.49 -22.55 3.47
CA PHE H 105 -30.12 -23.48 4.44
C PHE H 105 -30.66 -22.66 5.62
N ARG H 106 -29.82 -21.79 6.18
CA ARG H 106 -30.22 -21.00 7.33
C ARG H 106 -31.24 -19.92 6.99
N ARG H 107 -31.32 -19.51 5.72
CA ARG H 107 -32.31 -18.51 5.32
C ARG H 107 -33.74 -19.04 5.30
N ALA H 108 -33.94 -20.35 5.44
CA ALA H 108 -35.26 -20.95 5.40
C ALA H 108 -35.82 -21.27 6.78
N ILE H 109 -35.13 -20.90 7.86
CA ILE H 109 -35.62 -21.11 9.21
C ILE H 109 -35.88 -19.74 9.83
N GLY H 110 -37.12 -19.50 10.23
CA GLY H 110 -37.50 -18.21 10.77
C GLY H 110 -37.80 -18.26 12.26
N LEU H 111 -37.69 -17.11 12.92
CA LEU H 111 -37.91 -16.99 14.35
C LEU H 111 -39.01 -15.97 14.61
N ARG H 112 -39.88 -16.29 15.57
CA ARG H 112 -41.03 -15.46 15.95
C ARG H 112 -40.77 -14.90 17.34
N ILE H 113 -40.36 -13.64 17.42
CA ILE H 113 -39.95 -13.01 18.68
C ILE H 113 -40.99 -11.96 19.05
N LYS H 114 -41.47 -12.03 20.29
CA LYS H 114 -42.39 -11.04 20.84
C LYS H 114 -41.73 -10.25 21.95
N GLU H 115 -42.10 -8.98 22.07
CA GLU H 115 -41.44 -8.07 22.99
C GLU H 115 -42.40 -6.97 23.39
N THR H 116 -42.19 -6.41 24.58
CA THR H 116 -42.97 -5.30 25.10
C THR H 116 -42.08 -4.07 25.21
N LYS H 117 -42.53 -2.96 24.61
CA LYS H 117 -41.81 -1.69 24.68
C LYS H 117 -42.67 -0.67 25.41
N GLU H 118 -42.10 -0.10 26.48
CA GLU H 118 -42.68 1.04 27.17
C GLU H 118 -41.93 2.29 26.74
N VAL H 119 -42.66 3.28 26.22
CA VAL H 119 -42.03 4.38 25.51
C VAL H 119 -42.74 5.69 25.85
N TYR H 120 -41.96 6.77 25.90
CA TYR H 120 -42.48 8.13 26.04
C TYR H 120 -42.11 8.92 24.80
N GLU H 121 -43.08 9.61 24.20
CA GLU H 121 -42.82 10.44 23.03
C GLU H 121 -43.76 11.62 23.02
N GLY H 122 -43.36 12.65 22.29
CA GLY H 122 -44.19 13.83 22.13
C GLY H 122 -43.35 15.08 21.95
N GLU H 123 -44.05 16.20 21.77
CA GLU H 123 -43.44 17.51 21.68
C GLU H 123 -42.87 17.94 23.03
N VAL H 124 -41.71 18.57 23.00
CA VAL H 124 -41.08 19.06 24.22
C VAL H 124 -41.63 20.44 24.56
N THR H 125 -42.21 20.57 25.76
CA THR H 125 -42.71 21.85 26.25
C THR H 125 -41.68 22.59 27.10
N GLU H 126 -40.95 21.87 27.94
CA GLU H 126 -39.88 22.45 28.72
C GLU H 126 -38.74 21.46 28.84
N LEU H 127 -37.53 21.99 29.01
CA LEU H 127 -36.33 21.17 29.11
C LEU H 127 -35.35 21.94 30.02
N THR H 128 -35.39 21.62 31.31
CA THR H 128 -34.55 22.34 32.26
C THR H 128 -33.76 21.37 33.14
N PRO H 129 -32.46 21.57 33.27
CA PRO H 129 -31.69 20.83 34.28
C PRO H 129 -31.77 21.51 35.64
N GLU H 130 -32.26 20.78 36.64
CA GLU H 130 -32.45 21.37 37.96
C GLU H 130 -31.18 21.25 38.80
N ASP H 131 -30.72 22.37 39.35
CA ASP H 131 -29.54 22.39 40.18
C ASP H 131 -29.83 21.77 41.55
N ALA H 132 -28.78 21.25 42.18
CA ALA H 132 -28.91 20.60 43.47
C ALA H 132 -29.00 21.65 44.58
N GLU H 133 -29.31 21.17 45.78
CA GLU H 133 -29.40 22.06 46.93
C GLU H 133 -28.03 22.58 47.34
N ASN H 134 -27.03 21.70 47.37
CA ASN H 134 -25.66 22.06 47.74
C ASN H 134 -24.72 21.76 46.59
N PRO H 135 -24.20 22.76 45.89
CA PRO H 135 -23.30 22.50 44.77
C PRO H 135 -21.91 22.10 45.25
N LEU H 136 -21.22 21.35 44.40
CA LEU H 136 -19.85 20.94 44.69
C LEU H 136 -18.88 21.92 44.05
N GLY H 137 -17.77 22.18 44.75
CA GLY H 137 -16.79 23.11 44.26
C GLY H 137 -15.98 22.57 43.11
N GLY H 138 -15.45 23.48 42.32
CA GLY H 138 -14.63 23.13 41.17
C GLY H 138 -15.41 22.79 39.93
N TYR H 139 -16.74 22.80 39.98
CA TYR H 139 -17.57 22.46 38.84
C TYR H 139 -18.61 23.56 38.63
N GLY H 140 -19.14 23.59 37.42
CA GLY H 140 -20.37 24.32 37.16
C GLY H 140 -21.45 23.37 36.75
N LYS H 141 -22.70 23.76 37.04
CA LYS H 141 -23.91 23.03 36.67
C LYS H 141 -23.95 21.62 37.28
N THR H 142 -24.02 21.58 38.61
CA THR H 142 -24.23 20.32 39.33
C THR H 142 -25.72 20.01 39.33
N ILE H 143 -26.12 19.04 38.52
CA ILE H 143 -27.53 18.73 38.28
C ILE H 143 -27.98 17.61 39.20
N SER H 144 -29.21 17.71 39.70
CA SER H 144 -29.82 16.65 40.49
C SER H 144 -30.88 15.87 39.74
N HIS H 145 -31.64 16.53 38.85
CA HIS H 145 -32.60 15.88 37.99
C HIS H 145 -32.90 16.81 36.82
N VAL H 146 -33.39 16.21 35.73
CA VAL H 146 -33.73 16.94 34.52
C VAL H 146 -35.24 16.85 34.34
N ILE H 147 -35.90 17.99 34.30
CA ILE H 147 -37.36 18.07 34.14
C ILE H 147 -37.67 18.27 32.67
N VAL H 148 -38.34 17.30 32.07
CA VAL H 148 -38.70 17.35 30.66
C VAL H 148 -40.20 17.15 30.54
N GLY H 149 -40.88 18.10 29.90
CA GLY H 149 -42.32 18.04 29.71
C GLY H 149 -42.66 17.64 28.28
N LEU H 150 -43.57 16.67 28.17
CA LEU H 150 -43.95 16.12 26.88
C LEU H 150 -45.40 16.50 26.56
N LYS H 151 -45.68 16.67 25.28
CA LYS H 151 -47.02 17.01 24.81
C LYS H 151 -47.31 16.23 23.55
N SER H 152 -48.47 15.56 23.53
CA SER H 152 -48.92 14.84 22.35
C SER H 152 -50.42 15.10 22.18
N ALA H 153 -51.03 14.37 21.26
CA ALA H 153 -52.48 14.49 21.06
C ALA H 153 -53.22 13.89 22.24
N LYS H 154 -54.22 14.64 22.73
CA LYS H 154 -54.99 14.39 23.97
C LYS H 154 -54.10 13.93 25.14
N GLY H 155 -53.02 14.67 25.37
CA GLY H 155 -52.14 14.35 26.49
C GLY H 155 -51.02 15.33 26.76
N THR H 156 -50.62 15.45 28.02
CA THR H 156 -49.46 16.22 28.45
C THR H 156 -48.98 15.64 29.77
N LYS H 157 -47.67 15.37 29.88
CA LYS H 157 -47.13 14.81 31.11
C LYS H 157 -45.71 15.32 31.32
N THR H 158 -45.39 15.70 32.55
CA THR H 158 -44.08 16.20 32.92
C THR H 158 -43.32 15.11 33.65
N LEU H 159 -42.08 14.85 33.23
CA LEU H 159 -41.28 13.74 33.72
C LEU H 159 -40.12 14.20 34.58
N ARG H 160 -39.67 13.29 35.44
CA ARG H 160 -38.51 13.45 36.31
C ARG H 160 -37.47 12.42 35.89
N LEU H 161 -36.32 12.90 35.39
CA LEU H 161 -35.36 12.01 34.77
C LEU H 161 -34.04 11.98 35.53
N ASP H 162 -33.21 11.03 35.15
CA ASP H 162 -31.85 10.92 35.66
C ASP H 162 -31.03 12.11 35.15
N PRO H 163 -30.04 12.60 35.90
CA PRO H 163 -29.14 13.63 35.36
C PRO H 163 -28.30 13.16 34.18
N THR H 164 -28.11 11.86 34.00
CA THR H 164 -27.30 11.33 32.93
C THR H 164 -28.05 11.28 31.60
N ILE H 165 -29.30 11.72 31.58
CA ILE H 165 -30.04 11.89 30.32
C ILE H 165 -29.68 13.23 29.69
N TYR H 166 -29.06 14.14 30.46
CA TYR H 166 -28.75 15.47 29.94
C TYR H 166 -27.62 15.44 28.91
N GLU H 167 -26.67 14.51 29.07
CA GLU H 167 -25.62 14.38 28.05
C GLU H 167 -26.17 13.80 26.76
N SER H 168 -27.18 12.93 26.84
CA SER H 168 -27.84 12.47 25.62
C SER H 168 -28.74 13.55 25.03
N ILE H 169 -29.24 14.45 25.86
CA ILE H 169 -29.98 15.61 25.38
C ILE H 169 -29.07 16.52 24.56
N GLN H 170 -27.88 16.79 25.09
CA GLN H 170 -26.89 17.57 24.32
C GLN H 170 -26.36 16.81 23.12
N ARG H 171 -26.32 15.48 23.19
CA ARG H 171 -25.76 14.70 22.08
C ARG H 171 -26.69 14.69 20.87
N GLU H 172 -27.99 14.55 21.09
CA GLU H 172 -28.96 14.51 20.01
C GLU H 172 -29.45 15.89 19.59
N LYS H 173 -28.97 16.95 20.24
CA LYS H 173 -29.28 18.35 19.93
C LYS H 173 -30.79 18.62 20.00
N VAL H 174 -31.33 18.44 21.21
CA VAL H 174 -32.75 18.57 21.47
C VAL H 174 -33.02 19.93 22.12
N SER H 175 -33.91 20.70 21.53
CA SER H 175 -34.33 21.99 22.06
C SER H 175 -35.82 21.94 22.38
N ILE H 176 -36.40 23.09 22.69
CA ILE H 176 -37.83 23.18 22.95
C ILE H 176 -38.55 23.26 21.61
N GLY H 177 -39.49 22.35 21.38
CA GLY H 177 -40.29 22.32 20.18
C GLY H 177 -40.11 21.07 19.35
N ASP H 178 -39.03 20.33 19.53
CA ASP H 178 -38.83 19.09 18.80
C ASP H 178 -39.62 17.95 19.45
N VAL H 179 -39.93 16.95 18.64
CA VAL H 179 -40.63 15.75 19.11
C VAL H 179 -39.60 14.63 19.27
N ILE H 180 -39.62 13.99 20.45
CA ILE H 180 -38.56 13.08 20.85
C ILE H 180 -39.17 11.71 21.14
N TYR H 181 -38.32 10.79 21.61
CA TYR H 181 -38.68 9.37 21.66
C TYR H 181 -37.87 8.78 22.81
N ILE H 182 -38.52 8.59 23.96
CA ILE H 182 -37.84 8.14 25.17
C ILE H 182 -38.33 6.73 25.48
N GLU H 183 -37.42 5.76 25.46
CA GLU H 183 -37.78 4.42 25.90
C GLU H 183 -37.35 4.22 27.34
N ALA H 184 -38.03 3.29 28.02
CA ALA H 184 -38.05 3.21 29.48
C ALA H 184 -36.71 2.93 30.13
N ASN H 185 -36.17 1.73 29.93
CA ASN H 185 -35.04 1.26 30.74
C ASN H 185 -33.75 1.96 30.39
N THR H 186 -33.54 2.26 29.11
CA THR H 186 -32.25 2.78 28.66
C THR H 186 -32.14 4.29 28.71
N GLY H 187 -33.25 5.02 28.83
CA GLY H 187 -33.21 6.44 28.57
C GLY H 187 -33.00 6.64 27.08
N ALA H 188 -31.86 7.23 26.72
CA ALA H 188 -31.31 7.24 25.35
C ALA H 188 -32.28 7.87 24.34
N VAL H 189 -32.50 9.17 24.53
CA VAL H 189 -33.43 9.92 23.69
C VAL H 189 -32.92 9.96 22.25
N LYS H 190 -33.84 10.13 21.31
CA LYS H 190 -33.46 10.41 19.94
C LYS H 190 -34.51 11.30 19.29
N ARG H 191 -34.04 12.26 18.50
CA ARG H 191 -34.89 13.30 17.96
C ARG H 191 -35.58 12.79 16.70
N VAL H 192 -36.90 12.65 16.77
CA VAL H 192 -37.68 12.28 15.59
C VAL H 192 -37.68 13.42 14.58
N GLY H 193 -37.93 14.64 15.04
CA GLY H 193 -37.91 15.79 14.15
C GLY H 193 -38.46 17.01 14.85
N ARG H 194 -38.89 17.97 14.04
CA ARG H 194 -39.54 19.17 14.53
C ARG H 194 -41.04 19.04 14.30
N SER H 195 -41.82 19.69 15.16
CA SER H 195 -43.27 19.62 15.06
C SER H 195 -43.77 20.40 13.85
N ASP H 196 -44.96 20.01 13.37
CA ASP H 196 -45.54 20.68 12.21
C ASP H 196 -46.10 22.06 12.56
N ALA H 197 -46.34 22.34 13.83
CA ALA H 197 -46.86 23.65 14.23
C ALA H 197 -45.79 24.74 14.17
N TYR H 198 -44.52 24.35 14.03
CA TYR H 198 -43.41 25.29 13.93
C TYR H 198 -42.80 25.26 12.53
N ALA H 199 -43.62 24.97 11.52
CA ALA H 199 -43.09 24.70 10.18
C ALA H 199 -42.66 25.98 9.48
N THR H 200 -43.39 27.07 9.68
CA THR H 200 -43.20 28.30 8.91
C THR H 200 -42.69 29.45 9.78
N GLU H 201 -41.74 29.18 10.68
CA GLU H 201 -41.11 30.28 11.39
C GLU H 201 -40.04 30.97 10.55
N PHE H 202 -39.49 30.27 9.57
CA PHE H 202 -38.39 30.80 8.76
C PHE H 202 -38.70 30.54 7.30
N ASP H 203 -38.18 31.42 6.44
CA ASP H 203 -38.36 31.27 4.97
C ASP H 203 -37.52 30.08 4.50
N LEU H 204 -36.23 30.06 4.85
CA LEU H 204 -35.33 28.97 4.40
C LEU H 204 -34.85 28.16 5.61
N GLU H 205 -35.10 26.85 5.62
CA GLU H 205 -34.65 25.96 6.74
C GLU H 205 -34.60 24.52 6.24
N THR H 206 -34.06 23.60 7.06
CA THR H 206 -33.91 22.19 6.63
C THR H 206 -34.59 21.25 7.62
N GLU H 207 -34.40 21.46 8.93
CA GLU H 207 -34.98 20.56 9.96
C GLU H 207 -36.31 20.04 9.41
N GLU H 208 -36.48 18.72 9.28
CA GLU H 208 -37.75 18.31 8.73
C GLU H 208 -38.85 18.49 9.77
N TYR H 209 -40.10 18.52 9.30
CA TYR H 209 -41.25 18.77 10.14
C TYR H 209 -42.20 17.59 10.06
N VAL H 210 -42.28 16.84 11.16
CA VAL H 210 -43.13 15.66 11.25
C VAL H 210 -44.32 16.04 12.12
N PRO H 211 -45.49 15.41 11.95
CA PRO H 211 -46.65 15.77 12.77
C PRO H 211 -46.48 15.38 14.23
N LEU H 212 -47.28 16.04 15.06
CA LEU H 212 -47.33 15.73 16.48
C LEU H 212 -47.95 14.35 16.67
N PRO H 213 -47.39 13.52 17.55
CA PRO H 213 -47.82 12.11 17.66
C PRO H 213 -49.21 11.96 18.24
N LYS H 214 -49.85 10.85 17.90
CA LYS H 214 -51.20 10.53 18.35
C LYS H 214 -51.14 9.64 19.59
N GLY H 215 -52.25 9.63 20.32
CA GLY H 215 -52.35 8.84 21.53
C GLY H 215 -51.65 9.50 22.70
N GLU H 216 -51.71 8.82 23.84
CA GLU H 216 -51.09 9.32 25.05
C GLU H 216 -49.58 9.29 24.94
N VAL H 217 -48.92 10.09 25.79
CA VAL H 217 -47.46 10.12 25.80
C VAL H 217 -46.87 8.86 26.42
N HIS H 218 -47.65 8.08 27.15
CA HIS H 218 -47.20 6.84 27.77
C HIS H 218 -47.96 5.68 27.14
N LYS H 219 -47.24 4.75 26.54
CA LYS H 219 -47.90 3.60 25.94
C LYS H 219 -47.00 2.38 26.01
N LYS H 220 -47.61 1.23 26.30
CA LYS H 220 -46.94 -0.06 26.32
C LYS H 220 -47.50 -0.88 25.17
N LYS H 221 -46.68 -1.14 24.16
CA LYS H 221 -47.11 -1.84 22.97
C LYS H 221 -46.38 -3.17 22.83
N GLU H 222 -47.10 -4.19 22.38
CA GLU H 222 -46.55 -5.51 22.13
C GLU H 222 -46.16 -5.61 20.66
N ILE H 223 -44.87 -5.70 20.39
CA ILE H 223 -44.35 -5.77 19.03
C ILE H 223 -43.88 -7.20 18.77
N VAL H 224 -44.20 -7.70 17.58
CA VAL H 224 -43.75 -9.02 17.15
C VAL H 224 -42.84 -8.83 15.94
N GLN H 225 -41.57 -9.17 16.08
CA GLN H 225 -40.57 -8.97 15.06
C GLN H 225 -40.08 -10.31 14.53
N ASP H 226 -40.12 -10.47 13.21
CA ASP H 226 -39.82 -11.76 12.58
C ASP H 226 -38.52 -11.68 11.81
N VAL H 227 -37.57 -12.54 12.17
CA VAL H 227 -36.27 -12.62 11.52
C VAL H 227 -35.98 -14.08 11.21
N THR H 228 -35.04 -14.29 10.30
CA THR H 228 -34.54 -15.63 10.03
C THR H 228 -33.23 -15.85 10.77
N LEU H 229 -32.79 -17.10 10.79
CA LEU H 229 -31.56 -17.45 11.52
C LEU H 229 -30.32 -16.93 10.82
N HIS H 230 -30.38 -16.78 9.49
CA HIS H 230 -29.27 -16.21 8.75
C HIS H 230 -29.07 -14.75 9.08
N ASP H 231 -30.15 -14.01 9.33
CA ASP H 231 -30.04 -12.62 9.74
C ASP H 231 -29.35 -12.50 11.09
N LEU H 232 -29.67 -13.39 12.03
CA LEU H 232 -28.99 -13.42 13.32
C LEU H 232 -27.53 -13.77 13.16
N ASP H 233 -27.21 -14.71 12.27
CA ASP H 233 -25.82 -15.07 12.01
C ASP H 233 -25.02 -13.91 11.44
N VAL H 234 -25.58 -13.20 10.46
CA VAL H 234 -24.81 -12.15 9.82
C VAL H 234 -24.81 -10.88 10.66
N ALA H 235 -25.76 -10.73 11.58
CA ALA H 235 -25.70 -9.63 12.52
C ALA H 235 -24.68 -9.88 13.61
N ASN H 236 -24.56 -11.13 14.06
CA ASN H 236 -23.59 -11.46 15.11
C ASN H 236 -22.18 -11.54 14.57
N ALA H 237 -22.00 -11.91 13.30
CA ALA H 237 -20.66 -12.10 12.76
C ALA H 237 -19.93 -10.77 12.59
N ARG H 238 -20.60 -9.77 12.00
CA ARG H 238 -19.97 -8.48 11.81
C ARG H 238 -19.84 -7.76 13.15
N PRO H 239 -18.77 -7.00 13.38
CA PRO H 239 -18.65 -6.28 14.65
C PRO H 239 -19.67 -5.17 14.76
N GLN H 240 -20.07 -4.89 16.00
CA GLN H 240 -21.14 -3.95 16.25
C GLN H 240 -20.63 -2.51 16.15
N GLY H 241 -21.46 -1.57 16.58
CA GLY H 241 -21.11 -0.16 16.53
C GLY H 241 -19.93 0.19 17.41
N GLY H 242 -18.79 0.44 16.77
CA GLY H 242 -17.56 0.69 17.48
C GLY H 242 -16.82 1.88 16.89
N GLN H 243 -15.87 2.39 17.66
CA GLN H 243 -15.13 3.58 17.29
C GLN H 243 -13.77 3.27 16.68
N ASP H 244 -13.44 2.01 16.48
CA ASP H 244 -12.14 1.70 15.92
C ASP H 244 -12.13 1.90 14.41
N VAL H 245 -10.93 2.11 13.87
CA VAL H 245 -10.76 2.41 12.45
C VAL H 245 -11.08 1.22 11.56
N ILE H 246 -11.02 0.00 12.09
CA ILE H 246 -11.27 -1.19 11.28
C ILE H 246 -12.74 -1.29 10.90
N SER H 247 -13.64 -1.04 11.86
CA SER H 247 -15.07 -1.15 11.61
C SER H 247 -15.58 -0.08 10.63
N MET H 248 -15.24 1.18 10.88
CA MET H 248 -15.68 2.23 9.98
C MET H 248 -14.88 2.24 8.67
N MET H 249 -13.71 1.64 8.66
CA MET H 249 -12.97 1.44 7.42
C MET H 249 -13.64 0.38 6.56
N GLY H 250 -14.12 -0.70 7.17
CA GLY H 250 -14.80 -1.74 6.42
C GLY H 250 -16.23 -1.43 6.06
N GLN H 251 -16.86 -0.48 6.75
CA GLN H 251 -18.20 -0.05 6.37
C GLN H 251 -18.22 0.71 5.05
N LEU H 252 -17.11 1.33 4.67
CA LEU H 252 -17.02 2.09 3.43
C LEU H 252 -16.45 1.27 2.28
N LEU H 253 -16.23 -0.02 2.49
CA LEU H 253 -15.62 -0.90 1.50
C LEU H 253 -16.65 -1.91 1.00
N LYS H 254 -16.21 -2.77 0.10
CA LYS H 254 -17.09 -3.77 -0.50
C LYS H 254 -17.43 -4.85 0.54
N PRO H 255 -18.71 -5.13 0.76
CA PRO H 255 -19.10 -6.14 1.77
C PRO H 255 -18.90 -7.58 1.27
N LYS H 256 -17.67 -8.06 1.42
CA LYS H 256 -17.32 -9.39 0.94
C LYS H 256 -17.90 -10.48 1.83
N LYS H 257 -18.43 -11.52 1.21
CA LYS H 257 -18.92 -12.67 1.96
C LYS H 257 -17.75 -13.46 2.53
N THR H 258 -18.01 -14.08 3.67
CA THR H 258 -16.97 -14.74 4.45
C THR H 258 -17.49 -16.03 5.05
N GLU H 259 -16.56 -16.91 5.40
CA GLU H 259 -16.88 -18.26 5.84
C GLU H 259 -17.29 -18.25 7.31
N ILE H 260 -18.60 -18.20 7.56
CA ILE H 260 -19.13 -18.21 8.92
C ILE H 260 -18.91 -19.59 9.53
N THR H 261 -18.32 -19.62 10.71
CA THR H 261 -17.88 -20.87 11.31
C THR H 261 -19.04 -21.61 11.97
N GLU H 262 -18.78 -22.88 12.30
CA GLU H 262 -19.78 -23.71 12.95
C GLU H 262 -19.97 -23.28 14.40
N LYS H 263 -18.94 -22.63 14.97
CA LYS H 263 -19.00 -22.15 16.34
C LYS H 263 -20.08 -21.10 16.52
N LEU H 264 -20.13 -20.11 15.61
CA LEU H 264 -21.13 -19.04 15.70
C LEU H 264 -22.54 -19.58 15.55
N ARG H 265 -22.74 -20.51 14.62
CA ARG H 265 -24.05 -21.12 14.43
C ARG H 265 -24.45 -21.95 15.65
N GLN H 266 -23.48 -22.56 16.33
CA GLN H 266 -23.79 -23.31 17.54
C GLN H 266 -24.22 -22.39 18.68
N GLU H 267 -23.53 -21.26 18.86
CA GLU H 267 -23.95 -20.33 19.93
C GLU H 267 -25.29 -19.68 19.62
N VAL H 268 -25.55 -19.38 18.34
CA VAL H 268 -26.85 -18.84 17.95
C VAL H 268 -27.95 -19.85 18.20
N ASN H 269 -27.68 -21.14 17.90
CA ASN H 269 -28.66 -22.20 18.14
C ASN H 269 -28.95 -22.38 19.63
N LYS H 270 -27.93 -22.30 20.48
CA LYS H 270 -28.21 -22.52 21.90
C LYS H 270 -28.87 -21.31 22.56
N VAL H 271 -28.56 -20.07 22.14
CA VAL H 271 -29.30 -18.94 22.71
C VAL H 271 -30.73 -18.90 22.18
N VAL H 272 -30.96 -19.35 20.94
CA VAL H 272 -32.31 -19.42 20.40
C VAL H 272 -33.13 -20.48 21.14
N ALA H 273 -32.51 -21.63 21.44
CA ALA H 273 -33.19 -22.66 22.22
C ALA H 273 -33.46 -22.21 23.65
N LYS H 274 -32.54 -21.43 24.23
CA LYS H 274 -32.73 -20.92 25.59
C LYS H 274 -33.91 -19.97 25.66
N TYR H 275 -34.06 -19.09 24.68
CA TYR H 275 -35.21 -18.18 24.73
C TYR H 275 -36.48 -18.81 24.18
N ILE H 276 -36.39 -19.90 23.43
CA ILE H 276 -37.58 -20.65 23.07
C ILE H 276 -38.13 -21.38 24.29
N ASP H 277 -37.25 -21.92 25.13
CA ASP H 277 -37.67 -22.59 26.36
C ASP H 277 -38.28 -21.63 27.38
N GLN H 278 -38.04 -20.33 27.25
CA GLN H 278 -38.66 -19.33 28.11
C GLN H 278 -40.06 -18.92 27.63
N GLY H 279 -40.45 -19.32 26.42
CA GLY H 279 -41.73 -18.93 25.87
C GLY H 279 -41.74 -17.63 25.09
N VAL H 280 -40.61 -16.90 25.06
CA VAL H 280 -40.56 -15.62 24.35
C VAL H 280 -40.52 -15.84 22.85
N ALA H 281 -39.74 -16.81 22.38
CA ALA H 281 -39.54 -17.02 20.96
C ALA H 281 -40.29 -18.25 20.46
N GLU H 282 -40.45 -18.31 19.14
CA GLU H 282 -41.04 -19.47 18.47
C GLU H 282 -40.33 -19.67 17.15
N LEU H 283 -40.00 -20.92 16.83
CA LEU H 283 -39.28 -21.27 15.62
C LEU H 283 -40.25 -21.73 14.54
N ILE H 284 -40.12 -21.16 13.35
CA ILE H 284 -40.96 -21.50 12.20
C ILE H 284 -40.06 -22.03 11.10
N PRO H 285 -39.98 -23.35 10.93
CA PRO H 285 -39.24 -23.91 9.79
C PRO H 285 -39.97 -23.67 8.48
N GLY H 286 -39.20 -23.60 7.40
CA GLY H 286 -39.74 -23.29 6.10
C GLY H 286 -39.29 -24.20 4.98
N VAL H 287 -39.35 -23.70 3.74
CA VAL H 287 -39.10 -24.49 2.55
C VAL H 287 -37.92 -23.88 1.80
N LEU H 288 -36.93 -24.70 1.49
CA LEU H 288 -35.86 -24.33 0.57
C LEU H 288 -36.06 -25.11 -0.73
N PHE H 289 -36.28 -24.39 -1.82
CA PHE H 289 -36.61 -24.98 -3.11
C PHE H 289 -35.45 -24.78 -4.06
N ILE H 290 -34.86 -25.89 -4.52
CA ILE H 290 -33.78 -25.85 -5.50
C ILE H 290 -34.31 -26.39 -6.81
N ASP H 291 -34.23 -25.58 -7.86
CA ASP H 291 -34.71 -25.94 -9.18
C ASP H 291 -33.54 -26.33 -10.07
N GLU H 292 -33.75 -27.37 -10.89
CA GLU H 292 -32.74 -27.97 -11.76
C GLU H 292 -31.51 -28.43 -10.97
N VAL H 293 -31.75 -29.45 -10.15
CA VAL H 293 -30.71 -30.02 -9.30
C VAL H 293 -29.67 -30.84 -10.06
N ASN H 294 -29.89 -31.05 -11.36
CA ASN H 294 -28.87 -31.73 -12.17
C ASN H 294 -27.66 -30.84 -12.42
N MET H 295 -27.78 -29.53 -12.20
CA MET H 295 -26.65 -28.62 -12.31
C MET H 295 -25.71 -28.70 -11.11
N LEU H 296 -26.10 -29.34 -10.02
CA LEU H 296 -25.27 -29.43 -8.84
C LEU H 296 -24.14 -30.44 -9.04
N ASP H 297 -22.97 -30.12 -8.50
CA ASP H 297 -21.83 -31.02 -8.53
C ASP H 297 -21.96 -32.07 -7.42
N ILE H 298 -21.11 -33.09 -7.51
CA ILE H 298 -21.18 -34.20 -6.56
C ILE H 298 -20.69 -33.77 -5.18
N GLU H 299 -19.83 -32.74 -5.10
CA GLU H 299 -19.40 -32.23 -3.81
C GLU H 299 -20.55 -31.55 -3.06
N ILE H 300 -21.39 -30.81 -3.78
CA ILE H 300 -22.56 -30.18 -3.16
C ILE H 300 -23.57 -31.25 -2.75
N PHE H 301 -23.67 -32.34 -3.50
CA PHE H 301 -24.51 -33.46 -3.11
C PHE H 301 -24.02 -34.12 -1.84
N THR H 302 -22.69 -34.25 -1.70
CA THR H 302 -22.10 -34.78 -0.47
C THR H 302 -22.35 -33.86 0.73
N TYR H 303 -22.26 -32.54 0.51
CA TYR H 303 -22.61 -31.61 1.58
C TYR H 303 -24.09 -31.66 1.93
N LEU H 304 -24.96 -31.89 0.95
CA LEU H 304 -26.39 -32.05 1.24
C LEU H 304 -26.62 -33.30 2.09
N ASN H 305 -25.91 -34.37 1.77
CA ASN H 305 -25.94 -35.60 2.55
C ASN H 305 -25.54 -35.34 4.01
N LYS H 306 -24.50 -34.52 4.21
CA LYS H 306 -24.11 -34.17 5.58
C LYS H 306 -25.13 -33.25 6.24
N ALA H 307 -25.58 -32.21 5.54
CA ALA H 307 -26.36 -31.13 6.13
C ALA H 307 -27.81 -31.51 6.39
N LEU H 308 -28.31 -32.59 5.79
CA LEU H 308 -29.67 -33.03 6.10
C LEU H 308 -29.78 -33.68 7.48
N GLU H 309 -28.65 -33.96 8.13
CA GLU H 309 -28.61 -34.59 9.44
C GLU H 309 -28.71 -33.61 10.59
N SER H 310 -28.90 -32.32 10.30
CA SER H 310 -28.90 -31.32 11.34
C SER H 310 -30.22 -31.32 12.10
N ASN H 311 -30.17 -30.74 13.31
CA ASN H 311 -31.34 -30.63 14.17
C ASN H 311 -32.25 -29.50 13.70
N ILE H 312 -31.67 -28.42 13.17
CA ILE H 312 -32.39 -27.18 12.88
C ILE H 312 -32.78 -27.08 11.40
N ALA H 313 -32.54 -28.14 10.64
CA ALA H 313 -32.68 -28.11 9.18
C ALA H 313 -34.15 -27.98 8.76
N PRO H 314 -34.43 -27.26 7.66
CA PRO H 314 -35.79 -27.19 7.13
C PRO H 314 -36.14 -28.36 6.21
N VAL H 315 -37.31 -28.31 5.60
CA VAL H 315 -37.63 -29.22 4.51
C VAL H 315 -37.02 -28.67 3.23
N VAL H 316 -36.63 -29.54 2.32
CA VAL H 316 -35.96 -29.15 1.09
C VAL H 316 -36.65 -29.83 -0.09
N VAL H 317 -37.01 -29.04 -1.09
CA VAL H 317 -37.75 -29.51 -2.26
C VAL H 317 -36.85 -29.35 -3.48
N LEU H 318 -36.66 -30.43 -4.23
CA LEU H 318 -35.82 -30.45 -5.40
C LEU H 318 -36.67 -30.80 -6.62
N ALA H 319 -36.31 -30.25 -7.77
CA ALA H 319 -37.02 -30.54 -9.01
C ALA H 319 -36.03 -30.80 -10.13
N SER H 320 -36.31 -31.82 -10.93
CA SER H 320 -35.44 -32.20 -12.03
C SER H 320 -36.28 -32.73 -13.18
N ASN H 321 -35.77 -32.56 -14.40
CA ASN H 321 -36.45 -33.04 -15.60
C ASN H 321 -35.66 -34.06 -16.40
N ARG H 322 -34.46 -34.41 -15.96
CA ARG H 322 -33.61 -35.33 -16.70
C ARG H 322 -33.98 -36.78 -16.39
N GLY H 323 -33.56 -37.67 -17.29
CA GLY H 323 -33.77 -39.09 -17.12
C GLY H 323 -32.54 -39.80 -16.61
N MET H 324 -31.83 -40.49 -17.51
CA MET H 324 -30.58 -41.15 -17.17
C MET H 324 -29.42 -40.29 -17.66
N THR H 325 -28.76 -39.61 -16.74
CA THR H 325 -27.77 -38.60 -17.06
C THR H 325 -26.58 -38.80 -16.12
N THR H 326 -25.38 -38.60 -16.64
CA THR H 326 -24.19 -38.56 -15.79
C THR H 326 -24.29 -37.44 -14.77
N VAL H 327 -23.93 -37.74 -13.53
CA VAL H 327 -23.86 -36.73 -12.50
C VAL H 327 -22.66 -35.82 -12.79
N ARG H 328 -22.88 -34.51 -12.68
CA ARG H 328 -21.82 -33.53 -12.92
C ARG H 328 -20.72 -33.66 -11.88
N GLY H 329 -19.47 -33.55 -12.34
CA GLY H 329 -18.31 -33.80 -11.53
C GLY H 329 -17.79 -35.22 -11.62
N THR H 330 -18.52 -36.12 -12.27
CA THR H 330 -18.09 -37.51 -12.47
C THR H 330 -18.17 -37.85 -13.95
N GLU H 331 -17.57 -38.98 -14.30
CA GLU H 331 -17.50 -39.39 -15.70
C GLU H 331 -18.30 -40.66 -16.01
N ASP H 332 -18.67 -41.45 -15.02
CA ASP H 332 -19.24 -42.75 -15.30
C ASP H 332 -20.46 -43.12 -14.46
N VAL H 333 -20.96 -42.23 -13.61
CA VAL H 333 -22.11 -42.54 -12.76
C VAL H 333 -23.39 -42.22 -13.54
N ILE H 334 -24.03 -43.23 -14.10
CA ILE H 334 -25.37 -43.09 -14.67
C ILE H 334 -26.35 -43.21 -13.51
N SER H 335 -27.17 -42.18 -13.32
CA SER H 335 -28.06 -42.14 -12.17
C SER H 335 -29.41 -41.60 -12.62
N PRO H 336 -30.50 -42.05 -11.98
CA PRO H 336 -31.82 -41.48 -12.29
C PRO H 336 -31.92 -40.03 -11.83
N HIS H 337 -32.56 -39.22 -12.68
CA HIS H 337 -32.84 -37.80 -12.49
C HIS H 337 -31.58 -36.93 -12.35
N GLY H 338 -30.40 -37.45 -12.65
CA GLY H 338 -29.18 -36.71 -12.41
C GLY H 338 -28.78 -36.57 -10.96
N VAL H 339 -29.36 -37.36 -10.07
CA VAL H 339 -29.13 -37.28 -8.63
C VAL H 339 -28.40 -38.54 -8.21
N PRO H 340 -27.31 -38.45 -7.43
CA PRO H 340 -26.57 -39.64 -7.02
C PRO H 340 -27.40 -40.50 -6.08
N PRO H 341 -27.13 -41.82 -6.04
CA PRO H 341 -27.99 -42.72 -5.24
C PRO H 341 -27.94 -42.48 -3.75
N ASP H 342 -26.87 -41.87 -3.24
CA ASP H 342 -26.77 -41.54 -1.83
C ASP H 342 -27.84 -40.53 -1.42
N LEU H 343 -28.07 -39.51 -2.25
CA LEU H 343 -29.16 -38.58 -1.96
C LEU H 343 -30.52 -39.18 -2.27
N ILE H 344 -30.61 -40.03 -3.30
CA ILE H 344 -31.86 -40.65 -3.72
C ILE H 344 -32.41 -41.55 -2.63
N ASP H 345 -31.53 -42.21 -1.87
CA ASP H 345 -31.98 -43.02 -0.75
C ASP H 345 -32.56 -42.20 0.40
N ARG H 346 -32.22 -40.92 0.52
CA ARG H 346 -32.70 -40.06 1.60
C ARG H 346 -33.88 -39.18 1.21
N LEU H 347 -34.65 -39.53 0.19
CA LEU H 347 -35.79 -38.70 -0.19
C LEU H 347 -36.93 -39.54 -0.71
N LEU H 348 -38.09 -38.90 -0.84
CA LEU H 348 -39.26 -39.46 -1.49
C LEU H 348 -39.46 -38.79 -2.84
N ILE H 349 -39.91 -39.56 -3.82
CA ILE H 349 -40.05 -39.10 -5.19
C ILE H 349 -41.53 -38.93 -5.52
N VAL H 350 -41.90 -37.75 -6.01
CA VAL H 350 -43.26 -37.46 -6.41
C VAL H 350 -43.31 -37.38 -7.94
N ARG H 351 -44.18 -38.18 -8.54
CA ARG H 351 -44.31 -38.23 -9.99
C ARG H 351 -45.36 -37.25 -10.48
N THR H 352 -44.98 -36.45 -11.48
CA THR H 352 -45.89 -35.55 -12.16
C THR H 352 -46.00 -35.97 -13.63
N LEU H 353 -47.25 -36.20 -14.10
CA LEU H 353 -47.71 -36.77 -15.36
C LEU H 353 -48.06 -35.67 -16.36
N PRO H 354 -47.86 -35.90 -17.66
CA PRO H 354 -48.23 -34.89 -18.65
C PRO H 354 -49.74 -34.82 -18.85
N TYR H 355 -50.16 -33.77 -19.57
CA TYR H 355 -51.56 -33.41 -19.69
C TYR H 355 -52.16 -33.96 -20.98
N ASP H 356 -53.44 -33.65 -21.20
CA ASP H 356 -54.22 -34.10 -22.34
C ASP H 356 -54.78 -32.89 -23.08
N LYS H 357 -55.70 -33.16 -24.02
CA LYS H 357 -56.28 -32.10 -24.85
C LYS H 357 -57.19 -31.20 -24.04
N ASP H 358 -58.07 -31.79 -23.22
CA ASP H 358 -59.02 -31.02 -22.43
C ASP H 358 -58.32 -30.19 -21.36
N GLU H 359 -57.29 -30.76 -20.73
CA GLU H 359 -56.53 -30.03 -19.71
C GLU H 359 -55.74 -28.88 -20.34
N ILE H 360 -55.20 -29.08 -21.54
CA ILE H 360 -54.50 -28.00 -22.25
C ILE H 360 -55.47 -26.89 -22.60
N ARG H 361 -56.68 -27.25 -23.05
CA ARG H 361 -57.71 -26.25 -23.37
C ARG H 361 -58.13 -25.46 -22.13
N THR H 362 -58.30 -26.14 -21.00
CA THR H 362 -58.68 -25.47 -19.77
C THR H 362 -57.58 -24.54 -19.27
N ILE H 363 -56.31 -24.97 -19.40
CA ILE H 363 -55.18 -24.14 -18.95
C ILE H 363 -55.06 -22.89 -19.82
N ILE H 364 -55.27 -23.04 -21.13
CA ILE H 364 -55.29 -21.89 -22.03
C ILE H 364 -56.43 -20.94 -21.68
N GLU H 365 -57.60 -21.49 -21.31
CA GLU H 365 -58.74 -20.65 -20.94
C GLU H 365 -58.49 -19.85 -19.66
N ARG H 366 -57.91 -20.48 -18.63
CA ARG H 366 -57.64 -19.74 -17.40
C ARG H 366 -56.49 -18.75 -17.56
N ARG H 367 -55.49 -19.08 -18.38
CA ARG H 367 -54.44 -18.10 -18.66
C ARG H 367 -54.95 -16.96 -19.50
N ALA H 368 -56.00 -17.19 -20.30
CA ALA H 368 -56.62 -16.10 -21.06
C ALA H 368 -57.42 -15.18 -20.14
N THR H 369 -58.21 -15.77 -19.23
CA THR H 369 -59.06 -14.92 -18.40
C THR H 369 -58.25 -14.24 -17.28
N VAL H 370 -57.07 -14.76 -16.96
CA VAL H 370 -56.19 -14.03 -16.05
C VAL H 370 -55.52 -12.86 -16.75
N GLU H 371 -55.18 -13.01 -18.03
CA GLU H 371 -54.58 -11.95 -18.82
C GLU H 371 -55.58 -10.90 -19.29
N ARG H 372 -56.86 -11.05 -18.94
CA ARG H 372 -57.96 -10.16 -19.33
C ARG H 372 -58.11 -10.11 -20.85
N LEU H 373 -58.34 -11.30 -21.43
CA LEU H 373 -58.55 -11.47 -22.86
C LEU H 373 -59.83 -12.25 -23.09
N GLN H 374 -60.48 -11.96 -24.22
CA GLN H 374 -61.69 -12.66 -24.64
C GLN H 374 -61.36 -13.48 -25.88
N VAL H 375 -61.54 -14.80 -25.78
CA VAL H 375 -61.24 -15.72 -26.86
C VAL H 375 -62.51 -16.42 -27.28
N GLU H 376 -62.71 -16.56 -28.59
CA GLU H 376 -63.85 -17.28 -29.11
C GLU H 376 -63.66 -18.78 -28.95
N SER H 377 -64.70 -19.54 -29.30
CA SER H 377 -64.64 -20.99 -29.15
C SER H 377 -63.72 -21.63 -30.19
N SER H 378 -63.83 -21.22 -31.44
CA SER H 378 -63.02 -21.81 -32.51
C SER H 378 -61.54 -21.47 -32.36
N ALA H 379 -61.24 -20.24 -31.92
CA ALA H 379 -59.87 -19.86 -31.63
C ALA H 379 -59.31 -20.66 -30.47
N LEU H 380 -60.13 -20.95 -29.47
CA LEU H 380 -59.69 -21.77 -28.33
C LEU H 380 -59.42 -23.21 -28.76
N ASP H 381 -60.26 -23.77 -29.64
CA ASP H 381 -59.99 -25.12 -30.15
C ASP H 381 -58.74 -25.17 -31.02
N LEU H 382 -58.51 -24.14 -31.84
CA LEU H 382 -57.29 -24.10 -32.63
C LEU H 382 -56.05 -23.92 -31.76
N LEU H 383 -56.15 -23.13 -30.69
CA LEU H 383 -55.05 -22.97 -29.76
C LEU H 383 -54.76 -24.26 -29.01
N ALA H 384 -55.79 -25.00 -28.63
CA ALA H 384 -55.59 -26.28 -27.94
C ALA H 384 -54.99 -27.32 -28.88
N THR H 385 -55.43 -27.34 -30.14
CA THR H 385 -54.85 -28.23 -31.13
C THR H 385 -53.38 -27.90 -31.40
N MET H 386 -53.05 -26.61 -31.49
CA MET H 386 -51.67 -26.19 -31.66
C MET H 386 -50.82 -26.48 -30.42
N GLY H 387 -51.43 -26.41 -29.22
CA GLY H 387 -50.70 -26.77 -28.02
C GLY H 387 -50.40 -28.25 -27.93
N THR H 388 -51.34 -29.09 -28.34
CA THR H 388 -51.09 -30.51 -28.48
C THR H 388 -50.06 -30.82 -29.56
N GLU H 389 -50.07 -30.09 -30.67
CA GLU H 389 -49.15 -30.33 -31.77
C GLU H 389 -47.72 -29.90 -31.48
N THR H 390 -47.51 -28.74 -30.84
CA THR H 390 -46.15 -28.26 -30.62
C THR H 390 -45.76 -28.22 -29.14
N SER H 391 -46.46 -27.43 -28.32
CA SER H 391 -46.15 -27.23 -26.91
C SER H 391 -47.27 -26.43 -26.26
N LEU H 392 -47.54 -26.76 -24.99
CA LEU H 392 -48.48 -25.96 -24.21
C LEU H 392 -47.95 -24.56 -23.96
N ARG H 393 -46.64 -24.45 -23.70
CA ARG H 393 -46.02 -23.16 -23.46
C ARG H 393 -46.06 -22.28 -24.69
N TYR H 394 -45.92 -22.86 -25.88
CA TYR H 394 -46.02 -22.08 -27.11
C TYR H 394 -47.43 -21.56 -27.33
N ALA H 395 -48.45 -22.31 -26.91
CA ALA H 395 -49.81 -21.80 -26.96
C ALA H 395 -50.04 -20.69 -25.95
N LEU H 396 -49.41 -20.78 -24.78
CA LEU H 396 -49.56 -19.72 -23.79
C LEU H 396 -48.76 -18.47 -24.15
N GLN H 397 -47.68 -18.63 -24.91
CA GLN H 397 -46.84 -17.49 -25.29
C GLN H 397 -47.52 -16.62 -26.35
N LEU H 398 -48.39 -17.21 -27.17
CA LEU H 398 -49.05 -16.51 -28.27
C LEU H 398 -50.46 -16.05 -27.92
N LEU H 399 -50.70 -15.61 -26.68
CA LEU H 399 -51.98 -15.03 -26.33
C LEU H 399 -51.96 -13.51 -26.47
N ALA H 400 -50.92 -12.87 -25.95
CA ALA H 400 -50.79 -11.42 -26.02
C ALA H 400 -50.42 -10.87 -27.41
N PRO H 401 -49.61 -11.54 -28.25
CA PRO H 401 -49.57 -11.12 -29.67
C PRO H 401 -50.91 -11.20 -30.37
N CYS H 402 -51.73 -12.20 -30.04
CA CYS H 402 -53.08 -12.27 -30.59
C CYS H 402 -53.95 -11.10 -30.11
N GLY H 403 -53.80 -10.72 -28.84
CA GLY H 403 -54.55 -9.59 -28.33
C GLY H 403 -54.11 -8.28 -28.95
N ILE H 404 -52.82 -8.13 -29.21
CA ILE H 404 -52.31 -6.91 -29.84
C ILE H 404 -52.76 -6.82 -31.29
N LEU H 405 -52.72 -7.95 -32.01
CA LEU H 405 -53.20 -7.95 -33.39
C LEU H 405 -54.72 -7.80 -33.48
N ALA H 406 -55.45 -8.18 -32.43
CA ALA H 406 -56.88 -7.93 -32.39
C ALA H 406 -57.18 -6.46 -32.10
N GLN H 407 -56.42 -5.85 -31.19
CA GLN H 407 -56.62 -4.44 -30.88
C GLN H 407 -56.14 -3.54 -32.02
N THR H 408 -55.25 -4.04 -32.88
CA THR H 408 -54.82 -3.27 -34.04
C THR H 408 -55.97 -3.05 -35.02
N SER H 409 -56.81 -4.06 -35.22
CA SER H 409 -58.01 -3.93 -36.04
C SER H 409 -59.23 -3.48 -35.23
N ASN H 410 -59.01 -2.93 -34.03
CA ASN H 410 -60.03 -2.31 -33.18
C ASN H 410 -61.13 -3.29 -32.77
N ARG H 411 -60.71 -4.47 -32.34
CA ARG H 411 -61.63 -5.49 -31.84
C ARG H 411 -61.20 -5.95 -30.45
N LYS H 412 -62.17 -6.35 -29.65
CA LYS H 412 -61.93 -6.89 -28.31
C LYS H 412 -62.07 -8.40 -28.26
N GLU H 413 -62.08 -9.07 -29.40
CA GLU H 413 -62.22 -10.52 -29.48
C GLU H 413 -61.12 -11.09 -30.35
N ILE H 414 -60.58 -12.23 -29.94
CA ILE H 414 -59.54 -12.92 -30.68
C ILE H 414 -60.19 -14.04 -31.50
N VAL H 415 -59.91 -14.06 -32.80
CA VAL H 415 -60.54 -15.00 -33.71
C VAL H 415 -59.48 -15.78 -34.47
N VAL H 416 -59.91 -16.59 -35.43
CA VAL H 416 -59.05 -17.61 -36.05
C VAL H 416 -57.97 -16.97 -36.92
N ASN H 417 -58.30 -15.90 -37.64
CA ASN H 417 -57.31 -15.28 -38.51
C ASN H 417 -56.22 -14.56 -37.70
N ASP H 418 -56.57 -14.06 -36.51
CA ASP H 418 -55.58 -13.49 -35.61
C ASP H 418 -54.57 -14.53 -35.14
N VAL H 419 -55.05 -15.73 -34.76
CA VAL H 419 -54.12 -16.75 -34.30
C VAL H 419 -53.35 -17.34 -35.48
N ASN H 420 -53.91 -17.30 -36.69
CA ASN H 420 -53.17 -17.73 -37.86
C ASN H 420 -52.05 -16.76 -38.21
N GLU H 421 -52.33 -15.46 -38.12
CA GLU H 421 -51.30 -14.45 -38.36
C GLU H 421 -50.22 -14.49 -37.29
N ALA H 422 -50.60 -14.72 -36.04
CA ALA H 422 -49.63 -14.87 -34.96
C ALA H 422 -48.78 -16.13 -35.13
N LYS H 423 -49.38 -17.21 -35.64
CA LYS H 423 -48.63 -18.42 -35.92
C LYS H 423 -47.65 -18.22 -37.07
N LEU H 424 -48.04 -17.42 -38.07
CA LEU H 424 -47.14 -17.15 -39.19
C LEU H 424 -46.01 -16.21 -38.78
N LEU H 425 -46.28 -15.26 -37.88
CA LEU H 425 -45.25 -14.31 -37.47
C LEU H 425 -44.22 -14.94 -36.53
N PHE H 426 -44.65 -15.77 -35.60
CA PHE H 426 -43.79 -16.35 -34.59
C PHE H 426 -43.75 -17.86 -34.74
N LEU H 427 -42.55 -18.42 -34.83
CA LEU H 427 -42.35 -19.85 -35.00
C LEU H 427 -42.14 -20.54 -33.67
N ASP H 428 -42.26 -21.86 -33.69
CA ASP H 428 -41.95 -22.70 -32.55
C ASP H 428 -40.59 -23.35 -32.76
N ALA H 429 -40.23 -24.29 -31.88
CA ALA H 429 -38.90 -24.90 -31.94
C ALA H 429 -38.78 -25.86 -33.13
N LYS H 430 -39.85 -26.62 -33.41
CA LYS H 430 -39.79 -27.63 -34.46
C LYS H 430 -39.68 -27.01 -35.84
N ARG H 431 -40.43 -25.93 -36.09
CA ARG H 431 -40.40 -25.30 -37.41
C ARG H 431 -39.08 -24.58 -37.65
N SER H 432 -38.52 -23.96 -36.61
CA SER H 432 -37.21 -23.33 -36.74
C SER H 432 -36.11 -24.36 -36.92
N THR H 433 -36.22 -25.51 -36.25
CA THR H 433 -35.27 -26.60 -36.45
C THR H 433 -35.36 -27.16 -37.87
N LYS H 434 -36.57 -27.28 -38.40
CA LYS H 434 -36.75 -27.76 -39.76
C LYS H 434 -36.22 -26.75 -40.79
N ILE H 435 -36.34 -25.46 -40.50
CA ILE H 435 -35.74 -24.44 -41.35
C ILE H 435 -34.22 -24.53 -41.29
N LEU H 436 -33.67 -24.80 -40.10
CA LEU H 436 -32.23 -24.93 -39.93
C LEU H 436 -31.68 -26.15 -40.67
N GLU H 437 -32.46 -27.23 -40.71
CA GLU H 437 -31.96 -28.48 -41.28
C GLU H 437 -31.89 -28.46 -42.79
N THR H 438 -32.74 -27.68 -43.46
CA THR H 438 -32.79 -27.66 -44.92
C THR H 438 -32.10 -26.43 -45.51
N SER H 439 -31.29 -25.72 -44.75
CA SER H 439 -30.60 -24.53 -45.23
C SER H 439 -29.09 -24.71 -45.08
N ALA H 440 -28.35 -24.12 -46.03
CA ALA H 440 -26.90 -24.26 -46.06
C ALA H 440 -26.20 -22.90 -46.05
N ASN H 441 -26.88 -21.85 -45.62
CA ASN H 441 -26.30 -20.52 -45.51
C ASN H 441 -25.84 -20.21 -44.09
N TYR H 442 -25.37 -21.24 -43.38
CA TYR H 442 -24.95 -21.17 -41.97
C TYR H 442 -26.07 -20.64 -41.09
N LEU H 443 -27.29 -21.11 -41.35
CA LEU H 443 -28.47 -20.65 -40.64
C LEU H 443 -28.74 -21.55 -39.45
N SER I 2 -21.38 16.28 -29.99
CA SER I 2 -20.34 16.31 -31.02
C SER I 2 -19.33 15.19 -30.81
N LEU I 3 -19.68 14.25 -29.94
CA LEU I 3 -18.84 13.08 -29.66
C LEU I 3 -19.40 11.82 -30.31
N SER I 4 -19.98 11.96 -31.49
CA SER I 4 -20.53 10.83 -32.23
C SER I 4 -20.01 10.88 -33.66
N LEU I 5 -19.44 9.77 -34.12
CA LEU I 5 -19.04 9.63 -35.50
C LEU I 5 -20.04 8.71 -36.20
N ILE I 6 -19.83 8.48 -37.49
CA ILE I 6 -20.76 7.67 -38.26
C ILE I 6 -20.48 6.19 -37.99
N ALA I 7 -21.46 5.49 -37.44
CA ALA I 7 -21.31 4.10 -37.03
C ALA I 7 -21.76 3.17 -38.15
N ALA I 8 -21.89 1.88 -37.84
CA ALA I 8 -22.22 0.88 -38.84
C ALA I 8 -23.67 1.02 -39.30
N HIS I 9 -24.59 1.21 -38.35
CA HIS I 9 -25.98 1.51 -38.66
C HIS I 9 -26.42 2.73 -37.84
N SER I 10 -26.10 3.91 -38.38
CA SER I 10 -26.58 5.18 -37.86
C SER I 10 -27.72 5.75 -38.70
N HIS I 11 -27.99 5.17 -39.86
CA HIS I 11 -29.11 5.59 -40.67
C HIS I 11 -30.43 5.11 -40.10
N ILE I 12 -30.42 4.00 -39.37
CA ILE I 12 -31.64 3.43 -38.81
C ILE I 12 -32.03 4.26 -37.59
N THR I 13 -33.13 5.00 -37.70
CA THR I 13 -33.71 5.74 -36.58
C THR I 13 -35.19 5.39 -36.52
N GLY I 14 -35.49 4.25 -35.93
CA GLY I 14 -36.87 3.83 -35.75
C GLY I 14 -37.26 2.71 -36.70
N LEU I 15 -38.39 2.10 -36.38
CA LEU I 15 -38.96 1.00 -37.15
C LEU I 15 -40.04 1.57 -38.06
N GLY I 16 -39.85 1.40 -39.37
CA GLY I 16 -40.74 2.05 -40.32
C GLY I 16 -42.08 1.38 -40.49
N LEU I 17 -42.95 1.51 -39.50
CA LEU I 17 -44.26 0.88 -39.51
C LEU I 17 -45.37 1.93 -39.55
N ASP I 18 -46.53 1.50 -40.01
CA ASP I 18 -47.72 2.34 -40.05
C ASP I 18 -48.47 2.23 -38.72
N GLU I 19 -49.67 2.80 -38.67
CA GLU I 19 -50.47 2.73 -37.45
C GLU I 19 -51.20 1.40 -37.32
N ASN I 20 -51.24 0.61 -38.38
CA ASN I 20 -51.77 -0.75 -38.35
C ASN I 20 -50.69 -1.80 -38.20
N LEU I 21 -49.49 -1.40 -37.75
CA LEU I 21 -48.30 -2.25 -37.63
C LEU I 21 -47.93 -2.90 -38.97
N GLN I 22 -48.09 -2.14 -40.05
CA GLN I 22 -47.79 -2.61 -41.40
C GLN I 22 -46.50 -1.97 -41.88
N PRO I 23 -45.48 -2.76 -42.23
CA PRO I 23 -44.20 -2.15 -42.63
C PRO I 23 -44.24 -1.55 -44.02
N ARG I 24 -43.64 -0.39 -44.14
CA ARG I 24 -43.41 0.24 -45.44
C ARG I 24 -42.22 -0.41 -46.12
N PRO I 25 -42.17 -0.40 -47.46
CA PRO I 25 -41.02 -1.01 -48.16
C PRO I 25 -39.68 -0.36 -47.87
N THR I 26 -39.64 0.96 -47.76
CA THR I 26 -38.40 1.66 -47.40
C THR I 26 -38.76 2.95 -46.68
N SER I 27 -38.73 2.90 -45.35
CA SER I 27 -39.03 4.08 -44.56
C SER I 27 -38.28 3.98 -43.24
N GLU I 28 -37.94 5.15 -42.70
CA GLU I 28 -37.34 5.37 -41.39
C GLU I 28 -35.98 4.71 -41.26
N GLY I 29 -35.26 4.47 -42.36
CA GLY I 29 -33.95 3.89 -42.36
C GLY I 29 -33.90 2.41 -42.71
N MET I 30 -35.04 1.72 -42.71
CA MET I 30 -35.06 0.27 -42.87
C MET I 30 -35.60 -0.12 -44.24
N VAL I 31 -34.99 -1.16 -44.82
CA VAL I 31 -35.33 -1.67 -46.14
C VAL I 31 -35.70 -3.14 -46.01
N GLY I 32 -36.87 -3.51 -46.52
CA GLY I 32 -37.26 -4.91 -46.55
C GLY I 32 -37.59 -5.46 -45.16
N GLN I 33 -37.48 -6.78 -45.05
CA GLN I 33 -37.69 -7.55 -43.81
C GLN I 33 -39.07 -7.32 -43.22
N LEU I 34 -40.10 -7.57 -44.04
CA LEU I 34 -41.45 -7.13 -43.69
C LEU I 34 -42.03 -7.90 -42.50
N GLN I 35 -41.90 -9.22 -42.50
CA GLN I 35 -42.48 -10.02 -41.43
C GLN I 35 -41.73 -9.84 -40.11
N ALA I 36 -40.40 -9.73 -40.18
CA ALA I 36 -39.60 -9.48 -38.99
C ALA I 36 -39.90 -8.11 -38.39
N ARG I 37 -40.10 -7.10 -39.24
CA ARG I 37 -40.44 -5.77 -38.75
C ARG I 37 -41.84 -5.73 -38.15
N ARG I 38 -42.79 -6.48 -38.73
CA ARG I 38 -44.12 -6.57 -38.16
C ARG I 38 -44.12 -7.26 -36.79
N ALA I 39 -43.35 -8.35 -36.66
CA ALA I 39 -43.23 -9.04 -35.38
C ALA I 39 -42.53 -8.16 -34.34
N ALA I 40 -41.52 -7.40 -34.76
CA ALA I 40 -40.85 -6.48 -33.85
C ALA I 40 -41.77 -5.34 -33.43
N GLY I 41 -42.70 -4.94 -34.30
CA GLY I 41 -43.72 -3.98 -33.87
C GLY I 41 -44.68 -4.55 -32.85
N VAL I 42 -45.02 -5.84 -32.98
CA VAL I 42 -45.85 -6.50 -31.97
C VAL I 42 -45.12 -6.53 -30.62
N ILE I 43 -43.81 -6.82 -30.64
CA ILE I 43 -43.02 -6.81 -29.41
C ILE I 43 -42.93 -5.40 -28.82
N LEU I 44 -42.78 -4.40 -29.69
CA LEU I 44 -42.77 -3.00 -29.27
C LEU I 44 -44.07 -2.61 -28.57
N LYS I 45 -45.20 -3.04 -29.12
CA LYS I 45 -46.48 -2.77 -28.46
C LYS I 45 -46.63 -3.54 -27.16
N MET I 46 -46.00 -4.72 -27.04
CA MET I 46 -46.01 -5.42 -25.76
C MET I 46 -45.22 -4.69 -24.69
N VAL I 47 -44.08 -4.10 -25.06
CA VAL I 47 -43.33 -3.29 -24.10
C VAL I 47 -44.08 -2.01 -23.77
N GLN I 48 -44.72 -1.40 -24.77
CA GLN I 48 -45.41 -0.13 -24.54
C GLN I 48 -46.70 -0.30 -23.77
N ASN I 49 -47.30 -1.50 -23.79
CA ASN I 49 -48.46 -1.76 -22.96
C ASN I 49 -48.07 -1.85 -21.49
N GLY I 50 -47.03 -2.61 -21.18
CA GLY I 50 -46.50 -2.69 -19.84
C GLY I 50 -47.23 -3.64 -18.90
N THR I 51 -48.23 -4.37 -19.38
CA THR I 51 -48.97 -5.30 -18.53
C THR I 51 -48.44 -6.73 -18.64
N ILE I 52 -47.40 -6.96 -19.41
CA ILE I 52 -46.79 -8.27 -19.57
C ILE I 52 -45.44 -8.25 -18.87
N ALA I 53 -44.93 -9.43 -18.54
CA ALA I 53 -43.69 -9.52 -17.78
C ALA I 53 -42.98 -10.82 -18.07
N GLY I 54 -41.69 -10.74 -18.37
CA GLY I 54 -40.84 -11.90 -18.51
C GLY I 54 -41.12 -12.73 -19.75
N ARG I 55 -40.88 -12.15 -20.92
CA ARG I 55 -41.11 -12.83 -22.17
C ARG I 55 -39.84 -12.81 -23.01
N ALA I 56 -39.43 -13.97 -23.50
CA ALA I 56 -38.20 -14.12 -24.26
C ALA I 56 -38.52 -14.32 -25.74
N VAL I 57 -37.94 -13.48 -26.58
CA VAL I 57 -38.05 -13.61 -28.03
C VAL I 57 -36.65 -13.86 -28.58
N LEU I 58 -36.58 -14.57 -29.69
CA LEU I 58 -35.32 -14.93 -30.33
C LEU I 58 -35.35 -14.52 -31.79
N VAL I 59 -34.33 -13.80 -32.22
CA VAL I 59 -34.19 -13.39 -33.61
C VAL I 59 -33.11 -14.27 -34.23
N ALA I 60 -33.52 -15.15 -35.15
CA ALA I 60 -32.63 -16.16 -35.70
C ALA I 60 -32.53 -15.99 -37.21
N GLY I 61 -31.31 -15.97 -37.73
CA GLY I 61 -31.10 -15.84 -39.14
C GLY I 61 -29.65 -15.99 -39.53
N PRO I 62 -29.39 -16.04 -40.84
CA PRO I 62 -28.00 -16.09 -41.33
C PRO I 62 -27.28 -14.78 -41.07
N PRO I 63 -25.95 -14.75 -41.14
CA PRO I 63 -25.23 -13.49 -40.92
C PRO I 63 -25.48 -12.45 -42.01
N SER I 64 -25.36 -11.18 -41.61
CA SER I 64 -25.58 -9.98 -42.43
C SER I 64 -26.98 -9.96 -43.02
N THR I 65 -27.97 -9.94 -42.12
CA THR I 65 -29.36 -10.08 -42.48
C THR I 65 -30.21 -9.00 -41.82
N GLY I 66 -29.73 -8.45 -40.71
CA GLY I 66 -30.39 -7.31 -40.10
C GLY I 66 -30.99 -7.57 -38.74
N LYS I 67 -30.37 -8.46 -37.96
CA LYS I 67 -30.88 -8.75 -36.62
C LYS I 67 -30.53 -7.63 -35.64
N THR I 68 -29.26 -7.22 -35.61
CA THR I 68 -28.90 -6.08 -34.78
C THR I 68 -29.42 -4.77 -35.35
N ALA I 69 -29.70 -4.72 -36.66
CA ALA I 69 -30.43 -3.58 -37.23
C ALA I 69 -31.85 -3.51 -36.69
N LEU I 70 -32.50 -4.67 -36.55
CA LEU I 70 -33.83 -4.73 -35.96
C LEU I 70 -33.81 -4.33 -34.49
N ALA I 71 -32.77 -4.76 -33.75
CA ALA I 71 -32.62 -4.36 -32.36
C ALA I 71 -32.40 -2.86 -32.22
N MET I 72 -31.59 -2.28 -33.10
CA MET I 72 -31.36 -0.83 -33.10
C MET I 72 -32.62 -0.06 -33.46
N GLY I 73 -33.41 -0.59 -34.40
CA GLY I 73 -34.68 0.06 -34.73
C GLY I 73 -35.68 0.02 -33.61
N VAL I 74 -35.76 -1.11 -32.89
CA VAL I 74 -36.63 -1.21 -31.72
C VAL I 74 -36.16 -0.28 -30.61
N SER I 75 -34.84 -0.16 -30.43
CA SER I 75 -34.29 0.76 -29.44
C SER I 75 -34.57 2.22 -29.78
N GLN I 76 -34.52 2.57 -31.07
CA GLN I 76 -34.77 3.95 -31.45
C GLN I 76 -36.25 4.29 -31.40
N SER I 77 -37.12 3.32 -31.67
CA SER I 77 -38.55 3.55 -31.60
C SER I 77 -39.14 3.33 -30.21
N LEU I 78 -38.34 2.86 -29.24
CA LEU I 78 -38.83 2.72 -27.87
C LEU I 78 -39.04 4.06 -27.21
N GLY I 79 -38.29 5.08 -27.63
CA GLY I 79 -38.34 6.37 -26.98
C GLY I 79 -37.44 6.43 -25.77
N LYS I 80 -37.29 7.64 -25.24
CA LYS I 80 -36.43 7.85 -24.08
C LYS I 80 -37.19 7.47 -22.81
N ASP I 81 -36.50 7.62 -21.67
CA ASP I 81 -36.91 7.25 -20.30
C ASP I 81 -37.51 5.84 -20.18
N VAL I 82 -37.15 4.93 -21.08
CA VAL I 82 -37.45 3.51 -20.97
C VAL I 82 -36.11 2.80 -21.08
N PRO I 83 -35.74 1.95 -20.12
CA PRO I 83 -34.40 1.37 -20.12
C PRO I 83 -34.21 0.35 -21.23
N PHE I 84 -33.04 0.42 -21.88
CA PHE I 84 -32.65 -0.54 -22.90
C PHE I 84 -31.20 -0.92 -22.63
N THR I 85 -30.97 -2.17 -22.25
CA THR I 85 -29.63 -2.67 -21.95
C THR I 85 -29.19 -3.63 -23.05
N ALA I 86 -28.08 -3.32 -23.71
CA ALA I 86 -27.56 -4.12 -24.81
C ALA I 86 -26.23 -4.71 -24.39
N ILE I 87 -26.22 -6.00 -24.07
CA ILE I 87 -25.02 -6.70 -23.68
C ILE I 87 -24.67 -7.73 -24.75
N ALA I 88 -23.40 -8.12 -24.76
CA ALA I 88 -22.95 -9.28 -25.52
C ALA I 88 -22.84 -10.47 -24.60
N GLY I 89 -22.70 -11.66 -25.20
CA GLY I 89 -22.65 -12.87 -24.41
C GLY I 89 -21.36 -13.08 -23.65
N SER I 90 -20.27 -12.45 -24.09
CA SER I 90 -18.97 -12.60 -23.47
C SER I 90 -18.76 -11.68 -22.28
N GLU I 91 -19.70 -10.79 -22.00
CA GLU I 91 -19.55 -9.80 -20.95
C GLU I 91 -19.87 -10.34 -19.56
N ILE I 92 -20.50 -11.51 -19.46
CA ILE I 92 -20.99 -12.00 -18.19
C ILE I 92 -20.03 -12.95 -17.50
N PHE I 93 -18.91 -13.27 -18.13
CA PHE I 93 -17.86 -14.08 -17.51
C PHE I 93 -16.88 -13.14 -16.83
N SER I 94 -17.03 -13.00 -15.51
CA SER I 94 -16.27 -12.02 -14.74
C SER I 94 -15.37 -12.72 -13.73
N LEU I 95 -14.34 -12.00 -13.30
CA LEU I 95 -13.41 -12.51 -12.29
C LEU I 95 -13.92 -12.29 -10.87
N GLU I 96 -14.62 -11.19 -10.61
CA GLU I 96 -15.14 -10.91 -9.28
C GLU I 96 -16.66 -10.88 -9.22
N LEU I 97 -17.34 -11.43 -10.22
CA LEU I 97 -18.78 -11.60 -10.19
C LEU I 97 -19.15 -12.96 -10.76
N SER I 98 -20.13 -13.61 -10.15
CA SER I 98 -20.64 -14.87 -10.68
C SER I 98 -21.50 -14.60 -11.91
N LYS I 99 -21.76 -15.67 -12.67
CA LYS I 99 -22.59 -15.54 -13.87
C LYS I 99 -24.05 -15.27 -13.50
N THR I 100 -24.53 -15.90 -12.43
CA THR I 100 -25.89 -15.69 -11.96
C THR I 100 -26.10 -14.25 -11.48
N GLU I 101 -25.13 -13.71 -10.74
CA GLU I 101 -25.23 -12.34 -10.25
C GLU I 101 -25.10 -11.32 -11.39
N ALA I 102 -24.24 -11.60 -12.37
CA ALA I 102 -24.12 -10.71 -13.53
C ALA I 102 -25.40 -10.71 -14.35
N LEU I 103 -26.03 -11.87 -14.51
CA LEU I 103 -27.31 -11.93 -15.22
C LEU I 103 -28.41 -11.23 -14.43
N THR I 104 -28.37 -11.33 -13.10
CA THR I 104 -29.35 -10.63 -12.27
C THR I 104 -29.19 -9.11 -12.37
N GLN I 105 -27.95 -8.63 -12.41
CA GLN I 105 -27.69 -7.21 -12.57
C GLN I 105 -28.13 -6.72 -13.95
N ALA I 106 -27.91 -7.53 -14.99
CA ALA I 106 -28.38 -7.18 -16.32
C ALA I 106 -29.90 -7.19 -16.41
N PHE I 107 -30.55 -8.09 -15.66
CA PHE I 107 -32.00 -8.13 -15.63
C PHE I 107 -32.57 -6.91 -14.91
N ARG I 108 -31.93 -6.51 -13.82
CA ARG I 108 -32.44 -5.40 -13.02
C ARG I 108 -32.00 -4.04 -13.53
N LYS I 109 -31.08 -3.99 -14.49
CA LYS I 109 -30.79 -2.74 -15.20
C LYS I 109 -31.85 -2.38 -16.23
N SER I 110 -32.74 -3.31 -16.58
CA SER I 110 -33.69 -3.12 -17.66
C SER I 110 -35.12 -2.92 -17.16
N ILE I 111 -35.30 -2.56 -15.90
CA ILE I 111 -36.62 -2.25 -15.35
C ILE I 111 -36.45 -1.18 -14.28
N GLY I 112 -37.20 -0.09 -14.42
CA GLY I 112 -37.01 1.06 -13.56
C GLY I 112 -38.33 1.65 -13.11
N ILE I 113 -38.24 2.62 -12.19
CA ILE I 113 -39.40 3.31 -11.66
C ILE I 113 -39.27 4.79 -11.95
N LYS I 114 -40.40 5.49 -11.98
CA LYS I 114 -40.44 6.92 -12.30
C LYS I 114 -40.86 7.72 -11.07
N ILE I 115 -40.04 8.71 -10.73
CA ILE I 115 -40.27 9.58 -9.58
C ILE I 115 -40.35 11.02 -10.09
N LYS I 116 -41.45 11.71 -9.79
CA LYS I 116 -41.61 13.12 -10.10
C LYS I 116 -41.50 13.92 -8.82
N GLU I 117 -40.76 15.02 -8.87
CA GLU I 117 -40.59 15.87 -7.70
C GLU I 117 -40.65 17.34 -8.11
N GLU I 118 -41.04 18.17 -7.16
CA GLU I 118 -41.22 19.61 -7.37
C GLU I 118 -40.05 20.36 -6.75
N THR I 119 -39.47 21.28 -7.52
CA THR I 119 -38.33 22.06 -7.08
C THR I 119 -38.67 23.55 -7.10
N GLU I 120 -38.29 24.26 -6.05
CA GLU I 120 -38.38 25.72 -5.98
C GLU I 120 -36.99 26.27 -5.70
N LEU I 121 -36.28 26.68 -6.75
CA LEU I 121 -34.89 27.08 -6.63
C LEU I 121 -34.76 28.58 -6.41
N ILE I 122 -33.83 28.97 -5.53
CA ILE I 122 -33.47 30.37 -5.31
C ILE I 122 -31.99 30.48 -5.63
N GLU I 123 -31.66 30.80 -6.88
CA GLU I 123 -30.28 30.84 -7.36
C GLU I 123 -29.86 32.27 -7.59
N GLY I 124 -28.82 32.72 -6.89
CA GLY I 124 -28.33 34.08 -7.03
C GLY I 124 -26.99 34.26 -6.36
N GLU I 125 -26.51 35.49 -6.42
CA GLU I 125 -25.21 35.87 -5.87
C GLU I 125 -25.39 36.45 -4.47
N VAL I 126 -24.60 35.95 -3.53
CA VAL I 126 -24.69 36.37 -2.13
C VAL I 126 -24.04 37.73 -1.99
N VAL I 127 -24.76 38.67 -1.38
CA VAL I 127 -24.24 40.00 -1.08
C VAL I 127 -23.70 40.08 0.33
N GLU I 128 -24.51 39.72 1.32
CA GLU I 128 -24.13 39.91 2.71
C GLU I 128 -24.90 38.93 3.59
N ILE I 129 -24.20 38.31 4.52
CA ILE I 129 -24.80 37.43 5.51
C ILE I 129 -24.59 38.04 6.88
N GLN I 130 -25.70 38.27 7.59
CA GLN I 130 -25.68 38.79 8.95
C GLN I 130 -26.09 37.67 9.90
N ILE I 131 -25.28 37.43 10.92
CA ILE I 131 -25.50 36.35 11.87
C ILE I 131 -25.76 36.96 13.24
N ASP I 132 -26.89 36.60 13.85
CA ASP I 132 -27.24 37.02 15.19
C ASP I 132 -27.23 35.80 16.11
N ARG I 133 -26.47 35.89 17.20
CA ARG I 133 -26.31 34.80 18.14
C ARG I 133 -26.91 35.16 19.48
N SER I 134 -27.58 34.19 20.10
CA SER I 134 -28.19 34.39 21.40
C SER I 134 -27.16 34.25 22.51
N ILE I 135 -27.60 34.50 23.74
CA ILE I 135 -26.72 34.37 24.90
C ILE I 135 -26.41 32.91 25.18
N THR I 136 -27.41 32.04 25.06
CA THR I 136 -27.18 30.61 25.27
C THR I 136 -26.39 30.00 24.12
N GLY I 137 -26.63 30.46 22.90
CA GLY I 137 -25.93 29.94 21.74
C GLY I 137 -26.47 28.66 21.15
N GLY I 138 -27.60 28.16 21.67
CA GLY I 138 -28.18 26.96 21.11
C GLY I 138 -28.73 27.14 19.71
N HIS I 139 -29.36 28.29 19.45
CA HIS I 139 -29.95 28.59 18.16
C HIS I 139 -29.50 29.96 17.69
N LYS I 140 -29.36 30.10 16.37
CA LYS I 140 -28.96 31.36 15.75
C LYS I 140 -29.90 31.70 14.61
N GLN I 141 -30.12 32.99 14.42
CA GLN I 141 -30.90 33.51 13.31
C GLN I 141 -29.98 34.18 12.30
N GLY I 142 -30.46 34.33 11.07
CA GLY I 142 -29.61 34.80 9.99
C GLY I 142 -30.35 35.70 9.03
N LYS I 143 -29.56 36.50 8.31
CA LYS I 143 -30.01 37.34 7.22
C LYS I 143 -29.23 36.94 5.98
N LEU I 144 -29.92 36.66 4.88
CA LEU I 144 -29.27 36.37 3.61
C LEU I 144 -29.78 37.36 2.57
N THR I 145 -28.87 38.14 2.00
CA THR I 145 -29.19 39.08 0.93
C THR I 145 -28.64 38.48 -0.36
N ILE I 146 -29.55 37.95 -1.17
CA ILE I 146 -29.18 37.22 -2.39
C ILE I 146 -29.70 38.01 -3.59
N LYS I 147 -28.89 38.06 -4.64
CA LYS I 147 -29.04 39.05 -5.70
C LYS I 147 -28.85 38.40 -7.06
N THR I 148 -29.82 38.61 -7.95
CA THR I 148 -29.66 38.32 -9.37
C THR I 148 -29.36 39.61 -10.12
N THR I 149 -29.34 39.55 -11.44
CA THR I 149 -29.10 40.74 -12.25
C THR I 149 -30.26 41.74 -12.11
N ASP I 150 -31.50 41.24 -12.05
CA ASP I 150 -32.66 42.10 -12.02
C ASP I 150 -33.26 42.34 -10.63
N MET I 151 -33.00 41.46 -9.66
CA MET I 151 -33.78 41.53 -8.42
C MET I 151 -32.93 41.08 -7.24
N GLU I 152 -33.03 41.81 -6.13
CA GLU I 152 -32.33 41.53 -4.88
C GLU I 152 -33.33 41.52 -3.73
N THR I 153 -33.26 40.51 -2.87
CA THR I 153 -34.16 40.43 -1.72
C THR I 153 -33.42 39.88 -0.50
N ILE I 154 -34.16 39.69 0.58
CA ILE I 154 -33.64 39.37 1.90
C ILE I 154 -34.47 38.24 2.49
N TYR I 155 -33.80 37.21 3.02
CA TYR I 155 -34.46 36.05 3.61
C TYR I 155 -34.02 35.86 5.05
N GLU I 156 -34.83 35.10 5.80
CA GLU I 156 -34.55 34.75 7.19
C GLU I 156 -34.09 33.30 7.24
N LEU I 157 -32.89 33.06 7.75
CA LEU I 157 -32.35 31.72 7.80
C LEU I 157 -32.57 31.08 9.17
N GLY I 158 -32.41 29.76 9.24
CA GLY I 158 -32.54 29.01 10.46
C GLY I 158 -31.20 28.56 10.99
N ASN I 159 -31.26 27.77 12.07
CA ASN I 159 -30.02 27.31 12.71
C ASN I 159 -29.32 26.27 11.85
N LYS I 160 -30.06 25.30 11.31
CA LYS I 160 -29.48 24.30 10.42
C LYS I 160 -29.10 24.89 9.07
N MET I 161 -29.69 26.04 8.75
CA MET I 161 -29.26 26.76 7.52
C MET I 161 -27.83 27.23 7.74
N ILE I 162 -27.55 27.85 8.89
CA ILE I 162 -26.20 28.29 9.22
C ILE I 162 -25.25 27.11 9.34
N ASP I 163 -25.70 26.01 9.94
CA ASP I 163 -24.86 24.82 10.08
C ASP I 163 -24.52 24.20 8.72
N GLY I 164 -25.43 24.27 7.75
CA GLY I 164 -25.13 23.82 6.40
C GLY I 164 -24.40 24.84 5.54
N LEU I 165 -24.45 26.12 5.92
CA LEU I 165 -23.75 27.16 5.17
C LEU I 165 -22.30 27.35 5.61
N THR I 166 -22.00 27.10 6.88
CA THR I 166 -20.62 27.23 7.33
C THR I 166 -19.77 26.06 6.86
N LYS I 167 -20.38 24.90 6.60
CA LYS I 167 -19.80 23.90 5.74
C LYS I 167 -19.99 24.35 4.30
N GLU I 168 -19.00 24.05 3.44
CA GLU I 168 -18.80 24.63 2.09
C GLU I 168 -19.00 26.15 2.12
N LYS I 169 -18.06 26.78 2.82
CA LYS I 169 -18.17 28.17 3.26
C LYS I 169 -18.33 29.15 2.11
N VAL I 170 -19.45 29.86 2.11
CA VAL I 170 -19.71 30.93 1.15
C VAL I 170 -19.22 32.24 1.76
N LEU I 171 -18.75 33.14 0.91
CA LEU I 171 -17.95 34.27 1.36
C LEU I 171 -18.33 35.55 0.61
N ALA I 172 -19.63 35.82 0.49
CA ALA I 172 -20.18 37.11 0.06
C ALA I 172 -19.73 37.48 -1.37
N GLY I 173 -20.29 36.75 -2.33
CA GLY I 173 -19.89 36.94 -3.71
C GLY I 173 -19.87 35.65 -4.49
N ASP I 174 -20.33 34.58 -3.86
CA ASP I 174 -20.38 33.26 -4.47
C ASP I 174 -21.80 32.99 -4.96
N VAL I 175 -21.93 32.24 -6.05
CA VAL I 175 -23.22 31.86 -6.60
C VAL I 175 -23.67 30.55 -5.97
N ILE I 176 -24.79 30.58 -5.24
CA ILE I 176 -25.38 29.42 -4.60
C ILE I 176 -26.81 29.28 -5.08
N SER I 177 -27.44 28.15 -4.71
CA SER I 177 -28.86 27.98 -4.92
C SER I 177 -29.46 27.15 -3.80
N ILE I 178 -30.68 27.49 -3.41
CA ILE I 178 -31.36 26.92 -2.25
C ILE I 178 -32.73 26.42 -2.69
N ASP I 179 -33.10 25.21 -2.29
CA ASP I 179 -34.45 24.69 -2.50
C ASP I 179 -35.30 25.01 -1.28
N LYS I 180 -36.48 25.61 -1.52
CA LYS I 180 -37.34 26.02 -0.42
C LYS I 180 -38.05 24.84 0.23
N ALA I 181 -38.53 23.89 -0.57
CA ALA I 181 -39.31 22.78 -0.02
C ALA I 181 -38.44 21.75 0.68
N SER I 182 -37.23 21.52 0.19
CA SER I 182 -36.39 20.44 0.70
C SER I 182 -35.16 20.91 1.48
N GLY I 183 -34.70 22.13 1.27
CA GLY I 183 -33.50 22.59 1.95
C GLY I 183 -32.20 22.16 1.32
N LYS I 184 -32.19 21.87 0.03
CA LYS I 184 -30.96 21.47 -0.64
C LYS I 184 -30.06 22.68 -0.87
N ILE I 185 -28.75 22.46 -0.72
CA ILE I 185 -27.74 23.50 -0.85
C ILE I 185 -26.69 23.06 -1.85
N THR I 186 -26.37 23.93 -2.81
CA THR I 186 -25.18 23.77 -3.62
C THR I 186 -24.48 25.11 -3.77
N LYS I 187 -23.17 25.04 -3.92
CA LYS I 187 -22.34 26.19 -4.23
C LYS I 187 -21.86 26.03 -5.67
N LEU I 188 -22.40 26.86 -6.56
CA LEU I 188 -22.09 26.72 -7.98
C LEU I 188 -20.67 27.20 -8.30
N GLY I 189 -20.17 28.17 -7.56
CA GLY I 189 -18.85 28.68 -7.80
C GLY I 189 -18.78 30.15 -7.37
N ARG I 190 -18.07 30.94 -8.15
CA ARG I 190 -17.87 32.35 -7.88
C ARG I 190 -18.25 33.16 -9.12
N SER I 191 -18.64 34.41 -8.92
CA SER I 191 -19.07 35.23 -10.03
C SER I 191 -17.88 35.76 -10.82
N PHE I 192 -18.13 36.07 -12.09
CA PHE I 192 -17.11 36.66 -12.94
C PHE I 192 -16.86 38.13 -12.61
N ALA I 193 -17.78 38.77 -11.90
CA ALA I 193 -17.58 40.16 -11.52
C ALA I 193 -16.54 40.32 -10.43
N ARG I 194 -16.25 39.26 -9.68
CA ARG I 194 -15.22 39.27 -8.65
C ARG I 194 -13.99 38.46 -9.06
N SER I 195 -13.74 38.38 -10.36
CA SER I 195 -12.63 37.57 -10.87
C SER I 195 -11.30 38.30 -10.83
N ARG I 196 -11.29 39.60 -10.53
CA ARG I 196 -10.04 40.35 -10.48
C ARG I 196 -9.74 40.86 -9.08
N ASP I 197 -10.29 40.22 -8.05
CA ASP I 197 -10.04 40.65 -6.68
C ASP I 197 -8.90 39.88 -6.03
N TYR I 198 -8.85 38.57 -6.22
CA TYR I 198 -7.99 37.72 -5.42
C TYR I 198 -6.72 37.26 -6.13
N ASP I 199 -6.56 37.58 -7.42
CA ASP I 199 -5.27 37.65 -8.12
C ASP I 199 -4.63 36.27 -8.37
N ALA I 200 -5.14 35.22 -7.73
CA ALA I 200 -4.67 33.86 -7.92
C ALA I 200 -5.77 32.94 -7.41
N MET I 201 -6.17 31.99 -8.24
CA MET I 201 -7.49 31.36 -8.09
C MET I 201 -7.55 30.45 -6.87
N GLY I 202 -6.75 29.39 -6.85
CA GLY I 202 -6.90 28.38 -5.84
C GLY I 202 -7.45 27.08 -6.42
N ALA I 203 -7.30 26.01 -5.64
CA ALA I 203 -7.63 24.68 -6.15
C ALA I 203 -9.12 24.44 -6.22
N ASP I 204 -9.88 24.96 -5.25
CA ASP I 204 -11.27 24.60 -5.07
C ASP I 204 -12.24 25.63 -5.64
N THR I 205 -11.77 26.58 -6.42
CA THR I 205 -12.64 27.63 -6.93
C THR I 205 -12.92 27.44 -8.41
N ARG I 206 -14.04 28.00 -8.85
CA ARG I 206 -14.42 28.01 -10.26
C ARG I 206 -15.35 29.18 -10.49
N PHE I 207 -15.24 29.78 -11.67
CA PHE I 207 -15.92 31.03 -11.98
C PHE I 207 -17.13 30.76 -12.86
N VAL I 208 -18.31 31.14 -12.37
CA VAL I 208 -19.56 30.97 -13.09
C VAL I 208 -20.20 32.34 -13.30
N GLN I 209 -21.16 32.40 -14.21
CA GLN I 209 -21.85 33.64 -14.50
C GLN I 209 -22.97 33.89 -13.51
N CYS I 210 -23.23 35.17 -13.25
CA CYS I 210 -24.29 35.53 -12.32
C CYS I 210 -25.64 35.28 -12.96
N PRO I 211 -26.57 34.60 -12.29
CA PRO I 211 -27.86 34.30 -12.91
C PRO I 211 -28.75 35.52 -13.04
N GLU I 212 -29.64 35.48 -14.01
CA GLU I 212 -30.53 36.58 -14.34
C GLU I 212 -31.97 36.18 -14.11
N GLY I 213 -32.85 37.18 -14.10
CA GLY I 213 -34.27 36.92 -14.09
C GLY I 213 -34.85 36.81 -12.69
N GLU I 214 -35.90 36.01 -12.58
CA GLU I 214 -36.57 35.82 -11.29
C GLU I 214 -35.71 34.98 -10.36
N LEU I 215 -35.71 35.37 -9.09
CA LEU I 215 -34.95 34.64 -8.07
C LEU I 215 -35.61 33.32 -7.72
N GLN I 216 -36.92 33.33 -7.58
CA GLN I 216 -37.68 32.12 -7.28
C GLN I 216 -38.17 31.51 -8.59
N LYS I 217 -37.70 30.31 -8.91
CA LYS I 217 -38.10 29.63 -10.13
C LYS I 217 -38.70 28.27 -9.82
N ARG I 218 -39.76 27.93 -10.53
CA ARG I 218 -40.43 26.64 -10.40
C ARG I 218 -40.13 25.78 -11.62
N LYS I 219 -39.81 24.51 -11.38
CA LYS I 219 -39.53 23.58 -12.47
C LYS I 219 -39.75 22.17 -11.93
N THR I 220 -40.40 21.32 -12.72
CA THR I 220 -40.56 19.92 -12.37
C THR I 220 -39.48 19.09 -13.04
N VAL I 221 -39.10 17.99 -12.38
CA VAL I 221 -38.08 17.07 -12.88
C VAL I 221 -38.56 15.65 -12.63
N VAL I 222 -38.43 14.80 -13.65
CA VAL I 222 -38.83 13.40 -13.57
C VAL I 222 -37.57 12.54 -13.65
N HIS I 223 -37.35 11.73 -12.63
CA HIS I 223 -36.20 10.84 -12.57
C HIS I 223 -36.65 9.41 -12.80
N THR I 224 -35.91 8.68 -13.65
CA THR I 224 -36.14 7.26 -13.87
C THR I 224 -34.95 6.50 -13.29
N VAL I 225 -35.21 5.71 -12.25
CA VAL I 225 -34.17 5.01 -11.51
C VAL I 225 -34.40 3.52 -11.67
N SER I 226 -33.37 2.81 -12.15
CA SER I 226 -33.45 1.37 -12.30
C SER I 226 -33.41 0.70 -10.94
N LEU I 227 -33.89 -0.54 -10.90
CA LEU I 227 -33.92 -1.29 -9.65
C LEU I 227 -32.52 -1.67 -9.19
N HIS I 228 -31.61 -1.83 -10.13
CA HIS I 228 -30.21 -2.14 -9.82
C HIS I 228 -29.54 -0.99 -9.09
N GLU I 229 -29.91 0.25 -9.43
CA GLU I 229 -29.34 1.42 -8.76
C GLU I 229 -29.77 1.48 -7.30
N ILE I 230 -31.03 1.14 -7.02
CA ILE I 230 -31.50 1.07 -5.64
C ILE I 230 -30.82 -0.06 -4.89
N ASP I 231 -30.59 -1.19 -5.57
CA ASP I 231 -29.83 -2.30 -4.98
C ASP I 231 -28.41 -1.88 -4.60
N VAL I 232 -27.75 -1.14 -5.48
CA VAL I 232 -26.37 -0.73 -5.23
C VAL I 232 -26.30 0.31 -4.13
N ILE I 233 -27.25 1.26 -4.11
CA ILE I 233 -27.27 2.32 -3.11
C ILE I 233 -27.52 1.73 -1.72
N ASN I 234 -28.39 0.73 -1.62
CA ASN I 234 -28.78 0.20 -0.33
C ASN I 234 -27.91 -0.96 0.15
N SER I 235 -26.72 -1.15 -0.43
CA SER I 235 -25.85 -2.27 -0.06
C SER I 235 -24.59 -1.82 0.66
N ARG I 236 -24.43 -0.54 0.92
CA ARG I 236 -23.18 0.00 1.44
C ARG I 236 -23.48 1.36 2.06
N THR I 237 -22.50 1.91 2.77
CA THR I 237 -22.65 3.25 3.34
C THR I 237 -22.65 4.30 2.24
N GLN I 238 -21.68 4.25 1.34
CA GLN I 238 -21.60 5.17 0.20
C GLN I 238 -21.49 4.32 -1.06
N GLY I 239 -22.62 4.11 -1.73
CA GLY I 239 -22.70 3.20 -2.85
C GLY I 239 -22.73 3.79 -4.24
N PHE I 240 -22.74 5.12 -4.39
CA PHE I 240 -22.77 5.69 -5.74
C PHE I 240 -21.44 5.49 -6.45
N LEU I 241 -20.34 5.40 -5.70
CA LEU I 241 -19.06 5.00 -6.28
C LEU I 241 -19.12 3.60 -6.87
N ALA I 242 -19.96 2.72 -6.31
CA ALA I 242 -20.12 1.40 -6.90
C ALA I 242 -20.95 1.45 -8.17
N LEU I 243 -21.84 2.45 -8.29
CA LEU I 243 -22.54 2.66 -9.55
C LEU I 243 -21.58 3.11 -10.64
N PHE I 244 -20.58 3.90 -10.28
CA PHE I 244 -19.66 4.41 -11.29
C PHE I 244 -18.35 3.65 -11.40
N THR I 245 -18.11 2.64 -10.57
CA THR I 245 -16.87 1.87 -10.64
C THR I 245 -17.10 0.39 -10.86
N GLY I 246 -18.29 -0.15 -10.58
CA GLY I 246 -18.56 -1.55 -10.81
C GLY I 246 -18.20 -2.48 -9.68
N ASP I 247 -17.71 -1.97 -8.56
CA ASP I 247 -17.33 -2.78 -7.41
C ASP I 247 -18.49 -3.06 -6.44
N THR I 248 -19.60 -3.50 -7.05
CA THR I 248 -20.78 -3.86 -6.27
C THR I 248 -20.56 -5.13 -5.46
N GLY I 249 -20.07 -6.19 -6.10
CA GLY I 249 -19.62 -7.38 -5.41
C GLY I 249 -20.69 -8.22 -4.76
N GLU I 250 -21.56 -8.85 -5.57
CA GLU I 250 -22.48 -9.92 -5.15
C GLU I 250 -23.45 -9.47 -4.05
N ILE I 251 -24.36 -8.59 -4.46
CA ILE I 251 -25.40 -8.09 -3.57
C ILE I 251 -26.28 -9.23 -3.09
N ARG I 252 -26.58 -9.22 -1.79
CA ARG I 252 -27.38 -10.26 -1.15
C ARG I 252 -28.83 -10.22 -1.60
N SER I 253 -29.53 -11.33 -1.37
CA SER I 253 -30.90 -11.47 -1.84
C SER I 253 -31.93 -10.81 -0.93
N GLU I 254 -31.60 -10.61 0.34
CA GLU I 254 -32.56 -10.05 1.29
C GLU I 254 -32.85 -8.59 0.99
N VAL I 255 -31.83 -7.81 0.63
CA VAL I 255 -32.07 -6.42 0.27
C VAL I 255 -32.83 -6.31 -1.04
N ARG I 256 -32.66 -7.27 -1.95
CA ARG I 256 -33.42 -7.28 -3.18
C ARG I 256 -34.90 -7.60 -2.92
N ASP I 257 -35.17 -8.53 -2.00
CA ASP I 257 -36.55 -8.83 -1.62
C ASP I 257 -37.22 -7.64 -0.94
N GLN I 258 -36.49 -6.96 -0.06
CA GLN I 258 -37.01 -5.76 0.60
C GLN I 258 -37.29 -4.64 -0.40
N ILE I 259 -36.39 -4.46 -1.38
CA ILE I 259 -36.54 -3.43 -2.38
C ILE I 259 -37.73 -3.72 -3.29
N ASN I 260 -37.95 -5.00 -3.62
CA ASN I 260 -39.13 -5.40 -4.39
C ASN I 260 -40.43 -5.12 -3.64
N THR I 261 -40.47 -5.48 -2.35
CA THR I 261 -41.66 -5.25 -1.54
C THR I 261 -41.97 -3.77 -1.41
N LYS I 262 -40.96 -2.94 -1.21
CA LYS I 262 -41.28 -1.56 -0.92
C LYS I 262 -41.44 -0.73 -2.19
N VAL I 263 -40.89 -1.19 -3.32
CA VAL I 263 -41.26 -0.65 -4.62
C VAL I 263 -42.72 -0.94 -4.92
N ALA I 264 -43.19 -2.14 -4.54
CA ALA I 264 -44.61 -2.47 -4.70
C ALA I 264 -45.49 -1.59 -3.80
N GLU I 265 -45.05 -1.30 -2.58
CA GLU I 265 -45.87 -0.44 -1.73
C GLU I 265 -45.84 1.03 -2.17
N TRP I 266 -44.74 1.47 -2.80
CA TRP I 266 -44.76 2.82 -3.40
C TRP I 266 -45.69 2.89 -4.60
N LYS I 267 -45.78 1.81 -5.38
CA LYS I 267 -46.75 1.78 -6.47
C LYS I 267 -48.18 1.77 -5.92
N GLU I 268 -48.40 1.10 -4.79
CA GLU I 268 -49.73 1.07 -4.19
C GLU I 268 -50.11 2.43 -3.61
N GLU I 269 -49.15 3.17 -3.05
CA GLU I 269 -49.45 4.49 -2.50
C GLU I 269 -49.70 5.50 -3.61
N GLY I 270 -48.87 5.51 -4.63
CA GLY I 270 -49.04 6.43 -5.74
C GLY I 270 -47.89 7.40 -5.92
N LYS I 271 -46.72 7.06 -5.39
CA LYS I 271 -45.56 7.92 -5.48
C LYS I 271 -44.62 7.53 -6.62
N ALA I 272 -44.51 6.25 -6.94
CA ALA I 272 -43.69 5.80 -8.06
C ALA I 272 -44.53 4.92 -8.97
N GLU I 273 -44.15 4.88 -10.25
CA GLU I 273 -44.80 4.02 -11.23
C GLU I 273 -43.74 3.17 -11.93
N ILE I 274 -44.13 1.94 -12.27
CA ILE I 274 -43.20 0.95 -12.80
C ILE I 274 -43.05 1.17 -14.30
N VAL I 275 -41.81 1.27 -14.76
CA VAL I 275 -41.50 1.45 -16.18
C VAL I 275 -40.70 0.24 -16.65
N PRO I 276 -41.34 -0.70 -17.33
CA PRO I 276 -40.61 -1.87 -17.84
C PRO I 276 -39.78 -1.52 -19.05
N GLY I 277 -38.80 -2.39 -19.35
CA GLY I 277 -37.91 -2.15 -20.47
C GLY I 277 -37.49 -3.41 -21.19
N VAL I 278 -36.48 -3.30 -22.06
CA VAL I 278 -36.00 -4.40 -22.88
C VAL I 278 -34.53 -4.65 -22.57
N LEU I 279 -34.17 -5.93 -22.42
CA LEU I 279 -32.78 -6.36 -22.35
C LEU I 279 -32.45 -7.14 -23.62
N PHE I 280 -31.38 -6.73 -24.31
CA PHE I 280 -30.97 -7.36 -25.55
C PHE I 280 -29.65 -8.09 -25.31
N ILE I 281 -29.64 -9.39 -25.57
CA ILE I 281 -28.41 -10.18 -25.50
C ILE I 281 -28.04 -10.53 -26.93
N ASP I 282 -27.01 -9.87 -27.45
CA ASP I 282 -26.46 -10.22 -28.74
C ASP I 282 -25.50 -11.38 -28.58
N GLU I 283 -25.57 -12.32 -29.53
CA GLU I 283 -24.69 -13.48 -29.61
C GLU I 283 -24.82 -14.35 -28.35
N VAL I 284 -26.05 -14.84 -28.15
CA VAL I 284 -26.43 -15.61 -26.97
C VAL I 284 -25.94 -17.05 -26.99
N HIS I 285 -25.39 -17.51 -28.12
CA HIS I 285 -25.02 -18.91 -28.26
C HIS I 285 -23.81 -19.28 -27.41
N MET I 286 -22.95 -18.32 -27.07
CA MET I 286 -21.86 -18.59 -26.14
C MET I 286 -22.24 -18.09 -24.75
N LEU I 287 -23.22 -18.77 -24.17
CA LEU I 287 -23.53 -18.70 -22.75
C LEU I 287 -23.45 -20.13 -22.23
N ASP I 288 -23.16 -20.26 -20.94
CA ASP I 288 -23.09 -21.59 -20.34
C ASP I 288 -24.48 -22.15 -20.12
N ILE I 289 -24.54 -23.46 -19.88
CA ILE I 289 -25.81 -24.14 -19.62
C ILE I 289 -26.40 -23.69 -18.27
N GLU I 290 -25.54 -23.34 -17.32
CA GLU I 290 -25.99 -22.78 -16.05
C GLU I 290 -26.65 -21.42 -16.24
N CYS I 291 -26.09 -20.60 -17.13
CA CYS I 291 -26.71 -19.32 -17.50
C CYS I 291 -28.06 -19.55 -18.16
N PHE I 292 -28.19 -20.59 -18.97
CA PHE I 292 -29.46 -20.90 -19.60
C PHE I 292 -30.51 -21.33 -18.59
N SER I 293 -30.12 -22.13 -17.59
CA SER I 293 -31.05 -22.52 -16.54
C SER I 293 -31.50 -21.33 -15.70
N PHE I 294 -30.56 -20.42 -15.39
CA PHE I 294 -30.92 -19.24 -14.63
C PHE I 294 -31.81 -18.30 -15.45
N ILE I 295 -31.59 -18.22 -16.77
CA ILE I 295 -32.47 -17.44 -17.64
C ILE I 295 -33.86 -18.07 -17.70
N ASN I 296 -33.92 -19.41 -17.68
CA ASN I 296 -35.19 -20.12 -17.68
C ASN I 296 -36.02 -19.81 -16.44
N ARG I 297 -35.37 -19.78 -15.27
CA ARG I 297 -36.16 -19.53 -14.07
C ARG I 297 -36.23 -18.06 -13.66
N ALA I 298 -35.49 -17.17 -14.33
CA ALA I 298 -35.47 -15.76 -13.98
C ALA I 298 -36.52 -14.94 -14.71
N LEU I 299 -37.24 -15.54 -15.63
CA LEU I 299 -38.27 -14.86 -16.40
C LEU I 299 -39.65 -14.96 -15.77
N GLU I 300 -39.80 -15.71 -14.68
CA GLU I 300 -41.10 -15.94 -14.07
C GLU I 300 -41.38 -14.98 -12.93
N ASP I 301 -40.66 -13.87 -12.86
CA ASP I 301 -40.85 -12.86 -11.84
C ASP I 301 -41.63 -11.68 -12.43
N GLU I 302 -42.35 -10.97 -11.57
CA GLU I 302 -43.12 -9.82 -12.03
C GLU I 302 -42.22 -8.67 -12.45
N PHE I 303 -41.06 -8.55 -11.82
CA PHE I 303 -40.09 -7.51 -12.17
C PHE I 303 -39.03 -8.08 -13.13
N ALA I 304 -39.52 -8.61 -14.24
CA ALA I 304 -38.66 -9.14 -15.28
C ALA I 304 -38.94 -8.44 -16.60
N PRO I 305 -37.90 -8.07 -17.33
CA PRO I 305 -38.11 -7.36 -18.60
C PRO I 305 -38.43 -8.31 -19.75
N ILE I 306 -38.53 -7.76 -20.95
CA ILE I 306 -38.66 -8.56 -22.16
C ILE I 306 -37.27 -8.74 -22.74
N VAL I 307 -36.86 -9.99 -22.93
CA VAL I 307 -35.50 -10.32 -23.33
C VAL I 307 -35.49 -10.69 -24.80
N MET I 308 -34.63 -10.05 -25.57
CA MET I 308 -34.43 -10.35 -26.98
C MET I 308 -33.05 -10.99 -27.15
N MET I 309 -33.01 -12.11 -27.87
CA MET I 309 -31.78 -12.84 -28.12
C MET I 309 -31.56 -12.96 -29.63
N ALA I 310 -30.31 -12.89 -30.06
CA ALA I 310 -29.96 -12.98 -31.46
C ALA I 310 -28.90 -14.06 -31.66
N THR I 311 -29.13 -14.95 -32.62
CA THR I 311 -28.21 -16.05 -32.91
C THR I 311 -28.11 -16.24 -34.41
N ASN I 312 -26.89 -16.52 -34.89
CA ASN I 312 -26.63 -16.83 -36.29
C ASN I 312 -26.17 -18.28 -36.48
N ARG I 313 -26.29 -19.10 -35.44
CA ARG I 313 -25.78 -20.47 -35.45
C ARG I 313 -26.88 -21.43 -35.88
N GLY I 314 -26.48 -22.51 -36.56
CA GLY I 314 -27.39 -23.58 -36.88
C GLY I 314 -27.49 -24.62 -35.78
N VAL I 315 -27.49 -25.90 -36.14
CA VAL I 315 -27.39 -26.97 -35.15
C VAL I 315 -25.92 -27.03 -34.75
N SER I 316 -25.62 -26.58 -33.54
CA SER I 316 -24.26 -26.48 -33.05
C SER I 316 -24.21 -26.91 -31.59
N LYS I 317 -23.00 -27.07 -31.08
CA LYS I 317 -22.81 -27.54 -29.73
C LYS I 317 -23.13 -26.44 -28.73
N THR I 318 -23.69 -26.83 -27.60
CA THR I 318 -23.96 -25.88 -26.52
C THR I 318 -22.78 -25.89 -25.55
N ARG I 319 -22.32 -24.70 -25.18
CA ARG I 319 -21.14 -24.58 -24.34
C ARG I 319 -21.43 -25.04 -22.92
N GLY I 320 -20.51 -25.80 -22.36
CA GLY I 320 -20.72 -26.48 -21.10
C GLY I 320 -21.27 -27.87 -21.22
N THR I 321 -21.62 -28.32 -22.42
CA THR I 321 -22.14 -29.66 -22.63
C THR I 321 -21.31 -30.39 -23.67
N ASN I 322 -21.77 -31.57 -24.10
CA ASN I 322 -21.08 -32.33 -25.14
C ASN I 322 -22.00 -32.74 -26.28
N TYR I 323 -23.18 -32.15 -26.38
CA TYR I 323 -24.11 -32.47 -27.45
C TYR I 323 -24.38 -31.23 -28.31
N LYS I 324 -25.11 -31.43 -29.39
CA LYS I 324 -25.46 -30.37 -30.33
C LYS I 324 -26.96 -30.10 -30.28
N SER I 325 -27.32 -28.84 -30.39
CA SER I 325 -28.69 -28.39 -30.26
C SER I 325 -28.96 -27.30 -31.28
N PRO I 326 -30.22 -27.09 -31.67
CA PRO I 326 -30.53 -25.97 -32.58
C PRO I 326 -30.26 -24.62 -31.93
N HIS I 327 -29.68 -23.72 -32.72
CA HIS I 327 -29.27 -22.36 -32.37
C HIS I 327 -28.25 -22.30 -31.23
N GLY I 328 -27.61 -23.42 -30.90
CA GLY I 328 -26.75 -23.47 -29.74
C GLY I 328 -27.46 -23.29 -28.42
N LEU I 329 -28.74 -23.66 -28.35
CA LEU I 329 -29.55 -23.42 -27.16
C LEU I 329 -30.29 -24.68 -26.77
N PRO I 330 -30.45 -24.94 -25.47
CA PRO I 330 -31.20 -26.12 -25.03
C PRO I 330 -32.68 -25.99 -25.33
N LEU I 331 -33.34 -27.16 -25.36
CA LEU I 331 -34.73 -27.22 -25.76
C LEU I 331 -35.66 -26.66 -24.69
N ASP I 332 -35.23 -26.65 -23.42
CA ASP I 332 -36.03 -26.02 -22.37
C ASP I 332 -36.11 -24.51 -22.56
N LEU I 333 -35.02 -23.88 -23.00
CA LEU I 333 -35.05 -22.45 -23.30
C LEU I 333 -35.84 -22.18 -24.57
N LEU I 334 -35.76 -23.07 -25.56
CA LEU I 334 -36.49 -22.90 -26.80
C LEU I 334 -37.99 -23.13 -26.62
N ASP I 335 -38.40 -23.88 -25.60
CA ASP I 335 -39.82 -24.03 -25.31
C ASP I 335 -40.42 -22.75 -24.74
N ARG I 336 -39.61 -21.95 -24.05
CA ARG I 336 -40.01 -20.64 -23.55
C ARG I 336 -39.63 -19.52 -24.50
N SER I 337 -39.97 -19.64 -25.78
CA SER I 337 -39.50 -18.65 -26.73
C SER I 337 -40.44 -18.57 -27.93
N ILE I 338 -40.43 -17.41 -28.57
CA ILE I 338 -41.05 -17.22 -29.88
C ILE I 338 -39.97 -16.69 -30.81
N ILE I 339 -39.89 -17.27 -32.00
CA ILE I 339 -38.74 -17.09 -32.88
C ILE I 339 -39.13 -16.19 -34.04
N ILE I 340 -38.34 -15.14 -34.26
CA ILE I 340 -38.46 -14.27 -35.42
C ILE I 340 -37.37 -14.66 -36.41
N THR I 341 -37.75 -15.02 -37.62
CA THR I 341 -36.83 -15.52 -38.63
C THR I 341 -36.54 -14.43 -39.65
N THR I 342 -35.25 -14.14 -39.85
CA THR I 342 -34.81 -13.16 -40.83
C THR I 342 -34.26 -13.87 -42.06
N LYS I 343 -34.45 -13.25 -43.23
CA LYS I 343 -34.18 -13.89 -44.51
C LYS I 343 -33.27 -13.04 -45.37
N SER I 344 -32.54 -13.71 -46.26
CA SER I 344 -31.55 -13.05 -47.10
C SER I 344 -32.20 -12.11 -48.12
N TYR I 345 -31.43 -11.09 -48.51
CA TYR I 345 -31.91 -10.06 -49.40
C TYR I 345 -31.69 -10.45 -50.86
N ASN I 346 -32.25 -9.66 -51.76
CA ASN I 346 -32.01 -9.77 -53.19
C ASN I 346 -31.28 -8.51 -53.66
N GLU I 347 -31.14 -8.38 -54.99
CA GLU I 347 -30.30 -7.34 -55.58
C GLU I 347 -30.85 -5.94 -55.32
N GLN I 348 -32.17 -5.77 -55.39
CA GLN I 348 -32.77 -4.44 -55.22
C GLN I 348 -32.64 -3.94 -53.80
N GLU I 349 -32.83 -4.81 -52.81
CA GLU I 349 -32.68 -4.43 -51.41
C GLU I 349 -31.24 -4.09 -51.08
N ILE I 350 -30.30 -4.85 -51.65
CA ILE I 350 -28.87 -4.57 -51.46
C ILE I 350 -28.51 -3.22 -52.06
N LYS I 351 -29.06 -2.91 -53.24
CA LYS I 351 -28.83 -1.62 -53.88
C LYS I 351 -29.41 -0.47 -53.05
N THR I 352 -30.60 -0.66 -52.48
CA THR I 352 -31.21 0.38 -51.65
C THR I 352 -30.43 0.60 -50.35
N ILE I 353 -29.96 -0.47 -49.73
CA ILE I 353 -29.15 -0.37 -48.51
C ILE I 353 -27.82 0.33 -48.80
N LEU I 354 -27.21 0.01 -49.95
CA LEU I 354 -25.96 0.66 -50.33
C LEU I 354 -26.14 2.14 -50.63
N SER I 355 -27.26 2.50 -51.27
CA SER I 355 -27.55 3.91 -51.53
C SER I 355 -27.80 4.68 -50.25
N ILE I 356 -28.50 4.06 -49.29
CA ILE I 356 -28.74 4.69 -47.99
C ILE I 356 -27.43 4.88 -47.23
N ARG I 357 -26.56 3.87 -47.25
CA ARG I 357 -25.28 3.97 -46.53
C ARG I 357 -24.35 4.99 -47.18
N ALA I 358 -24.40 5.13 -48.50
CA ALA I 358 -23.62 6.17 -49.16
C ALA I 358 -24.17 7.56 -48.88
N GLN I 359 -25.50 7.68 -48.76
CA GLN I 359 -26.09 8.96 -48.41
C GLN I 359 -25.76 9.36 -46.98
N GLU I 360 -25.72 8.38 -46.07
CA GLU I 360 -25.41 8.66 -44.67
C GLU I 360 -23.94 9.01 -44.49
N GLU I 361 -23.07 8.48 -45.34
CA GLU I 361 -21.64 8.73 -45.26
C GLU I 361 -21.20 9.93 -46.09
N GLU I 362 -22.17 10.65 -46.69
CA GLU I 362 -21.95 11.84 -47.52
C GLU I 362 -21.03 11.55 -48.72
N VAL I 363 -21.34 10.49 -49.44
CA VAL I 363 -20.61 10.10 -50.65
C VAL I 363 -21.57 10.17 -51.83
N GLU I 364 -21.11 10.74 -52.93
CA GLU I 364 -21.86 10.81 -54.17
C GLU I 364 -21.37 9.74 -55.12
N LEU I 365 -22.27 8.84 -55.53
CA LEU I 365 -21.92 7.75 -56.43
C LEU I 365 -22.62 7.93 -57.76
N SER I 366 -21.96 7.49 -58.83
CA SER I 366 -22.60 7.40 -60.13
C SER I 366 -23.47 6.16 -60.21
N SER I 367 -24.21 6.04 -61.31
CA SER I 367 -25.10 4.89 -61.47
C SER I 367 -24.32 3.61 -61.74
N ASP I 368 -23.29 3.69 -62.58
CA ASP I 368 -22.48 2.51 -62.89
C ASP I 368 -21.68 2.05 -61.68
N ALA I 369 -21.19 2.99 -60.87
CA ALA I 369 -20.48 2.64 -59.65
C ALA I 369 -21.39 1.94 -58.65
N LEU I 370 -22.63 2.42 -58.52
CA LEU I 370 -23.59 1.77 -57.62
C LEU I 370 -24.01 0.40 -58.15
N ASP I 371 -24.08 0.24 -59.47
CA ASP I 371 -24.38 -1.08 -60.04
C ASP I 371 -23.23 -2.06 -59.82
N LEU I 372 -21.98 -1.61 -59.96
CA LEU I 372 -20.84 -2.48 -59.70
C LEU I 372 -20.74 -2.86 -58.22
N LEU I 373 -21.02 -1.91 -57.33
CA LEU I 373 -21.07 -2.21 -55.90
C LEU I 373 -22.20 -3.18 -55.55
N THR I 374 -23.34 -3.07 -56.24
CA THR I 374 -24.43 -4.01 -56.03
C THR I 374 -24.07 -5.41 -56.50
N LYS I 375 -23.37 -5.51 -57.65
CA LYS I 375 -22.93 -6.80 -58.15
C LYS I 375 -21.92 -7.45 -57.20
N THR I 376 -21.01 -6.65 -56.64
CA THR I 376 -20.07 -7.14 -55.64
C THR I 376 -20.79 -7.57 -54.37
N GLY I 377 -21.82 -6.83 -53.96
CA GLY I 377 -22.58 -7.19 -52.79
C GLY I 377 -23.47 -8.39 -52.96
N VAL I 378 -23.81 -8.74 -54.20
CA VAL I 378 -24.48 -10.01 -54.44
C VAL I 378 -23.47 -11.16 -54.44
N GLU I 379 -22.31 -10.97 -55.08
CA GLU I 379 -21.29 -12.01 -55.09
C GLU I 379 -20.67 -12.20 -53.71
N THR I 380 -20.08 -11.15 -53.15
CA THR I 380 -19.57 -11.15 -51.79
C THR I 380 -20.70 -10.76 -50.83
N SER I 381 -20.38 -10.37 -49.61
CA SER I 381 -21.39 -9.93 -48.68
C SER I 381 -21.69 -8.44 -48.86
N LEU I 382 -22.58 -7.93 -48.00
CA LEU I 382 -23.00 -6.54 -48.05
C LEU I 382 -21.98 -5.59 -47.41
N ARG I 383 -21.29 -6.06 -46.36
CA ARG I 383 -20.37 -5.20 -45.62
C ARG I 383 -19.12 -4.89 -46.42
N TYR I 384 -18.72 -5.78 -47.34
CA TYR I 384 -17.57 -5.49 -48.20
C TYR I 384 -17.86 -4.31 -49.12
N SER I 385 -19.07 -4.25 -49.69
CA SER I 385 -19.45 -3.12 -50.53
C SER I 385 -19.63 -1.85 -49.71
N SER I 386 -20.18 -1.97 -48.49
CA SER I 386 -20.33 -0.82 -47.62
C SER I 386 -18.97 -0.23 -47.22
N ASN I 387 -17.96 -1.08 -47.02
CA ASN I 387 -16.62 -0.58 -46.72
C ASN I 387 -15.92 -0.03 -47.97
N LEU I 388 -16.20 -0.64 -49.13
CA LEU I 388 -15.62 -0.19 -50.38
C LEU I 388 -16.06 1.22 -50.75
N ILE I 389 -17.29 1.60 -50.37
CA ILE I 389 -17.76 2.97 -50.58
C ILE I 389 -16.85 3.98 -49.88
N SER I 390 -16.53 3.70 -48.61
CA SER I 390 -15.76 4.65 -47.81
C SER I 390 -14.31 4.71 -48.24
N VAL I 391 -13.72 3.60 -48.71
CA VAL I 391 -12.34 3.74 -49.16
C VAL I 391 -12.27 4.32 -50.59
N ALA I 392 -13.25 4.02 -51.44
CA ALA I 392 -13.26 4.55 -52.80
C ALA I 392 -13.53 6.04 -52.81
N GLN I 393 -14.20 6.56 -51.77
CA GLN I 393 -14.36 8.01 -51.64
C GLN I 393 -13.01 8.71 -51.48
N GLN I 394 -12.11 8.15 -50.66
CA GLN I 394 -10.79 8.74 -50.49
C GLN I 394 -9.93 8.56 -51.73
N ILE I 395 -10.09 7.43 -52.41
CA ILE I 395 -9.38 7.20 -53.67
C ILE I 395 -9.81 8.23 -54.72
N ALA I 396 -11.10 8.55 -54.76
CA ALA I 396 -11.59 9.57 -55.69
C ALA I 396 -11.15 10.97 -55.27
N MET I 397 -11.10 11.25 -53.97
CA MET I 397 -10.65 12.56 -53.50
C MET I 397 -9.19 12.81 -53.82
N LYS I 398 -8.37 11.75 -53.84
CA LYS I 398 -6.97 11.92 -54.16
C LYS I 398 -6.74 12.29 -55.63
N ARG I 399 -7.70 12.01 -56.50
CA ARG I 399 -7.61 12.32 -57.92
C ARG I 399 -8.14 13.71 -58.26
N LYS I 400 -8.51 14.50 -57.25
CA LYS I 400 -9.20 15.78 -57.37
C LYS I 400 -10.51 15.64 -58.16
N ASN I 401 -11.37 14.77 -57.64
CA ASN I 401 -12.70 14.55 -58.19
C ASN I 401 -13.69 14.43 -57.04
N ASN I 402 -14.92 14.89 -57.28
CA ASN I 402 -15.92 14.92 -56.22
C ASN I 402 -16.68 13.60 -56.11
N THR I 403 -17.35 13.20 -57.18
CA THR I 403 -18.13 11.98 -57.18
C THR I 403 -17.23 10.79 -57.53
N VAL I 404 -17.55 9.62 -56.96
CA VAL I 404 -16.78 8.43 -57.25
C VAL I 404 -17.22 7.85 -58.59
N GLU I 405 -16.31 7.10 -59.21
CA GLU I 405 -16.57 6.51 -60.51
C GLU I 405 -16.32 5.00 -60.47
N VAL I 406 -16.36 4.35 -61.63
CA VAL I 406 -16.10 2.92 -61.70
C VAL I 406 -14.62 2.63 -61.47
N GLU I 407 -13.74 3.55 -61.87
CA GLU I 407 -12.30 3.36 -61.69
C GLU I 407 -11.90 3.34 -60.22
N ASP I 408 -12.53 4.18 -59.40
CA ASP I 408 -12.23 4.20 -57.97
C ASP I 408 -12.71 2.92 -57.29
N VAL I 409 -13.89 2.42 -57.68
CA VAL I 409 -14.40 1.18 -57.13
C VAL I 409 -13.51 0.01 -57.55
N LYS I 410 -12.99 0.05 -58.78
CA LYS I 410 -12.11 -1.02 -59.24
C LYS I 410 -10.76 -0.96 -58.53
N ARG I 411 -10.24 0.24 -58.26
CA ARG I 411 -8.99 0.37 -57.52
C ARG I 411 -9.15 -0.08 -56.07
N ALA I 412 -10.31 0.21 -55.47
CA ALA I 412 -10.59 -0.28 -54.12
C ALA I 412 -10.78 -1.79 -54.09
N TYR I 413 -11.33 -2.37 -55.16
CA TYR I 413 -11.45 -3.82 -55.24
C TYR I 413 -10.11 -4.48 -55.45
N LEU I 414 -9.19 -3.82 -56.15
CA LEU I 414 -7.86 -4.37 -56.34
C LEU I 414 -7.01 -4.26 -55.08
N LEU I 415 -7.11 -3.13 -54.37
CA LEU I 415 -6.26 -2.92 -53.20
C LEU I 415 -6.74 -3.69 -51.97
N PHE I 416 -8.03 -3.96 -51.86
CA PHE I 416 -8.60 -4.63 -50.70
C PHE I 416 -9.32 -5.90 -51.14
N LEU I 417 -9.12 -6.98 -50.39
CA LEU I 417 -9.57 -8.30 -50.80
C LEU I 417 -10.76 -8.77 -49.97
N ASP I 418 -11.45 -9.79 -50.49
CA ASP I 418 -12.55 -10.42 -49.78
C ASP I 418 -12.01 -11.49 -48.83
N SER I 419 -12.92 -12.28 -48.26
CA SER I 419 -12.53 -13.50 -47.59
C SER I 419 -12.21 -14.62 -48.58
N ALA I 420 -12.92 -14.65 -49.72
CA ALA I 420 -12.75 -15.74 -50.66
C ALA I 420 -11.42 -15.66 -51.40
N ARG I 421 -11.05 -14.46 -51.86
CA ARG I 421 -9.75 -14.28 -52.51
C ARG I 421 -8.60 -14.50 -51.54
N SER I 422 -8.77 -14.08 -50.29
CA SER I 422 -7.75 -14.33 -49.27
C SER I 422 -7.62 -15.83 -48.98
N VAL I 423 -8.75 -16.54 -48.95
CA VAL I 423 -8.73 -18.01 -48.78
C VAL I 423 -7.98 -18.67 -49.92
N LYS I 424 -8.25 -18.24 -51.15
CA LYS I 424 -7.59 -18.83 -52.32
C LYS I 424 -6.09 -18.54 -52.32
N TYR I 425 -5.72 -17.33 -51.95
CA TYR I 425 -4.33 -16.92 -51.98
C TYR I 425 -3.53 -17.54 -50.83
N VAL I 426 -4.17 -17.81 -49.70
CA VAL I 426 -3.52 -18.58 -48.64
C VAL I 426 -3.39 -20.04 -49.05
N GLN I 427 -4.45 -20.61 -49.64
CA GLN I 427 -4.46 -22.05 -49.98
C GLN I 427 -3.49 -22.39 -51.09
N GLU I 428 -3.16 -21.45 -51.97
CA GLU I 428 -2.22 -21.75 -53.04
C GLU I 428 -0.78 -21.36 -52.70
N ASN I 429 -0.54 -20.71 -51.56
CA ASN I 429 0.80 -20.44 -51.02
C ASN I 429 0.88 -20.86 -49.55
N GLU I 430 0.49 -22.11 -49.26
CA GLU I 430 0.41 -22.57 -47.87
C GLU I 430 1.76 -22.68 -47.17
N SER I 431 2.86 -22.79 -47.91
CA SER I 431 4.16 -23.02 -47.29
C SER I 431 4.74 -21.75 -46.67
N GLN I 432 4.22 -20.59 -47.02
CA GLN I 432 4.71 -19.32 -46.48
C GLN I 432 3.96 -18.88 -45.22
N TYR I 433 3.02 -19.68 -44.75
CA TYR I 433 2.20 -19.39 -43.59
C TYR I 433 2.43 -20.45 -42.53
N ILE I 434 2.15 -20.08 -41.29
CA ILE I 434 2.26 -21.01 -40.18
C ILE I 434 1.00 -21.85 -40.10
N ASP I 435 1.18 -23.16 -40.13
CA ASP I 435 0.07 -24.11 -40.17
C ASP I 435 -0.39 -24.43 -38.75
N ASP I 436 -1.23 -25.47 -38.63
CA ASP I 436 -1.66 -25.94 -37.31
C ASP I 436 -0.53 -26.57 -36.52
N GLN I 437 0.50 -27.08 -37.20
CA GLN I 437 1.63 -27.74 -36.56
C GLN I 437 2.82 -26.82 -36.36
N GLY I 438 2.71 -25.53 -36.69
CA GLY I 438 3.80 -24.61 -36.50
C GLY I 438 4.89 -24.67 -37.54
N ASN I 439 4.59 -25.15 -38.74
CA ASN I 439 5.57 -25.26 -39.79
C ASN I 439 5.49 -24.08 -40.75
N VAL I 440 6.65 -23.61 -41.19
CA VAL I 440 6.74 -22.46 -42.08
C VAL I 440 8.03 -22.60 -42.87
N GLN I 441 8.03 -22.07 -44.09
CA GLN I 441 9.21 -22.03 -44.96
C GLN I 441 9.59 -20.57 -45.13
N ILE I 442 10.54 -20.11 -44.33
CA ILE I 442 10.89 -18.69 -44.29
C ILE I 442 11.68 -18.29 -45.53
N SER I 443 12.64 -19.12 -45.93
CA SER I 443 13.57 -18.76 -46.99
C SER I 443 12.90 -18.81 -48.36
N ILE I 444 13.49 -18.09 -49.32
CA ILE I 444 12.93 -18.01 -50.66
C ILE I 444 13.68 -18.88 -51.67
N ALA I 445 14.84 -19.40 -51.32
CA ALA I 445 15.62 -20.24 -52.21
C ALA I 445 15.55 -21.69 -51.74
N LYS I 446 15.17 -22.59 -52.64
CA LYS I 446 15.05 -23.99 -52.30
C LYS I 446 16.40 -24.70 -52.41
N PHE J 1 3.18 -2.92 58.86
CA PHE J 1 2.19 -1.85 58.95
C PHE J 1 1.34 -1.78 57.69
N VAL J 2 0.31 -0.95 57.72
CA VAL J 2 -0.63 -0.85 56.60
C VAL J 2 -0.06 0.06 55.53
N LYS J 3 0.01 -0.46 54.31
CA LYS J 3 0.55 0.32 53.21
C LYS J 3 -0.43 1.41 52.79
N PRO J 4 0.07 2.58 52.40
CA PRO J 4 -0.81 3.65 51.94
C PRO J 4 -1.50 3.30 50.64
N ARG J 5 -2.70 3.83 50.48
CA ARG J 5 -3.45 3.61 49.25
C ARG J 5 -2.85 4.42 48.11
N ARG J 6 -3.11 3.95 46.89
CA ARG J 6 -2.56 4.60 45.71
C ARG J 6 -3.17 6.00 45.56
N PRO J 7 -2.37 7.00 45.19
CA PRO J 7 -2.92 8.34 44.99
C PRO J 7 -3.96 8.38 43.89
N TYR J 8 -4.99 9.18 44.11
CA TYR J 8 -6.11 9.35 43.18
C TYR J 8 -6.09 10.78 42.67
N ASN J 9 -6.05 10.94 41.35
CA ASN J 9 -5.96 12.25 40.71
C ASN J 9 -7.02 12.33 39.64
N SER J 10 -8.00 13.22 39.83
CA SER J 10 -9.07 13.45 38.86
C SER J 10 -9.19 14.96 38.66
N GLU J 11 -8.35 15.51 37.80
CA GLU J 11 -8.29 16.93 37.55
C GLU J 11 -8.83 17.23 36.16
N GLY J 12 -9.76 18.19 36.08
CA GLY J 12 -10.38 18.51 34.81
C GLY J 12 -11.23 17.38 34.27
N MET J 13 -11.93 16.66 35.14
CA MET J 13 -12.77 15.54 34.74
C MET J 13 -14.13 15.66 35.41
N THR J 14 -15.17 15.31 34.67
CA THR J 14 -16.51 15.35 35.21
C THR J 14 -16.68 14.29 36.29
N ARG J 15 -17.79 14.37 37.02
CA ARG J 15 -18.03 13.43 38.10
C ARG J 15 -19.50 13.02 38.09
N ILE J 16 -19.75 11.74 38.35
CA ILE J 16 -21.08 11.20 38.51
C ILE J 16 -21.15 10.55 39.87
N LEU J 17 -22.00 11.06 40.75
CA LEU J 17 -22.17 10.53 42.09
C LEU J 17 -23.52 9.86 42.20
N ARG J 18 -23.54 8.66 42.77
CA ARG J 18 -24.75 7.87 42.90
C ARG J 18 -24.86 7.38 44.33
N ARG J 19 -25.82 7.92 45.07
CA ARG J 19 -26.00 7.57 46.48
C ARG J 19 -27.40 6.98 46.68
N TYR J 20 -27.73 6.73 47.94
CA TYR J 20 -29.00 6.10 48.27
C TYR J 20 -30.18 6.99 47.90
N GLU J 21 -30.09 8.27 48.23
CA GLU J 21 -31.22 9.18 48.14
C GLU J 21 -31.17 10.11 46.94
N GLU J 22 -29.98 10.43 46.45
CA GLU J 22 -29.83 11.45 45.42
C GLU J 22 -28.64 11.14 44.53
N ASP J 23 -28.80 11.44 43.25
CA ASP J 23 -27.75 11.30 42.24
C ASP J 23 -27.36 12.67 41.74
N LEU J 24 -26.06 12.92 41.66
CA LEU J 24 -25.54 14.18 41.14
C LEU J 24 -24.88 13.96 39.79
N PHE J 25 -24.58 15.06 39.11
CA PHE J 25 -23.80 15.02 37.89
C PHE J 25 -23.12 16.37 37.73
N CYS J 26 -21.84 16.43 38.07
CA CYS J 26 -21.08 17.67 38.02
C CYS J 26 -20.42 17.78 36.65
N THR J 27 -20.66 18.90 35.97
CA THR J 27 -20.22 19.09 34.60
C THR J 27 -19.37 20.35 34.52
N PHE J 28 -18.70 20.53 33.39
CA PHE J 28 -17.92 21.74 33.15
C PHE J 28 -18.54 22.55 32.03
PB ADP K . 6.47 -8.95 -40.10
O1B ADP K . 6.59 -10.44 -40.00
O2B ADP K . 6.23 -8.26 -38.78
O3B ADP K . 5.61 -8.45 -41.22
PA ADP K . 8.61 -7.14 -39.93
O1A ADP K . 9.00 -7.44 -38.50
O2A ADP K . 7.71 -5.96 -40.23
O3A ADP K . 7.95 -8.46 -40.53
O5' ADP K . 9.94 -7.02 -40.81
C5' ADP K . 11.18 -7.55 -40.32
C4' ADP K . 12.30 -6.55 -40.51
O4' ADP K . 12.49 -6.26 -41.89
C3' ADP K . 11.96 -5.26 -39.82
O3' ADP K . 13.05 -4.88 -38.98
C2' ADP K . 11.78 -4.23 -40.92
O2' ADP K . 12.43 -3.02 -40.56
C1' ADP K . 12.41 -4.86 -42.15
N9 ADP K . 11.56 -4.69 -43.36
C8 ADP K . 10.45 -5.39 -43.62
N7 ADP K . 9.90 -5.04 -44.80
C5 ADP K . 10.69 -4.07 -45.32
C6 ADP K . 10.69 -3.26 -46.55
N6 ADP K . 9.73 -3.40 -47.48
N1 ADP K . 11.70 -2.38 -46.71
C2 ADP K . 12.66 -2.23 -45.80
N3 ADP K . 12.72 -2.94 -44.66
C4 ADP K . 11.78 -3.86 -44.36
PB ADP L . 24.55 -26.45 -17.95
O1B ADP L . 23.60 -27.57 -18.28
O2B ADP L . 23.93 -25.32 -17.17
O3B ADP L . 25.43 -26.02 -19.09
PA ADP L . 26.33 -26.24 -15.80
O1A ADP L . 25.42 -26.20 -14.60
O2A ADP L . 26.84 -24.96 -16.41
O3A ADP L . 25.59 -27.10 -16.92
O5' ADP L . 27.60 -27.18 -15.47
C5' ADP L . 27.70 -27.85 -14.20
C4' ADP L . 29.00 -27.45 -13.53
O4' ADP L . 30.09 -27.57 -14.42
C3' ADP L . 28.93 -25.99 -13.11
O3' ADP L . 29.19 -25.88 -11.71
C2' ADP L . 30.02 -25.30 -13.88
O2' ADP L . 30.72 -24.41 -13.02
C1' ADP L . 30.92 -26.40 -14.36
N9 ADP L . 31.45 -26.13 -15.72
C8 ADP L . 30.88 -26.49 -16.86
N7 ADP L . 31.62 -26.09 -17.93
C5 ADP L . 32.71 -25.47 -17.45
C6 ADP L . 33.89 -24.81 -18.03
N6 ADP L . 34.06 -24.75 -19.36
N1 ADP L . 34.79 -24.29 -17.18
C2 ADP L . 34.61 -24.34 -15.85
N3 ADP L . 33.57 -24.92 -15.26
C4 ADP L . 32.59 -25.49 -15.99
PB ADP M . 9.07 -44.57 5.57
O1B ADP M . 8.07 -44.93 4.50
O2B ADP M . 9.55 -43.14 5.50
O3B ADP M . 10.16 -45.58 5.74
PA ADP M . 8.85 -44.31 8.37
O1A ADP M . 7.93 -43.31 9.03
O2A ADP M . 10.29 -43.94 8.16
O3A ADP M . 8.22 -44.65 6.93
O5' ADP M . 8.79 -45.66 9.22
C5' ADP M . 7.56 -46.32 9.51
C4' ADP M . 7.55 -46.75 10.97
O4' ADP M . 8.52 -47.78 11.17
C3' ADP M . 7.93 -45.59 11.88
O3' ADP M . 6.93 -45.43 12.90
C2' ADP M . 9.24 -45.97 12.52
O2' ADP M . 9.16 -45.75 13.93
C1' ADP M . 9.41 -47.44 12.22
N9 ADP M . 10.78 -47.73 11.75
C8 ADP M . 11.17 -47.70 10.46
N7 ADP M . 12.48 -48.01 10.33
C5 ADP M . 12.95 -48.25 11.56
C6 ADP M . 14.26 -48.62 12.14
N6 ADP M . 15.34 -48.81 11.36
N1 ADP M . 14.33 -48.77 13.48
C2 ADP M . 13.26 -48.58 14.27
N3 ADP M . 12.05 -48.23 13.81
C4 ADP M . 11.83 -48.06 12.49
PB ADP N . -23.86 -46.05 6.43
O1B ADP N . -24.13 -47.23 5.53
O2B ADP N . -22.63 -46.29 7.30
O3B ADP N . -23.86 -44.72 5.74
PA ADP N . -25.69 -44.68 8.14
O1A ADP N . -26.07 -43.60 7.16
O2A ADP N . -24.65 -44.42 9.20
O3A ADP N . -25.21 -45.99 7.33
O5' ADP N . -27.06 -45.10 8.86
C5' ADP N . -28.26 -45.29 8.11
C4' ADP N . -29.49 -45.06 8.98
O4' ADP N . -29.89 -46.27 9.62
C3' ADP N . -29.25 -44.03 10.06
O3' ADP N . -30.21 -42.99 9.95
C2' ADP N . -29.41 -44.76 11.37
O2' ADP N . -30.31 -44.02 12.21
C1' ADP N . -30.01 -46.10 11.03
N9 ADP N . -29.25 -47.22 11.64
C8 ADP N . -28.54 -48.11 10.94
N7 ADP N . -27.95 -49.02 11.75
C5 ADP N . -28.29 -48.71 13.01
C6 ADP N . -28.01 -49.29 14.33
N6 ADP N . -27.22 -50.38 14.47
N1 ADP N . -28.55 -48.67 15.40
C2 ADP N . -29.33 -47.58 15.27
N3 ADP N . -29.63 -47.02 14.09
C4 ADP N . -29.15 -47.53 12.93
PB ADP O . -42.19 -27.20 -15.11
O1B ADP O . -42.83 -28.27 -14.27
O2B ADP O . -41.32 -27.71 -16.22
O3B ADP O . -41.58 -26.08 -14.31
PA ADP O . -44.09 -25.14 -15.41
O1A ADP O . -44.64 -25.31 -14.02
O2A ADP O . -43.09 -24.05 -15.72
O3A ADP O . -43.44 -26.53 -15.88
O5' ADP O . -45.33 -25.00 -16.42
C5' ADP O . -45.37 -23.95 -17.39
C4' ADP O . -46.72 -23.25 -17.32
O4' ADP O . -47.77 -24.22 -17.27
C3' ADP O . -46.82 -22.44 -16.05
O3' ADP O . -47.03 -21.07 -16.40
C2' ADP O . -48.01 -22.97 -15.29
O2' ADP O . -48.87 -21.89 -14.91
C1' ADP O . -48.72 -23.87 -16.28
N9 ADP O . -49.21 -25.10 -15.62
C8 ADP O . -48.53 -26.25 -15.49
N7 ADP O . -49.27 -27.19 -14.87
C5 ADP O . -50.46 -26.66 -14.61
C6 ADP O . -51.71 -27.11 -13.97
N6 ADP O . -51.83 -28.36 -13.48
N1 ADP O . -52.72 -26.23 -13.89
C2 ADP O . -52.62 -24.98 -14.38
N3 ADP O . -51.52 -24.51 -14.97
C4 ADP O . -50.43 -25.28 -15.11
PB ADP P . -26.56 -9.17 -38.43
O1B ADP P . -28.06 -9.13 -38.38
O2B ADP P . -25.87 -8.60 -37.21
O3B ADP P . -26.01 -10.50 -38.88
PA ADP P . -26.19 -6.58 -39.44
O1A ADP P . -27.54 -6.16 -38.95
O2A ADP P . -24.94 -6.21 -38.68
O3A ADP P . -26.19 -8.17 -39.62
O5' ADP P . -26.03 -6.07 -40.95
C5' ADP P . -24.85 -5.39 -41.36
C4' ADP P . -25.22 -4.10 -42.06
O4' ADP P . -26.36 -4.30 -42.89
C3' ADP P . -25.58 -3.05 -41.02
O3' ADP P . -24.80 -1.87 -41.24
C2' ADP P . -27.03 -2.73 -41.27
O2' ADP P . -27.23 -1.33 -41.25
C1' ADP P . -27.30 -3.25 -42.67
N9 ADP P . -28.69 -3.77 -42.79
C8 ADP P . -29.07 -5.04 -42.66
N7 ADP P . -30.41 -5.18 -42.84
C5 ADP P . -30.90 -3.95 -43.09
C6 ADP P . -32.22 -3.38 -43.38
N6 ADP P . -33.33 -4.15 -43.44
N1 ADP P . -32.30 -2.05 -43.59
C2 ADP P . -31.22 -1.27 -43.55
N3 ADP P . -29.98 -1.73 -43.30
C4 ADP P . -29.77 -3.04 -43.06
#